data_9AYU
#
_entry.id   9AYU
#
_cell.length_a   102.326
_cell.length_b   164.290
_cell.length_c   131.763
_cell.angle_alpha   90.00
_cell.angle_beta   90.20
_cell.angle_gamma   90.00
#
_symmetry.space_group_name_H-M   'P 1 21 1'
#
loop_
_entity.id
_entity.type
_entity.pdbx_description
1 polymer 'A type blood alpha-D-galactosamine galactosaminidase'
2 non-polymer 'ZINC ION'
3 non-polymer 'MANGANESE (II) ION'
4 non-polymer 'CHLORIDE ION'
5 non-polymer 1,2-ETHANEDIOL
6 water water
#
_entity_poly.entity_id   1
_entity_poly.type   'polypeptide(L)'
_entity_poly.pdbx_seq_one_letter_code
;AAPATDTGNAGLIAEGDYAIAGNGVRVTYDADGQTITLYRTEGSGLIQMSKPSPLGGPVIGGQEVQDFSHISCDVEQSTS
GVMGSGQRMTITSQSMSTGLIRTYVLETSDIEEGVVYTATSYEAGASDVEVSWFIGSVYELYGAEDRIWSYNGGGEGPMH
YYDTLQKIDLTDSGKFSRENKQDDTAASIPVSDIYIADGGITVGDASATRREVHTPVQETSDSAQVSIGWPGKVIAAGSV
IEIGESFAVVHPGDYYNGLRGYKNAMDHLGVIMPAPGDIPDSSYDLRWESWGWGFNWTIDLIIGKLDELQAAGVKQITLD
DGWYTNAGDWALNPEKFPNGASDALRLTDAIHEHGMTALLWWRPCDGGIDSILYQQHPEYFVMDADGRPARLPTPGGGTN
PSLGYALCPMADGAIASQVDFVNRAMNDWGFDGFKGAYVWSMPECYNPAHNHASPEESTEKQSEIYRVSYEAMVANDPNV
FNLLCNCGTPQDYYSLPYMTQIATADPTSVDQTRRRVKAYKALMGDYFPVTADHNNIWYPSAVGTGSVLIEKRDLSGTAK
EEYEKWLGIADTVQLQKGRFIGDLYSYGFDPYETYVVAADGVMYYAFYKDGSKYSPTGYPDIELKGLDPNKMYRIVDYVN
DRVVATNLMGDNAVFNTRFSDYLLVKAVEISE
;
_entity_poly.pdbx_strand_id   A,B,C,D,E
#
loop_
_chem_comp.id
_chem_comp.type
_chem_comp.name
_chem_comp.formula
CL non-polymer 'CHLORIDE ION' 'Cl -1'
EDO non-polymer 1,2-ETHANEDIOL 'C2 H6 O2'
MN non-polymer 'MANGANESE (II) ION' 'Mn 2'
ZN non-polymer 'ZINC ION' 'Zn 2'
#
# COMPACT_ATOMS: atom_id res chain seq x y z
N TYR A 18 -36.97 -21.42 -46.19
CA TYR A 18 -36.53 -20.00 -46.03
C TYR A 18 -35.03 -19.92 -45.81
N ALA A 19 -34.33 -19.13 -46.63
CA ALA A 19 -32.88 -19.10 -46.58
C ALA A 19 -32.35 -17.74 -47.03
N ILE A 20 -31.23 -17.34 -46.43
CA ILE A 20 -30.43 -16.24 -46.95
C ILE A 20 -28.98 -16.70 -47.04
N ALA A 21 -28.22 -15.97 -47.86
CA ALA A 21 -26.84 -16.27 -48.14
C ALA A 21 -26.05 -15.00 -47.93
N GLY A 22 -24.82 -15.17 -47.43
CA GLY A 22 -23.78 -14.16 -47.54
C GLY A 22 -22.51 -14.80 -48.05
N ASN A 23 -21.47 -13.99 -48.17
CA ASN A 23 -20.15 -14.49 -48.51
C ASN A 23 -19.74 -15.56 -47.50
N GLY A 24 -19.70 -16.82 -47.96
CA GLY A 24 -19.18 -17.93 -47.18
C GLY A 24 -20.17 -18.50 -46.14
N VAL A 25 -21.43 -18.08 -46.16
CA VAL A 25 -22.39 -18.52 -45.15
C VAL A 25 -23.79 -18.66 -45.75
N ARG A 26 -24.53 -19.66 -45.25
CA ARG A 26 -25.95 -19.80 -45.56
C ARG A 26 -26.69 -19.96 -44.24
N VAL A 27 -27.85 -19.34 -44.14
CA VAL A 27 -28.72 -19.45 -42.98
C VAL A 27 -30.07 -19.94 -43.45
N THR A 28 -30.57 -21.03 -42.86
CA THR A 28 -31.89 -21.55 -43.20
C THR A 28 -32.74 -21.55 -41.94
N TYR A 29 -34.04 -21.29 -42.16
CA TYR A 29 -35.05 -21.32 -41.11
C TYR A 29 -36.11 -22.35 -41.48
N ASP A 30 -36.41 -23.23 -40.51
CA ASP A 30 -37.52 -24.16 -40.64
C ASP A 30 -38.70 -23.63 -39.81
N ALA A 31 -39.80 -23.29 -40.49
CA ALA A 31 -40.96 -22.70 -39.84
C ALA A 31 -41.70 -23.72 -38.97
N ASP A 32 -41.63 -25.03 -39.31
CA ASP A 32 -42.33 -26.04 -38.53
C ASP A 32 -41.62 -26.23 -37.19
N GLY A 33 -40.32 -26.51 -37.24
CA GLY A 33 -39.53 -26.71 -36.05
C GLY A 33 -39.16 -25.38 -35.38
N GLN A 34 -39.25 -24.27 -36.11
CA GLN A 34 -38.80 -22.96 -35.65
C GLN A 34 -37.32 -23.04 -35.26
N THR A 35 -36.50 -23.50 -36.20
CA THR A 35 -35.07 -23.64 -35.98
C THR A 35 -34.30 -22.92 -37.08
N ILE A 36 -33.08 -22.52 -36.70
CA ILE A 36 -32.09 -21.96 -37.60
C ILE A 36 -30.95 -22.97 -37.75
N THR A 37 -30.47 -23.14 -39.00
CA THR A 37 -29.28 -23.92 -39.28
C THR A 37 -28.30 -23.04 -40.03
N LEU A 38 -27.03 -23.06 -39.57
CA LEU A 38 -25.93 -22.35 -40.21
C LEU A 38 -25.07 -23.34 -41.02
N TYR A 39 -24.66 -22.87 -42.19
CA TYR A 39 -23.71 -23.56 -43.06
C TYR A 39 -22.62 -22.57 -43.45
N ARG A 40 -21.44 -23.11 -43.74
CA ARG A 40 -20.36 -22.36 -44.36
C ARG A 40 -20.05 -23.01 -45.71
N THR A 41 -19.44 -22.24 -46.60
CA THR A 41 -19.06 -22.75 -47.90
C THR A 41 -17.71 -23.45 -47.77
N GLU A 42 -17.50 -24.45 -48.62
CA GLU A 42 -16.27 -25.23 -48.65
C GLU A 42 -16.18 -25.79 -50.06
N GLY A 43 -15.13 -25.40 -50.79
CA GLY A 43 -15.05 -25.72 -52.20
C GLY A 43 -16.32 -25.24 -52.90
N SER A 44 -16.99 -26.16 -53.61
CA SER A 44 -18.20 -25.81 -54.33
C SER A 44 -19.46 -26.27 -53.57
N GLY A 45 -19.29 -26.64 -52.30
CA GLY A 45 -20.39 -27.16 -51.48
C GLY A 45 -20.53 -26.40 -50.18
N LEU A 46 -21.31 -27.01 -49.28
CA LEU A 46 -21.59 -26.46 -47.96
C LEU A 46 -21.18 -27.49 -46.92
N ILE A 47 -20.76 -26.99 -45.76
CA ILE A 47 -20.62 -27.78 -44.56
C ILE A 47 -21.59 -27.22 -43.53
N GLN A 48 -22.43 -28.10 -42.99
CA GLN A 48 -23.32 -27.75 -41.90
C GLN A 48 -22.50 -27.50 -40.63
N MET A 49 -22.65 -26.32 -40.05
CA MET A 49 -21.88 -25.94 -38.87
C MET A 49 -22.70 -26.06 -37.59
N SER A 50 -24.01 -25.77 -37.66
CA SER A 50 -24.89 -25.90 -36.50
C SER A 50 -25.92 -26.99 -36.74
N LYS A 51 -26.34 -27.64 -35.65
CA LYS A 51 -27.60 -28.37 -35.63
C LYS A 51 -28.73 -27.39 -35.81
N PRO A 52 -29.93 -27.85 -36.22
CA PRO A 52 -31.13 -27.01 -36.19
C PRO A 52 -31.25 -26.47 -34.76
N SER A 53 -31.16 -25.16 -34.62
CA SER A 53 -31.06 -24.54 -33.31
C SER A 53 -32.31 -23.69 -33.08
N PRO A 54 -32.91 -23.71 -31.88
CA PRO A 54 -34.13 -22.95 -31.64
C PRO A 54 -33.80 -21.47 -31.52
N LEU A 55 -34.80 -20.61 -31.81
CA LEU A 55 -34.61 -19.17 -31.67
C LEU A 55 -34.54 -18.82 -30.20
N GLY A 56 -33.79 -17.80 -29.85
CA GLY A 56 -33.69 -17.43 -28.43
C GLY A 56 -35.00 -16.79 -27.95
N GLY A 57 -35.34 -17.02 -26.70
CA GLY A 57 -36.56 -16.47 -26.12
C GLY A 57 -36.31 -15.75 -24.79
N PRO A 58 -37.36 -15.12 -24.24
CA PRO A 58 -37.28 -14.46 -22.95
C PRO A 58 -37.35 -15.46 -21.82
N VAL A 59 -36.73 -15.11 -20.68
CA VAL A 59 -36.80 -15.90 -19.48
C VAL A 59 -37.74 -15.16 -18.52
N ILE A 60 -38.82 -15.83 -18.10
CA ILE A 60 -39.83 -15.29 -17.22
C ILE A 60 -40.04 -16.28 -16.08
N GLY A 61 -40.02 -15.77 -14.84
CA GLY A 61 -40.19 -16.60 -13.66
C GLY A 61 -39.27 -17.83 -13.67
N GLY A 62 -38.02 -17.63 -14.08
CA GLY A 62 -37.01 -18.68 -13.98
C GLY A 62 -37.00 -19.61 -15.19
N GLN A 63 -37.89 -19.39 -16.17
CA GLN A 63 -38.07 -20.32 -17.27
C GLN A 63 -38.05 -19.62 -18.61
N GLU A 64 -37.36 -20.18 -19.59
CA GLU A 64 -37.46 -19.70 -20.95
C GLU A 64 -38.89 -19.96 -21.46
N VAL A 65 -39.51 -18.94 -22.03
CA VAL A 65 -40.81 -19.09 -22.67
C VAL A 65 -40.61 -19.96 -23.90
N GLN A 66 -41.43 -20.99 -24.06
CA GLN A 66 -41.25 -21.90 -25.17
C GLN A 66 -42.57 -22.27 -25.83
N ASP A 67 -43.55 -21.37 -25.78
CA ASP A 67 -44.79 -21.56 -26.51
C ASP A 67 -44.86 -20.63 -27.73
N PHE A 68 -43.73 -20.09 -28.20
CA PHE A 68 -43.76 -19.22 -29.38
C PHE A 68 -44.18 -20.05 -30.59
N SER A 69 -45.07 -19.52 -31.43
CA SER A 69 -45.42 -20.16 -32.69
C SER A 69 -45.04 -19.26 -33.87
N HIS A 70 -44.80 -19.90 -35.02
CA HIS A 70 -44.40 -19.21 -36.23
C HIS A 70 -45.55 -18.35 -36.74
N ILE A 71 -45.24 -17.09 -37.10
CA ILE A 71 -46.20 -16.25 -37.77
C ILE A 71 -45.75 -16.00 -39.20
N SER A 72 -44.54 -15.49 -39.39
CA SER A 72 -44.08 -15.23 -40.75
C SER A 72 -42.57 -15.22 -40.81
N CYS A 73 -42.08 -15.39 -42.05
CA CYS A 73 -40.67 -15.27 -42.38
C CYS A 73 -40.53 -14.56 -43.72
N ASP A 74 -40.07 -13.31 -43.68
CA ASP A 74 -39.81 -12.51 -44.87
C ASP A 74 -38.33 -12.54 -45.20
N VAL A 75 -38.01 -13.07 -46.38
CA VAL A 75 -36.68 -13.05 -46.94
C VAL A 75 -36.58 -11.90 -47.95
N GLU A 76 -35.60 -11.01 -47.75
CA GLU A 76 -35.24 -10.01 -48.74
C GLU A 76 -33.87 -10.37 -49.31
N GLN A 77 -33.82 -10.63 -50.62
CA GLN A 77 -32.61 -11.16 -51.27
C GLN A 77 -31.64 -10.03 -51.64
N SER A 78 -32.14 -8.79 -51.63
CA SER A 78 -31.38 -7.70 -52.16
C SER A 78 -31.64 -6.45 -51.34
N THR A 79 -30.83 -6.25 -50.30
CA THR A 79 -31.12 -5.21 -49.33
C THR A 79 -29.81 -4.66 -48.78
N SER A 80 -29.92 -3.73 -47.83
CA SER A 80 -28.77 -3.09 -47.23
C SER A 80 -29.00 -3.02 -45.73
N GLY A 81 -28.03 -3.49 -44.94
CA GLY A 81 -28.20 -3.55 -43.50
C GLY A 81 -26.98 -2.93 -42.80
N VAL A 82 -26.79 -3.33 -41.55
CA VAL A 82 -25.68 -2.85 -40.73
C VAL A 82 -24.35 -3.01 -41.46
N MET A 83 -24.20 -4.10 -42.20
CA MET A 83 -22.94 -4.41 -42.87
C MET A 83 -22.94 -3.98 -44.33
N GLY A 84 -23.95 -3.22 -44.75
CA GLY A 84 -24.08 -2.85 -46.16
C GLY A 84 -24.92 -3.87 -46.92
N SER A 85 -24.62 -4.03 -48.20
CA SER A 85 -25.51 -4.76 -49.06
C SER A 85 -25.41 -6.25 -48.78
N GLY A 86 -26.58 -6.91 -48.81
CA GLY A 86 -26.67 -8.33 -48.58
C GLY A 86 -28.14 -8.74 -48.55
N GLN A 87 -28.47 -9.57 -47.56
CA GLN A 87 -29.79 -10.17 -47.48
C GLN A 87 -30.29 -10.07 -46.04
N ARG A 88 -31.60 -10.25 -45.88
CA ARG A 88 -32.24 -10.18 -44.58
C ARG A 88 -33.36 -11.20 -44.50
N MET A 89 -33.50 -11.80 -43.31
CA MET A 89 -34.56 -12.71 -42.98
C MET A 89 -35.20 -12.21 -41.68
N THR A 90 -36.50 -11.93 -41.73
CA THR A 90 -37.22 -11.40 -40.58
C THR A 90 -38.25 -12.44 -40.15
N ILE A 91 -38.10 -12.95 -38.93
CA ILE A 91 -38.98 -13.98 -38.41
C ILE A 91 -39.83 -13.40 -37.30
N THR A 92 -41.16 -13.55 -37.44
CA THR A 92 -42.11 -13.10 -36.44
C THR A 92 -42.73 -14.32 -35.77
N SER A 93 -42.76 -14.29 -34.43
CA SER A 93 -43.30 -15.38 -33.64
C SER A 93 -44.20 -14.78 -32.56
N GLN A 94 -45.13 -15.59 -32.04
CA GLN A 94 -46.04 -15.11 -31.01
C GLN A 94 -46.21 -16.15 -29.91
N SER A 95 -46.28 -15.64 -28.67
CA SER A 95 -46.52 -16.42 -27.47
C SER A 95 -47.89 -16.06 -26.90
N MET A 96 -48.81 -17.04 -26.89
CA MET A 96 -50.14 -16.84 -26.36
C MET A 96 -50.11 -16.59 -24.86
N SER A 97 -49.24 -17.33 -24.15
CA SER A 97 -49.20 -17.25 -22.70
C SER A 97 -48.76 -15.86 -22.23
N THR A 98 -47.88 -15.19 -22.99
CA THR A 98 -47.29 -13.93 -22.54
C THR A 98 -47.87 -12.72 -23.28
N GLY A 99 -48.42 -12.93 -24.48
CA GLY A 99 -48.84 -11.83 -25.34
C GLY A 99 -47.67 -11.22 -26.11
N LEU A 100 -46.49 -11.85 -26.09
CA LEU A 100 -45.30 -11.30 -26.71
C LEU A 100 -45.27 -11.66 -28.20
N ILE A 101 -44.91 -10.67 -29.02
CA ILE A 101 -44.56 -10.90 -30.41
C ILE A 101 -43.07 -10.66 -30.53
N ARG A 102 -42.35 -11.70 -30.99
CA ARG A 102 -40.92 -11.61 -31.22
C ARG A 102 -40.65 -11.32 -32.69
N THR A 103 -39.77 -10.32 -32.93
CA THR A 103 -39.20 -10.10 -34.25
C THR A 103 -37.72 -10.40 -34.19
N TYR A 104 -37.30 -11.41 -34.97
CA TYR A 104 -35.92 -11.84 -35.03
C TYR A 104 -35.39 -11.58 -36.43
N VAL A 105 -34.36 -10.74 -36.52
CA VAL A 105 -33.83 -10.32 -37.81
C VAL A 105 -32.43 -10.90 -37.97
N LEU A 106 -32.19 -11.54 -39.12
CA LEU A 106 -30.87 -11.98 -39.49
C LEU A 106 -30.46 -11.29 -40.78
N GLU A 107 -29.24 -10.77 -40.81
CA GLU A 107 -28.68 -10.13 -41.99
C GLU A 107 -27.36 -10.80 -42.35
N THR A 108 -27.18 -11.02 -43.65
CA THR A 108 -25.91 -11.42 -44.24
C THR A 108 -25.37 -10.29 -45.12
N SER A 109 -24.09 -10.41 -45.47
CA SER A 109 -23.35 -9.43 -46.23
C SER A 109 -22.80 -10.11 -47.48
N ASP A 110 -22.88 -9.40 -48.62
CA ASP A 110 -22.29 -9.89 -49.86
C ASP A 110 -20.76 -9.96 -49.74
N ILE A 111 -20.19 -9.15 -48.85
CA ILE A 111 -18.75 -8.99 -48.75
C ILE A 111 -18.20 -9.66 -47.49
N GLU A 112 -18.82 -9.48 -46.32
CA GLU A 112 -18.19 -9.94 -45.10
C GLU A 112 -18.29 -11.45 -44.95
N GLU A 113 -17.12 -12.10 -44.93
CA GLU A 113 -17.05 -13.55 -44.98
C GLU A 113 -17.51 -14.18 -43.67
N GLY A 114 -18.51 -15.06 -43.76
CA GLY A 114 -18.94 -15.88 -42.65
C GLY A 114 -19.87 -15.19 -41.66
N VAL A 115 -20.20 -13.90 -41.86
CA VAL A 115 -20.79 -13.13 -40.78
C VAL A 115 -22.31 -13.05 -40.93
N VAL A 116 -23.00 -13.24 -39.81
CA VAL A 116 -24.43 -13.06 -39.71
C VAL A 116 -24.70 -12.07 -38.58
N TYR A 117 -25.45 -11.00 -38.89
CA TYR A 117 -25.89 -10.04 -37.90
C TYR A 117 -27.30 -10.41 -37.47
N THR A 118 -27.55 -10.34 -36.16
CA THR A 118 -28.84 -10.70 -35.60
C THR A 118 -29.31 -9.59 -34.67
N ALA A 119 -30.60 -9.27 -34.73
CA ALA A 119 -31.22 -8.31 -33.83
C ALA A 119 -32.61 -8.81 -33.46
N THR A 120 -32.99 -8.57 -32.20
CA THR A 120 -34.28 -9.04 -31.72
C THR A 120 -35.06 -7.89 -31.07
N SER A 121 -36.36 -7.86 -31.33
CA SER A 121 -37.25 -7.00 -30.55
C SER A 121 -38.47 -7.80 -30.11
N TYR A 122 -39.10 -7.31 -29.03
CA TYR A 122 -40.33 -7.87 -28.51
C TYR A 122 -41.35 -6.77 -28.40
N GLU A 123 -42.60 -7.11 -28.76
CA GLU A 123 -43.75 -6.28 -28.50
C GLU A 123 -44.66 -6.99 -27.51
N ALA A 124 -45.13 -6.26 -26.48
CA ALA A 124 -46.09 -6.78 -25.52
C ALA A 124 -47.51 -6.47 -25.96
N GLY A 125 -48.45 -7.37 -25.63
CA GLY A 125 -49.87 -7.17 -25.84
C GLY A 125 -50.49 -6.34 -24.71
N ALA A 126 -51.59 -6.84 -24.14
CA ALA A 126 -52.42 -6.05 -23.24
C ALA A 126 -51.75 -5.88 -21.88
N SER A 127 -50.85 -6.81 -21.50
CA SER A 127 -50.21 -6.78 -20.19
C SER A 127 -48.71 -6.51 -20.31
N ASP A 128 -48.19 -5.79 -19.32
CA ASP A 128 -46.76 -5.69 -19.07
C ASP A 128 -46.18 -7.09 -18.94
N VAL A 129 -44.94 -7.25 -19.39
CA VAL A 129 -44.27 -8.54 -19.27
C VAL A 129 -42.92 -8.32 -18.58
N GLU A 130 -42.71 -9.02 -17.47
CA GLU A 130 -41.47 -8.92 -16.72
C GLU A 130 -40.52 -10.03 -17.15
N VAL A 131 -39.45 -9.66 -17.87
CA VAL A 131 -38.47 -10.59 -18.37
C VAL A 131 -37.21 -10.43 -17.54
N SER A 132 -36.68 -11.54 -17.02
CA SER A 132 -35.46 -11.50 -16.22
C SER A 132 -34.24 -11.53 -17.14
N TRP A 133 -34.34 -12.17 -18.30
CA TRP A 133 -33.19 -12.34 -19.20
C TRP A 133 -33.69 -12.62 -20.61
N PHE A 134 -32.94 -12.17 -21.61
CA PHE A 134 -33.25 -12.45 -22.99
C PHE A 134 -32.13 -13.29 -23.57
N ILE A 135 -32.47 -14.51 -23.99
CA ILE A 135 -31.52 -15.32 -24.75
C ILE A 135 -31.65 -14.88 -26.21
N GLY A 136 -30.53 -14.43 -26.77
CA GLY A 136 -30.52 -13.86 -28.10
C GLY A 136 -30.50 -14.94 -29.19
N SER A 137 -29.40 -15.69 -29.24
CA SER A 137 -29.19 -16.74 -30.23
C SER A 137 -28.41 -17.87 -29.55
N VAL A 138 -28.66 -19.10 -30.03
CA VAL A 138 -28.02 -20.30 -29.50
C VAL A 138 -27.64 -21.15 -30.71
N TYR A 139 -26.36 -21.58 -30.78
CA TYR A 139 -25.93 -22.47 -31.84
C TYR A 139 -25.21 -23.66 -31.23
N GLU A 140 -25.76 -24.86 -31.49
CA GLU A 140 -25.10 -26.10 -31.14
C GLU A 140 -24.34 -26.62 -32.37
N LEU A 141 -23.08 -26.99 -32.16
CA LEU A 141 -22.20 -27.42 -33.22
C LEU A 141 -22.65 -28.77 -33.77
N TYR A 142 -22.59 -28.86 -35.11
CA TYR A 142 -22.85 -30.09 -35.84
C TYR A 142 -21.54 -30.77 -36.15
N GLY A 143 -21.51 -32.10 -36.02
CA GLY A 143 -20.41 -32.91 -36.49
C GLY A 143 -19.28 -33.08 -35.49
N ALA A 144 -19.48 -32.71 -34.22
CA ALA A 144 -18.44 -32.91 -33.23
C ALA A 144 -18.20 -34.39 -32.99
N GLU A 145 -16.98 -34.76 -32.63
CA GLU A 145 -16.64 -36.14 -32.30
C GLU A 145 -16.27 -36.24 -30.82
N ASP A 146 -14.97 -36.17 -30.52
CA ASP A 146 -14.47 -36.48 -29.19
C ASP A 146 -14.15 -35.21 -28.40
N ARG A 147 -13.90 -34.07 -29.06
CA ARG A 147 -13.68 -32.83 -28.34
C ARG A 147 -14.04 -31.61 -29.21
N ILE A 148 -14.31 -30.52 -28.51
CA ILE A 148 -14.54 -29.20 -29.09
C ILE A 148 -13.63 -28.25 -28.35
N TRP A 149 -12.96 -27.35 -29.08
CA TRP A 149 -12.19 -26.30 -28.44
C TRP A 149 -13.01 -25.03 -28.41
N SER A 150 -12.79 -24.20 -27.37
CA SER A 150 -13.60 -23.02 -27.15
C SER A 150 -12.73 -21.84 -26.72
N TYR A 151 -13.08 -20.67 -27.28
CA TYR A 151 -12.59 -19.38 -26.82
C TYR A 151 -13.66 -18.77 -25.92
N ASN A 152 -13.25 -18.34 -24.73
CA ASN A 152 -14.14 -17.86 -23.69
C ASN A 152 -13.73 -16.45 -23.28
N GLY A 153 -14.48 -15.44 -23.78
CA GLY A 153 -14.09 -14.04 -23.59
C GLY A 153 -14.52 -13.43 -22.25
N GLY A 154 -15.20 -14.21 -21.39
CA GLY A 154 -15.72 -13.69 -20.14
C GLY A 154 -14.67 -13.02 -19.25
N GLY A 155 -15.13 -12.06 -18.47
CA GLY A 155 -14.31 -11.32 -17.53
C GLY A 155 -14.55 -11.72 -16.07
N GLU A 156 -15.29 -12.82 -15.81
CA GLU A 156 -15.69 -13.15 -14.46
C GLU A 156 -14.60 -13.91 -13.70
N GLY A 157 -13.46 -14.16 -14.34
CA GLY A 157 -12.44 -14.99 -13.73
C GLY A 157 -12.81 -16.47 -13.90
N PRO A 158 -12.14 -17.39 -13.20
CA PRO A 158 -11.01 -17.06 -12.32
C PRO A 158 -9.85 -16.35 -13.02
N MET A 159 -9.22 -15.44 -12.28
CA MET A 159 -8.04 -14.72 -12.71
C MET A 159 -6.87 -15.70 -12.83
N HIS A 160 -6.06 -15.52 -13.90
CA HIS A 160 -4.71 -16.06 -14.01
C HIS A 160 -4.66 -17.54 -14.37
N TYR A 161 -5.38 -18.40 -13.63
CA TYR A 161 -5.13 -19.83 -13.71
C TYR A 161 -6.27 -20.58 -14.39
N TYR A 162 -7.19 -19.83 -15.02
CA TYR A 162 -8.26 -20.38 -15.81
C TYR A 162 -8.00 -19.97 -17.26
N ASP A 163 -7.81 -20.98 -18.13
CA ASP A 163 -7.42 -20.71 -19.51
C ASP A 163 -8.57 -20.06 -20.27
N THR A 164 -8.25 -19.11 -21.15
CA THR A 164 -9.24 -18.51 -22.01
C THR A 164 -9.71 -19.53 -23.06
N LEU A 165 -8.76 -20.29 -23.61
CA LEU A 165 -9.03 -21.44 -24.48
C LEU A 165 -9.26 -22.69 -23.63
N GLN A 166 -10.41 -23.34 -23.82
CA GLN A 166 -10.82 -24.47 -23.01
C GLN A 166 -11.26 -25.62 -23.92
N LYS A 167 -10.74 -26.80 -23.62
CA LYS A 167 -11.18 -28.00 -24.30
C LYS A 167 -12.44 -28.54 -23.64
N ILE A 168 -13.47 -28.77 -24.46
CA ILE A 168 -14.67 -29.45 -24.06
C ILE A 168 -14.54 -30.89 -24.52
N ASP A 169 -14.21 -31.74 -23.55
CA ASP A 169 -14.03 -33.16 -23.79
C ASP A 169 -15.40 -33.81 -23.76
N LEU A 170 -15.74 -34.53 -24.83
CA LEU A 170 -17.01 -35.21 -24.97
C LEU A 170 -16.91 -36.66 -24.54
N THR A 171 -15.72 -37.13 -24.08
CA THR A 171 -15.51 -38.52 -23.71
C THR A 171 -15.42 -38.69 -22.20
N ASP A 172 -15.40 -37.61 -21.42
CA ASP A 172 -15.14 -37.66 -19.99
C ASP A 172 -16.48 -37.65 -19.25
N SER A 173 -16.45 -37.45 -17.94
CA SER A 173 -17.63 -37.41 -17.11
C SER A 173 -18.19 -36.01 -16.99
N GLY A 174 -17.37 -34.96 -17.04
CA GLY A 174 -17.83 -33.61 -16.76
C GLY A 174 -18.65 -33.01 -17.89
N LYS A 175 -19.38 -31.94 -17.57
CA LYS A 175 -20.10 -31.16 -18.55
C LYS A 175 -19.63 -29.72 -18.43
N PHE A 176 -18.92 -29.27 -19.44
CA PHE A 176 -18.38 -27.93 -19.44
C PHE A 176 -19.55 -26.92 -19.48
N SER A 177 -19.41 -25.87 -18.69
CA SER A 177 -20.40 -24.80 -18.67
C SER A 177 -19.73 -23.53 -18.19
N ARG A 178 -19.78 -22.46 -18.98
CA ARG A 178 -19.27 -21.17 -18.55
C ARG A 178 -20.17 -20.06 -19.10
N GLU A 179 -20.48 -19.06 -18.28
CA GLU A 179 -21.36 -17.97 -18.67
C GLU A 179 -20.69 -16.97 -19.59
N ASN A 180 -19.42 -16.65 -19.35
CA ASN A 180 -18.69 -15.62 -20.10
C ASN A 180 -19.40 -14.27 -19.98
N LYS A 181 -19.21 -13.64 -18.83
CA LYS A 181 -19.96 -12.45 -18.47
C LYS A 181 -19.17 -11.19 -18.82
N GLN A 182 -19.93 -10.13 -19.12
CA GLN A 182 -19.48 -8.75 -19.11
C GLN A 182 -20.46 -7.97 -18.28
N ASP A 183 -19.98 -7.37 -17.18
CA ASP A 183 -20.87 -6.68 -16.26
C ASP A 183 -20.04 -5.82 -15.30
N ASP A 184 -20.65 -5.42 -14.19
CA ASP A 184 -19.98 -4.57 -13.23
C ASP A 184 -18.87 -5.30 -12.48
N THR A 185 -18.68 -6.60 -12.69
CA THR A 185 -17.48 -7.25 -12.14
C THR A 185 -16.70 -8.00 -13.22
N ALA A 186 -17.00 -7.75 -14.50
CA ALA A 186 -16.36 -8.47 -15.59
C ALA A 186 -16.23 -7.55 -16.80
N ALA A 187 -14.99 -7.26 -17.20
CA ALA A 187 -14.75 -6.36 -18.32
C ALA A 187 -13.68 -6.94 -19.22
N SER A 188 -14.10 -7.86 -20.08
CA SER A 188 -13.21 -8.55 -20.99
C SER A 188 -13.78 -8.46 -22.40
N ILE A 189 -13.92 -9.58 -23.12
CA ILE A 189 -14.20 -9.58 -24.54
C ILE A 189 -15.52 -10.28 -24.77
N PRO A 190 -16.55 -9.58 -25.31
CA PRO A 190 -17.91 -10.11 -25.40
C PRO A 190 -18.08 -11.08 -26.58
N VAL A 191 -17.27 -12.13 -26.56
CA VAL A 191 -17.15 -13.06 -27.67
C VAL A 191 -16.87 -14.46 -27.11
N SER A 192 -17.49 -15.48 -27.73
CA SER A 192 -17.13 -16.87 -27.51
C SER A 192 -17.10 -17.58 -28.86
N ASP A 193 -16.25 -18.60 -28.97
CA ASP A 193 -16.17 -19.41 -30.16
C ASP A 193 -16.10 -20.88 -29.73
N ILE A 194 -16.74 -21.75 -30.51
CA ILE A 194 -16.54 -23.18 -30.37
C ILE A 194 -16.20 -23.75 -31.75
N TYR A 195 -15.24 -24.68 -31.80
CA TYR A 195 -14.85 -25.24 -33.08
C TYR A 195 -14.34 -26.67 -32.97
N ILE A 196 -14.38 -27.32 -34.14
CA ILE A 196 -13.90 -28.67 -34.36
C ILE A 196 -13.00 -28.66 -35.59
N ALA A 197 -12.62 -29.83 -36.10
CA ALA A 197 -11.72 -29.92 -37.24
C ALA A 197 -12.29 -29.17 -38.44
N ASP A 198 -13.60 -29.28 -38.66
CA ASP A 198 -14.25 -28.65 -39.79
C ASP A 198 -14.57 -27.18 -39.56
N GLY A 199 -14.17 -26.61 -38.43
CA GLY A 199 -14.36 -25.20 -38.16
C GLY A 199 -15.36 -24.99 -37.03
N GLY A 200 -15.92 -23.78 -36.94
CA GLY A 200 -16.74 -23.45 -35.79
C GLY A 200 -17.63 -22.22 -35.98
N ILE A 201 -18.15 -21.78 -34.83
CA ILE A 201 -19.13 -20.72 -34.72
C ILE A 201 -18.73 -19.80 -33.57
N THR A 202 -18.50 -18.54 -33.92
CA THR A 202 -18.27 -17.43 -33.01
C THR A 202 -19.58 -16.69 -32.82
N VAL A 203 -19.85 -16.28 -31.58
CA VAL A 203 -20.93 -15.35 -31.30
C VAL A 203 -20.34 -14.20 -30.50
N GLY A 204 -20.66 -12.96 -30.90
CA GLY A 204 -20.16 -11.79 -30.19
C GLY A 204 -21.21 -10.69 -30.14
N ASP A 205 -21.08 -9.79 -29.15
CA ASP A 205 -22.03 -8.71 -28.95
C ASP A 205 -21.82 -7.67 -30.03
N ALA A 206 -22.91 -7.33 -30.73
CA ALA A 206 -22.87 -6.32 -31.78
C ALA A 206 -23.23 -4.97 -31.16
N SER A 207 -22.27 -4.38 -30.42
CA SER A 207 -22.46 -3.07 -29.79
C SER A 207 -21.19 -2.24 -29.91
N ALA A 208 -21.33 -0.99 -30.32
CA ALA A 208 -20.19 -0.08 -30.43
C ALA A 208 -19.68 0.33 -29.04
N THR A 209 -20.54 0.13 -28.03
CA THR A 209 -20.21 0.48 -26.65
C THR A 209 -20.47 -0.71 -25.72
N ARG A 210 -19.75 -0.69 -24.60
CA ARG A 210 -19.83 -1.73 -23.58
C ARG A 210 -21.25 -1.80 -23.00
N ARG A 211 -21.74 -3.03 -22.90
CA ARG A 211 -22.99 -3.27 -22.18
C ARG A 211 -22.94 -4.64 -21.53
N GLU A 212 -23.90 -4.88 -20.64
CA GLU A 212 -23.99 -6.16 -19.96
C GLU A 212 -24.46 -7.23 -20.95
N VAL A 213 -23.70 -8.31 -21.05
CA VAL A 213 -23.97 -9.40 -21.97
C VAL A 213 -23.26 -10.65 -21.46
N HIS A 214 -23.82 -11.83 -21.79
CA HIS A 214 -23.15 -13.11 -21.58
C HIS A 214 -22.98 -13.78 -22.94
N THR A 215 -21.88 -14.54 -23.13
CA THR A 215 -21.74 -15.42 -24.28
C THR A 215 -21.44 -16.85 -23.80
N PRO A 216 -22.46 -17.53 -23.24
CA PRO A 216 -22.24 -18.83 -22.60
C PRO A 216 -21.77 -19.90 -23.58
N VAL A 217 -20.89 -20.77 -23.06
CA VAL A 217 -20.43 -21.95 -23.74
C VAL A 217 -20.83 -23.14 -22.88
N GLN A 218 -21.58 -24.08 -23.46
CA GLN A 218 -22.16 -25.17 -22.70
C GLN A 218 -22.05 -26.46 -23.50
N GLU A 219 -21.47 -27.49 -22.86
CA GLU A 219 -21.44 -28.82 -23.42
C GLU A 219 -22.86 -29.36 -23.45
N THR A 220 -23.20 -30.09 -24.51
CA THR A 220 -24.50 -30.73 -24.63
C THR A 220 -24.30 -32.25 -24.57
N SER A 221 -25.32 -33.01 -25.00
CA SER A 221 -25.28 -34.45 -24.88
C SER A 221 -24.15 -35.02 -25.74
N ASP A 222 -23.88 -34.46 -26.92
CA ASP A 222 -22.84 -34.99 -27.78
C ASP A 222 -22.03 -33.90 -28.45
N SER A 223 -22.20 -32.65 -27.99
CA SER A 223 -21.55 -31.53 -28.66
C SER A 223 -21.43 -30.38 -27.66
N ALA A 224 -21.42 -29.14 -28.16
CA ALA A 224 -21.46 -27.97 -27.32
C ALA A 224 -22.22 -26.88 -28.06
N GLN A 225 -22.73 -25.91 -27.30
CA GLN A 225 -23.44 -24.80 -27.88
C GLN A 225 -22.85 -23.49 -27.35
N VAL A 226 -22.93 -22.47 -28.20
CA VAL A 226 -22.51 -21.15 -27.83
C VAL A 226 -23.71 -20.24 -28.03
N SER A 227 -23.89 -19.29 -27.11
CA SER A 227 -25.05 -18.43 -27.17
C SER A 227 -24.67 -17.03 -26.71
N ILE A 228 -25.66 -16.13 -26.82
CA ILE A 228 -25.52 -14.77 -26.33
C ILE A 228 -26.84 -14.35 -25.74
N GLY A 229 -26.80 -13.50 -24.71
CA GLY A 229 -28.01 -12.98 -24.10
C GLY A 229 -27.73 -11.75 -23.26
N TRP A 230 -28.81 -11.06 -22.86
CA TRP A 230 -28.73 -9.77 -22.20
C TRP A 230 -29.74 -9.72 -21.05
N PRO A 231 -29.51 -8.83 -20.08
CA PRO A 231 -30.45 -8.59 -18.99
C PRO A 231 -31.86 -8.28 -19.47
N GLY A 232 -32.82 -8.71 -18.66
CA GLY A 232 -34.20 -8.48 -18.97
C GLY A 232 -34.66 -7.08 -18.59
N LYS A 233 -35.94 -6.85 -18.79
CA LYS A 233 -36.60 -5.64 -18.34
C LYS A 233 -38.09 -5.89 -18.36
N VAL A 234 -38.83 -4.93 -17.82
CA VAL A 234 -40.27 -4.94 -17.91
C VAL A 234 -40.66 -4.37 -19.27
N ILE A 235 -41.36 -5.14 -20.11
CA ILE A 235 -41.86 -4.63 -21.36
C ILE A 235 -43.27 -4.10 -21.15
N ALA A 236 -43.45 -2.78 -21.29
CA ALA A 236 -44.75 -2.17 -21.03
C ALA A 236 -45.78 -2.63 -22.06
N ALA A 237 -47.02 -2.85 -21.60
CA ALA A 237 -48.13 -3.21 -22.46
C ALA A 237 -48.15 -2.31 -23.69
N GLY A 238 -48.25 -2.94 -24.87
CA GLY A 238 -48.37 -2.23 -26.12
C GLY A 238 -47.04 -1.71 -26.68
N SER A 239 -45.92 -1.87 -25.96
CA SER A 239 -44.68 -1.23 -26.40
C SER A 239 -43.78 -2.22 -27.16
N VAL A 240 -42.86 -1.68 -27.96
CA VAL A 240 -41.89 -2.46 -28.70
C VAL A 240 -40.51 -2.09 -28.18
N ILE A 241 -39.66 -3.09 -27.86
CA ILE A 241 -38.31 -2.78 -27.43
C ILE A 241 -37.30 -3.71 -28.11
N GLU A 242 -36.14 -3.15 -28.42
CA GLU A 242 -35.01 -3.88 -28.97
C GLU A 242 -34.21 -4.41 -27.79
N ILE A 243 -33.85 -5.70 -27.76
CA ILE A 243 -33.31 -6.25 -26.53
C ILE A 243 -31.85 -6.63 -26.69
N GLY A 244 -31.32 -6.57 -27.90
CA GLY A 244 -29.94 -6.96 -28.12
C GLY A 244 -29.65 -7.41 -29.54
N GLU A 245 -28.39 -7.24 -29.94
CA GLU A 245 -27.93 -7.52 -31.29
C GLU A 245 -26.59 -8.23 -31.19
N SER A 246 -26.35 -9.16 -32.12
CA SER A 246 -25.16 -9.99 -32.09
C SER A 246 -24.61 -10.22 -33.48
N PHE A 247 -23.33 -10.60 -33.53
CA PHE A 247 -22.72 -11.14 -34.72
C PHE A 247 -22.43 -12.61 -34.48
N ALA A 248 -22.71 -13.42 -35.49
CA ALA A 248 -22.24 -14.81 -35.52
C ALA A 248 -21.28 -14.95 -36.68
N VAL A 249 -20.27 -15.79 -36.51
CA VAL A 249 -19.32 -16.04 -37.57
C VAL A 249 -19.17 -17.54 -37.72
N VAL A 250 -19.54 -18.06 -38.90
CA VAL A 250 -19.17 -19.41 -39.27
C VAL A 250 -17.79 -19.33 -39.92
N HIS A 251 -16.91 -20.28 -39.59
CA HIS A 251 -15.54 -20.20 -40.05
C HIS A 251 -14.95 -21.60 -40.20
N PRO A 252 -14.01 -21.80 -41.15
CA PRO A 252 -13.13 -22.96 -41.11
C PRO A 252 -12.15 -22.72 -39.98
N GLY A 253 -11.44 -23.76 -39.60
CA GLY A 253 -10.29 -23.60 -38.71
C GLY A 253 -10.72 -23.18 -37.30
N ASP A 254 -9.76 -22.59 -36.61
CA ASP A 254 -9.87 -22.38 -35.16
C ASP A 254 -10.40 -20.99 -34.85
N TYR A 255 -10.34 -20.67 -33.56
CA TYR A 255 -10.84 -19.44 -32.98
C TYR A 255 -10.28 -18.20 -33.67
N TYR A 256 -9.07 -18.27 -34.22
CA TYR A 256 -8.51 -17.10 -34.89
C TYR A 256 -9.43 -16.66 -36.03
N ASN A 257 -9.92 -17.59 -36.83
CA ASN A 257 -10.77 -17.25 -37.96
C ASN A 257 -12.09 -16.64 -37.50
N GLY A 258 -12.66 -17.18 -36.42
CA GLY A 258 -13.90 -16.65 -35.86
C GLY A 258 -13.72 -15.23 -35.31
N LEU A 259 -12.65 -15.04 -34.53
CA LEU A 259 -12.37 -13.75 -33.91
C LEU A 259 -12.05 -12.70 -34.97
N ARG A 260 -11.35 -13.11 -36.04
CA ARG A 260 -11.07 -12.19 -37.14
C ARG A 260 -12.38 -11.76 -37.81
N GLY A 261 -13.29 -12.72 -38.02
CA GLY A 261 -14.61 -12.39 -38.50
C GLY A 261 -15.30 -11.35 -37.62
N TYR A 262 -15.21 -11.53 -36.30
CA TYR A 262 -15.81 -10.58 -35.38
C TYR A 262 -15.17 -9.19 -35.54
N LYS A 263 -13.83 -9.14 -35.67
CA LYS A 263 -13.13 -7.90 -35.90
C LYS A 263 -13.69 -7.18 -37.13
N ASN A 264 -13.80 -7.93 -38.24
CA ASN A 264 -14.29 -7.41 -39.49
C ASN A 264 -15.72 -6.89 -39.32
N ALA A 265 -16.56 -7.64 -38.61
CA ALA A 265 -17.94 -7.25 -38.39
C ALA A 265 -18.00 -5.95 -37.59
N MET A 266 -17.18 -5.86 -36.54
CA MET A 266 -17.23 -4.76 -35.60
C MET A 266 -16.73 -3.45 -36.24
N ASP A 267 -15.91 -3.54 -37.28
CA ASP A 267 -15.61 -2.35 -38.09
C ASP A 267 -16.89 -1.64 -38.54
N HIS A 268 -17.94 -2.38 -38.89
CA HIS A 268 -19.17 -1.76 -39.37
C HIS A 268 -19.87 -0.97 -38.26
N LEU A 269 -19.60 -1.28 -36.98
CA LEU A 269 -20.18 -0.52 -35.88
C LEU A 269 -19.23 0.59 -35.44
N GLY A 270 -18.09 0.74 -36.10
CA GLY A 270 -17.15 1.80 -35.77
C GLY A 270 -16.16 1.38 -34.68
N VAL A 271 -16.09 0.09 -34.34
CA VAL A 271 -15.07 -0.35 -33.40
C VAL A 271 -13.89 -0.80 -34.26
N ILE A 272 -12.95 0.12 -34.49
CA ILE A 272 -11.92 -0.06 -35.49
C ILE A 272 -10.57 -0.06 -34.79
N MET A 273 -9.82 -1.13 -34.97
CA MET A 273 -8.54 -1.28 -34.30
C MET A 273 -7.50 -0.52 -35.11
N PRO A 274 -6.35 -0.11 -34.50
CA PRO A 274 -5.36 0.70 -35.20
C PRO A 274 -4.84 -0.01 -36.45
N ALA A 275 -4.73 0.75 -37.52
CA ALA A 275 -4.18 0.24 -38.77
C ALA A 275 -2.66 0.13 -38.63
N PRO A 276 -2.04 -0.85 -39.34
CA PRO A 276 -0.60 -1.05 -39.28
C PRO A 276 0.23 0.22 -39.50
N GLY A 277 -0.15 1.00 -40.51
CA GLY A 277 0.59 2.20 -40.86
C GLY A 277 0.62 3.22 -39.73
N ASP A 278 -0.32 3.17 -38.77
CA ASP A 278 -0.39 4.14 -37.70
C ASP A 278 0.26 3.63 -36.41
N ILE A 279 0.78 2.41 -36.38
CA ILE A 279 1.34 1.93 -35.12
C ILE A 279 2.76 2.43 -35.00
N PRO A 280 3.16 3.07 -33.87
CA PRO A 280 4.51 3.61 -33.75
C PRO A 280 5.58 2.54 -33.76
N ASP A 281 6.77 2.88 -34.31
CA ASP A 281 7.89 1.96 -34.36
C ASP A 281 8.24 1.42 -32.98
N SER A 282 8.19 2.31 -31.98
CA SER A 282 8.60 1.98 -30.62
C SER A 282 7.65 0.98 -29.95
N SER A 283 6.48 0.70 -30.57
CA SER A 283 5.58 -0.32 -30.07
C SER A 283 5.93 -1.72 -30.59
N TYR A 284 7.05 -1.83 -31.31
CA TYR A 284 7.56 -3.12 -31.76
C TYR A 284 8.91 -3.44 -31.07
N ASP A 285 9.31 -2.67 -30.06
CA ASP A 285 10.64 -2.72 -29.53
C ASP A 285 10.76 -3.71 -28.37
N LEU A 286 11.94 -4.35 -28.31
CA LEU A 286 12.29 -5.26 -27.23
C LEU A 286 12.41 -4.44 -25.95
N ARG A 287 11.76 -4.93 -24.88
CA ARG A 287 11.58 -4.14 -23.67
C ARG A 287 12.00 -4.92 -22.42
N TRP A 288 12.61 -4.17 -21.49
CA TRP A 288 12.91 -4.67 -20.16
C TRP A 288 12.17 -3.79 -19.15
N GLU A 289 11.55 -4.44 -18.16
CA GLU A 289 10.75 -3.75 -17.17
C GLU A 289 11.43 -3.90 -15.79
N SER A 290 11.28 -2.89 -14.95
CA SER A 290 12.10 -2.68 -13.77
C SER A 290 11.69 -3.54 -12.60
N TRP A 291 11.54 -4.85 -12.76
CA TRP A 291 11.20 -5.70 -11.63
C TRP A 291 12.37 -6.50 -11.11
N GLY A 292 13.59 -6.14 -11.56
CA GLY A 292 14.78 -6.86 -11.17
C GLY A 292 14.97 -6.86 -9.65
N TRP A 293 14.39 -5.87 -8.93
CA TRP A 293 14.52 -5.85 -7.48
C TRP A 293 13.15 -5.73 -6.82
N GLY A 294 12.09 -6.11 -7.54
CA GLY A 294 10.74 -5.92 -7.02
C GLY A 294 10.50 -4.46 -6.68
N PHE A 295 9.82 -4.21 -5.55
CA PHE A 295 9.47 -2.86 -5.11
C PHE A 295 10.71 -2.15 -4.57
N ASN A 296 11.83 -2.87 -4.50
CA ASN A 296 13.07 -2.30 -4.02
C ASN A 296 13.96 -1.83 -5.16
N TRP A 297 13.41 -1.55 -6.34
CA TRP A 297 14.21 -0.86 -7.35
C TRP A 297 14.63 0.53 -6.85
N THR A 298 15.73 1.03 -7.40
CA THR A 298 16.11 2.42 -7.26
C THR A 298 16.42 2.95 -8.66
N ILE A 299 16.44 4.26 -8.80
CA ILE A 299 16.82 4.88 -10.05
C ILE A 299 18.20 4.39 -10.48
N ASP A 300 19.16 4.36 -9.56
CA ASP A 300 20.53 4.01 -9.90
C ASP A 300 20.68 2.54 -10.28
N LEU A 301 19.90 1.64 -9.67
CA LEU A 301 19.87 0.24 -10.07
C LEU A 301 19.42 0.12 -11.54
N ILE A 302 18.37 0.84 -11.90
CA ILE A 302 17.89 0.78 -13.27
C ILE A 302 18.94 1.35 -14.21
N ILE A 303 19.49 2.52 -13.88
CA ILE A 303 20.45 3.16 -14.75
C ILE A 303 21.66 2.24 -14.94
N GLY A 304 22.07 1.57 -13.84
CA GLY A 304 23.19 0.64 -13.88
C GLY A 304 23.03 -0.50 -14.88
N LYS A 305 21.79 -0.83 -15.25
CA LYS A 305 21.57 -1.92 -16.21
C LYS A 305 21.54 -1.43 -17.66
N LEU A 306 21.51 -0.12 -17.89
CA LEU A 306 21.21 0.36 -19.23
C LEU A 306 22.30 0.04 -20.24
N ASP A 307 23.59 0.13 -19.87
CA ASP A 307 24.65 -0.19 -20.82
C ASP A 307 24.51 -1.61 -21.35
N GLU A 308 24.33 -2.59 -20.46
CA GLU A 308 24.27 -3.98 -20.88
C GLU A 308 22.97 -4.25 -21.65
N LEU A 309 21.86 -3.63 -21.23
CA LEU A 309 20.60 -3.81 -21.93
C LEU A 309 20.72 -3.26 -23.36
N GLN A 310 21.34 -2.08 -23.48
CA GLN A 310 21.53 -1.48 -24.80
C GLN A 310 22.37 -2.40 -25.69
N ALA A 311 23.49 -2.87 -25.17
CA ALA A 311 24.39 -3.71 -25.95
C ALA A 311 23.68 -4.98 -26.43
N ALA A 312 22.72 -5.49 -25.64
CA ALA A 312 22.08 -6.76 -25.95
C ALA A 312 20.88 -6.59 -26.89
N GLY A 313 20.45 -5.35 -27.14
CA GLY A 313 19.41 -5.07 -28.14
C GLY A 313 18.08 -4.55 -27.58
N VAL A 314 18.02 -4.29 -26.26
CA VAL A 314 16.82 -3.73 -25.66
C VAL A 314 16.70 -2.25 -26.06
N LYS A 315 15.47 -1.81 -26.37
CA LYS A 315 15.22 -0.46 -26.88
C LYS A 315 14.14 0.26 -26.08
N GLN A 316 13.67 -0.35 -24.98
CA GLN A 316 12.55 0.19 -24.22
C GLN A 316 12.63 -0.30 -22.77
N ILE A 317 12.26 0.61 -21.84
CA ILE A 317 12.37 0.37 -20.40
C ILE A 317 11.06 0.81 -19.76
N THR A 318 10.48 -0.06 -18.92
CA THR A 318 9.34 0.31 -18.10
C THR A 318 9.78 0.53 -16.65
N LEU A 319 9.46 1.69 -16.12
CA LEU A 319 9.41 1.91 -14.69
C LEU A 319 8.10 1.35 -14.19
N ASP A 320 8.18 0.23 -13.48
CA ASP A 320 7.02 -0.54 -13.10
C ASP A 320 6.51 -0.02 -11.76
N ASP A 321 5.76 -0.86 -11.07
CA ASP A 321 5.02 -0.48 -9.88
C ASP A 321 5.98 -0.06 -8.77
N GLY A 322 5.47 0.77 -7.86
CA GLY A 322 6.20 1.18 -6.67
C GLY A 322 6.78 2.61 -6.75
N TRP A 323 6.49 3.38 -7.81
CA TRP A 323 7.14 4.67 -8.03
C TRP A 323 6.39 5.83 -7.38
N TYR A 324 5.13 5.61 -6.96
CA TYR A 324 4.18 6.69 -6.70
C TYR A 324 3.78 6.69 -5.23
N THR A 325 3.22 7.81 -4.78
CA THR A 325 2.67 7.96 -3.45
C THR A 325 1.40 7.12 -3.34
N ASN A 326 0.41 7.45 -4.16
CA ASN A 326 -0.91 6.83 -4.14
C ASN A 326 -1.47 6.89 -5.54
N ALA A 327 -2.27 5.89 -5.90
CA ALA A 327 -3.12 5.96 -7.07
C ALA A 327 -3.98 7.21 -7.01
N GLY A 328 -4.41 7.70 -8.18
CA GLY A 328 -5.23 8.90 -8.25
C GLY A 328 -4.37 10.15 -8.25
N ASP A 329 -3.58 10.34 -7.19
CA ASP A 329 -2.59 11.40 -7.11
C ASP A 329 -1.49 11.20 -8.15
N TRP A 330 -0.99 9.97 -8.24
CA TRP A 330 0.10 9.63 -9.13
C TRP A 330 1.24 10.65 -9.00
N ALA A 331 1.64 10.93 -7.76
CA ALA A 331 2.81 11.76 -7.47
C ALA A 331 4.03 10.87 -7.23
N LEU A 332 5.21 11.41 -7.51
CA LEU A 332 6.48 10.73 -7.26
C LEU A 332 6.59 10.38 -5.77
N ASN A 333 6.90 9.12 -5.49
CA ASN A 333 7.23 8.70 -4.14
C ASN A 333 8.55 9.32 -3.69
N PRO A 334 8.59 10.11 -2.60
CA PRO A 334 9.81 10.77 -2.14
C PRO A 334 10.98 9.82 -1.83
N GLU A 335 10.65 8.60 -1.39
CA GLU A 335 11.69 7.61 -1.12
C GLU A 335 12.39 7.19 -2.42
N LYS A 336 11.66 7.14 -3.53
CA LYS A 336 12.23 6.72 -4.80
C LYS A 336 12.78 7.91 -5.57
N PHE A 337 12.19 9.10 -5.33
CA PHE A 337 12.58 10.31 -6.02
C PHE A 337 12.90 11.38 -4.97
N PRO A 338 13.98 11.23 -4.18
CA PRO A 338 14.32 12.21 -3.15
C PRO A 338 14.47 13.64 -3.67
N ASN A 339 14.84 13.81 -4.94
CA ASN A 339 15.05 15.14 -5.51
C ASN A 339 13.85 15.55 -6.37
N GLY A 340 12.74 14.81 -6.30
CA GLY A 340 11.54 15.19 -7.01
C GLY A 340 11.65 14.95 -8.52
N ALA A 341 11.09 15.89 -9.29
CA ALA A 341 10.97 15.74 -10.73
C ALA A 341 12.34 15.57 -11.41
N SER A 342 13.37 16.21 -10.87
CA SER A 342 14.70 16.13 -11.46
C SER A 342 15.23 14.68 -11.41
N ASP A 343 14.77 13.90 -10.43
CA ASP A 343 15.10 12.48 -10.36
C ASP A 343 14.39 11.69 -11.46
N ALA A 344 13.11 11.98 -11.68
CA ALA A 344 12.38 11.32 -12.76
C ALA A 344 13.07 11.62 -14.10
N LEU A 345 13.48 12.87 -14.28
CA LEU A 345 14.13 13.29 -15.51
C LEU A 345 15.51 12.63 -15.66
N ARG A 346 16.26 12.48 -14.57
CA ARG A 346 17.58 11.87 -14.73
C ARG A 346 17.40 10.42 -15.16
N LEU A 347 16.31 9.80 -14.72
CA LEU A 347 16.00 8.43 -15.12
C LEU A 347 15.64 8.38 -16.61
N THR A 348 14.66 9.19 -17.04
CA THR A 348 14.21 9.13 -18.43
C THR A 348 15.29 9.66 -19.37
N ASP A 349 16.08 10.65 -18.95
CA ASP A 349 17.21 11.10 -19.76
C ASP A 349 18.20 9.96 -19.96
N ALA A 350 18.52 9.21 -18.90
CA ALA A 350 19.47 8.11 -19.02
C ALA A 350 18.93 7.06 -20.01
N ILE A 351 17.63 6.77 -19.90
CA ILE A 351 17.00 5.85 -20.81
C ILE A 351 17.13 6.36 -22.26
N HIS A 352 16.79 7.64 -22.49
CA HIS A 352 16.86 8.24 -23.82
C HIS A 352 18.31 8.23 -24.35
N GLU A 353 19.28 8.50 -23.48
CA GLU A 353 20.67 8.55 -23.87
C GLU A 353 21.16 7.16 -24.33
N HIS A 354 20.46 6.09 -23.94
CA HIS A 354 20.83 4.74 -24.37
C HIS A 354 19.98 4.30 -25.57
N GLY A 355 19.35 5.25 -26.27
CA GLY A 355 18.59 4.94 -27.47
C GLY A 355 17.24 4.30 -27.18
N MET A 356 16.70 4.49 -25.98
CA MET A 356 15.51 3.76 -25.57
C MET A 356 14.35 4.71 -25.28
N THR A 357 13.13 4.18 -25.33
CA THR A 357 11.95 4.86 -24.82
C THR A 357 11.67 4.39 -23.40
N ALA A 358 11.03 5.27 -22.62
CA ALA A 358 10.71 5.05 -21.22
C ALA A 358 9.19 5.00 -21.01
N LEU A 359 8.72 3.96 -20.34
CA LEU A 359 7.31 3.77 -20.04
C LEU A 359 7.09 3.83 -18.53
N LEU A 360 5.86 4.24 -18.16
CA LEU A 360 5.48 4.36 -16.77
C LEU A 360 4.23 3.54 -16.45
N TRP A 361 4.31 2.80 -15.35
CA TRP A 361 3.23 1.98 -14.84
C TRP A 361 2.16 2.87 -14.20
N TRP A 362 0.90 2.53 -14.41
CA TRP A 362 -0.19 3.13 -13.66
C TRP A 362 -1.38 2.19 -13.65
N ARG A 363 -2.37 2.55 -12.83
CA ARG A 363 -3.64 1.84 -12.77
C ARG A 363 -4.73 2.82 -13.12
N PRO A 364 -5.15 2.92 -14.40
CA PRO A 364 -6.25 3.81 -14.74
C PRO A 364 -7.52 3.39 -14.02
N CYS A 365 -8.36 4.38 -13.72
CA CYS A 365 -9.65 4.24 -13.05
C CYS A 365 -9.51 4.24 -11.54
N ASP A 366 -8.29 4.07 -11.01
CA ASP A 366 -8.07 3.99 -9.57
C ASP A 366 -7.76 5.40 -9.04
N GLY A 367 -8.65 5.91 -8.18
CA GLY A 367 -8.46 7.23 -7.60
C GLY A 367 -7.85 7.17 -6.20
N GLY A 368 -7.49 5.97 -5.74
CA GLY A 368 -6.83 5.78 -4.46
C GLY A 368 -7.86 5.67 -3.33
N ILE A 369 -7.36 5.52 -2.10
CA ILE A 369 -8.19 5.51 -0.90
C ILE A 369 -7.72 6.61 0.02
N ASP A 370 -6.41 6.61 0.32
CA ASP A 370 -5.79 7.63 1.14
C ASP A 370 -5.21 8.75 0.31
N SER A 371 -5.57 8.79 -0.97
CA SER A 371 -5.13 9.82 -1.89
C SER A 371 -5.65 11.19 -1.45
N ILE A 372 -4.88 12.22 -1.79
CA ILE A 372 -5.37 13.59 -1.74
C ILE A 372 -6.60 13.71 -2.62
N LEU A 373 -6.62 13.01 -3.74
CA LEU A 373 -7.71 13.05 -4.70
C LEU A 373 -9.04 12.69 -4.00
N TYR A 374 -9.06 11.57 -3.29
CA TYR A 374 -10.27 11.12 -2.61
C TYR A 374 -10.62 12.05 -1.45
N GLN A 375 -9.60 12.54 -0.75
CA GLN A 375 -9.81 13.44 0.39
C GLN A 375 -10.45 14.75 -0.07
N GLN A 376 -9.94 15.32 -1.17
CA GLN A 376 -10.36 16.62 -1.63
C GLN A 376 -11.59 16.52 -2.54
N HIS A 377 -11.73 15.42 -3.29
CA HIS A 377 -12.75 15.34 -4.33
C HIS A 377 -13.47 13.99 -4.33
N PRO A 378 -14.16 13.62 -3.22
CA PRO A 378 -14.93 12.37 -3.21
C PRO A 378 -16.01 12.34 -4.28
N GLU A 379 -16.48 13.52 -4.73
CA GLU A 379 -17.52 13.62 -5.72
C GLU A 379 -17.06 13.08 -7.09
N TYR A 380 -15.76 12.90 -7.30
CA TYR A 380 -15.26 12.34 -8.56
C TYR A 380 -15.40 10.83 -8.63
N PHE A 381 -15.81 10.17 -7.54
CA PHE A 381 -15.66 8.72 -7.41
C PHE A 381 -17.02 8.05 -7.59
N VAL A 382 -16.96 6.76 -7.91
CA VAL A 382 -18.18 5.97 -7.92
C VAL A 382 -18.70 5.82 -6.50
N MET A 383 -20.02 5.93 -6.38
CA MET A 383 -20.72 5.76 -5.12
C MET A 383 -21.61 4.52 -5.25
N ASP A 384 -21.56 3.64 -4.23
CA ASP A 384 -22.34 2.41 -4.27
C ASP A 384 -23.75 2.70 -3.76
N ALA A 385 -24.59 1.67 -3.79
CA ALA A 385 -25.99 1.81 -3.47
C ALA A 385 -26.21 2.23 -2.03
N ASP A 386 -25.21 2.04 -1.16
CA ASP A 386 -25.34 2.47 0.23
C ASP A 386 -24.74 3.85 0.45
N GLY A 387 -24.31 4.55 -0.61
CA GLY A 387 -23.77 5.89 -0.42
C GLY A 387 -22.26 5.90 -0.09
N ARG A 388 -21.62 4.74 -0.19
CA ARG A 388 -20.21 4.65 0.15
C ARG A 388 -19.36 4.64 -1.12
N PRO A 389 -18.08 5.04 -1.02
CA PRO A 389 -17.16 4.96 -2.16
C PRO A 389 -17.00 3.51 -2.59
N ALA A 390 -17.10 3.25 -3.92
CA ALA A 390 -17.03 1.89 -4.42
C ALA A 390 -15.60 1.55 -4.80
N ARG A 391 -15.12 0.40 -4.32
CA ARG A 391 -13.80 -0.07 -4.70
C ARG A 391 -13.83 -0.62 -6.13
N LEU A 392 -12.67 -0.58 -6.79
CA LEU A 392 -12.51 -1.27 -8.06
C LEU A 392 -12.63 -2.78 -7.80
N PRO A 393 -13.46 -3.50 -8.57
CA PRO A 393 -13.62 -4.94 -8.39
C PRO A 393 -12.60 -5.80 -9.11
N THR A 394 -12.29 -6.93 -8.47
CA THR A 394 -11.57 -8.01 -9.14
C THR A 394 -12.58 -8.77 -10.00
N PRO A 395 -12.08 -9.59 -10.95
CA PRO A 395 -12.95 -10.43 -11.77
C PRO A 395 -13.92 -11.25 -10.95
N GLY A 396 -15.21 -11.10 -11.27
CA GLY A 396 -16.24 -11.88 -10.62
C GLY A 396 -16.69 -11.25 -9.32
N GLY A 397 -16.06 -10.16 -8.87
CA GLY A 397 -16.50 -9.48 -7.66
C GLY A 397 -15.42 -9.52 -6.59
N GLY A 398 -15.65 -8.81 -5.51
CA GLY A 398 -14.60 -8.63 -4.51
C GLY A 398 -13.63 -7.54 -4.93
N THR A 399 -12.67 -7.25 -4.04
CA THR A 399 -11.60 -6.33 -4.34
C THR A 399 -10.34 -6.91 -3.74
N ASN A 400 -9.25 -6.14 -3.78
CA ASN A 400 -8.06 -6.53 -3.07
C ASN A 400 -7.38 -5.29 -2.53
N PRO A 401 -6.46 -5.50 -1.56
CA PRO A 401 -5.89 -4.38 -0.80
C PRO A 401 -5.14 -3.36 -1.66
N SER A 402 -4.72 -3.74 -2.86
CA SER A 402 -3.92 -2.83 -3.66
C SER A 402 -4.80 -1.94 -4.55
N LEU A 403 -6.11 -2.22 -4.61
CA LEU A 403 -7.05 -1.51 -5.47
C LEU A 403 -7.79 -0.46 -4.67
N GLY A 404 -7.79 0.78 -5.19
CA GLY A 404 -8.48 1.84 -4.50
C GLY A 404 -9.95 2.00 -4.93
N TYR A 405 -10.47 3.20 -4.65
CA TYR A 405 -11.83 3.55 -5.04
C TYR A 405 -11.86 3.87 -6.53
N ALA A 406 -12.93 3.43 -7.18
CA ALA A 406 -13.15 3.69 -8.60
C ALA A 406 -13.48 5.16 -8.87
N LEU A 407 -12.80 5.73 -9.86
CA LEU A 407 -13.16 7.02 -10.44
C LEU A 407 -14.36 6.84 -11.37
N CYS A 408 -15.34 7.71 -11.24
CA CYS A 408 -16.51 7.63 -12.11
C CYS A 408 -16.18 8.22 -13.48
N PRO A 409 -16.32 7.44 -14.58
CA PRO A 409 -15.91 7.92 -15.89
C PRO A 409 -16.73 9.10 -16.41
N MET A 410 -17.87 9.41 -15.78
CA MET A 410 -18.65 10.55 -16.19
C MET A 410 -18.38 11.77 -15.31
N ALA A 411 -17.47 11.67 -14.35
CA ALA A 411 -17.13 12.84 -13.55
C ALA A 411 -15.96 13.56 -14.22
N ASP A 412 -16.20 14.81 -14.66
CA ASP A 412 -15.18 15.55 -15.41
C ASP A 412 -13.86 15.61 -14.64
N GLY A 413 -13.93 15.85 -13.34
CA GLY A 413 -12.75 15.93 -12.50
C GLY A 413 -12.00 14.60 -12.41
N ALA A 414 -12.71 13.47 -12.51
CA ALA A 414 -12.04 12.18 -12.53
C ALA A 414 -11.20 12.06 -13.79
N ILE A 415 -11.84 12.38 -14.92
CA ILE A 415 -11.18 12.24 -16.22
C ILE A 415 -9.97 13.18 -16.23
N ALA A 416 -10.17 14.40 -15.75
CA ALA A 416 -9.12 15.41 -15.75
C ALA A 416 -7.91 14.96 -14.93
N SER A 417 -8.15 14.22 -13.83
CA SER A 417 -7.07 13.74 -13.00
C SER A 417 -6.23 12.73 -13.79
N GLN A 418 -6.85 11.95 -14.68
CA GLN A 418 -6.13 11.00 -15.52
C GLN A 418 -5.31 11.76 -16.57
N VAL A 419 -5.93 12.75 -17.22
CA VAL A 419 -5.27 13.57 -18.21
C VAL A 419 -4.08 14.32 -17.59
N ASP A 420 -4.27 14.86 -16.38
CA ASP A 420 -3.22 15.62 -15.72
C ASP A 420 -2.01 14.73 -15.42
N PHE A 421 -2.27 13.48 -15.02
CA PHE A 421 -1.21 12.50 -14.84
C PHE A 421 -0.44 12.28 -16.14
N VAL A 422 -1.16 12.03 -17.24
CA VAL A 422 -0.53 11.81 -18.52
C VAL A 422 0.39 12.97 -18.89
N ASN A 423 -0.12 14.20 -18.72
CA ASN A 423 0.61 15.38 -19.12
C ASN A 423 1.86 15.57 -18.24
N ARG A 424 1.74 15.32 -16.94
CA ARG A 424 2.86 15.43 -16.03
C ARG A 424 3.92 14.39 -16.38
N ALA A 425 3.50 13.13 -16.52
CA ALA A 425 4.46 12.05 -16.75
C ALA A 425 5.20 12.27 -18.07
N MET A 426 4.50 12.75 -19.11
CA MET A 426 5.13 12.94 -20.41
C MET A 426 5.93 14.24 -20.42
N ASN A 427 5.32 15.37 -20.01
CA ASN A 427 5.91 16.67 -20.26
C ASN A 427 6.83 17.12 -19.11
N ASP A 428 6.58 16.67 -17.88
CA ASP A 428 7.45 17.05 -16.77
C ASP A 428 8.52 16.00 -16.51
N TRP A 429 8.21 14.71 -16.73
CA TRP A 429 9.12 13.65 -16.32
C TRP A 429 9.79 12.96 -17.52
N GLY A 430 9.29 13.20 -18.73
CA GLY A 430 9.93 12.76 -19.95
C GLY A 430 9.62 11.32 -20.33
N PHE A 431 8.50 10.76 -19.85
CA PHE A 431 8.09 9.42 -20.25
C PHE A 431 7.46 9.44 -21.63
N ASP A 432 7.55 8.30 -22.31
CA ASP A 432 7.19 8.13 -23.71
C ASP A 432 5.96 7.23 -23.87
N GLY A 433 5.38 6.83 -22.75
CA GLY A 433 4.19 5.98 -22.82
C GLY A 433 3.90 5.32 -21.47
N PHE A 434 2.89 4.45 -21.50
CA PHE A 434 2.23 4.00 -20.29
C PHE A 434 1.94 2.52 -20.38
N LYS A 435 2.08 1.88 -19.22
CA LYS A 435 1.64 0.52 -18.98
C LYS A 435 0.60 0.58 -17.87
N GLY A 436 -0.67 0.50 -18.27
CA GLY A 436 -1.78 0.36 -17.34
C GLY A 436 -1.92 -1.09 -16.91
N ALA A 437 -2.26 -1.32 -15.63
CA ALA A 437 -2.32 -2.68 -15.15
C ALA A 437 -3.17 -2.80 -13.89
N TYR A 438 -3.63 -4.04 -13.64
CA TYR A 438 -4.25 -4.44 -12.39
C TYR A 438 -5.52 -3.62 -12.15
N VAL A 439 -6.33 -3.56 -13.22
CA VAL A 439 -7.68 -3.05 -13.13
C VAL A 439 -8.55 -3.92 -14.04
N TRP A 440 -9.81 -4.07 -13.66
CA TRP A 440 -10.75 -4.89 -14.37
C TRP A 440 -12.01 -4.09 -14.68
N SER A 441 -13.15 -4.44 -14.12
CA SER A 441 -14.38 -3.74 -14.46
C SER A 441 -14.55 -2.51 -13.56
N MET A 442 -15.73 -1.90 -13.70
CA MET A 442 -16.05 -0.60 -13.13
C MET A 442 -17.40 -0.77 -12.41
N PRO A 443 -17.47 -0.45 -11.11
CA PRO A 443 -18.72 -0.64 -10.38
C PRO A 443 -19.79 0.35 -10.85
N GLU A 444 -21.03 -0.04 -10.59
CA GLU A 444 -22.19 0.81 -10.81
C GLU A 444 -22.17 1.99 -9.87
N CYS A 445 -22.69 3.12 -10.36
CA CYS A 445 -22.60 4.38 -9.65
C CYS A 445 -23.98 4.92 -9.29
N TYR A 446 -24.17 5.26 -8.03
CA TYR A 446 -25.42 5.78 -7.50
C TYR A 446 -25.28 7.22 -7.01
N ASN A 447 -24.21 7.91 -7.35
CA ASN A 447 -24.04 9.28 -6.90
C ASN A 447 -25.05 10.18 -7.62
N PRO A 448 -26.04 10.76 -6.92
CA PRO A 448 -27.07 11.58 -7.59
C PRO A 448 -26.49 12.82 -8.25
N ALA A 449 -25.37 13.33 -7.74
CA ALA A 449 -24.72 14.48 -8.35
C ALA A 449 -24.20 14.18 -9.76
N HIS A 450 -24.05 12.90 -10.12
CA HIS A 450 -23.58 12.57 -11.45
C HIS A 450 -24.75 12.50 -12.43
N ASN A 451 -26.00 12.43 -11.94
CA ASN A 451 -27.17 12.42 -12.81
C ASN A 451 -27.11 11.27 -13.80
N HIS A 452 -26.77 10.07 -13.33
CA HIS A 452 -26.66 8.95 -14.23
C HIS A 452 -28.04 8.55 -14.78
N ALA A 453 -28.04 8.11 -16.05
CA ALA A 453 -29.22 7.54 -16.70
C ALA A 453 -29.69 6.34 -15.89
N SER A 454 -28.76 5.45 -15.59
CA SER A 454 -29.00 4.31 -14.70
C SER A 454 -27.68 4.00 -14.01
N PRO A 455 -27.64 3.17 -12.96
CA PRO A 455 -26.37 2.88 -12.28
C PRO A 455 -25.31 2.18 -13.13
N GLU A 456 -25.73 1.38 -14.11
CA GLU A 456 -24.81 0.68 -14.99
C GLU A 456 -24.03 1.62 -15.91
N GLU A 457 -24.43 2.89 -15.96
CA GLU A 457 -23.82 3.82 -16.88
C GLU A 457 -22.32 3.97 -16.61
N SER A 458 -21.90 3.94 -15.35
CA SER A 458 -20.49 4.00 -15.03
C SER A 458 -19.76 2.82 -15.68
N THR A 459 -20.30 1.62 -15.49
CA THR A 459 -19.72 0.41 -16.03
C THR A 459 -19.60 0.52 -17.55
N GLU A 460 -20.67 0.96 -18.20
CA GLU A 460 -20.73 1.07 -19.65
C GLU A 460 -19.69 2.07 -20.19
N LYS A 461 -19.41 3.12 -19.42
CA LYS A 461 -18.58 4.22 -19.87
C LYS A 461 -17.13 4.09 -19.40
N GLN A 462 -16.76 2.96 -18.79
CA GLN A 462 -15.42 2.78 -18.29
C GLN A 462 -14.39 3.12 -19.36
N SER A 463 -14.64 2.66 -20.59
CA SER A 463 -13.66 2.83 -21.66
C SER A 463 -13.39 4.32 -22.01
N GLU A 464 -14.27 5.24 -21.61
CA GLU A 464 -14.03 6.66 -21.80
C GLU A 464 -12.73 7.09 -21.10
N ILE A 465 -12.42 6.48 -19.95
CA ILE A 465 -11.19 6.80 -19.26
C ILE A 465 -9.99 6.43 -20.16
N TYR A 466 -10.06 5.27 -20.81
CA TYR A 466 -8.97 4.81 -21.66
C TYR A 466 -8.87 5.69 -22.89
N ARG A 467 -10.00 6.02 -23.49
CA ARG A 467 -10.01 6.83 -24.71
C ARG A 467 -9.43 8.21 -24.41
N VAL A 468 -9.92 8.89 -23.39
CA VAL A 468 -9.54 10.28 -23.14
C VAL A 468 -8.06 10.35 -22.73
N SER A 469 -7.61 9.40 -21.90
CA SER A 469 -6.22 9.30 -21.50
C SER A 469 -5.33 9.15 -22.74
N TYR A 470 -5.69 8.22 -23.62
CA TYR A 470 -4.88 7.95 -24.78
C TYR A 470 -4.86 9.19 -25.71
N GLU A 471 -6.01 9.88 -25.85
CA GLU A 471 -6.04 11.03 -26.73
C GLU A 471 -5.11 12.10 -26.18
N ALA A 472 -5.03 12.23 -24.84
CA ALA A 472 -4.12 13.20 -24.24
C ALA A 472 -2.67 12.79 -24.51
N MET A 473 -2.38 11.49 -24.38
CA MET A 473 -1.06 10.95 -24.66
C MET A 473 -0.60 11.30 -26.08
N VAL A 474 -1.49 11.08 -27.05
CA VAL A 474 -1.19 11.28 -28.46
C VAL A 474 -0.95 12.76 -28.74
N ALA A 475 -1.68 13.63 -28.05
CA ALA A 475 -1.49 15.07 -28.28
C ALA A 475 -0.06 15.48 -27.87
N ASN A 476 0.51 14.81 -26.85
CA ASN A 476 1.87 15.11 -26.45
C ASN A 476 2.87 14.51 -27.44
N ASP A 477 2.58 13.30 -27.91
CA ASP A 477 3.47 12.61 -28.83
C ASP A 477 2.68 11.55 -29.61
N PRO A 478 2.56 11.69 -30.94
CA PRO A 478 1.79 10.72 -31.72
C PRO A 478 2.38 9.30 -31.66
N ASN A 479 3.66 9.17 -31.29
CA ASN A 479 4.32 7.88 -31.21
C ASN A 479 4.28 7.30 -29.80
N VAL A 480 3.47 7.88 -28.91
CA VAL A 480 3.34 7.39 -27.55
C VAL A 480 2.95 5.92 -27.55
N PHE A 481 3.50 5.19 -26.57
CA PHE A 481 3.13 3.81 -26.34
C PHE A 481 2.00 3.71 -25.33
N ASN A 482 1.06 2.81 -25.55
CA ASN A 482 -0.01 2.62 -24.61
C ASN A 482 -0.43 1.14 -24.59
N LEU A 483 -0.49 0.61 -23.37
CA LEU A 483 -0.85 -0.77 -23.11
C LEU A 483 -1.70 -0.81 -21.83
N LEU A 484 -2.64 -1.74 -21.82
CA LEU A 484 -3.48 -1.97 -20.65
C LEU A 484 -3.58 -3.47 -20.39
N CYS A 485 -3.23 -3.88 -19.19
CA CYS A 485 -3.26 -5.28 -18.78
C CYS A 485 -4.38 -5.45 -17.75
N ASN A 486 -5.50 -6.04 -18.17
CA ASN A 486 -6.54 -6.47 -17.25
C ASN A 486 -6.12 -7.85 -16.74
N CYS A 487 -5.08 -7.81 -15.91
CA CYS A 487 -4.18 -8.92 -15.62
C CYS A 487 -4.98 -10.21 -15.33
N GLY A 488 -4.67 -11.29 -16.08
CA GLY A 488 -5.21 -12.61 -15.78
C GLY A 488 -6.58 -12.87 -16.41
N THR A 489 -7.02 -11.95 -17.27
CA THR A 489 -8.28 -12.05 -17.98
C THR A 489 -8.08 -11.52 -19.39
N PRO A 490 -9.02 -11.79 -20.32
CA PRO A 490 -8.94 -11.18 -21.65
C PRO A 490 -9.14 -9.67 -21.45
N GLN A 491 -8.43 -8.91 -22.28
CA GLN A 491 -8.44 -7.46 -22.15
C GLN A 491 -9.84 -6.91 -22.39
N ASP A 492 -10.13 -5.79 -21.74
CA ASP A 492 -11.37 -5.04 -21.95
C ASP A 492 -11.45 -4.68 -23.43
N TYR A 493 -12.41 -5.29 -24.13
CA TYR A 493 -12.51 -5.14 -25.57
C TYR A 493 -12.59 -3.66 -25.97
N TYR A 494 -13.29 -2.85 -25.20
CA TYR A 494 -13.57 -1.48 -25.59
C TYR A 494 -12.40 -0.56 -25.24
N SER A 495 -11.37 -1.10 -24.58
CA SER A 495 -10.10 -0.39 -24.43
C SER A 495 -9.23 -0.57 -25.67
N LEU A 496 -9.48 -1.64 -26.43
CA LEU A 496 -8.53 -2.11 -27.45
C LEU A 496 -8.25 -1.05 -28.51
N PRO A 497 -9.23 -0.26 -28.96
CA PRO A 497 -8.97 0.77 -29.96
C PRO A 497 -7.92 1.81 -29.57
N TYR A 498 -7.59 1.91 -28.28
CA TYR A 498 -6.73 2.99 -27.81
C TYR A 498 -5.35 2.47 -27.42
N MET A 499 -5.00 1.27 -27.86
CA MET A 499 -3.74 0.64 -27.49
C MET A 499 -2.76 0.67 -28.65
N THR A 500 -1.44 0.58 -28.33
CA THR A 500 -0.40 0.37 -29.33
C THR A 500 0.27 -0.99 -29.16
N GLN A 501 -0.03 -1.70 -28.08
CA GLN A 501 0.51 -3.04 -27.83
C GLN A 501 -0.39 -3.79 -26.86
N ILE A 502 -0.51 -5.10 -27.03
CA ILE A 502 -1.21 -5.96 -26.09
C ILE A 502 -0.23 -6.91 -25.43
N ALA A 503 -0.36 -7.09 -24.11
CA ALA A 503 0.30 -8.18 -23.41
C ALA A 503 -0.71 -9.32 -23.25
N THR A 504 -0.22 -10.56 -23.21
CA THR A 504 -1.11 -11.68 -23.03
C THR A 504 -1.69 -11.68 -21.62
N ALA A 505 -1.13 -10.86 -20.70
CA ALA A 505 -1.79 -10.37 -19.50
C ALA A 505 -1.61 -11.32 -18.31
N ASP A 506 -0.39 -11.38 -17.82
CA ASP A 506 -0.03 -12.29 -16.74
C ASP A 506 -0.42 -13.74 -17.08
N PRO A 507 -0.03 -14.27 -18.24
CA PRO A 507 -0.22 -15.68 -18.53
C PRO A 507 0.53 -16.52 -17.49
N THR A 508 -0.02 -17.68 -17.13
CA THR A 508 0.59 -18.54 -16.14
C THR A 508 1.14 -19.82 -16.77
N SER A 509 1.12 -19.90 -18.09
CA SER A 509 1.72 -21.05 -18.76
C SER A 509 2.07 -20.65 -20.18
N VAL A 510 2.92 -21.45 -20.80
CA VAL A 510 3.24 -21.29 -22.22
C VAL A 510 1.98 -21.42 -23.08
N ASP A 511 1.04 -22.28 -22.65
CA ASP A 511 -0.20 -22.46 -23.37
C ASP A 511 -1.00 -21.16 -23.36
N GLN A 512 -1.10 -20.52 -22.19
CA GLN A 512 -1.85 -19.29 -22.10
C GLN A 512 -1.21 -18.22 -22.98
N THR A 513 0.12 -18.05 -22.87
CA THR A 513 0.70 -16.90 -23.55
C THR A 513 0.58 -17.10 -25.05
N ARG A 514 0.89 -18.30 -25.55
CA ARG A 514 0.95 -18.49 -26.99
C ARG A 514 -0.45 -18.40 -27.61
N ARG A 515 -1.44 -19.07 -26.99
CA ARG A 515 -2.76 -19.12 -27.56
C ARG A 515 -3.40 -17.73 -27.53
N ARG A 516 -3.03 -16.93 -26.53
CA ARG A 516 -3.55 -15.57 -26.44
C ARG A 516 -2.94 -14.67 -27.52
N VAL A 517 -1.67 -14.88 -27.87
CA VAL A 517 -1.09 -14.11 -28.94
C VAL A 517 -1.97 -14.24 -30.18
N LYS A 518 -2.38 -15.49 -30.48
CA LYS A 518 -3.18 -15.73 -31.67
C LYS A 518 -4.54 -15.04 -31.55
N ALA A 519 -5.17 -15.09 -30.38
CA ALA A 519 -6.46 -14.45 -30.17
C ALA A 519 -6.39 -12.95 -30.40
N TYR A 520 -5.35 -12.31 -29.83
CA TYR A 520 -5.24 -10.87 -29.94
C TYR A 520 -4.88 -10.47 -31.37
N LYS A 521 -4.02 -11.25 -32.05
CA LYS A 521 -3.76 -11.00 -33.47
C LYS A 521 -5.06 -11.05 -34.26
N ALA A 522 -5.91 -12.03 -33.97
CA ALA A 522 -7.18 -12.17 -34.67
C ALA A 522 -8.03 -10.90 -34.51
N LEU A 523 -8.12 -10.39 -33.29
CA LEU A 523 -8.99 -9.28 -32.97
C LEU A 523 -8.39 -7.93 -33.39
N MET A 524 -7.06 -7.81 -33.44
CA MET A 524 -6.39 -6.52 -33.55
C MET A 524 -5.76 -6.31 -34.92
N GLY A 525 -5.48 -7.39 -35.64
CA GLY A 525 -4.76 -7.31 -36.90
C GLY A 525 -3.41 -8.03 -36.83
N ASP A 526 -2.99 -8.55 -37.97
CA ASP A 526 -1.84 -9.43 -38.05
C ASP A 526 -0.53 -8.71 -37.78
N TYR A 527 -0.53 -7.37 -37.88
CA TYR A 527 0.64 -6.58 -37.59
C TYR A 527 0.51 -5.83 -36.26
N PHE A 528 -0.53 -6.11 -35.49
CA PHE A 528 -0.69 -5.40 -34.24
C PHE A 528 0.29 -5.96 -33.22
N PRO A 529 1.09 -5.13 -32.52
CA PRO A 529 2.07 -5.64 -31.56
C PRO A 529 1.44 -6.37 -30.39
N VAL A 530 1.92 -7.61 -30.15
CA VAL A 530 1.56 -8.35 -28.97
C VAL A 530 2.84 -8.85 -28.31
N THR A 531 2.91 -8.78 -26.97
CA THR A 531 3.99 -9.38 -26.21
C THR A 531 3.49 -10.60 -25.46
N ALA A 532 4.36 -11.63 -25.42
CA ALA A 532 4.10 -12.86 -24.69
C ALA A 532 4.33 -12.71 -23.19
N ASP A 533 4.75 -11.52 -22.74
CA ASP A 533 4.85 -11.17 -21.33
C ASP A 533 6.05 -11.88 -20.71
N HIS A 534 6.27 -11.69 -19.40
CA HIS A 534 7.49 -12.15 -18.74
C HIS A 534 7.23 -12.86 -17.41
N ASN A 535 6.00 -13.33 -17.20
CA ASN A 535 5.67 -14.01 -15.96
C ASN A 535 6.54 -15.22 -15.74
N ASN A 536 6.83 -15.96 -16.83
CA ASN A 536 7.81 -17.04 -16.77
C ASN A 536 8.74 -16.82 -17.96
N ILE A 537 9.93 -17.41 -17.90
CA ILE A 537 10.90 -17.30 -18.98
C ILE A 537 10.52 -18.31 -20.07
N TRP A 538 10.11 -17.78 -21.23
CA TRP A 538 9.67 -18.61 -22.33
C TRP A 538 10.04 -17.95 -23.65
N TYR A 539 11.36 -17.71 -23.82
CA TYR A 539 11.83 -16.96 -24.97
C TYR A 539 11.38 -17.61 -26.28
N PRO A 540 11.46 -18.96 -26.43
CA PRO A 540 11.03 -19.58 -27.68
C PRO A 540 9.55 -19.36 -28.00
N SER A 541 8.71 -19.35 -26.96
CA SER A 541 7.30 -19.03 -27.11
C SER A 541 7.11 -17.60 -27.62
N ALA A 542 7.89 -16.67 -27.08
CA ALA A 542 7.78 -15.27 -27.45
C ALA A 542 8.17 -15.06 -28.91
N VAL A 543 9.28 -15.68 -29.33
CA VAL A 543 9.78 -15.44 -30.67
C VAL A 543 8.87 -16.10 -31.72
N GLY A 544 8.54 -17.38 -31.51
CA GLY A 544 7.89 -18.18 -32.53
C GLY A 544 6.44 -17.76 -32.80
N THR A 545 5.79 -17.13 -31.82
CA THR A 545 4.43 -16.64 -32.00
C THR A 545 4.40 -15.28 -32.69
N GLY A 546 5.56 -14.70 -32.99
CA GLY A 546 5.60 -13.38 -33.59
C GLY A 546 5.27 -12.27 -32.57
N SER A 547 5.60 -12.52 -31.31
CA SER A 547 5.35 -11.57 -30.25
C SER A 547 6.63 -10.78 -29.96
N VAL A 548 6.44 -9.66 -29.25
CA VAL A 548 7.52 -8.88 -28.70
C VAL A 548 8.05 -9.55 -27.44
N LEU A 549 9.35 -9.90 -27.44
CA LEU A 549 9.98 -10.51 -26.29
C LEU A 549 10.33 -9.46 -25.24
N ILE A 550 9.75 -9.62 -24.05
CA ILE A 550 10.06 -8.76 -22.92
C ILE A 550 10.58 -9.59 -21.74
N GLU A 551 11.14 -8.88 -20.77
CA GLU A 551 11.81 -9.45 -19.62
C GLU A 551 11.71 -8.43 -18.49
N LYS A 552 11.87 -8.92 -17.24
CA LYS A 552 11.80 -8.04 -16.08
C LYS A 552 12.87 -8.35 -15.04
N ARG A 553 13.63 -9.43 -15.23
CA ARG A 553 14.52 -9.92 -14.19
C ARG A 553 15.90 -9.30 -14.33
N ASP A 554 16.58 -9.23 -13.20
CA ASP A 554 17.98 -8.90 -13.14
C ASP A 554 18.78 -10.19 -13.23
N LEU A 555 19.28 -10.55 -14.40
CA LEU A 555 19.81 -11.87 -14.66
C LEU A 555 21.33 -11.90 -14.54
N SER A 556 21.85 -13.06 -14.16
CA SER A 556 23.29 -13.28 -14.23
C SER A 556 23.55 -14.71 -14.67
N GLY A 557 24.83 -15.02 -14.89
CA GLY A 557 25.23 -16.39 -15.20
C GLY A 557 24.56 -16.86 -16.49
N THR A 558 24.16 -18.13 -16.52
CA THR A 558 23.69 -18.70 -17.77
C THR A 558 22.33 -18.12 -18.13
N ALA A 559 21.55 -17.64 -17.13
CA ALA A 559 20.25 -17.10 -17.45
C ALA A 559 20.41 -15.77 -18.20
N LYS A 560 21.40 -14.99 -17.81
CA LYS A 560 21.78 -13.79 -18.54
C LYS A 560 22.23 -14.13 -19.97
N GLU A 561 23.08 -15.15 -20.11
CA GLU A 561 23.51 -15.57 -21.44
C GLU A 561 22.32 -15.96 -22.30
N GLU A 562 21.37 -16.66 -21.69
CA GLU A 562 20.19 -17.13 -22.40
C GLU A 562 19.35 -15.94 -22.88
N TYR A 563 19.19 -14.90 -22.04
CA TYR A 563 18.45 -13.72 -22.41
C TYR A 563 19.15 -13.02 -23.59
N GLU A 564 20.47 -12.86 -23.49
CA GLU A 564 21.27 -12.24 -24.55
C GLU A 564 21.12 -13.01 -25.85
N LYS A 565 21.17 -14.33 -25.76
CA LYS A 565 21.02 -15.18 -26.93
C LYS A 565 19.68 -14.91 -27.60
N TRP A 566 18.61 -14.88 -26.79
CA TRP A 566 17.29 -14.83 -27.36
C TRP A 566 16.90 -13.42 -27.82
N LEU A 567 17.49 -12.39 -27.17
CA LEU A 567 17.40 -11.04 -27.66
C LEU A 567 18.02 -10.99 -29.07
N GLY A 568 19.17 -11.63 -29.22
CA GLY A 568 19.88 -11.67 -30.48
C GLY A 568 19.02 -12.30 -31.57
N ILE A 569 18.38 -13.43 -31.25
CA ILE A 569 17.51 -14.10 -32.19
C ILE A 569 16.33 -13.18 -32.54
N ALA A 570 15.64 -12.64 -31.52
CA ALA A 570 14.47 -11.84 -31.73
C ALA A 570 14.78 -10.60 -32.57
N ASP A 571 15.96 -10.03 -32.32
CA ASP A 571 16.40 -8.83 -33.00
C ASP A 571 16.87 -9.14 -34.42
N THR A 572 17.16 -10.41 -34.73
CA THR A 572 17.59 -10.80 -36.07
C THR A 572 16.36 -11.10 -36.93
N VAL A 573 15.47 -11.97 -36.46
CA VAL A 573 14.34 -12.36 -37.29
C VAL A 573 13.20 -11.34 -37.20
N GLN A 574 13.08 -10.65 -36.06
CA GLN A 574 12.11 -9.58 -35.88
C GLN A 574 10.70 -10.02 -36.30
N LEU A 575 10.26 -11.17 -35.80
CA LEU A 575 8.95 -11.68 -36.18
C LEU A 575 7.84 -10.84 -35.54
N GLN A 576 8.18 -10.04 -34.52
CA GLN A 576 7.21 -9.17 -33.90
C GLN A 576 6.68 -8.13 -34.89
N LYS A 577 7.45 -7.85 -35.95
CA LYS A 577 7.08 -6.91 -36.99
C LYS A 577 6.56 -7.64 -38.23
N GLY A 578 6.54 -8.96 -38.22
CA GLY A 578 6.09 -9.71 -39.36
C GLY A 578 4.56 -9.87 -39.38
N ARG A 579 4.08 -10.38 -40.50
CA ARG A 579 2.66 -10.63 -40.67
C ARG A 579 2.34 -11.96 -40.03
N PHE A 580 1.64 -11.91 -38.89
CA PHE A 580 1.13 -13.13 -38.28
C PHE A 580 0.12 -13.77 -39.23
N ILE A 581 0.23 -15.10 -39.35
CA ILE A 581 -0.67 -15.87 -40.18
C ILE A 581 -1.35 -16.93 -39.32
N GLY A 582 -2.66 -16.75 -39.12
CA GLY A 582 -3.40 -17.54 -38.14
C GLY A 582 -4.34 -18.56 -38.78
N ASP A 583 -4.43 -18.59 -40.12
CA ASP A 583 -5.48 -19.34 -40.78
C ASP A 583 -4.95 -20.62 -41.44
N LEU A 584 -3.70 -21.00 -41.22
CA LEU A 584 -3.17 -22.21 -41.86
C LEU A 584 -3.26 -23.41 -40.92
N TYR A 585 -3.14 -23.20 -39.61
CA TYR A 585 -3.16 -24.27 -38.63
C TYR A 585 -4.28 -24.02 -37.62
N SER A 586 -4.92 -25.12 -37.21
CA SER A 586 -6.02 -25.11 -36.25
C SER A 586 -5.55 -25.70 -34.91
N TYR A 587 -5.50 -24.85 -33.89
CA TYR A 587 -5.13 -25.26 -32.55
C TYR A 587 -6.02 -26.39 -32.08
N GLY A 588 -5.35 -27.50 -31.72
CA GLY A 588 -6.02 -28.64 -31.13
C GLY A 588 -6.40 -29.68 -32.19
N PHE A 589 -6.20 -29.37 -33.48
CA PHE A 589 -6.58 -30.28 -34.55
C PHE A 589 -5.39 -30.60 -35.44
N ASP A 590 -4.60 -29.63 -35.82
CA ASP A 590 -3.32 -29.94 -36.45
C ASP A 590 -2.43 -30.65 -35.43
N PRO A 591 -1.47 -31.47 -35.89
CA PRO A 591 -0.73 -32.34 -35.00
C PRO A 591 0.03 -31.63 -33.89
N TYR A 592 0.58 -30.45 -34.17
CA TYR A 592 1.26 -29.64 -33.17
C TYR A 592 0.53 -28.31 -33.02
N GLU A 593 0.63 -27.77 -31.82
CA GLU A 593 0.40 -26.35 -31.62
C GLU A 593 1.40 -25.56 -32.47
N THR A 594 0.88 -24.84 -33.48
CA THR A 594 1.71 -24.25 -34.52
C THR A 594 1.39 -22.75 -34.70
N TYR A 595 2.45 -21.96 -34.96
CA TYR A 595 2.34 -20.55 -35.28
C TYR A 595 3.16 -20.24 -36.53
N VAL A 596 2.71 -19.25 -37.30
CA VAL A 596 3.31 -18.86 -38.56
C VAL A 596 3.40 -17.34 -38.62
N VAL A 597 4.55 -16.85 -39.09
CA VAL A 597 4.76 -15.45 -39.37
C VAL A 597 5.48 -15.30 -40.71
N ALA A 598 5.00 -14.38 -41.56
CA ALA A 598 5.72 -14.03 -42.75
C ALA A 598 6.48 -12.72 -42.49
N ALA A 599 7.79 -12.75 -42.70
CA ALA A 599 8.63 -11.59 -42.45
C ALA A 599 9.59 -11.44 -43.60
N ASP A 600 9.62 -10.24 -44.19
CA ASP A 600 10.44 -9.90 -45.34
C ASP A 600 10.35 -11.00 -46.40
N GLY A 601 9.13 -11.45 -46.68
CA GLY A 601 8.92 -12.40 -47.76
C GLY A 601 9.33 -13.83 -47.41
N VAL A 602 9.64 -14.15 -46.15
CA VAL A 602 10.02 -15.50 -45.75
C VAL A 602 9.01 -16.02 -44.74
N MET A 603 8.60 -17.30 -44.92
CA MET A 603 7.71 -17.98 -44.02
C MET A 603 8.48 -18.60 -42.84
N TYR A 604 8.07 -18.20 -41.62
CA TYR A 604 8.59 -18.73 -40.37
C TYR A 604 7.51 -19.53 -39.66
N TYR A 605 7.91 -20.70 -39.16
CA TYR A 605 7.02 -21.62 -38.48
C TYR A 605 7.58 -21.91 -37.08
N ALA A 606 6.66 -22.11 -36.14
CA ALA A 606 7.00 -22.49 -34.78
C ALA A 606 6.07 -23.63 -34.36
N PHE A 607 6.68 -24.77 -34.02
CA PHE A 607 5.97 -25.95 -33.56
C PHE A 607 6.33 -26.20 -32.10
N TYR A 608 5.32 -26.45 -31.26
CA TYR A 608 5.53 -26.66 -29.83
C TYR A 608 4.93 -27.99 -29.39
N LYS A 609 5.57 -28.59 -28.39
CA LYS A 609 5.11 -29.80 -27.74
C LYS A 609 5.07 -29.62 -26.22
N ASP A 610 5.50 -28.45 -25.72
CA ASP A 610 5.64 -28.27 -24.28
C ASP A 610 4.38 -27.71 -23.66
N GLY A 611 3.34 -27.48 -24.45
CA GLY A 611 2.07 -27.03 -23.93
C GLY A 611 1.21 -28.23 -23.53
N SER A 612 1.07 -28.46 -22.22
CA SER A 612 0.38 -29.66 -21.78
C SER A 612 -1.10 -29.67 -22.16
N LYS A 613 -1.70 -28.54 -22.56
CA LYS A 613 -3.12 -28.52 -22.89
C LYS A 613 -3.35 -29.12 -24.27
N TYR A 614 -2.32 -29.16 -25.11
CA TYR A 614 -2.39 -29.82 -26.40
C TYR A 614 -0.97 -30.16 -26.91
N SER A 615 -0.65 -31.44 -26.83
CA SER A 615 0.67 -31.93 -27.16
C SER A 615 0.53 -33.35 -27.72
N PRO A 616 1.16 -33.70 -28.85
CA PRO A 616 0.91 -34.99 -29.48
C PRO A 616 1.50 -36.15 -28.69
N THR A 617 0.81 -37.28 -28.77
CA THR A 617 1.42 -38.59 -28.56
C THR A 617 2.35 -38.84 -29.73
N GLY A 618 3.58 -39.23 -29.40
CA GLY A 618 4.54 -39.68 -30.39
C GLY A 618 5.18 -38.48 -31.09
N TYR A 619 5.49 -38.69 -32.38
CA TYR A 619 6.35 -37.77 -33.10
C TYR A 619 5.75 -37.56 -34.48
N PRO A 620 4.62 -36.82 -34.58
CA PRO A 620 3.98 -36.60 -35.88
C PRO A 620 4.93 -35.83 -36.81
N ASP A 621 4.75 -36.09 -38.09
CA ASP A 621 5.45 -35.37 -39.14
C ASP A 621 5.04 -33.91 -39.05
N ILE A 622 6.02 -33.07 -39.40
CA ILE A 622 5.80 -31.65 -39.50
C ILE A 622 5.44 -31.35 -40.95
N GLU A 623 4.32 -30.65 -41.11
CA GLU A 623 3.83 -30.23 -42.41
C GLU A 623 3.89 -28.71 -42.48
N LEU A 624 4.59 -28.18 -43.49
CA LEU A 624 4.68 -26.74 -43.68
C LEU A 624 3.64 -26.33 -44.71
N LYS A 625 2.65 -25.55 -44.27
CA LYS A 625 1.56 -25.11 -45.15
C LYS A 625 1.82 -23.69 -45.63
N GLY A 626 1.19 -23.36 -46.77
CA GLY A 626 1.14 -22.00 -47.25
C GLY A 626 2.35 -21.65 -48.12
N LEU A 627 3.16 -22.65 -48.54
CA LEU A 627 4.28 -22.37 -49.43
C LEU A 627 3.81 -22.45 -50.88
N ASP A 628 4.66 -22.01 -51.79
CA ASP A 628 4.36 -22.07 -53.20
C ASP A 628 4.52 -23.53 -53.66
N PRO A 629 3.45 -24.14 -54.22
CA PRO A 629 3.50 -25.55 -54.58
C PRO A 629 4.56 -25.90 -55.61
N ASN A 630 5.01 -24.91 -56.40
CA ASN A 630 5.95 -25.14 -57.46
C ASN A 630 7.38 -24.79 -57.05
N LYS A 631 7.62 -24.45 -55.79
CA LYS A 631 8.96 -24.05 -55.39
C LYS A 631 9.54 -25.07 -54.42
N MET A 632 10.86 -25.01 -54.26
CA MET A 632 11.59 -25.89 -53.38
C MET A 632 12.20 -25.05 -52.27
N TYR A 633 12.21 -25.64 -51.06
CA TYR A 633 12.64 -24.91 -49.89
C TYR A 633 13.60 -25.74 -49.06
N ARG A 634 14.59 -25.04 -48.50
CA ARG A 634 15.49 -25.55 -47.48
C ARG A 634 14.94 -25.09 -46.13
N ILE A 635 14.74 -26.06 -45.21
CA ILE A 635 14.12 -25.76 -43.93
C ILE A 635 15.22 -25.60 -42.89
N VAL A 636 15.32 -24.40 -42.32
CA VAL A 636 16.43 -24.05 -41.43
C VAL A 636 15.87 -23.76 -40.05
N ASP A 637 16.38 -24.52 -39.08
CA ASP A 637 16.22 -24.19 -37.67
C ASP A 637 17.14 -22.99 -37.38
N TYR A 638 16.54 -21.82 -37.27
CA TYR A 638 17.30 -20.58 -37.17
C TYR A 638 17.76 -20.32 -35.74
N VAL A 639 17.28 -21.12 -34.77
CA VAL A 639 17.79 -21.01 -33.41
C VAL A 639 19.16 -21.66 -33.32
N ASN A 640 19.28 -22.86 -33.93
CA ASN A 640 20.50 -23.62 -33.86
C ASN A 640 21.34 -23.47 -35.13
N ASP A 641 20.79 -22.81 -36.15
CA ASP A 641 21.49 -22.55 -37.41
C ASP A 641 21.85 -23.89 -38.06
N ARG A 642 20.84 -24.71 -38.28
CA ARG A 642 21.01 -26.08 -38.75
C ARG A 642 19.88 -26.34 -39.73
N VAL A 643 20.22 -27.00 -40.83
CA VAL A 643 19.23 -27.45 -41.80
C VAL A 643 18.51 -28.67 -41.24
N VAL A 644 17.19 -28.65 -41.12
CA VAL A 644 16.45 -29.81 -40.67
C VAL A 644 15.79 -30.56 -41.84
N ALA A 645 15.65 -29.90 -43.00
CA ALA A 645 15.17 -30.55 -44.22
C ALA A 645 15.77 -29.85 -45.46
N THR A 646 16.52 -30.62 -46.27
CA THR A 646 17.43 -29.99 -47.23
C THR A 646 16.64 -29.42 -48.41
N ASN A 647 15.59 -30.14 -48.83
CA ASN A 647 14.79 -29.74 -49.98
C ASN A 647 13.37 -30.27 -49.96
N LEU A 648 12.39 -29.43 -49.63
CA LEU A 648 10.99 -29.76 -49.66
C LEU A 648 10.30 -29.00 -50.79
N MET A 649 9.48 -29.71 -51.56
CA MET A 649 8.56 -29.08 -52.50
C MET A 649 7.41 -28.45 -51.73
N GLY A 650 6.93 -27.30 -52.20
CA GLY A 650 5.92 -26.53 -51.49
C GLY A 650 4.61 -27.29 -51.33
N ASP A 651 4.32 -28.22 -52.26
CA ASP A 651 3.09 -28.97 -52.22
C ASP A 651 3.24 -30.29 -51.44
N ASN A 652 4.41 -30.55 -50.88
CA ASN A 652 4.57 -31.75 -50.06
C ASN A 652 5.67 -31.48 -49.05
N ALA A 653 5.46 -30.43 -48.23
CA ALA A 653 6.51 -29.96 -47.36
C ALA A 653 6.36 -30.66 -46.01
N VAL A 654 6.75 -31.94 -45.99
CA VAL A 654 6.56 -32.80 -44.86
C VAL A 654 7.92 -33.38 -44.52
N PHE A 655 8.29 -33.26 -43.24
CA PHE A 655 9.54 -33.84 -42.79
C PHE A 655 9.36 -34.28 -41.34
N ASN A 656 10.38 -34.98 -40.83
CA ASN A 656 10.29 -35.44 -39.45
C ASN A 656 11.63 -35.14 -38.85
N THR A 657 11.62 -34.40 -37.74
CA THR A 657 12.84 -34.05 -37.06
C THR A 657 12.57 -34.13 -35.56
N ARG A 658 13.58 -34.49 -34.77
CA ARG A 658 13.38 -34.69 -33.35
C ARG A 658 13.61 -33.37 -32.61
N PHE A 659 12.72 -33.05 -31.70
CA PHE A 659 12.87 -31.87 -30.87
C PHE A 659 12.09 -32.13 -29.60
N SER A 660 12.50 -31.51 -28.49
CA SER A 660 11.86 -31.86 -27.23
C SER A 660 10.69 -30.93 -26.91
N ASP A 661 10.87 -29.62 -27.15
CA ASP A 661 9.94 -28.61 -26.66
C ASP A 661 9.42 -27.74 -27.80
N TYR A 662 10.34 -27.22 -28.62
CA TYR A 662 9.98 -26.33 -29.69
C TYR A 662 10.90 -26.57 -30.90
N LEU A 663 10.38 -26.19 -32.06
CA LEU A 663 11.13 -26.13 -33.30
C LEU A 663 10.74 -24.86 -34.03
N LEU A 664 11.71 -23.94 -34.18
CA LEU A 664 11.52 -22.69 -34.90
C LEU A 664 12.29 -22.79 -36.21
N VAL A 665 11.57 -22.74 -37.34
CA VAL A 665 12.22 -22.91 -38.62
C VAL A 665 11.75 -21.83 -39.59
N LYS A 666 12.58 -21.60 -40.62
CA LYS A 666 12.19 -20.79 -41.76
C LYS A 666 12.33 -21.63 -43.04
N ALA A 667 11.47 -21.33 -44.01
CA ALA A 667 11.49 -21.99 -45.32
C ALA A 667 12.19 -21.08 -46.31
N VAL A 668 13.46 -21.40 -46.61
CA VAL A 668 14.30 -20.62 -47.51
C VAL A 668 14.14 -21.17 -48.92
N GLU A 669 13.67 -20.32 -49.83
CA GLU A 669 13.48 -20.75 -51.20
C GLU A 669 14.82 -21.09 -51.82
N ILE A 670 14.89 -22.24 -52.51
CA ILE A 670 16.06 -22.71 -53.21
C ILE A 670 15.86 -22.39 -54.69
N SER A 671 16.87 -21.75 -55.29
CA SER A 671 16.89 -21.47 -56.72
C SER A 671 17.95 -22.32 -57.44
N TYR B 18 -9.04 11.74 27.61
CA TYR B 18 -9.13 11.37 26.16
C TYR B 18 -9.91 10.06 26.01
N ALA B 19 -10.93 10.07 25.16
CA ALA B 19 -11.80 8.92 25.02
C ALA B 19 -12.41 8.90 23.62
N ILE B 20 -12.62 7.68 23.12
CA ILE B 20 -13.49 7.46 21.98
C ILE B 20 -14.48 6.36 22.31
N ALA B 21 -15.57 6.37 21.54
CA ALA B 21 -16.69 5.47 21.70
C ALA B 21 -16.94 4.81 20.36
N GLY B 22 -17.31 3.53 20.43
CA GLY B 22 -18.02 2.87 19.34
C GLY B 22 -19.25 2.16 19.88
N ASN B 23 -19.92 1.44 18.98
CA ASN B 23 -21.06 0.62 19.36
C ASN B 23 -20.58 -0.40 20.40
N GLY B 24 -21.03 -0.24 21.65
CA GLY B 24 -20.78 -1.20 22.70
C GLY B 24 -19.36 -1.14 23.32
N VAL B 25 -18.58 -0.08 23.02
CA VAL B 25 -17.21 -0.02 23.51
C VAL B 25 -16.81 1.43 23.80
N ARG B 26 -16.01 1.61 24.85
CA ARG B 26 -15.36 2.88 25.12
C ARG B 26 -13.88 2.63 25.34
N VAL B 27 -13.05 3.52 24.82
CA VAL B 27 -11.61 3.43 24.97
C VAL B 27 -11.15 4.73 25.60
N THR B 28 -10.43 4.66 26.72
CA THR B 28 -9.89 5.85 27.36
C THR B 28 -8.38 5.75 27.40
N TYR B 29 -7.72 6.91 27.27
CA TYR B 29 -6.28 7.05 27.32
C TYR B 29 -5.95 8.03 28.44
N ASP B 30 -5.03 7.61 29.31
CA ASP B 30 -4.48 8.50 30.32
C ASP B 30 -3.08 8.93 29.87
N ALA B 31 -2.91 10.22 29.62
CA ALA B 31 -1.67 10.77 29.09
C ALA B 31 -0.56 10.74 30.14
N ASP B 32 -0.89 10.80 31.42
CA ASP B 32 0.12 10.80 32.46
C ASP B 32 0.71 9.41 32.62
N GLY B 33 -0.16 8.41 32.80
CA GLY B 33 0.28 7.02 32.91
C GLY B 33 0.62 6.41 31.56
N GLN B 34 0.13 7.02 30.47
CA GLN B 34 0.27 6.49 29.12
C GLN B 34 -0.34 5.10 29.05
N THR B 35 -1.60 4.99 29.47
CA THR B 35 -2.31 3.71 29.51
C THR B 35 -3.63 3.85 28.76
N ILE B 36 -4.09 2.71 28.23
CA ILE B 36 -5.39 2.54 27.63
C ILE B 36 -6.25 1.65 28.54
N THR B 37 -7.52 2.02 28.69
CA THR B 37 -8.50 1.18 29.37
C THR B 37 -9.67 0.94 28.44
N LEU B 38 -10.10 -0.32 28.33
CA LEU B 38 -11.25 -0.72 27.53
C LEU B 38 -12.45 -0.98 28.43
N TYR B 39 -13.62 -0.51 27.96
CA TYR B 39 -14.91 -0.75 28.58
C TYR B 39 -15.87 -1.26 27.52
N ARG B 40 -16.85 -2.04 27.96
CA ARG B 40 -17.98 -2.43 27.13
C ARG B 40 -19.25 -1.88 27.78
N THR B 41 -20.29 -1.71 26.97
CA THR B 41 -21.57 -1.22 27.50
C THR B 41 -22.34 -2.40 28.09
N GLU B 42 -23.15 -2.10 29.10
CA GLU B 42 -24.01 -3.09 29.74
C GLU B 42 -25.18 -2.30 30.30
N GLY B 43 -26.40 -2.62 29.83
CA GLY B 43 -27.55 -1.78 30.10
C GLY B 43 -27.23 -0.34 29.71
N SER B 44 -27.42 0.59 30.65
CA SER B 44 -27.14 1.99 30.40
C SER B 44 -25.82 2.42 31.03
N GLY B 45 -25.00 1.46 31.46
CA GLY B 45 -23.71 1.76 32.05
C GLY B 45 -22.55 1.05 31.31
N LEU B 46 -21.40 1.01 31.99
CA LEU B 46 -20.18 0.45 31.43
C LEU B 46 -19.67 -0.63 32.38
N ILE B 47 -19.02 -1.64 31.80
CA ILE B 47 -18.19 -2.55 32.55
C ILE B 47 -16.75 -2.39 32.06
N GLN B 48 -15.84 -2.15 33.00
CA GLN B 48 -14.42 -2.12 32.73
C GLN B 48 -13.94 -3.53 32.37
N MET B 49 -13.35 -3.68 31.20
CA MET B 49 -12.91 -4.98 30.70
C MET B 49 -11.40 -5.16 30.88
N SER B 50 -10.61 -4.09 30.70
CA SER B 50 -9.16 -4.17 30.87
C SER B 50 -8.72 -3.32 32.04
N LYS B 51 -7.63 -3.75 32.69
CA LYS B 51 -6.84 -2.84 33.52
C LYS B 51 -6.24 -1.75 32.65
N PRO B 52 -5.83 -0.60 33.25
CA PRO B 52 -5.03 0.40 32.53
C PRO B 52 -3.82 -0.32 31.95
N SER B 53 -3.73 -0.35 30.62
CA SER B 53 -2.75 -1.18 29.95
C SER B 53 -1.78 -0.25 29.21
N PRO B 54 -0.46 -0.47 29.31
CA PRO B 54 0.50 0.42 28.67
C PRO B 54 0.51 0.15 27.16
N LEU B 55 0.92 1.15 26.37
CA LEU B 55 0.94 1.02 24.92
C LEU B 55 2.06 0.06 24.54
N GLY B 56 1.87 -0.69 23.45
CA GLY B 56 2.93 -1.59 23.02
C GLY B 56 4.15 -0.84 22.51
N GLY B 57 5.34 -1.37 22.76
CA GLY B 57 6.56 -0.76 22.32
C GLY B 57 7.47 -1.72 21.54
N PRO B 58 8.58 -1.20 20.99
CA PRO B 58 9.56 -2.04 20.32
C PRO B 58 10.45 -2.77 21.31
N VAL B 59 10.93 -3.94 20.90
CA VAL B 59 11.90 -4.69 21.68
C VAL B 59 13.25 -4.51 21.01
N ILE B 60 14.21 -3.97 21.77
CA ILE B 60 15.56 -3.68 21.31
C ILE B 60 16.53 -4.30 22.31
N GLY B 61 17.49 -5.07 21.80
CA GLY B 61 18.47 -5.75 22.63
C GLY B 61 17.82 -6.53 23.76
N GLY B 62 16.70 -7.21 23.47
CA GLY B 62 16.08 -8.11 24.43
C GLY B 62 15.17 -7.41 25.43
N GLN B 63 14.99 -6.09 25.29
CA GLN B 63 14.23 -5.30 26.24
C GLN B 63 13.20 -4.46 25.50
N GLU B 64 11.98 -4.40 26.03
CA GLU B 64 11.01 -3.44 25.55
C GLU B 64 11.48 -2.03 25.91
N VAL B 65 11.45 -1.12 24.94
CA VAL B 65 11.77 0.28 25.20
C VAL B 65 10.66 0.85 26.09
N GLN B 66 11.05 1.52 27.17
CA GLN B 66 10.03 2.00 28.11
C GLN B 66 10.31 3.43 28.59
N ASP B 67 10.99 4.23 27.78
CA ASP B 67 11.18 5.64 28.07
C ASP B 67 10.32 6.53 27.17
N PHE B 68 9.27 5.98 26.53
CA PHE B 68 8.41 6.79 25.69
C PHE B 68 7.68 7.81 26.56
N SER B 69 7.58 9.05 26.09
CA SER B 69 6.78 10.06 26.78
C SER B 69 5.65 10.53 25.88
N HIS B 70 4.58 11.01 26.53
CA HIS B 70 3.41 11.49 25.82
C HIS B 70 3.73 12.79 25.07
N ILE B 71 3.33 12.85 23.80
CA ILE B 71 3.41 14.08 23.04
C ILE B 71 2.02 14.63 22.78
N SER B 72 1.15 13.85 22.18
CA SER B 72 -0.18 14.34 21.91
C SER B 72 -1.18 13.21 21.77
N CYS B 73 -2.45 13.59 21.92
CA CYS B 73 -3.56 12.67 21.69
C CYS B 73 -4.66 13.45 21.00
N ASP B 74 -4.87 13.15 19.71
CA ASP B 74 -5.88 13.78 18.88
C ASP B 74 -7.10 12.86 18.83
N VAL B 75 -8.22 13.34 19.36
CA VAL B 75 -9.48 12.63 19.32
C VAL B 75 -10.32 13.24 18.20
N GLU B 76 -10.76 12.40 17.25
CA GLU B 76 -11.69 12.80 16.22
C GLU B 76 -13.00 12.07 16.46
N GLN B 77 -14.07 12.83 16.76
CA GLN B 77 -15.33 12.26 17.19
C GLN B 77 -16.19 11.85 16.00
N SER B 78 -15.82 12.34 14.82
CA SER B 78 -16.68 12.17 13.67
C SER B 78 -15.81 11.95 12.44
N THR B 79 -15.49 10.70 12.16
CA THR B 79 -14.53 10.40 11.12
C THR B 79 -14.91 9.08 10.44
N SER B 80 -14.09 8.68 9.48
CA SER B 80 -14.30 7.46 8.74
C SER B 80 -12.98 6.72 8.68
N GLY B 81 -12.98 5.44 9.04
CA GLY B 81 -11.75 4.66 9.11
C GLY B 81 -11.89 3.34 8.37
N VAL B 82 -11.06 2.37 8.73
CA VAL B 82 -11.09 1.04 8.13
C VAL B 82 -12.49 0.46 8.17
N MET B 83 -13.23 0.71 9.26
CA MET B 83 -14.54 0.12 9.45
C MET B 83 -15.66 1.06 9.04
N GLY B 84 -15.34 2.15 8.36
CA GLY B 84 -16.35 3.16 8.04
C GLY B 84 -16.46 4.19 9.17
N SER B 85 -17.66 4.72 9.35
CA SER B 85 -17.81 5.89 10.19
C SER B 85 -17.67 5.52 11.66
N GLY B 86 -17.01 6.41 12.40
CA GLY B 86 -16.83 6.21 13.82
C GLY B 86 -15.91 7.30 14.36
N GLN B 87 -14.97 6.89 15.20
CA GLN B 87 -14.09 7.81 15.89
C GLN B 87 -12.66 7.30 15.80
N ARG B 88 -11.73 8.18 16.11
CA ARG B 88 -10.32 7.86 16.06
C ARG B 88 -9.59 8.62 17.16
N MET B 89 -8.60 7.94 17.75
CA MET B 89 -7.70 8.50 18.73
C MET B 89 -6.29 8.24 18.23
N THR B 90 -5.50 9.29 18.03
CA THR B 90 -4.14 9.15 17.54
C THR B 90 -3.21 9.63 18.64
N ILE B 91 -2.37 8.72 19.15
CA ILE B 91 -1.45 9.02 20.21
C ILE B 91 -0.03 9.05 19.66
N THR B 92 0.68 10.17 19.92
CA THR B 92 2.07 10.32 19.54
C THR B 92 2.92 10.28 20.81
N SER B 93 3.99 9.47 20.76
CA SER B 93 4.90 9.31 21.87
C SER B 93 6.32 9.40 21.33
N GLN B 94 7.26 9.74 22.20
CA GLN B 94 8.66 9.86 21.78
C GLN B 94 9.61 9.25 22.80
N SER B 95 10.65 8.57 22.29
CA SER B 95 11.69 7.94 23.08
C SER B 95 13.00 8.66 22.83
N MET B 96 13.54 9.32 23.87
CA MET B 96 14.80 10.05 23.72
C MET B 96 15.97 9.09 23.51
N SER B 97 15.95 7.93 24.17
CA SER B 97 17.06 7.00 24.06
C SER B 97 17.19 6.44 22.66
N THR B 98 16.08 6.27 21.92
CA THR B 98 16.11 5.61 20.62
C THR B 98 15.94 6.60 19.47
N GLY B 99 15.33 7.76 19.74
CA GLY B 99 14.98 8.72 18.70
C GLY B 99 13.68 8.34 17.99
N LEU B 100 12.94 7.35 18.53
CA LEU B 100 11.72 6.86 17.88
C LEU B 100 10.54 7.74 18.25
N ILE B 101 9.72 8.04 17.25
CA ILE B 101 8.40 8.61 17.46
C ILE B 101 7.41 7.51 17.12
N ARG B 102 6.55 7.17 18.10
CA ARG B 102 5.48 6.21 17.91
C ARG B 102 4.18 6.95 17.61
N THR B 103 3.48 6.49 16.57
CA THR B 103 2.11 6.87 16.31
C THR B 103 1.22 5.64 16.51
N TYR B 104 0.30 5.75 17.47
CA TYR B 104 -0.61 4.67 17.81
C TYR B 104 -2.02 5.15 17.53
N VAL B 105 -2.71 4.46 16.61
CA VAL B 105 -4.02 4.87 16.17
C VAL B 105 -5.04 3.87 16.65
N LEU B 106 -6.11 4.37 17.29
CA LEU B 106 -7.24 3.54 17.65
C LEU B 106 -8.48 4.06 16.93
N GLU B 107 -9.24 3.13 16.30
CA GLU B 107 -10.48 3.50 15.65
C GLU B 107 -11.61 2.65 16.22
N THR B 108 -12.75 3.32 16.42
CA THR B 108 -14.01 2.68 16.73
C THR B 108 -14.99 2.87 15.59
N SER B 109 -16.06 2.04 15.62
CA SER B 109 -17.09 2.05 14.60
C SER B 109 -18.44 2.36 15.23
N ASP B 110 -19.25 3.19 14.56
CA ASP B 110 -20.61 3.45 15.01
C ASP B 110 -21.47 2.20 14.90
N ILE B 111 -21.08 1.27 14.02
CA ILE B 111 -21.88 0.09 13.72
C ILE B 111 -21.28 -1.17 14.36
N GLU B 112 -19.98 -1.40 14.23
CA GLU B 112 -19.43 -2.70 14.59
C GLU B 112 -19.29 -2.82 16.10
N GLU B 113 -20.04 -3.75 16.68
CA GLU B 113 -20.17 -3.88 18.11
C GLU B 113 -18.88 -4.40 18.76
N GLY B 114 -18.35 -3.62 19.70
CA GLY B 114 -17.26 -4.05 20.55
C GLY B 114 -15.87 -3.90 19.91
N VAL B 115 -15.77 -3.43 18.67
CA VAL B 115 -14.53 -3.58 17.91
C VAL B 115 -13.69 -2.31 17.99
N VAL B 116 -12.40 -2.50 18.21
CA VAL B 116 -11.42 -1.44 18.18
C VAL B 116 -10.32 -1.84 17.20
N TYR B 117 -10.08 -1.00 16.21
CA TYR B 117 -8.98 -1.18 15.28
C TYR B 117 -7.78 -0.39 15.78
N THR B 118 -6.60 -1.01 15.70
CA THR B 118 -5.37 -0.38 16.15
C THR B 118 -4.33 -0.52 15.05
N ALA B 119 -3.56 0.56 14.84
CA ALA B 119 -2.44 0.53 13.91
C ALA B 119 -1.29 1.35 14.51
N THR B 120 -0.08 0.90 14.27
CA THR B 120 1.10 1.54 14.84
C THR B 120 2.12 1.80 13.74
N SER B 121 2.74 2.98 13.82
CA SER B 121 3.92 3.24 13.02
C SER B 121 4.99 3.89 13.90
N TYR B 122 6.24 3.73 13.46
CA TYR B 122 7.40 4.29 14.11
C TYR B 122 8.19 5.08 13.09
N GLU B 123 8.68 6.25 13.53
CA GLU B 123 9.61 7.05 12.77
C GLU B 123 10.92 7.13 13.54
N ALA B 124 12.04 6.91 12.86
CA ALA B 124 13.37 7.02 13.46
C ALA B 124 13.92 8.43 13.27
N GLY B 125 14.73 8.87 14.23
CA GLY B 125 15.44 10.15 14.16
C GLY B 125 16.75 9.97 13.39
N ALA B 126 17.85 10.43 13.99
CA ALA B 126 19.13 10.52 13.31
C ALA B 126 19.76 9.14 13.14
N SER B 127 19.37 8.16 13.98
CA SER B 127 19.97 6.84 13.99
C SER B 127 19.00 5.79 13.48
N ASP B 128 19.54 4.83 12.70
CA ASP B 128 18.87 3.57 12.45
C ASP B 128 18.52 2.92 13.78
N VAL B 129 17.39 2.22 13.83
CA VAL B 129 16.99 1.52 15.03
C VAL B 129 16.71 0.07 14.66
N GLU B 130 17.42 -0.85 15.32
CA GLU B 130 17.24 -2.27 15.09
C GLU B 130 16.26 -2.82 16.13
N VAL B 131 15.07 -3.19 15.66
CA VAL B 131 14.02 -3.73 16.51
C VAL B 131 13.91 -5.23 16.23
N SER B 132 13.95 -6.03 17.29
CA SER B 132 13.81 -7.48 17.15
C SER B 132 12.33 -7.87 17.08
N TRP B 133 11.45 -7.11 17.74
CA TRP B 133 10.04 -7.45 17.83
C TRP B 133 9.24 -6.21 18.17
N PHE B 134 8.01 -6.12 17.64
CA PHE B 134 7.11 -5.04 17.99
C PHE B 134 5.92 -5.61 18.74
N ILE B 135 5.76 -5.16 19.99
CA ILE B 135 4.57 -5.46 20.74
C ILE B 135 3.52 -4.45 20.33
N GLY B 136 2.40 -4.95 19.80
CA GLY B 136 1.36 -4.08 19.27
C GLY B 136 0.47 -3.52 20.36
N SER B 137 -0.26 -4.40 21.04
CA SER B 137 -1.17 -4.05 22.11
C SER B 137 -1.15 -5.19 23.12
N VAL B 138 -1.42 -4.83 24.37
CA VAL B 138 -1.50 -5.75 25.50
C VAL B 138 -2.73 -5.36 26.31
N TYR B 139 -3.60 -6.34 26.61
CA TYR B 139 -4.75 -6.08 27.47
C TYR B 139 -4.79 -7.14 28.57
N GLU B 140 -4.73 -6.65 29.82
CA GLU B 140 -4.93 -7.48 30.99
C GLU B 140 -6.37 -7.30 31.46
N LEU B 141 -7.02 -8.44 31.70
CA LEU B 141 -8.43 -8.46 32.07
C LEU B 141 -8.63 -7.89 33.48
N TYR B 142 -9.69 -7.07 33.60
CA TYR B 142 -10.13 -6.51 34.85
C TYR B 142 -11.25 -7.38 35.43
N GLY B 143 -11.20 -7.59 36.74
CA GLY B 143 -12.29 -8.21 37.49
C GLY B 143 -12.26 -9.74 37.49
N ALA B 144 -11.14 -10.35 37.14
CA ALA B 144 -11.03 -11.80 37.17
C ALA B 144 -11.09 -12.28 38.61
N GLU B 145 -11.60 -13.49 38.82
CA GLU B 145 -11.69 -14.07 40.17
C GLU B 145 -10.79 -15.30 40.24
N ASP B 146 -11.38 -16.49 40.03
CA ASP B 146 -10.69 -17.74 40.26
C ASP B 146 -10.19 -18.38 38.97
N ARG B 147 -10.81 -18.07 37.81
CA ARG B 147 -10.29 -18.60 36.57
C ARG B 147 -10.66 -17.70 35.38
N ILE B 148 -9.86 -17.84 34.31
CA ILE B 148 -10.09 -17.20 33.02
C ILE B 148 -10.07 -18.30 31.97
N TRP B 149 -11.02 -18.26 31.02
CA TRP B 149 -10.94 -19.16 29.89
C TRP B 149 -10.33 -18.43 28.70
N SER B 150 -9.62 -19.19 27.85
CA SER B 150 -8.88 -18.60 26.74
C SER B 150 -9.08 -19.40 25.46
N TYR B 151 -9.25 -18.67 24.35
CA TYR B 151 -9.16 -19.21 23.01
C TYR B 151 -7.76 -18.90 22.47
N ASN B 152 -7.08 -19.93 21.96
CA ASN B 152 -5.69 -19.88 21.58
C ASN B 152 -5.55 -20.33 20.12
N GLY B 153 -5.43 -19.38 19.18
CA GLY B 153 -5.46 -19.69 17.76
C GLY B 153 -4.13 -20.15 17.17
N GLY B 154 -3.09 -20.24 17.98
CA GLY B 154 -1.75 -20.59 17.50
C GLY B 154 -1.72 -21.91 16.71
N GLY B 155 -0.78 -21.96 15.76
CA GLY B 155 -0.57 -23.11 14.91
C GLY B 155 0.68 -23.91 15.30
N GLU B 156 1.33 -23.58 16.43
CA GLU B 156 2.63 -24.17 16.77
C GLU B 156 2.48 -25.56 17.41
N GLY B 157 1.25 -26.05 17.56
CA GLY B 157 1.01 -27.32 18.22
C GLY B 157 1.17 -27.17 19.73
N PRO B 158 1.33 -28.29 20.48
CA PRO B 158 1.34 -29.64 19.91
C PRO B 158 0.06 -30.00 19.17
N MET B 159 0.22 -30.81 18.14
CA MET B 159 -0.88 -31.33 17.33
C MET B 159 -1.74 -32.28 18.19
N HIS B 160 -3.06 -32.16 18.03
CA HIS B 160 -4.06 -33.13 18.49
C HIS B 160 -4.36 -33.02 19.98
N TYR B 161 -3.32 -32.91 20.82
CA TYR B 161 -3.50 -33.11 22.25
C TYR B 161 -3.27 -31.83 23.04
N TYR B 162 -3.36 -30.70 22.37
CA TYR B 162 -3.31 -29.39 23.01
C TYR B 162 -4.62 -28.71 22.67
N ASP B 163 -5.45 -28.45 23.68
CA ASP B 163 -6.79 -27.89 23.48
C ASP B 163 -6.66 -26.44 23.03
N THR B 164 -7.51 -26.06 22.07
CA THR B 164 -7.57 -24.68 21.62
C THR B 164 -8.12 -23.78 22.74
N LEU B 165 -9.16 -24.25 23.43
CA LEU B 165 -9.65 -23.62 24.65
C LEU B 165 -8.87 -24.10 25.86
N GLN B 166 -8.31 -23.15 26.63
CA GLN B 166 -7.48 -23.46 27.78
C GLN B 166 -7.96 -22.66 28.99
N LYS B 167 -8.11 -23.36 30.11
CA LYS B 167 -8.43 -22.70 31.37
C LYS B 167 -7.17 -22.18 32.04
N ILE B 168 -7.24 -20.94 32.50
CA ILE B 168 -6.20 -20.31 33.28
C ILE B 168 -6.68 -20.29 34.72
N ASP B 169 -6.07 -21.16 35.55
CA ASP B 169 -6.45 -21.26 36.95
C ASP B 169 -5.66 -20.21 37.71
N LEU B 170 -6.38 -19.33 38.41
CA LEU B 170 -5.75 -18.26 39.16
C LEU B 170 -5.57 -18.62 40.64
N THR B 171 -5.93 -19.84 41.03
CA THR B 171 -5.86 -20.26 42.43
C THR B 171 -4.70 -21.23 42.66
N ASP B 172 -3.99 -21.67 41.60
CA ASP B 172 -2.85 -22.56 41.77
C ASP B 172 -1.58 -21.73 41.84
N SER B 173 -0.41 -22.38 41.77
CA SER B 173 0.84 -21.64 41.89
C SER B 173 1.40 -21.30 40.50
N GLY B 174 1.08 -22.08 39.47
CA GLY B 174 1.73 -21.92 38.18
C GLY B 174 1.15 -20.77 37.37
N LYS B 175 1.81 -20.48 36.24
CA LYS B 175 1.41 -19.40 35.35
C LYS B 175 1.22 -19.97 33.96
N PHE B 176 -0.02 -19.92 33.47
CA PHE B 176 -0.29 -20.26 32.09
C PHE B 176 0.45 -19.31 31.15
N SER B 177 0.98 -19.88 30.08
CA SER B 177 1.65 -19.12 29.04
C SER B 177 1.53 -19.81 27.68
N ARG B 178 1.10 -19.09 26.63
CA ARG B 178 1.16 -19.61 25.27
C ARG B 178 1.40 -18.48 24.28
N GLU B 179 2.31 -18.68 23.30
CA GLU B 179 2.73 -17.62 22.37
C GLU B 179 1.65 -17.42 21.29
N ASN B 180 1.06 -18.53 20.80
CA ASN B 180 0.08 -18.50 19.73
C ASN B 180 0.67 -17.89 18.47
N LYS B 181 1.46 -18.71 17.79
CA LYS B 181 2.25 -18.24 16.67
C LYS B 181 1.55 -18.53 15.34
N GLN B 182 1.85 -17.66 14.38
CA GLN B 182 1.62 -17.88 12.96
C GLN B 182 2.92 -17.57 12.25
N ASP B 183 3.49 -18.57 11.56
CA ASP B 183 4.79 -18.41 10.94
C ASP B 183 5.04 -19.57 9.98
N ASP B 184 6.31 -19.77 9.61
CA ASP B 184 6.66 -20.82 8.67
C ASP B 184 6.49 -22.22 9.27
N THR B 185 6.14 -22.36 10.56
CA THR B 185 5.77 -23.68 11.04
C THR B 185 4.42 -23.67 11.74
N ALA B 186 3.65 -22.60 11.57
CA ALA B 186 2.35 -22.49 12.25
C ALA B 186 1.39 -21.72 11.35
N ALA B 187 0.30 -22.37 10.93
CA ALA B 187 -0.66 -21.73 10.05
C ALA B 187 -2.07 -22.05 10.54
N SER B 188 -2.51 -21.27 11.54
CA SER B 188 -3.80 -21.46 12.15
C SER B 188 -4.55 -20.11 12.15
N ILE B 189 -5.05 -19.68 13.32
CA ILE B 189 -5.97 -18.55 13.40
C ILE B 189 -5.33 -17.45 14.22
N PRO B 190 -5.07 -16.27 13.63
CA PRO B 190 -4.29 -15.21 14.29
C PRO B 190 -5.14 -14.43 15.29
N VAL B 191 -5.70 -15.15 16.25
CA VAL B 191 -6.66 -14.62 17.20
C VAL B 191 -6.46 -15.31 18.53
N SER B 192 -6.58 -14.55 19.62
CA SER B 192 -6.70 -15.07 20.96
C SER B 192 -7.79 -14.32 21.70
N ASP B 193 -8.43 -15.00 22.66
CA ASP B 193 -9.45 -14.39 23.48
C ASP B 193 -9.24 -14.83 24.91
N ILE B 194 -9.47 -13.91 25.86
CA ILE B 194 -9.54 -14.26 27.27
C ILE B 194 -10.84 -13.71 27.84
N TYR B 195 -11.52 -14.51 28.68
CA TYR B 195 -12.80 -14.07 29.20
C TYR B 195 -13.10 -14.66 30.58
N ILE B 196 -14.02 -13.95 31.25
CA ILE B 196 -14.55 -14.28 32.55
C ILE B 196 -16.08 -14.19 32.46
N ALA B 197 -16.78 -14.27 33.61
CA ALA B 197 -18.23 -14.26 33.62
C ALA B 197 -18.78 -12.99 32.95
N ASP B 198 -18.12 -11.86 33.20
CA ASP B 198 -18.54 -10.56 32.65
C ASP B 198 -18.08 -10.35 31.21
N GLY B 199 -17.43 -11.33 30.59
CA GLY B 199 -17.03 -11.23 29.21
C GLY B 199 -15.52 -11.16 29.08
N GLY B 200 -15.05 -10.66 27.93
CA GLY B 200 -13.63 -10.73 27.66
C GLY B 200 -13.16 -9.81 26.54
N ILE B 201 -11.92 -10.11 26.14
CA ILE B 201 -11.17 -9.33 25.17
C ILE B 201 -10.50 -10.27 24.19
N THR B 202 -10.86 -10.10 22.91
CA THR B 202 -10.26 -10.77 21.79
C THR B 202 -9.23 -9.81 21.16
N VAL B 203 -8.11 -10.35 20.70
CA VAL B 203 -7.17 -9.63 19.89
C VAL B 203 -6.86 -10.49 18.68
N GLY B 204 -6.91 -9.89 17.48
CA GLY B 204 -6.66 -10.61 16.26
C GLY B 204 -5.91 -9.72 15.25
N ASP B 205 -5.19 -10.36 14.33
CA ASP B 205 -4.39 -9.65 13.35
C ASP B 205 -5.30 -9.03 12.31
N ALA B 206 -5.14 -7.72 12.10
CA ALA B 206 -5.95 -6.99 11.14
C ALA B 206 -5.19 -6.96 9.82
N SER B 207 -5.24 -8.08 9.09
CA SER B 207 -4.54 -8.23 7.82
C SER B 207 -5.40 -9.09 6.90
N ALA B 208 -5.56 -8.62 5.67
CA ALA B 208 -6.31 -9.32 4.65
C ALA B 208 -5.53 -10.56 4.15
N THR B 209 -4.21 -10.56 4.42
CA THR B 209 -3.35 -11.65 4.01
C THR B 209 -2.51 -12.17 5.20
N ARG B 210 -2.09 -13.42 5.08
CA ARG B 210 -1.30 -14.09 6.10
C ARG B 210 0.03 -13.38 6.30
N ARG B 211 0.37 -13.15 7.57
CA ARG B 211 1.70 -12.72 7.91
C ARG B 211 2.10 -13.30 9.26
N GLU B 212 3.39 -13.13 9.60
CA GLU B 212 3.92 -13.63 10.85
C GLU B 212 3.39 -12.74 11.98
N VAL B 213 2.80 -13.38 12.99
CA VAL B 213 2.22 -12.67 14.11
C VAL B 213 2.10 -13.64 15.29
N HIS B 214 2.16 -13.10 16.52
CA HIS B 214 1.87 -13.86 17.73
C HIS B 214 0.69 -13.19 18.43
N THR B 215 -0.16 -14.01 19.10
CA THR B 215 -1.19 -13.50 19.97
C THR B 215 -1.09 -14.14 21.34
N PRO B 216 -0.05 -13.79 22.12
CA PRO B 216 0.24 -14.49 23.38
C PRO B 216 -0.87 -14.30 24.41
N VAL B 217 -1.12 -15.39 25.15
CA VAL B 217 -1.98 -15.40 26.33
C VAL B 217 -1.10 -15.76 27.53
N GLN B 218 -1.06 -14.87 28.52
CA GLN B 218 -0.16 -15.02 29.64
C GLN B 218 -0.88 -14.68 30.95
N GLU B 219 -0.81 -15.60 31.89
CA GLU B 219 -1.36 -15.38 33.22
C GLU B 219 -0.49 -14.33 33.92
N THR B 220 -1.13 -13.44 34.69
CA THR B 220 -0.42 -12.42 35.45
C THR B 220 -0.59 -12.72 36.93
N SER B 221 -0.30 -11.73 37.79
CA SER B 221 -0.33 -11.95 39.22
C SER B 221 -1.73 -12.32 39.69
N ASP B 222 -2.79 -11.75 39.12
CA ASP B 222 -4.14 -12.04 39.55
C ASP B 222 -5.12 -12.15 38.38
N SER B 223 -4.59 -12.22 37.16
CA SER B 223 -5.45 -12.19 36.00
C SER B 223 -4.71 -12.84 34.83
N ALA B 224 -5.05 -12.42 33.61
CA ALA B 224 -4.31 -12.83 32.42
C ALA B 224 -4.35 -11.68 31.43
N GLN B 225 -3.39 -11.70 30.50
CA GLN B 225 -3.33 -10.69 29.48
C GLN B 225 -3.23 -11.38 28.12
N VAL B 226 -3.78 -10.69 27.14
CA VAL B 226 -3.71 -11.12 25.75
C VAL B 226 -3.06 -10.00 24.97
N SER B 227 -2.18 -10.36 24.04
CA SER B 227 -1.45 -9.34 23.31
C SER B 227 -1.28 -9.79 21.86
N ILE B 228 -0.75 -8.85 21.07
CA ILE B 228 -0.39 -9.16 19.69
C ILE B 228 0.92 -8.47 19.39
N GLY B 229 1.72 -9.10 18.52
CA GLY B 229 2.97 -8.49 18.10
C GLY B 229 3.49 -9.15 16.82
N TRP B 230 4.50 -8.51 16.22
CA TRP B 230 5.02 -8.88 14.93
C TRP B 230 6.54 -8.80 14.94
N PRO B 231 7.19 -9.52 14.01
CA PRO B 231 8.64 -9.45 13.82
C PRO B 231 9.17 -8.03 13.66
N GLY B 232 10.38 -7.81 14.16
CA GLY B 232 11.00 -6.51 14.08
C GLY B 232 11.63 -6.28 12.71
N LYS B 233 12.28 -5.14 12.59
CA LYS B 233 13.08 -4.80 11.42
C LYS B 233 13.98 -3.64 11.78
N VAL B 234 14.90 -3.33 10.88
CA VAL B 234 15.73 -2.14 11.04
C VAL B 234 14.93 -0.95 10.52
N ILE B 235 14.70 0.06 11.37
CA ILE B 235 14.07 1.28 10.94
C ILE B 235 15.15 2.27 10.54
N ALA B 236 15.24 2.58 9.23
CA ALA B 236 16.29 3.47 8.74
C ALA B 236 16.09 4.87 9.30
N ALA B 237 17.20 5.53 9.64
CA ALA B 237 17.19 6.91 10.10
C ALA B 237 16.28 7.74 9.19
N GLY B 238 15.39 8.51 9.82
CA GLY B 238 14.52 9.43 9.10
C GLY B 238 13.29 8.77 8.47
N SER B 239 13.15 7.45 8.53
CA SER B 239 12.07 6.78 7.81
C SER B 239 10.88 6.50 8.72
N VAL B 240 9.71 6.30 8.11
CA VAL B 240 8.48 5.98 8.82
C VAL B 240 8.05 4.60 8.35
N ILE B 241 7.74 3.70 9.28
CA ILE B 241 7.22 2.39 8.87
C ILE B 241 6.01 1.99 9.73
N GLU B 242 5.07 1.31 9.08
CA GLU B 242 3.91 0.72 9.72
C GLU B 242 4.32 -0.68 10.18
N ILE B 243 4.04 -1.06 11.42
CA ILE B 243 4.65 -2.29 11.91
C ILE B 243 3.60 -3.36 12.19
N GLY B 244 2.33 -3.01 12.10
CA GLY B 244 1.27 -3.96 12.36
C GLY B 244 -0.01 -3.30 12.84
N GLU B 245 -1.12 -4.00 12.56
CA GLU B 245 -2.45 -3.53 12.82
C GLU B 245 -3.25 -4.68 13.41
N SER B 246 -4.17 -4.36 14.34
CA SER B 246 -4.92 -5.38 15.04
C SER B 246 -6.36 -4.94 15.25
N PHE B 247 -7.22 -5.94 15.45
CA PHE B 247 -8.55 -5.71 15.97
C PHE B 247 -8.59 -6.23 17.41
N ALA B 248 -9.19 -5.46 18.30
CA ALA B 248 -9.58 -5.94 19.61
C ALA B 248 -11.10 -5.93 19.69
N VAL B 249 -11.64 -6.88 20.42
CA VAL B 249 -13.08 -6.97 20.60
C VAL B 249 -13.36 -7.12 22.09
N VAL B 250 -14.05 -6.13 22.67
CA VAL B 250 -14.61 -6.29 23.99
C VAL B 250 -16.00 -6.92 23.81
N HIS B 251 -16.34 -7.89 24.66
CA HIS B 251 -17.55 -8.64 24.45
C HIS B 251 -18.09 -9.14 25.78
N PRO B 252 -19.43 -9.28 25.90
CA PRO B 252 -20.02 -10.09 26.96
C PRO B 252 -19.74 -11.54 26.60
N GLY B 253 -19.97 -12.42 27.56
CA GLY B 253 -19.97 -13.86 27.30
C GLY B 253 -18.60 -14.37 26.85
N ASP B 254 -18.62 -15.51 26.18
CA ASP B 254 -17.42 -16.29 25.94
C ASP B 254 -16.78 -15.96 24.58
N TYR B 255 -15.79 -16.78 24.23
CA TYR B 255 -14.98 -16.63 23.04
C TYR B 255 -15.82 -16.50 21.76
N TYR B 256 -17.01 -17.10 21.71
CA TYR B 256 -17.82 -17.00 20.51
C TYR B 256 -18.10 -15.53 20.18
N ASN B 257 -18.44 -14.74 21.19
CA ASN B 257 -18.79 -13.34 20.96
C ASN B 257 -17.57 -12.55 20.46
N GLY B 258 -16.40 -12.84 21.03
CA GLY B 258 -15.18 -12.17 20.59
C GLY B 258 -14.80 -12.54 19.16
N LEU B 259 -14.86 -13.84 18.85
CA LEU B 259 -14.50 -14.31 17.51
C LEU B 259 -15.50 -13.80 16.47
N ARG B 260 -16.78 -13.70 16.83
CA ARG B 260 -17.79 -13.16 15.92
C ARG B 260 -17.48 -11.68 15.66
N GLY B 261 -17.09 -10.95 16.70
CA GLY B 261 -16.62 -9.59 16.52
C GLY B 261 -15.47 -9.50 15.51
N TYR B 262 -14.52 -10.41 15.63
CA TYR B 262 -13.39 -10.45 14.72
C TYR B 262 -13.87 -10.74 13.30
N LYS B 263 -14.80 -11.68 13.13
CA LYS B 263 -15.37 -11.95 11.81
C LYS B 263 -15.95 -10.68 11.20
N ASN B 264 -16.75 -9.97 11.98
CA ASN B 264 -17.41 -8.75 11.52
C ASN B 264 -16.37 -7.71 11.15
N ALA B 265 -15.30 -7.58 11.96
CA ALA B 265 -14.23 -6.64 11.68
C ALA B 265 -13.53 -6.97 10.38
N MET B 266 -13.22 -8.26 10.20
CA MET B 266 -12.41 -8.72 9.09
C MET B 266 -13.15 -8.60 7.75
N ASP B 267 -14.50 -8.56 7.79
CA ASP B 267 -15.25 -8.21 6.59
C ASP B 267 -14.74 -6.90 5.97
N HIS B 268 -14.42 -5.93 6.82
CA HIS B 268 -13.98 -4.63 6.34
C HIS B 268 -12.63 -4.70 5.61
N LEU B 269 -11.83 -5.73 5.87
CA LEU B 269 -10.56 -5.90 5.18
C LEU B 269 -10.74 -6.81 3.96
N GLY B 270 -11.97 -7.27 3.71
CA GLY B 270 -12.24 -8.09 2.56
C GLY B 270 -12.05 -9.58 2.85
N VAL B 271 -11.87 -9.98 4.11
CA VAL B 271 -11.85 -11.41 4.39
C VAL B 271 -13.28 -11.79 4.78
N ILE B 272 -14.02 -12.25 3.77
CA ILE B 272 -15.46 -12.41 3.87
C ILE B 272 -15.79 -13.88 3.73
N MET B 273 -16.44 -14.44 4.76
CA MET B 273 -16.73 -15.86 4.76
C MET B 273 -17.99 -16.09 3.92
N PRO B 274 -18.23 -17.33 3.44
CA PRO B 274 -19.36 -17.57 2.53
C PRO B 274 -20.69 -17.24 3.19
N ALA B 275 -21.55 -16.56 2.45
CA ALA B 275 -22.87 -16.21 2.95
C ALA B 275 -23.76 -17.44 2.88
N PRO B 276 -24.73 -17.58 3.81
CA PRO B 276 -25.63 -18.74 3.85
C PRO B 276 -26.24 -19.09 2.51
N GLY B 277 -26.76 -18.08 1.80
CA GLY B 277 -27.43 -18.31 0.53
C GLY B 277 -26.52 -18.97 -0.52
N ASP B 278 -25.20 -18.88 -0.39
CA ASP B 278 -24.29 -19.41 -1.38
C ASP B 278 -23.71 -20.77 -0.94
N ILE B 279 -24.06 -21.30 0.21
CA ILE B 279 -23.48 -22.57 0.60
C ILE B 279 -24.27 -23.71 -0.03
N PRO B 280 -23.65 -24.67 -0.74
CA PRO B 280 -24.42 -25.71 -1.41
C PRO B 280 -25.17 -26.61 -0.42
N ASP B 281 -26.31 -27.13 -0.86
CA ASP B 281 -27.11 -28.04 -0.05
C ASP B 281 -26.29 -29.25 0.39
N SER B 282 -25.46 -29.77 -0.52
CA SER B 282 -24.69 -30.98 -0.27
C SER B 282 -23.62 -30.77 0.79
N SER B 283 -23.34 -29.52 1.20
CA SER B 283 -22.43 -29.24 2.30
C SER B 283 -23.11 -29.31 3.66
N TYR B 284 -24.39 -29.72 3.69
CA TYR B 284 -25.09 -29.96 4.96
C TYR B 284 -25.43 -31.44 5.12
N ASP B 285 -24.88 -32.31 4.27
CA ASP B 285 -25.34 -33.69 4.19
C ASP B 285 -24.56 -34.61 5.15
N LEU B 286 -25.28 -35.60 5.65
CA LEU B 286 -24.72 -36.67 6.49
C LEU B 286 -23.76 -37.50 5.63
N ARG B 287 -22.56 -37.72 6.15
CA ARG B 287 -21.46 -38.26 5.36
C ARG B 287 -20.80 -39.47 6.05
N TRP B 288 -20.43 -40.45 5.22
CA TRP B 288 -19.63 -41.57 5.63
C TRP B 288 -18.34 -41.57 4.82
N GLU B 289 -17.21 -41.78 5.48
CA GLU B 289 -15.90 -41.73 4.86
C GLU B 289 -15.27 -43.12 4.93
N SER B 290 -14.48 -43.45 3.90
N SER B 290 -14.44 -43.47 3.94
CA SER B 290 -14.13 -44.82 3.56
CA SER B 290 -13.74 -44.75 3.92
C SER B 290 -13.04 -45.40 4.45
C SER B 290 -12.59 -44.86 4.95
N TRP B 291 -13.13 -45.32 5.77
N TRP B 291 -12.34 -43.85 5.83
CA TRP B 291 -12.07 -45.85 6.61
CA TRP B 291 -11.11 -43.76 6.61
C TRP B 291 -12.45 -47.17 7.27
C TRP B 291 -11.04 -44.80 7.73
N GLY B 292 -13.56 -47.76 6.83
N GLY B 292 -12.18 -45.38 8.12
CA GLY B 292 -14.03 -48.99 7.40
CA GLY B 292 -12.21 -46.40 9.14
C GLY B 292 -12.98 -50.12 7.38
C GLY B 292 -11.43 -47.62 8.69
N TRP B 293 -11.99 -50.08 6.47
N TRP B 293 -11.31 -47.74 7.35
CA TRP B 293 -10.97 -51.12 6.40
CA TRP B 293 -10.62 -48.83 6.67
C TRP B 293 -9.56 -50.52 6.42
C TRP B 293 -9.12 -48.52 6.52
N GLY B 294 -9.43 -49.33 7.01
N GLY B 294 -8.75 -47.28 6.87
CA GLY B 294 -8.20 -48.55 6.90
CA GLY B 294 -7.41 -46.81 6.55
C GLY B 294 -7.76 -48.41 5.43
C GLY B 294 -7.07 -47.12 5.09
N PHE B 295 -6.45 -48.57 5.21
N PHE B 295 -5.98 -47.86 4.87
CA PHE B 295 -5.85 -48.39 3.89
CA PHE B 295 -5.44 -48.14 3.54
C PHE B 295 -6.16 -49.60 3.02
C PHE B 295 -6.04 -49.41 2.93
N ASN B 296 -6.81 -50.61 3.63
N ASN B 296 -6.90 -50.16 3.64
CA ASN B 296 -7.22 -51.78 2.90
CA ASN B 296 -7.25 -51.51 3.20
C ASN B 296 -8.65 -51.66 2.37
C ASN B 296 -8.60 -51.59 2.44
N TRP B 297 -9.19 -50.43 2.20
CA TRP B 297 -10.44 -50.35 1.45
C TRP B 297 -10.25 -50.85 0.03
N THR B 298 -11.35 -51.31 -0.57
CA THR B 298 -11.41 -51.56 -2.01
C THR B 298 -12.66 -50.85 -2.53
N ILE B 299 -12.70 -50.65 -3.85
CA ILE B 299 -13.89 -50.10 -4.47
C ILE B 299 -15.13 -50.92 -4.10
N ASP B 300 -15.01 -52.25 -4.18
CA ASP B 300 -16.18 -53.11 -3.99
C ASP B 300 -16.63 -53.14 -2.54
N LEU B 301 -15.71 -53.02 -1.58
CA LEU B 301 -16.07 -52.88 -0.18
C LEU B 301 -16.91 -51.61 0.04
N ILE B 302 -16.49 -50.51 -0.55
CA ILE B 302 -17.24 -49.26 -0.41
C ILE B 302 -18.61 -49.39 -1.08
N ILE B 303 -18.65 -49.92 -2.31
CA ILE B 303 -19.90 -50.04 -3.02
C ILE B 303 -20.85 -50.94 -2.22
N GLY B 304 -20.31 -52.00 -1.64
CA GLY B 304 -21.11 -52.93 -0.85
C GLY B 304 -21.78 -52.27 0.36
N LYS B 305 -21.30 -51.12 0.83
CA LYS B 305 -21.93 -50.45 1.95
C LYS B 305 -23.02 -49.46 1.51
N LEU B 306 -23.14 -49.18 0.21
CA LEU B 306 -23.94 -48.03 -0.19
C LEU B 306 -25.43 -48.24 0.05
N ASP B 307 -25.97 -49.47 -0.18
CA ASP B 307 -27.37 -49.72 0.06
C ASP B 307 -27.76 -49.38 1.51
N GLU B 308 -27.00 -49.89 2.47
CA GLU B 308 -27.35 -49.72 3.88
C GLU B 308 -27.14 -48.26 4.29
N LEU B 309 -26.08 -47.62 3.76
CA LEU B 309 -25.83 -46.22 4.08
C LEU B 309 -26.99 -45.35 3.57
N GLN B 310 -27.41 -45.63 2.33
CA GLN B 310 -28.52 -44.90 1.75
C GLN B 310 -29.77 -45.04 2.61
N ALA B 311 -30.12 -46.27 2.95
CA ALA B 311 -31.35 -46.54 3.71
C ALA B 311 -31.30 -45.83 5.06
N ALA B 312 -30.11 -45.63 5.64
CA ALA B 312 -30.02 -45.08 6.98
C ALA B 312 -29.97 -43.55 6.96
N GLY B 313 -29.80 -42.93 5.77
CA GLY B 313 -29.91 -41.49 5.65
C GLY B 313 -28.61 -40.77 5.23
N VAL B 314 -27.56 -41.54 4.93
CA VAL B 314 -26.32 -40.95 4.49
C VAL B 314 -26.46 -40.47 3.03
N LYS B 315 -25.92 -39.29 2.72
CA LYS B 315 -26.09 -38.66 1.42
C LYS B 315 -24.75 -38.28 0.78
N GLN B 316 -23.64 -38.67 1.43
CA GLN B 316 -22.32 -38.26 0.96
C GLN B 316 -21.26 -39.27 1.40
N ILE B 317 -20.29 -39.50 0.54
CA ILE B 317 -19.25 -40.51 0.71
C ILE B 317 -17.90 -39.88 0.39
N THR B 318 -16.93 -40.03 1.29
CA THR B 318 -15.55 -39.67 0.99
C THR B 318 -14.72 -40.92 0.69
N LEU B 319 -14.04 -40.89 -0.46
CA LEU B 319 -12.91 -41.75 -0.68
C LEU B 319 -11.70 -41.12 0.00
N ASP B 320 -11.26 -41.73 1.10
CA ASP B 320 -10.25 -41.15 1.95
C ASP B 320 -8.87 -41.58 1.46
N ASP B 321 -7.89 -41.52 2.37
CA ASP B 321 -6.49 -41.67 2.02
C ASP B 321 -6.22 -43.08 1.47
N GLY B 322 -5.17 -43.21 0.66
CA GLY B 322 -4.72 -44.49 0.14
C GLY B 322 -5.09 -44.72 -1.33
N TRP B 323 -5.68 -43.73 -2.04
CA TRP B 323 -6.19 -43.97 -3.39
C TRP B 323 -5.16 -43.69 -4.49
N TYR B 324 -4.05 -43.03 -4.16
CA TYR B 324 -3.20 -42.36 -5.14
C TYR B 324 -1.80 -42.99 -5.16
N THR B 325 -1.06 -42.72 -6.25
CA THR B 325 0.32 -43.15 -6.37
C THR B 325 1.18 -42.33 -5.43
N ASN B 326 1.19 -41.01 -5.64
CA ASN B 326 2.03 -40.07 -4.91
C ASN B 326 1.31 -38.74 -4.86
N ALA B 327 1.51 -38.00 -3.77
CA ALA B 327 1.12 -36.60 -3.72
C ALA B 327 1.76 -35.85 -4.90
N GLY B 328 1.15 -34.74 -5.29
CA GLY B 328 1.65 -33.94 -6.40
C GLY B 328 1.15 -34.49 -7.74
N ASP B 329 1.48 -35.77 -8.01
CA ASP B 329 0.97 -36.48 -9.16
C ASP B 329 -0.54 -36.68 -9.05
N TRP B 330 -0.97 -37.14 -7.88
CA TRP B 330 -2.36 -37.45 -7.62
C TRP B 330 -2.95 -38.28 -8.77
N ALA B 331 -2.25 -39.36 -9.13
CA ALA B 331 -2.73 -40.36 -10.06
C ALA B 331 -3.35 -41.53 -9.30
N LEU B 332 -4.27 -42.25 -9.98
CA LEU B 332 -4.92 -43.41 -9.41
C LEU B 332 -3.87 -44.47 -9.09
N ASN B 333 -3.89 -45.00 -7.86
CA ASN B 333 -3.07 -46.13 -7.49
C ASN B 333 -3.56 -47.38 -8.26
N PRO B 334 -2.70 -48.03 -9.06
CA PRO B 334 -3.12 -49.18 -9.85
C PRO B 334 -3.65 -50.36 -9.04
N GLU B 335 -3.15 -50.52 -7.81
CA GLU B 335 -3.65 -51.57 -6.93
C GLU B 335 -5.09 -51.31 -6.52
N LYS B 336 -5.48 -50.04 -6.37
CA LYS B 336 -6.84 -49.72 -5.98
C LYS B 336 -7.74 -49.54 -7.20
N PHE B 337 -7.15 -49.15 -8.33
CA PHE B 337 -7.88 -48.90 -9.56
C PHE B 337 -7.23 -49.71 -10.68
N PRO B 338 -7.30 -51.05 -10.65
CA PRO B 338 -6.66 -51.85 -11.69
C PRO B 338 -7.10 -51.52 -13.11
N ASN B 339 -8.32 -51.00 -13.29
CA ASN B 339 -8.80 -50.67 -14.63
C ASN B 339 -8.70 -49.18 -14.89
N GLY B 340 -8.00 -48.43 -14.03
CA GLY B 340 -7.77 -47.01 -14.28
C GLY B 340 -9.00 -46.17 -14.05
N ALA B 341 -9.22 -45.18 -14.91
CA ALA B 341 -10.25 -44.18 -14.69
C ALA B 341 -11.64 -44.82 -14.66
N SER B 342 -11.84 -45.89 -15.41
CA SER B 342 -13.15 -46.55 -15.45
C SER B 342 -13.51 -47.11 -14.08
N ASP B 343 -12.50 -47.47 -13.28
CA ASP B 343 -12.73 -47.91 -11.91
C ASP B 343 -13.17 -46.74 -11.02
N ALA B 344 -12.51 -45.58 -11.16
CA ALA B 344 -12.89 -44.40 -10.42
C ALA B 344 -14.35 -44.05 -10.73
N LEU B 345 -14.71 -44.14 -12.02
CA LEU B 345 -16.05 -43.81 -12.47
C LEU B 345 -17.07 -44.81 -11.94
N ARG B 346 -16.72 -46.10 -11.89
CA ARG B 346 -17.70 -47.06 -11.43
C ARG B 346 -17.98 -46.81 -9.96
N LEU B 347 -16.97 -46.30 -9.23
CA LEU B 347 -17.14 -45.95 -7.83
C LEU B 347 -18.06 -44.74 -7.70
N THR B 348 -17.73 -43.64 -8.39
CA THR B 348 -18.50 -42.41 -8.24
C THR B 348 -19.89 -42.58 -8.86
N ASP B 349 -20.03 -43.35 -9.94
CA ASP B 349 -21.35 -43.67 -10.47
C ASP B 349 -22.21 -44.40 -9.43
N ALA B 350 -21.63 -45.38 -8.75
CA ALA B 350 -22.37 -46.12 -7.74
C ALA B 350 -22.83 -45.18 -6.63
N ILE B 351 -21.93 -44.29 -6.21
CA ILE B 351 -22.27 -43.31 -5.19
C ILE B 351 -23.42 -42.43 -5.68
N HIS B 352 -23.33 -41.92 -6.92
CA HIS B 352 -24.37 -41.07 -7.49
C HIS B 352 -25.69 -41.82 -7.57
N GLU B 353 -25.63 -43.09 -7.98
CA GLU B 353 -26.84 -43.87 -8.17
C GLU B 353 -27.58 -44.09 -6.85
N HIS B 354 -26.89 -43.92 -5.71
CA HIS B 354 -27.53 -44.04 -4.40
C HIS B 354 -27.92 -42.67 -3.83
N GLY B 355 -27.98 -41.65 -4.69
CA GLY B 355 -28.43 -40.32 -4.30
C GLY B 355 -27.39 -39.54 -3.52
N MET B 356 -26.10 -39.87 -3.70
CA MET B 356 -25.06 -39.30 -2.87
C MET B 356 -24.07 -38.51 -3.71
N THR B 357 -23.36 -37.59 -3.06
CA THR B 357 -22.19 -36.97 -3.63
C THR B 357 -20.93 -37.70 -3.14
N ALA B 358 -19.87 -37.62 -3.96
CA ALA B 358 -18.61 -38.29 -3.74
C ALA B 358 -17.48 -37.26 -3.56
N LEU B 359 -16.71 -37.41 -2.49
CA LEU B 359 -15.59 -36.53 -2.18
C LEU B 359 -14.27 -37.31 -2.27
N LEU B 360 -13.19 -36.58 -2.54
CA LEU B 360 -11.86 -37.17 -2.69
C LEU B 360 -10.87 -36.50 -1.76
N TRP B 361 -10.11 -37.33 -1.05
CA TRP B 361 -9.06 -36.89 -0.14
C TRP B 361 -7.84 -36.42 -0.93
N TRP B 362 -7.22 -35.34 -0.46
CA TRP B 362 -5.93 -34.93 -0.97
C TRP B 362 -5.20 -34.13 0.08
N ARG B 363 -3.92 -33.87 -0.20
CA ARG B 363 -3.10 -32.99 0.62
C ARG B 363 -2.65 -31.83 -0.25
N PRO B 364 -3.38 -30.71 -0.27
CA PRO B 364 -2.90 -29.54 -1.03
C PRO B 364 -1.55 -29.08 -0.49
N CYS B 365 -0.74 -28.51 -1.39
CA CYS B 365 0.58 -27.97 -1.15
C CYS B 365 1.66 -29.05 -1.21
N ASP B 366 1.28 -30.34 -1.21
CA ASP B 366 2.25 -31.42 -1.20
C ASP B 366 2.53 -31.84 -2.65
N GLY B 367 3.76 -31.66 -3.09
CA GLY B 367 4.15 -32.03 -4.43
C GLY B 367 4.84 -33.40 -4.51
N GLY B 368 4.89 -34.11 -3.37
CA GLY B 368 5.47 -35.44 -3.30
C GLY B 368 6.99 -35.37 -3.14
N ILE B 369 7.62 -36.55 -3.10
CA ILE B 369 9.06 -36.65 -3.04
C ILE B 369 9.55 -37.49 -4.22
N ASP B 370 8.96 -38.67 -4.37
CA ASP B 370 9.24 -39.57 -5.48
C ASP B 370 8.24 -39.36 -6.61
N SER B 371 7.50 -38.24 -6.56
CA SER B 371 6.54 -37.92 -7.60
C SER B 371 7.27 -37.66 -8.93
N ILE B 372 6.54 -37.94 -10.02
CA ILE B 372 6.93 -37.47 -11.34
C ILE B 372 7.06 -35.94 -11.31
N LEU B 373 6.17 -35.28 -10.55
CA LEU B 373 6.14 -33.83 -10.46
C LEU B 373 7.50 -33.29 -9.99
N TYR B 374 8.03 -33.86 -8.90
CA TYR B 374 9.30 -33.40 -8.37
C TYR B 374 10.45 -33.77 -9.30
N GLN B 375 10.37 -34.95 -9.92
CA GLN B 375 11.40 -35.39 -10.84
C GLN B 375 11.48 -34.47 -12.07
N GLN B 376 10.33 -34.13 -12.64
CA GLN B 376 10.28 -33.35 -13.87
C GLN B 376 10.37 -31.85 -13.59
N HIS B 377 9.85 -31.36 -12.46
CA HIS B 377 9.71 -29.93 -12.25
C HIS B 377 10.10 -29.52 -10.83
N PRO B 378 11.38 -29.73 -10.43
CA PRO B 378 11.82 -29.30 -9.10
C PRO B 378 11.69 -27.78 -8.90
N GLU B 379 11.66 -27.02 -10.01
CA GLU B 379 11.55 -25.57 -9.96
C GLU B 379 10.20 -25.12 -9.39
N TYR B 380 9.20 -26.01 -9.35
CA TYR B 380 7.91 -25.67 -8.80
C TYR B 380 7.89 -25.66 -7.26
N PHE B 381 8.98 -26.12 -6.62
CA PHE B 381 8.94 -26.48 -5.20
C PHE B 381 9.64 -25.41 -4.37
N VAL B 382 9.31 -25.39 -3.08
CA VAL B 382 10.04 -24.54 -2.17
C VAL B 382 11.47 -25.07 -2.01
N MET B 383 12.40 -24.12 -1.99
CA MET B 383 13.81 -24.41 -1.76
C MET B 383 14.21 -23.79 -0.43
N ASP B 384 14.93 -24.57 0.41
CA ASP B 384 15.35 -24.08 1.72
C ASP B 384 16.63 -23.29 1.57
N ALA B 385 17.09 -22.74 2.68
CA ALA B 385 18.24 -21.85 2.68
C ALA B 385 19.50 -22.56 2.21
N ASP B 386 19.54 -23.89 2.26
CA ASP B 386 20.71 -24.62 1.79
C ASP B 386 20.56 -25.06 0.35
N GLY B 387 19.50 -24.65 -0.34
CA GLY B 387 19.36 -25.06 -1.74
C GLY B 387 18.67 -26.41 -1.90
N ARG B 388 18.14 -26.97 -0.81
CA ARG B 388 17.50 -28.28 -0.87
C ARG B 388 15.99 -28.13 -0.92
N PRO B 389 15.26 -29.12 -1.46
CA PRO B 389 13.81 -29.09 -1.48
C PRO B 389 13.27 -29.07 -0.06
N ALA B 390 12.33 -28.18 0.26
CA ALA B 390 11.82 -28.06 1.63
C ALA B 390 10.61 -28.96 1.83
N ARG B 391 10.61 -29.73 2.91
CA ARG B 391 9.48 -30.55 3.26
C ARG B 391 8.37 -29.69 3.85
N LEU B 392 7.12 -30.14 3.71
CA LEU B 392 6.01 -29.55 4.45
C LEU B 392 6.24 -29.80 5.94
N PRO B 393 6.13 -28.73 6.77
CA PRO B 393 6.32 -28.88 8.21
C PRO B 393 5.09 -29.32 9.00
N THR B 394 5.33 -30.08 10.05
CA THR B 394 4.32 -30.29 11.08
C THR B 394 4.24 -29.04 11.96
N PRO B 395 3.16 -28.88 12.73
CA PRO B 395 3.04 -27.75 13.66
C PRO B 395 4.22 -27.58 14.58
N GLY B 396 4.81 -26.39 14.57
CA GLY B 396 5.95 -26.10 15.42
C GLY B 396 7.26 -26.53 14.80
N GLY B 397 7.23 -27.20 13.65
CA GLY B 397 8.45 -27.57 12.96
C GLY B 397 8.59 -29.11 12.90
N GLY B 398 9.59 -29.58 12.20
CA GLY B 398 9.69 -31.01 11.94
C GLY B 398 8.84 -31.38 10.73
N THR B 399 8.98 -32.65 10.30
CA THR B 399 8.10 -33.19 9.28
C THR B 399 7.82 -34.62 9.69
N ASN B 400 7.20 -35.39 8.79
CA ASN B 400 7.04 -36.82 9.00
C ASN B 400 6.97 -37.50 7.64
N PRO B 401 7.14 -38.85 7.63
CA PRO B 401 7.34 -39.58 6.40
C PRO B 401 6.20 -39.49 5.41
N SER B 402 5.00 -39.11 5.86
CA SER B 402 3.89 -39.07 4.95
C SER B 402 3.79 -37.72 4.20
N LEU B 403 4.62 -36.72 4.61
CA LEU B 403 4.58 -35.38 4.04
C LEU B 403 5.69 -35.21 3.02
N GLY B 404 5.33 -34.75 1.82
CA GLY B 404 6.33 -34.57 0.78
C GLY B 404 6.95 -33.16 0.80
N TYR B 405 7.57 -32.81 -0.33
CA TYR B 405 8.14 -31.48 -0.53
C TYR B 405 7.03 -30.48 -0.80
N ALA B 406 7.18 -29.28 -0.25
CA ALA B 406 6.22 -28.19 -0.41
C ALA B 406 6.29 -27.61 -1.82
N LEU B 407 5.12 -27.47 -2.43
CA LEU B 407 4.95 -26.65 -3.64
C LEU B 407 4.99 -25.17 -3.28
N CYS B 408 5.75 -24.40 -4.06
CA CYS B 408 5.79 -22.97 -3.80
C CYS B 408 4.54 -22.31 -4.38
N PRO B 409 3.73 -21.61 -3.56
CA PRO B 409 2.48 -21.04 -4.04
C PRO B 409 2.64 -19.94 -5.08
N MET B 410 3.85 -19.44 -5.27
CA MET B 410 4.10 -18.43 -6.27
C MET B 410 4.66 -19.03 -7.56
N ALA B 411 4.82 -20.35 -7.61
CA ALA B 411 5.26 -20.98 -8.85
C ALA B 411 4.00 -21.36 -9.64
N ASP B 412 3.86 -20.76 -10.83
CA ASP B 412 2.69 -20.98 -11.67
C ASP B 412 2.46 -22.48 -11.92
N GLY B 413 3.54 -23.21 -12.22
CA GLY B 413 3.46 -24.65 -12.44
C GLY B 413 2.98 -25.43 -11.23
N ALA B 414 3.32 -24.96 -10.02
CA ALA B 414 2.84 -25.60 -8.80
C ALA B 414 1.32 -25.45 -8.71
N ILE B 415 0.85 -24.22 -8.90
CA ILE B 415 -0.57 -23.94 -8.80
C ILE B 415 -1.31 -24.75 -9.86
N ALA B 416 -0.78 -24.75 -11.07
CA ALA B 416 -1.42 -25.44 -12.17
C ALA B 416 -1.55 -26.94 -11.88
N SER B 417 -0.56 -27.53 -11.17
CA SER B 417 -0.62 -28.94 -10.84
C SER B 417 -1.80 -29.21 -9.90
N GLN B 418 -2.12 -28.26 -9.02
CA GLN B 418 -3.27 -28.41 -8.13
C GLN B 418 -4.57 -28.29 -8.92
N VAL B 419 -4.65 -27.28 -9.81
CA VAL B 419 -5.80 -27.09 -10.67
C VAL B 419 -6.02 -28.35 -11.55
N ASP B 420 -4.95 -28.91 -12.12
CA ASP B 420 -5.05 -30.07 -13.00
C ASP B 420 -5.62 -31.28 -12.26
N PHE B 421 -5.21 -31.47 -11.00
CA PHE B 421 -5.77 -32.48 -10.14
C PHE B 421 -7.28 -32.28 -9.96
N VAL B 422 -7.68 -31.06 -9.61
CA VAL B 422 -9.10 -30.76 -9.41
C VAL B 422 -9.90 -31.12 -10.67
N ASN B 423 -9.39 -30.71 -11.83
CA ASN B 423 -10.11 -30.92 -13.08
C ASN B 423 -10.20 -32.41 -13.43
N ARG B 424 -9.12 -33.16 -13.19
CA ARG B 424 -9.14 -34.59 -13.43
C ARG B 424 -10.14 -35.28 -12.49
N ALA B 425 -10.04 -35.01 -11.20
CA ALA B 425 -10.90 -35.68 -10.22
C ALA B 425 -12.37 -35.39 -10.50
N MET B 426 -12.69 -34.15 -10.87
CA MET B 426 -14.10 -33.80 -11.11
C MET B 426 -14.55 -34.29 -12.49
N ASN B 427 -13.78 -33.96 -13.55
CA ASN B 427 -14.25 -34.16 -14.90
C ASN B 427 -13.94 -35.54 -15.45
N ASP B 428 -12.86 -36.18 -14.99
CA ASP B 428 -12.53 -37.52 -15.47
C ASP B 428 -13.08 -38.60 -14.54
N TRP B 429 -13.12 -38.33 -13.23
CA TRP B 429 -13.45 -39.40 -12.27
C TRP B 429 -14.81 -39.24 -11.63
N GLY B 430 -15.43 -38.05 -11.81
CA GLY B 430 -16.81 -37.81 -11.40
C GLY B 430 -16.96 -37.46 -9.92
N PHE B 431 -15.90 -36.94 -9.28
CA PHE B 431 -16.01 -36.50 -7.90
C PHE B 431 -16.68 -35.13 -7.81
N ASP B 432 -17.30 -34.89 -6.66
CA ASP B 432 -18.15 -33.72 -6.43
C ASP B 432 -17.54 -32.78 -5.40
N GLY B 433 -16.32 -33.07 -4.98
CA GLY B 433 -15.68 -32.21 -3.99
C GLY B 433 -14.48 -32.89 -3.34
N PHE B 434 -13.90 -32.19 -2.37
CA PHE B 434 -12.56 -32.47 -1.91
C PHE B 434 -12.46 -32.31 -0.41
N LYS B 435 -11.67 -33.22 0.16
CA LYS B 435 -11.29 -33.19 1.56
C LYS B 435 -9.78 -33.10 1.60
N GLY B 436 -9.28 -31.88 1.81
CA GLY B 436 -7.86 -31.66 2.04
C GLY B 436 -7.51 -31.97 3.49
N ALA B 437 -6.34 -32.56 3.71
CA ALA B 437 -5.96 -32.94 5.06
C ALA B 437 -4.45 -33.07 5.21
N TYR B 438 -4.02 -33.00 6.47
CA TYR B 438 -2.68 -33.37 6.88
C TYR B 438 -1.66 -32.45 6.19
N VAL B 439 -1.97 -31.15 6.25
CA VAL B 439 -1.04 -30.12 5.89
C VAL B 439 -1.22 -28.96 6.86
N TRP B 440 -0.13 -28.26 7.14
CA TRP B 440 -0.14 -27.15 8.08
C TRP B 440 0.47 -25.92 7.41
N SER B 441 1.63 -25.43 7.87
CA SER B 441 2.17 -24.22 7.31
C SER B 441 3.02 -24.56 6.08
N MET B 442 3.69 -23.52 5.59
CA MET B 442 4.40 -23.51 4.32
C MET B 442 5.79 -22.97 4.61
N PRO B 443 6.87 -23.72 4.27
CA PRO B 443 8.21 -23.25 4.57
C PRO B 443 8.58 -22.04 3.71
N GLU B 444 9.55 -21.26 4.21
CA GLU B 444 10.13 -20.15 3.51
C GLU B 444 10.90 -20.65 2.30
N CYS B 445 10.91 -19.82 1.26
CA CYS B 445 11.46 -20.22 -0.03
C CYS B 445 12.65 -19.34 -0.43
N TYR B 446 13.75 -20.01 -0.78
CA TYR B 446 14.99 -19.37 -1.20
C TYR B 446 15.34 -19.68 -2.64
N ASN B 447 14.39 -20.17 -3.42
CA ASN B 447 14.69 -20.46 -4.82
C ASN B 447 14.87 -19.14 -5.58
N PRO B 448 16.10 -18.83 -6.08
CA PRO B 448 16.32 -17.54 -6.75
C PRO B 448 15.48 -17.39 -8.03
N ALA B 449 15.15 -18.50 -8.68
CA ALA B 449 14.31 -18.46 -9.86
C ALA B 449 12.91 -17.94 -9.56
N HIS B 450 12.47 -17.96 -8.29
CA HIS B 450 11.15 -17.47 -7.97
C HIS B 450 11.18 -15.95 -7.75
N ASN B 451 12.37 -15.36 -7.55
CA ASN B 451 12.50 -13.92 -7.35
C ASN B 451 11.60 -13.43 -6.22
N HIS B 452 11.65 -14.11 -5.08
CA HIS B 452 10.81 -13.71 -3.98
C HIS B 452 11.24 -12.34 -3.43
N ALA B 453 10.27 -11.55 -2.99
CA ALA B 453 10.50 -10.31 -2.25
C ALA B 453 11.39 -10.60 -1.03
N SER B 454 10.97 -11.60 -0.25
CA SER B 454 11.72 -12.11 0.87
C SER B 454 11.32 -13.57 1.05
N PRO B 455 12.05 -14.37 1.85
CA PRO B 455 11.75 -15.81 1.96
C PRO B 455 10.39 -16.15 2.54
N GLU B 456 9.85 -15.27 3.40
CA GLU B 456 8.54 -15.47 4.02
C GLU B 456 7.40 -15.41 3.02
N GLU B 457 7.68 -14.94 1.81
CA GLU B 457 6.63 -14.76 0.84
C GLU B 457 5.89 -16.07 0.52
N SER B 458 6.61 -17.19 0.47
CA SER B 458 5.94 -18.47 0.26
C SER B 458 4.92 -18.73 1.38
N THR B 459 5.36 -18.55 2.63
CA THR B 459 4.52 -18.77 3.79
C THR B 459 3.27 -17.88 3.70
N GLU B 460 3.48 -16.60 3.38
CA GLU B 460 2.39 -15.62 3.32
C GLU B 460 1.36 -15.99 2.25
N LYS B 461 1.84 -16.59 1.14
CA LYS B 461 1.00 -16.81 -0.02
C LYS B 461 0.43 -18.22 -0.08
N GLN B 462 0.61 -19.01 0.99
CA GLN B 462 0.15 -20.38 1.02
C GLN B 462 -1.33 -20.44 0.61
N SER B 463 -2.14 -19.52 1.10
CA SER B 463 -3.59 -19.58 0.87
C SER B 463 -3.96 -19.40 -0.61
N GLU B 464 -3.04 -18.91 -1.44
CA GLU B 464 -3.27 -18.87 -2.88
C GLU B 464 -3.56 -20.26 -3.44
N ILE B 465 -2.91 -21.29 -2.88
CA ILE B 465 -3.18 -22.64 -3.32
C ILE B 465 -4.64 -22.99 -3.07
N TYR B 466 -5.15 -22.64 -1.90
CA TYR B 466 -6.51 -22.97 -1.51
C TYR B 466 -7.49 -22.17 -2.38
N ARG B 467 -7.22 -20.88 -2.57
CA ARG B 467 -8.10 -20.03 -3.35
C ARG B 467 -8.20 -20.52 -4.79
N VAL B 468 -7.07 -20.72 -5.44
CA VAL B 468 -7.05 -21.02 -6.86
C VAL B 468 -7.66 -22.41 -7.10
N SER B 469 -7.33 -23.39 -6.23
CA SER B 469 -7.93 -24.72 -6.28
C SER B 469 -9.45 -24.63 -6.20
N TYR B 470 -9.94 -23.89 -5.20
CA TYR B 470 -11.38 -23.78 -5.00
C TYR B 470 -12.04 -23.11 -6.21
N GLU B 471 -11.42 -22.08 -6.76
CA GLU B 471 -12.00 -21.39 -7.90
C GLU B 471 -12.11 -22.35 -9.08
N ALA B 472 -11.13 -23.24 -9.24
CA ALA B 472 -11.19 -24.23 -10.31
C ALA B 472 -12.32 -25.22 -10.05
N MET B 473 -12.46 -25.65 -8.79
CA MET B 473 -13.54 -26.54 -8.39
C MET B 473 -14.91 -25.96 -8.74
N VAL B 474 -15.12 -24.69 -8.38
CA VAL B 474 -16.38 -24.01 -8.59
C VAL B 474 -16.68 -23.88 -10.09
N ALA B 475 -15.65 -23.66 -10.91
CA ALA B 475 -15.88 -23.56 -12.34
C ALA B 475 -16.45 -24.86 -12.90
N ASN B 476 -16.06 -25.99 -12.32
CA ASN B 476 -16.59 -27.28 -12.78
C ASN B 476 -18.01 -27.48 -12.26
N ASP B 477 -18.25 -27.08 -11.00
CA ASP B 477 -19.54 -27.26 -10.38
C ASP B 477 -19.69 -26.24 -9.25
N PRO B 478 -20.65 -25.30 -9.35
CA PRO B 478 -20.81 -24.29 -8.30
C PRO B 478 -21.21 -24.90 -6.96
N ASN B 479 -21.73 -26.14 -6.96
CA ASN B 479 -22.14 -26.81 -5.72
C ASN B 479 -21.06 -27.72 -5.15
N VAL B 480 -19.83 -27.62 -5.69
CA VAL B 480 -18.72 -28.42 -5.22
C VAL B 480 -18.51 -28.25 -3.71
N PHE B 481 -18.13 -29.34 -3.06
CA PHE B 481 -17.82 -29.36 -1.65
C PHE B 481 -16.33 -29.14 -1.47
N ASN B 482 -15.95 -28.37 -0.46
CA ASN B 482 -14.54 -28.15 -0.18
C ASN B 482 -14.31 -28.01 1.32
N LEU B 483 -13.34 -28.79 1.81
CA LEU B 483 -12.97 -28.80 3.22
C LEU B 483 -11.46 -28.98 3.32
N LEU B 484 -10.87 -28.34 4.33
CA LEU B 484 -9.45 -28.48 4.63
C LEU B 484 -9.28 -28.72 6.11
N CYS B 485 -8.58 -29.81 6.44
CA CYS B 485 -8.26 -30.17 7.81
C CYS B 485 -6.77 -29.96 8.05
N ASN B 486 -6.41 -28.89 8.75
CA ASN B 486 -5.06 -28.71 9.26
C ASN B 486 -4.99 -29.48 10.57
N CYS B 487 -5.00 -30.82 10.41
CA CYS B 487 -5.41 -31.78 11.43
C CYS B 487 -4.75 -31.47 12.78
N GLY B 488 -5.54 -31.34 13.83
CA GLY B 488 -5.03 -31.26 15.21
C GLY B 488 -4.63 -29.84 15.62
N THR B 489 -4.97 -28.86 14.77
CA THR B 489 -4.72 -27.45 15.02
C THR B 489 -5.94 -26.67 14.54
N PRO B 490 -6.07 -25.38 14.93
CA PRO B 490 -7.11 -24.53 14.35
C PRO B 490 -6.78 -24.36 12.87
N GLN B 491 -7.83 -24.32 12.05
CA GLN B 491 -7.66 -24.24 10.61
C GLN B 491 -6.94 -22.96 10.21
N ASP B 492 -6.20 -23.05 9.09
CA ASP B 492 -5.56 -21.90 8.50
C ASP B 492 -6.64 -20.86 8.19
N TYR B 493 -6.58 -19.72 8.89
CA TYR B 493 -7.63 -18.73 8.80
C TYR B 493 -7.84 -18.28 7.37
N TYR B 494 -6.75 -18.15 6.62
CA TYR B 494 -6.82 -17.57 5.28
C TYR B 494 -7.28 -18.60 4.25
N SER B 495 -7.45 -19.87 4.66
CA SER B 495 -8.12 -20.86 3.84
C SER B 495 -9.64 -20.76 3.97
N LEU B 496 -10.12 -20.18 5.08
CA LEU B 496 -11.51 -20.30 5.47
C LEU B 496 -12.46 -19.73 4.42
N PRO B 497 -12.15 -18.63 3.73
CA PRO B 497 -13.06 -18.09 2.72
C PRO B 497 -13.35 -19.03 1.56
N TYR B 498 -12.57 -20.10 1.39
CA TYR B 498 -12.71 -20.95 0.23
C TYR B 498 -13.31 -22.30 0.59
N MET B 499 -13.92 -22.40 1.77
CA MET B 499 -14.46 -23.67 2.25
C MET B 499 -16.00 -23.69 2.12
N THR B 500 -16.58 -24.91 2.06
CA THR B 500 -18.01 -25.09 2.19
C THR B 500 -18.38 -25.82 3.48
N GLN B 501 -17.37 -26.37 4.18
CA GLN B 501 -17.58 -27.06 5.45
C GLN B 501 -16.28 -27.06 6.24
N ILE B 502 -16.39 -26.97 7.57
CA ILE B 502 -15.25 -27.12 8.45
C ILE B 502 -15.42 -28.36 9.32
N ALA B 503 -14.32 -29.11 9.45
CA ALA B 503 -14.25 -30.18 10.45
C ALA B 503 -13.52 -29.63 11.66
N THR B 504 -13.87 -30.17 12.84
CA THR B 504 -13.19 -29.72 14.04
C THR B 504 -11.72 -30.18 14.05
N ALA B 505 -11.36 -31.10 13.14
CA ALA B 505 -9.97 -31.32 12.70
C ALA B 505 -9.22 -32.30 13.60
N ASP B 506 -9.63 -33.57 13.55
CA ASP B 506 -9.05 -34.62 14.39
C ASP B 506 -9.12 -34.22 15.87
N PRO B 507 -10.29 -33.85 16.39
CA PRO B 507 -10.43 -33.60 17.82
C PRO B 507 -10.15 -34.94 18.54
N THR B 508 -9.58 -34.83 19.75
CA THR B 508 -9.21 -35.99 20.51
C THR B 508 -10.08 -36.14 21.76
N SER B 509 -11.12 -35.32 21.88
CA SER B 509 -12.06 -35.45 22.99
C SER B 509 -13.37 -34.77 22.59
N VAL B 510 -14.42 -35.09 23.31
CA VAL B 510 -15.69 -34.40 23.17
C VAL B 510 -15.54 -32.91 23.46
N ASP B 511 -14.66 -32.58 24.40
CA ASP B 511 -14.41 -31.18 24.72
C ASP B 511 -13.86 -30.45 23.49
N GLN B 512 -12.87 -31.05 22.83
CA GLN B 512 -12.26 -30.41 21.67
C GLN B 512 -13.31 -30.26 20.57
N THR B 513 -14.06 -31.32 20.26
CA THR B 513 -14.93 -31.22 19.09
C THR B 513 -16.04 -30.20 19.35
N ARG B 514 -16.63 -30.23 20.54
CA ARG B 514 -17.81 -29.38 20.74
C ARG B 514 -17.39 -27.91 20.83
N ARG B 515 -16.31 -27.63 21.57
CA ARG B 515 -15.89 -26.24 21.75
C ARG B 515 -15.42 -25.65 20.42
N ARG B 516 -14.86 -26.49 19.56
CA ARG B 516 -14.42 -26.02 18.27
C ARG B 516 -15.59 -25.73 17.34
N VAL B 517 -16.68 -26.50 17.44
CA VAL B 517 -17.87 -26.18 16.66
C VAL B 517 -18.25 -24.73 16.93
N LYS B 518 -18.26 -24.34 18.19
CA LYS B 518 -18.68 -22.99 18.55
C LYS B 518 -17.70 -21.96 17.99
N ALA B 519 -16.39 -22.25 18.05
CA ALA B 519 -15.40 -21.32 17.54
C ALA B 519 -15.57 -21.10 16.03
N TYR B 520 -15.78 -22.20 15.29
CA TYR B 520 -15.89 -22.09 13.85
C TYR B 520 -17.19 -21.40 13.45
N LYS B 521 -18.30 -21.69 14.17
CA LYS B 521 -19.53 -20.96 13.94
C LYS B 521 -19.33 -19.46 14.13
N ALA B 522 -18.58 -19.09 15.19
CA ALA B 522 -18.33 -17.69 15.46
C ALA B 522 -17.62 -17.02 14.28
N LEU B 523 -16.59 -17.68 13.76
CA LEU B 523 -15.75 -17.11 12.71
C LEU B 523 -16.41 -17.17 11.33
N MET B 524 -17.29 -18.17 11.09
CA MET B 524 -17.74 -18.47 9.75
C MET B 524 -19.20 -18.07 9.50
N GLY B 525 -19.98 -17.90 10.56
CA GLY B 525 -21.40 -17.64 10.45
C GLY B 525 -22.23 -18.78 11.03
N ASP B 526 -23.41 -18.42 11.53
CA ASP B 526 -24.24 -19.34 12.30
C ASP B 526 -24.83 -20.44 11.45
N TYR B 527 -24.86 -20.26 10.13
CA TYR B 527 -25.36 -21.27 9.22
C TYR B 527 -24.23 -21.96 8.46
N PHE B 528 -22.99 -21.67 8.81
CA PHE B 528 -21.89 -22.28 8.08
C PHE B 528 -21.74 -23.73 8.54
N PRO B 529 -21.68 -24.72 7.61
CA PRO B 529 -21.61 -26.12 8.01
C PRO B 529 -20.32 -26.45 8.74
N VAL B 530 -20.49 -27.08 9.91
CA VAL B 530 -19.37 -27.61 10.67
C VAL B 530 -19.69 -29.07 11.00
N THR B 531 -18.69 -29.95 10.89
CA THR B 531 -18.82 -31.32 11.37
C THR B 531 -17.98 -31.52 12.63
N ALA B 532 -18.55 -32.30 13.56
CA ALA B 532 -17.87 -32.70 14.79
C ALA B 532 -16.84 -33.81 14.56
N ASP B 533 -16.68 -34.28 13.33
CA ASP B 533 -15.65 -35.24 12.95
C ASP B 533 -15.99 -36.63 13.53
N HIS B 534 -15.11 -37.62 13.27
CA HIS B 534 -15.40 -39.01 13.58
C HIS B 534 -14.26 -39.73 14.30
N ASN B 535 -13.35 -38.96 14.89
CA ASN B 535 -12.22 -39.56 15.60
C ASN B 535 -12.68 -40.47 16.73
N ASN B 536 -13.72 -40.07 17.45
CA ASN B 536 -14.37 -40.94 18.40
C ASN B 536 -15.88 -40.89 18.11
N ILE B 537 -16.60 -41.88 18.61
CA ILE B 537 -18.03 -41.93 18.43
C ILE B 537 -18.67 -41.03 19.49
N TRP B 538 -19.27 -39.94 19.04
CA TRP B 538 -19.90 -38.96 19.92
C TRP B 538 -21.12 -38.37 19.25
N TYR B 539 -22.08 -39.23 18.88
CA TYR B 539 -23.23 -38.79 18.12
C TYR B 539 -24.02 -37.69 18.86
N PRO B 540 -24.22 -37.77 20.19
CA PRO B 540 -24.91 -36.70 20.90
C PRO B 540 -24.21 -35.35 20.81
N SER B 541 -22.88 -35.37 20.84
CA SER B 541 -22.08 -34.16 20.67
C SER B 541 -22.29 -33.58 19.28
N ALA B 542 -22.34 -34.44 18.27
CA ALA B 542 -22.47 -34.00 16.89
C ALA B 542 -23.83 -33.33 16.67
N VAL B 543 -24.90 -33.94 17.20
CA VAL B 543 -26.24 -33.44 16.95
C VAL B 543 -26.47 -32.14 17.73
N GLY B 544 -26.19 -32.15 19.03
CA GLY B 544 -26.56 -31.05 19.90
C GLY B 544 -25.80 -29.75 19.65
N THR B 545 -24.60 -29.83 19.06
CA THR B 545 -23.84 -28.63 18.71
C THR B 545 -24.29 -28.04 17.39
N GLY B 546 -25.25 -28.68 16.71
CA GLY B 546 -25.69 -28.19 15.40
C GLY B 546 -24.65 -28.53 14.31
N SER B 547 -23.91 -29.61 14.49
CA SER B 547 -22.90 -29.99 13.52
C SER B 547 -23.45 -31.08 12.60
N VAL B 548 -22.74 -31.27 11.47
CA VAL B 548 -22.99 -32.37 10.55
C VAL B 548 -22.37 -33.65 11.12
N LEU B 549 -23.22 -34.67 11.33
CA LEU B 549 -22.79 -35.95 11.87
C LEU B 549 -22.12 -36.80 10.79
N ILE B 550 -20.84 -37.12 11.00
CA ILE B 550 -20.13 -37.99 10.07
C ILE B 550 -19.60 -39.21 10.82
N GLU B 551 -19.18 -40.20 10.02
CA GLU B 551 -18.75 -41.50 10.48
C GLU B 551 -17.78 -42.07 9.45
N LYS B 552 -16.95 -43.03 9.89
CA LYS B 552 -15.96 -43.63 9.01
C LYS B 552 -15.85 -45.14 9.20
N ARG B 553 -16.54 -45.70 10.19
CA ARG B 553 -16.31 -47.08 10.58
C ARG B 553 -17.24 -48.02 9.82
N ASP B 554 -16.79 -49.25 9.67
CA ASP B 554 -17.63 -50.32 9.19
C ASP B 554 -18.29 -51.00 10.39
N LEU B 555 -19.52 -50.65 10.71
CA LEU B 555 -20.13 -51.01 11.97
C LEU B 555 -21.02 -52.25 11.83
N SER B 556 -21.12 -53.01 12.92
CA SER B 556 -22.10 -54.06 12.97
C SER B 556 -22.71 -54.14 14.36
N GLY B 557 -23.72 -54.99 14.52
CA GLY B 557 -24.34 -55.22 15.81
C GLY B 557 -24.89 -53.94 16.41
N THR B 558 -24.73 -53.77 17.72
CA THR B 558 -25.37 -52.66 18.39
C THR B 558 -24.72 -51.35 17.98
N ALA B 559 -23.44 -51.34 17.57
CA ALA B 559 -22.81 -50.09 17.18
C ALA B 559 -23.42 -49.58 15.88
N LYS B 560 -23.72 -50.50 14.97
CA LYS B 560 -24.45 -50.18 13.77
C LYS B 560 -25.85 -49.65 14.10
N GLU B 561 -26.58 -50.32 15.02
CA GLU B 561 -27.89 -49.84 15.43
C GLU B 561 -27.80 -48.43 16.00
N GLU B 562 -26.77 -48.17 16.79
CA GLU B 562 -26.58 -46.87 17.39
C GLU B 562 -26.36 -45.79 16.32
N TYR B 563 -25.56 -46.10 15.28
CA TYR B 563 -25.32 -45.17 14.18
C TYR B 563 -26.65 -44.90 13.44
N GLU B 564 -27.40 -45.96 13.14
CA GLU B 564 -28.69 -45.82 12.47
C GLU B 564 -29.64 -44.95 13.30
N LYS B 565 -29.65 -45.16 14.61
CA LYS B 565 -30.50 -44.40 15.50
C LYS B 565 -30.14 -42.93 15.38
N TRP B 566 -28.84 -42.62 15.42
CA TRP B 566 -28.42 -41.23 15.51
C TRP B 566 -28.48 -40.52 14.16
N LEU B 567 -28.30 -41.28 13.07
CA LEU B 567 -28.59 -40.78 11.74
C LEU B 567 -30.06 -40.34 11.69
N GLY B 568 -30.95 -41.20 12.22
CA GLY B 568 -32.37 -40.94 12.25
C GLY B 568 -32.68 -39.62 12.97
N ILE B 569 -32.06 -39.45 14.16
CA ILE B 569 -32.27 -38.24 14.94
C ILE B 569 -31.75 -37.02 14.15
N ALA B 570 -30.51 -37.11 13.63
CA ALA B 570 -29.88 -35.99 12.95
C ALA B 570 -30.69 -35.60 11.71
N ASP B 571 -31.24 -36.60 11.05
CA ASP B 571 -31.98 -36.39 9.83
C ASP B 571 -33.39 -35.89 10.13
N THR B 572 -33.85 -36.01 11.38
CA THR B 572 -35.16 -35.51 11.78
C THR B 572 -35.03 -34.06 12.23
N VAL B 573 -34.14 -33.75 13.18
CA VAL B 573 -34.09 -32.40 13.70
C VAL B 573 -33.27 -31.48 12.80
N GLN B 574 -32.27 -32.05 12.10
CA GLN B 574 -31.49 -31.32 11.11
C GLN B 574 -30.93 -30.03 11.68
N LEU B 575 -30.33 -30.11 12.86
CA LEU B 575 -29.77 -28.93 13.50
C LEU B 575 -28.52 -28.44 12.74
N GLN B 576 -27.94 -29.30 11.90
CA GLN B 576 -26.81 -28.88 11.07
C GLN B 576 -27.20 -27.76 10.09
N LYS B 577 -28.49 -27.64 9.78
CA LYS B 577 -28.99 -26.60 8.92
C LYS B 577 -29.62 -25.45 9.71
N GLY B 578 -29.63 -25.57 11.04
CA GLY B 578 -30.28 -24.55 11.86
C GLY B 578 -29.35 -23.38 12.17
N ARG B 579 -29.93 -22.34 12.76
CA ARG B 579 -29.15 -21.18 13.16
C ARG B 579 -28.50 -21.46 14.51
N PHE B 580 -27.18 -21.69 14.49
CA PHE B 580 -26.41 -21.80 15.73
C PHE B 580 -26.52 -20.49 16.51
N ILE B 581 -26.73 -20.61 17.82
CA ILE B 581 -26.83 -19.47 18.70
C ILE B 581 -25.77 -19.59 19.79
N GLY B 582 -24.78 -18.71 19.75
CA GLY B 582 -23.59 -18.86 20.58
C GLY B 582 -23.53 -17.83 21.70
N ASP B 583 -24.49 -16.90 21.76
CA ASP B 583 -24.38 -15.76 22.65
C ASP B 583 -25.25 -15.88 23.90
N LEU B 584 -25.88 -17.03 24.14
CA LEU B 584 -26.77 -17.13 25.31
C LEU B 584 -26.05 -17.74 26.51
N TYR B 585 -25.10 -18.65 26.23
CA TYR B 585 -24.38 -19.38 27.26
C TYR B 585 -22.88 -19.16 27.08
N SER B 586 -22.20 -19.05 28.23
CA SER B 586 -20.76 -18.82 28.29
C SER B 586 -20.07 -20.09 28.79
N TYR B 587 -19.27 -20.69 27.90
CA TYR B 587 -18.50 -21.86 28.23
C TYR B 587 -17.62 -21.60 29.44
N GLY B 588 -17.81 -22.44 30.46
CA GLY B 588 -16.99 -22.43 31.64
C GLY B 588 -17.59 -21.58 32.77
N PHE B 589 -18.69 -20.87 32.47
CA PHE B 589 -19.31 -19.99 33.46
C PHE B 589 -20.77 -20.37 33.69
N ASP B 590 -21.53 -20.64 32.63
CA ASP B 590 -22.81 -21.27 32.81
C ASP B 590 -22.59 -22.67 33.38
N PRO B 591 -23.57 -23.21 34.11
CA PRO B 591 -23.34 -24.40 34.91
C PRO B 591 -22.97 -25.64 34.08
N TYR B 592 -23.50 -25.74 32.87
CA TYR B 592 -23.15 -26.81 31.95
C TYR B 592 -22.54 -26.21 30.70
N GLU B 593 -21.66 -27.00 30.10
CA GLU B 593 -21.31 -26.79 28.70
C GLU B 593 -22.57 -26.90 27.86
N THR B 594 -22.98 -25.78 27.21
CA THR B 594 -24.29 -25.67 26.59
C THR B 594 -24.19 -25.18 25.15
N TYR B 595 -25.04 -25.73 24.28
CA TYR B 595 -25.17 -25.30 22.89
C TYR B 595 -26.66 -25.11 22.57
N VAL B 596 -26.93 -24.18 21.66
CA VAL B 596 -28.25 -23.80 21.23
C VAL B 596 -28.30 -23.68 19.73
N VAL B 597 -29.38 -24.18 19.13
CA VAL B 597 -29.65 -24.05 17.72
C VAL B 597 -31.13 -23.74 17.54
N ALA B 598 -31.45 -22.75 16.70
CA ALA B 598 -32.82 -22.49 16.31
C ALA B 598 -33.07 -23.13 14.96
N ALA B 599 -34.07 -24.00 14.88
CA ALA B 599 -34.38 -24.69 13.64
C ALA B 599 -35.88 -24.68 13.45
N ASP B 600 -36.30 -24.23 12.26
CA ASP B 600 -37.70 -24.11 11.88
C ASP B 600 -38.49 -23.42 12.99
N GLY B 601 -37.94 -22.34 13.54
CA GLY B 601 -38.64 -21.55 14.54
C GLY B 601 -38.70 -22.20 15.93
N VAL B 602 -37.95 -23.28 16.18
CA VAL B 602 -37.96 -23.93 17.48
C VAL B 602 -36.54 -23.87 18.08
N MET B 603 -36.46 -23.57 19.38
CA MET B 603 -35.20 -23.52 20.12
C MET B 603 -34.81 -24.92 20.62
N TYR B 604 -33.60 -25.35 20.25
CA TYR B 604 -33.02 -26.61 20.67
C TYR B 604 -31.80 -26.35 21.54
N TYR B 605 -31.70 -27.08 22.65
CA TYR B 605 -30.65 -26.92 23.64
C TYR B 605 -29.96 -28.26 23.86
N ALA B 606 -28.66 -28.19 24.10
CA ALA B 606 -27.85 -29.35 24.40
C ALA B 606 -26.96 -29.02 25.60
N PHE B 607 -27.12 -29.81 26.66
CA PHE B 607 -26.35 -29.67 27.89
C PHE B 607 -25.47 -30.91 28.05
N TYR B 608 -24.18 -30.71 28.35
CA TYR B 608 -23.25 -31.82 28.50
C TYR B 608 -22.56 -31.78 29.86
N LYS B 609 -22.26 -32.98 30.38
CA LYS B 609 -21.48 -33.14 31.59
C LYS B 609 -20.30 -34.09 31.37
N ASP B 610 -20.14 -34.61 30.14
CA ASP B 610 -19.15 -35.65 29.87
C ASP B 610 -17.83 -35.04 29.42
N GLY B 611 -17.74 -33.71 29.34
CA GLY B 611 -16.49 -33.05 29.00
C GLY B 611 -15.69 -32.77 30.26
N SER B 612 -14.63 -33.52 30.49
CA SER B 612 -13.85 -33.39 31.70
C SER B 612 -13.21 -32.02 31.88
N LYS B 613 -13.07 -31.20 30.84
CA LYS B 613 -12.42 -29.90 30.99
C LYS B 613 -13.33 -28.89 31.69
N TYR B 614 -14.64 -29.13 31.60
CA TYR B 614 -15.61 -28.34 32.32
C TYR B 614 -16.91 -29.14 32.51
N SER B 615 -17.11 -29.57 33.74
CA SER B 615 -18.22 -30.45 34.10
C SER B 615 -18.63 -30.14 35.52
N PRO B 616 -19.93 -29.96 35.83
CA PRO B 616 -20.31 -29.55 37.18
C PRO B 616 -20.06 -30.64 38.21
N THR B 617 -19.61 -30.24 39.39
CA THR B 617 -19.83 -30.98 40.62
C THR B 617 -21.33 -30.83 40.92
N GLY B 618 -21.97 -31.94 41.18
CA GLY B 618 -23.36 -31.83 41.56
C GLY B 618 -24.27 -31.78 40.34
N TYR B 619 -25.46 -31.22 40.56
CA TYR B 619 -26.58 -31.44 39.64
C TYR B 619 -27.32 -30.12 39.41
N PRO B 620 -26.67 -29.14 38.74
CA PRO B 620 -27.25 -27.81 38.64
C PRO B 620 -28.55 -27.81 37.88
N ASP B 621 -29.41 -26.85 38.25
CA ASP B 621 -30.61 -26.56 37.51
C ASP B 621 -30.24 -26.20 36.06
N ILE B 622 -31.13 -26.58 35.15
CA ILE B 622 -31.11 -26.07 33.81
C ILE B 622 -31.96 -24.82 33.71
N GLU B 623 -31.33 -23.80 33.13
CA GLU B 623 -31.98 -22.56 32.76
C GLU B 623 -32.02 -22.45 31.24
N LEU B 624 -33.22 -22.28 30.68
CA LEU B 624 -33.37 -22.13 29.24
C LEU B 624 -33.45 -20.65 28.89
N LYS B 625 -32.44 -20.14 28.18
CA LYS B 625 -32.35 -18.73 27.86
C LYS B 625 -32.80 -18.51 26.42
N GLY B 626 -33.28 -17.31 26.15
CA GLY B 626 -33.59 -16.88 24.80
C GLY B 626 -35.00 -17.29 24.36
N LEU B 627 -35.85 -17.67 25.31
CA LEU B 627 -37.24 -17.93 24.95
C LEU B 627 -38.04 -16.64 25.02
N ASP B 628 -39.23 -16.69 24.44
CA ASP B 628 -40.13 -15.56 24.47
C ASP B 628 -40.74 -15.46 25.87
N PRO B 629 -40.55 -14.33 26.60
CA PRO B 629 -41.02 -14.22 27.97
C PRO B 629 -42.53 -14.38 28.14
N ASN B 630 -43.30 -14.16 27.07
CA ASN B 630 -44.75 -14.24 27.14
C ASN B 630 -45.29 -15.57 26.64
N LYS B 631 -44.43 -16.54 26.35
CA LYS B 631 -44.91 -17.82 25.87
C LYS B 631 -44.63 -18.89 26.93
N MET B 632 -45.39 -19.98 26.81
CA MET B 632 -45.27 -21.10 27.72
C MET B 632 -44.79 -22.30 26.91
N TYR B 633 -43.91 -23.11 27.50
CA TYR B 633 -43.23 -24.16 26.78
C TYR B 633 -43.24 -25.49 27.54
N ARG B 634 -43.32 -26.56 26.74
CA ARG B 634 -43.07 -27.93 27.13
C ARG B 634 -41.66 -28.28 26.69
N ILE B 635 -40.84 -28.81 27.62
CA ILE B 635 -39.46 -29.12 27.32
C ILE B 635 -39.34 -30.62 27.07
N VAL B 636 -38.96 -30.95 25.83
CA VAL B 636 -39.01 -32.30 25.33
C VAL B 636 -37.59 -32.76 25.02
N ASP B 637 -37.18 -33.84 25.70
CA ASP B 637 -36.00 -34.60 25.34
C ASP B 637 -36.34 -35.36 24.06
N TYR B 638 -35.81 -34.87 22.92
CA TYR B 638 -36.21 -35.36 21.62
C TYR B 638 -35.43 -36.63 21.26
N VAL B 639 -34.44 -37.01 22.07
CA VAL B 639 -33.79 -38.31 21.88
C VAL B 639 -34.69 -39.40 22.43
N ASN B 640 -35.24 -39.18 23.63
CA ASN B 640 -35.94 -40.22 24.35
C ASN B 640 -37.46 -40.04 24.31
N ASP B 641 -37.93 -38.88 23.84
CA ASP B 641 -39.35 -38.49 23.96
C ASP B 641 -39.82 -38.25 25.40
N ARG B 642 -38.91 -37.81 26.27
CA ARG B 642 -39.24 -37.56 27.66
C ARG B 642 -39.69 -36.12 27.77
N VAL B 643 -40.84 -35.83 28.38
CA VAL B 643 -41.09 -34.48 28.84
C VAL B 643 -40.30 -34.26 30.12
N VAL B 644 -39.34 -33.34 30.12
CA VAL B 644 -38.49 -33.16 31.29
C VAL B 644 -38.93 -31.94 32.12
N ALA B 645 -39.75 -31.05 31.53
CA ALA B 645 -40.46 -30.01 32.26
C ALA B 645 -41.57 -29.48 31.37
N THR B 646 -42.55 -28.81 31.96
CA THR B 646 -43.63 -28.25 31.16
C THR B 646 -44.24 -27.04 31.86
N ASN B 647 -45.11 -26.33 31.14
CA ASN B 647 -45.73 -25.12 31.61
C ASN B 647 -44.67 -24.16 32.12
N LEU B 648 -43.54 -24.05 31.39
CA LEU B 648 -42.52 -23.09 31.73
C LEU B 648 -42.75 -21.82 30.95
N MET B 649 -42.81 -20.69 31.67
CA MET B 649 -42.85 -19.40 31.02
C MET B 649 -41.43 -19.07 30.54
N GLY B 650 -41.37 -18.39 29.39
CA GLY B 650 -40.11 -18.07 28.76
C GLY B 650 -39.19 -17.21 29.62
N ASP B 651 -39.75 -16.42 30.54
CA ASP B 651 -38.95 -15.59 31.42
C ASP B 651 -38.62 -16.28 32.74
N ASN B 652 -39.00 -17.54 32.89
CA ASN B 652 -38.69 -18.25 34.13
C ASN B 652 -38.50 -19.74 33.85
N ALA B 653 -37.66 -20.06 32.87
CA ALA B 653 -37.59 -21.41 32.34
C ALA B 653 -36.48 -22.18 33.04
N VAL B 654 -36.74 -22.59 34.28
CA VAL B 654 -35.77 -23.26 35.13
C VAL B 654 -36.37 -24.58 35.60
N PHE B 655 -35.59 -25.66 35.49
CA PHE B 655 -36.03 -26.97 35.97
C PHE B 655 -34.80 -27.79 36.34
N ASN B 656 -35.01 -28.95 36.94
CA ASN B 656 -33.95 -29.85 37.27
C ASN B 656 -34.32 -31.22 36.73
N THR B 657 -33.40 -31.86 36.02
CA THR B 657 -33.66 -33.19 35.49
C THR B 657 -32.39 -34.02 35.57
N ARG B 658 -32.53 -35.32 35.78
CA ARG B 658 -31.36 -36.17 35.92
C ARG B 658 -30.93 -36.71 34.56
N PHE B 659 -29.63 -36.64 34.30
CA PHE B 659 -29.08 -37.21 33.08
C PHE B 659 -27.59 -37.45 33.34
N SER B 660 -27.00 -38.44 32.64
CA SER B 660 -25.66 -38.83 33.01
C SER B 660 -24.58 -38.11 32.19
N ASP B 661 -24.81 -37.93 30.88
CA ASP B 661 -23.81 -37.43 29.97
C ASP B 661 -24.28 -36.20 29.21
N TYR B 662 -25.48 -36.31 28.62
CA TYR B 662 -26.03 -35.24 27.80
C TYR B 662 -27.54 -35.16 27.97
N LEU B 663 -28.08 -33.99 27.67
CA LEU B 663 -29.50 -33.77 27.57
C LEU B 663 -29.76 -32.88 26.36
N LEU B 664 -30.48 -33.44 25.37
CA LEU B 664 -30.84 -32.72 24.17
C LEU B 664 -32.34 -32.47 24.23
N VAL B 665 -32.74 -31.20 24.27
CA VAL B 665 -34.14 -30.85 24.43
C VAL B 665 -34.54 -29.79 23.42
N LYS B 666 -35.85 -29.74 23.14
CA LYS B 666 -36.46 -28.65 22.41
C LYS B 666 -37.56 -28.01 23.28
N ALA B 667 -37.72 -26.69 23.11
CA ALA B 667 -38.75 -25.94 23.79
C ALA B 667 -39.95 -25.78 22.86
N VAL B 668 -41.00 -26.56 23.13
CA VAL B 668 -42.20 -26.59 22.31
C VAL B 668 -43.20 -25.62 22.91
N GLU B 669 -43.60 -24.63 22.12
CA GLU B 669 -44.59 -23.68 22.56
C GLU B 669 -45.91 -24.42 22.81
N ILE B 670 -46.53 -24.14 23.96
CA ILE B 670 -47.84 -24.68 24.30
C ILE B 670 -48.89 -23.61 24.03
N SER B 671 -49.90 -23.91 23.21
CA SER B 671 -50.88 -22.89 22.81
C SER B 671 -52.15 -23.54 22.24
N TYR C 18 -15.44 66.36 34.83
CA TYR C 18 -14.53 66.90 33.78
C TYR C 18 -13.87 65.74 33.03
N ALA C 19 -14.01 65.69 31.70
CA ALA C 19 -13.57 64.55 30.94
C ALA C 19 -13.17 64.96 29.52
N ILE C 20 -12.15 64.29 28.99
CA ILE C 20 -11.84 64.36 27.58
C ILE C 20 -11.66 62.94 27.05
N ALA C 21 -11.83 62.83 25.74
CA ALA C 21 -11.83 61.56 25.03
C ALA C 21 -10.86 61.69 23.86
N GLY C 22 -10.16 60.59 23.59
CA GLY C 22 -9.50 60.39 22.31
C GLY C 22 -9.84 59.01 21.79
N ASN C 23 -9.29 58.70 20.62
CA ASN C 23 -9.34 57.36 20.07
C ASN C 23 -8.81 56.34 21.11
N GLY C 24 -9.74 55.55 21.66
CA GLY C 24 -9.40 54.44 22.53
C GLY C 24 -9.07 54.83 23.98
N VAL C 25 -9.33 56.10 24.38
CA VAL C 25 -8.97 56.54 25.72
C VAL C 25 -9.96 57.57 26.24
N ARG C 26 -10.19 57.54 27.56
CA ARG C 26 -10.93 58.60 28.23
C ARG C 26 -10.13 59.04 29.45
N VAL C 27 -10.15 60.33 29.76
CA VAL C 27 -9.47 60.91 30.90
C VAL C 27 -10.51 61.67 31.70
N THR C 28 -10.63 61.38 33.00
CA THR C 28 -11.52 62.14 33.87
C THR C 28 -10.69 62.77 34.98
N TYR C 29 -11.13 63.98 35.38
CA TYR C 29 -10.56 64.73 36.49
C TYR C 29 -11.64 64.94 37.56
N ASP C 30 -11.29 64.62 38.80
CA ASP C 30 -12.15 64.93 39.93
C ASP C 30 -11.55 66.14 40.66
N ALA C 31 -12.31 67.25 40.67
CA ALA C 31 -11.83 68.49 41.26
C ALA C 31 -11.78 68.42 42.79
N ASP C 32 -12.61 67.58 43.42
CA ASP C 32 -12.60 67.46 44.87
C ASP C 32 -11.33 66.74 45.32
N GLY C 33 -11.11 65.55 44.78
CA GLY C 33 -9.92 64.76 45.09
C GLY C 33 -8.67 65.28 44.39
N GLN C 34 -8.84 66.07 43.31
CA GLN C 34 -7.74 66.49 42.46
C GLN C 34 -6.99 65.27 41.92
N THR C 35 -7.75 64.37 41.29
CA THR C 35 -7.21 63.13 40.75
C THR C 35 -7.60 63.01 39.28
N ILE C 36 -6.77 62.26 38.55
CA ILE C 36 -7.02 61.85 37.18
C ILE C 36 -7.26 60.33 37.16
N THR C 37 -8.23 59.90 36.36
CA THR C 37 -8.46 58.48 36.09
C THR C 37 -8.40 58.26 34.58
N LEU C 38 -7.66 57.24 34.16
CA LEU C 38 -7.56 56.83 32.75
C LEU C 38 -8.39 55.59 32.51
N TYR C 39 -9.06 55.59 31.36
CA TYR C 39 -9.80 54.46 30.83
C TYR C 39 -9.36 54.20 29.39
N ARG C 40 -9.51 52.96 28.96
CA ARG C 40 -9.36 52.59 27.56
C ARG C 40 -10.68 51.99 27.10
N THR C 41 -10.91 52.01 25.79
CA THR C 41 -12.13 51.45 25.23
C THR C 41 -11.93 49.94 25.06
N GLU C 42 -13.05 49.21 25.18
CA GLU C 42 -13.08 47.77 25.00
C GLU C 42 -14.48 47.46 24.50
N GLY C 43 -14.56 46.92 23.30
CA GLY C 43 -15.84 46.82 22.60
C GLY C 43 -16.55 48.18 22.63
N SER C 44 -17.79 48.18 23.12
CA SER C 44 -18.59 49.39 23.21
C SER C 44 -18.61 49.94 24.64
N GLY C 45 -17.70 49.48 25.49
CA GLY C 45 -17.56 50.00 26.85
C GLY C 45 -16.14 50.51 27.16
N LEU C 46 -15.88 50.70 28.46
CA LEU C 46 -14.61 51.20 28.95
C LEU C 46 -14.06 50.22 29.96
N ILE C 47 -12.73 50.13 30.04
CA ILE C 47 -12.05 49.51 31.15
C ILE C 47 -11.22 50.59 31.86
N GLN C 48 -11.41 50.68 33.16
CA GLN C 48 -10.61 51.55 33.99
C GLN C 48 -9.20 50.99 34.08
N MET C 49 -8.21 51.83 33.71
CA MET C 49 -6.83 51.40 33.66
C MET C 49 -6.04 51.91 34.87
N SER C 50 -6.35 53.13 35.34
CA SER C 50 -5.69 53.69 36.50
C SER C 50 -6.69 53.87 37.63
N LYS C 51 -6.19 53.76 38.87
CA LYS C 51 -6.87 54.31 40.02
C LYS C 51 -6.92 55.82 39.88
N PRO C 52 -7.84 56.51 40.61
CA PRO C 52 -7.77 57.97 40.74
C PRO C 52 -6.35 58.32 41.20
N SER C 53 -5.60 59.04 40.36
CA SER C 53 -4.19 59.26 40.60
C SER C 53 -3.98 60.76 40.81
N PRO C 54 -3.11 61.17 41.76
CA PRO C 54 -2.93 62.59 42.04
C PRO C 54 -2.09 63.24 40.94
N LEU C 55 -2.23 64.55 40.76
CA LEU C 55 -1.43 65.30 39.81
C LEU C 55 0.00 65.37 40.33
N GLY C 56 0.98 65.39 39.45
CA GLY C 56 2.35 65.49 39.90
C GLY C 56 2.67 66.88 40.43
N GLY C 57 3.53 66.95 41.46
CA GLY C 57 3.89 68.21 42.05
C GLY C 57 5.41 68.40 42.16
N PRO C 58 5.84 69.60 42.59
CA PRO C 58 7.26 69.88 42.80
C PRO C 58 7.74 69.29 44.12
N VAL C 59 9.03 68.96 44.14
CA VAL C 59 9.67 68.49 45.35
C VAL C 59 10.55 69.64 45.86
N ILE C 60 10.27 70.07 47.10
CA ILE C 60 10.98 71.13 47.77
C ILE C 60 11.45 70.62 49.13
N GLY C 61 12.74 70.83 49.44
CA GLY C 61 13.31 70.41 50.70
C GLY C 61 13.01 68.95 51.02
N GLY C 62 13.11 68.09 50.00
CA GLY C 62 13.01 66.65 50.20
C GLY C 62 11.57 66.15 50.16
N GLN C 63 10.59 67.04 49.99
CA GLN C 63 9.18 66.69 50.12
C GLN C 63 8.38 67.18 48.93
N GLU C 64 7.48 66.33 48.43
CA GLU C 64 6.53 66.78 47.43
C GLU C 64 5.57 67.78 48.09
N VAL C 65 5.36 68.93 47.43
CA VAL C 65 4.38 69.89 47.88
C VAL C 65 2.99 69.28 47.73
N GLN C 66 2.19 69.33 48.79
CA GLN C 66 0.89 68.68 48.76
C GLN C 66 -0.22 69.53 49.34
N ASP C 67 -0.09 70.85 49.24
CA ASP C 67 -1.16 71.76 49.61
C ASP C 67 -1.79 72.39 48.38
N PHE C 68 -1.62 71.83 47.18
CA PHE C 68 -2.23 72.42 46.00
C PHE C 68 -3.75 72.31 46.10
N SER C 69 -4.47 73.37 45.76
CA SER C 69 -5.92 73.32 45.71
C SER C 69 -6.41 73.62 44.30
N HIS C 70 -7.61 73.09 43.98
CA HIS C 70 -8.21 73.24 42.68
C HIS C 70 -8.59 74.69 42.44
N ILE C 71 -8.25 75.21 41.26
CA ILE C 71 -8.72 76.52 40.85
C ILE C 71 -9.70 76.36 39.69
N SER C 72 -9.29 75.71 38.61
CA SER C 72 -10.18 75.55 37.49
C SER C 72 -9.80 74.35 36.64
N CYS C 73 -10.79 73.92 35.84
CA CYS C 73 -10.60 72.89 34.85
C CYS C 73 -11.38 73.25 33.59
N ASP C 74 -10.64 73.63 32.54
CA ASP C 74 -11.21 74.01 31.26
C ASP C 74 -11.09 72.84 30.29
N VAL C 75 -12.24 72.33 29.85
CA VAL C 75 -12.31 71.29 28.85
C VAL C 75 -12.61 71.92 27.50
N GLU C 76 -11.77 71.65 26.51
CA GLU C 76 -12.04 72.02 25.13
C GLU C 76 -12.26 70.74 24.34
N GLN C 77 -13.48 70.59 23.77
CA GLN C 77 -13.90 69.36 23.13
C GLN C 77 -13.43 69.30 21.68
N SER C 78 -13.01 70.44 21.15
CA SER C 78 -12.76 70.54 19.73
C SER C 78 -11.58 71.47 19.51
N THR C 79 -10.37 70.89 19.46
CA THR C 79 -9.17 71.71 19.45
C THR C 79 -8.07 70.99 18.67
N SER C 80 -6.90 71.61 18.61
CA SER C 80 -5.76 71.06 17.91
C SER C 80 -4.51 71.23 18.77
N GLY C 81 -3.77 70.15 18.97
CA GLY C 81 -2.63 70.17 19.88
C GLY C 81 -1.41 69.54 19.21
N VAL C 82 -0.47 69.08 20.03
CA VAL C 82 0.75 68.44 19.56
C VAL C 82 0.46 67.32 18.56
N MET C 83 -0.61 66.56 18.81
CA MET C 83 -0.94 65.42 17.99
C MET C 83 -2.00 65.75 16.94
N GLY C 84 -2.30 67.04 16.74
CA GLY C 84 -3.33 67.45 15.81
C GLY C 84 -4.69 67.54 16.50
N SER C 85 -5.75 67.24 15.77
CA SER C 85 -7.07 67.55 16.27
C SER C 85 -7.47 66.56 17.37
N GLY C 86 -8.14 67.08 18.40
CA GLY C 86 -8.59 66.28 19.50
C GLY C 86 -9.20 67.16 20.58
N GLN C 87 -8.85 66.86 21.84
CA GLN C 87 -9.42 67.56 22.98
C GLN C 87 -8.32 67.96 23.94
N ARG C 88 -8.67 68.88 24.85
CA ARG C 88 -7.72 69.37 25.83
C ARG C 88 -8.44 69.63 27.15
N MET C 89 -7.72 69.31 28.24
CA MET C 89 -8.15 69.60 29.59
C MET C 89 -7.03 70.36 30.27
N THR C 90 -7.34 71.57 30.75
CA THR C 90 -6.34 72.41 31.40
C THR C 90 -6.74 72.57 32.85
N ILE C 91 -5.89 72.08 33.76
CA ILE C 91 -6.16 72.16 35.19
C ILE C 91 -5.21 73.15 35.84
N THR C 92 -5.78 74.12 36.55
CA THR C 92 -5.01 75.11 37.29
C THR C 92 -5.17 74.83 38.78
N SER C 93 -4.03 74.84 39.49
CA SER C 93 -4.00 74.59 40.92
C SER C 93 -3.09 75.62 41.58
N GLN C 94 -3.28 75.84 42.88
CA GLN C 94 -2.46 76.81 43.59
C GLN C 94 -2.04 76.27 44.95
N SER C 95 -0.79 76.61 45.32
CA SER C 95 -0.19 76.26 46.59
C SER C 95 0.05 77.56 47.38
N MET C 96 -0.65 77.70 48.51
CA MET C 96 -0.51 78.86 49.38
C MET C 96 0.89 78.91 50.00
N SER C 97 1.42 77.76 50.39
CA SER C 97 2.69 77.72 51.09
C SER C 97 3.83 78.18 50.18
N THR C 98 3.75 77.91 48.87
CA THR C 98 4.86 78.18 47.97
C THR C 98 4.60 79.40 47.08
N GLY C 99 3.33 79.76 46.88
CA GLY C 99 2.96 80.80 45.93
C GLY C 99 2.93 80.29 44.49
N LEU C 100 3.00 78.96 44.29
CA LEU C 100 3.06 78.38 42.96
C LEU C 100 1.65 78.20 42.40
N ILE C 101 1.48 78.55 41.12
CA ILE C 101 0.32 78.18 40.35
C ILE C 101 0.77 77.14 39.33
N ARG C 102 0.15 75.95 39.40
CA ARG C 102 0.43 74.88 38.45
C ARG C 102 -0.61 74.87 37.34
N THR C 103 -0.14 74.79 36.10
CA THR C 103 -0.99 74.55 34.94
C THR C 103 -0.62 73.19 34.36
N TYR C 104 -1.60 72.29 34.37
CA TYR C 104 -1.43 70.92 33.92
C TYR C 104 -2.35 70.71 32.72
N VAL C 105 -1.75 70.40 31.57
CA VAL C 105 -2.49 70.30 30.33
C VAL C 105 -2.47 68.85 29.88
N LEU C 106 -3.66 68.31 29.56
CA LEU C 106 -3.77 67.00 28.96
C LEU C 106 -4.45 67.15 27.61
N GLU C 107 -3.89 66.49 26.60
CA GLU C 107 -4.45 66.48 25.27
C GLU C 107 -4.66 65.04 24.83
N THR C 108 -5.80 64.82 24.17
CA THR C 108 -6.10 63.59 23.45
C THR C 108 -6.16 63.89 21.96
N SER C 109 -6.13 62.82 21.16
CA SER C 109 -6.13 62.88 19.71
C SER C 109 -7.33 62.09 19.20
N ASP C 110 -7.99 62.63 18.17
CA ASP C 110 -9.06 61.92 17.48
C ASP C 110 -8.52 60.68 16.77
N ILE C 111 -7.24 60.67 16.45
CA ILE C 111 -6.64 59.65 15.60
C ILE C 111 -5.73 58.75 16.43
N GLU C 112 -4.85 59.30 17.27
CA GLU C 112 -3.82 58.46 17.89
C GLU C 112 -4.42 57.61 19.01
N GLU C 113 -4.35 56.29 18.82
CA GLU C 113 -5.00 55.35 19.70
C GLU C 113 -4.30 55.28 21.06
N GLY C 114 -5.07 55.54 22.12
CA GLY C 114 -4.63 55.31 23.48
C GLY C 114 -3.75 56.42 24.07
N VAL C 115 -3.44 57.47 23.30
CA VAL C 115 -2.37 58.38 23.68
C VAL C 115 -2.92 59.62 24.35
N VAL C 116 -2.28 60.01 25.44
CA VAL C 116 -2.53 61.25 26.14
C VAL C 116 -1.21 62.02 26.23
N TYR C 117 -1.22 63.26 25.75
CA TYR C 117 -0.09 64.15 25.88
C TYR C 117 -0.31 65.03 27.11
N THR C 118 0.75 65.23 27.89
CA THR C 118 0.68 66.03 29.10
C THR C 118 1.82 67.04 29.10
N ALA C 119 1.54 68.26 29.55
CA ALA C 119 2.55 69.30 29.72
C ALA C 119 2.22 70.09 30.98
N THR C 120 3.27 70.50 31.70
CA THR C 120 3.09 71.20 32.95
C THR C 120 3.92 72.48 32.95
N SER C 121 3.34 73.55 33.49
CA SER C 121 4.10 74.73 33.81
C SER C 121 3.73 75.23 35.22
N TYR C 122 4.66 75.99 35.80
CA TYR C 122 4.51 76.57 37.11
C TYR C 122 4.78 78.06 36.99
N GLU C 123 3.97 78.86 37.67
CA GLU C 123 4.23 80.27 37.87
C GLU C 123 4.47 80.53 39.36
N ALA C 124 5.54 81.29 39.66
CA ALA C 124 5.84 81.70 41.02
C ALA C 124 5.18 83.03 41.35
N GLY C 125 4.79 83.21 42.61
CA GLY C 125 4.28 84.47 43.12
C GLY C 125 5.43 85.38 43.54
N ALA C 126 5.34 85.91 44.76
CA ALA C 126 6.24 86.97 45.20
C ALA C 126 7.65 86.45 45.47
N SER C 127 7.79 85.14 45.76
CA SER C 127 9.05 84.54 46.15
C SER C 127 9.56 83.59 45.07
N ASP C 128 10.89 83.60 44.87
CA ASP C 128 11.57 82.53 44.16
C ASP C 128 11.24 81.21 44.83
N VAL C 129 11.16 80.15 44.02
CA VAL C 129 10.90 78.82 44.55
C VAL C 129 11.98 77.89 44.04
N GLU C 130 12.69 77.25 44.96
CA GLU C 130 13.73 76.30 44.64
C GLU C 130 13.15 74.89 44.65
N VAL C 131 13.06 74.30 43.46
CA VAL C 131 12.50 72.97 43.29
C VAL C 131 13.65 72.03 42.96
N SER C 132 13.75 70.92 43.69
CA SER C 132 14.79 69.94 43.43
C SER C 132 14.37 68.98 42.32
N TRP C 133 13.07 68.73 42.19
CA TRP C 133 12.57 67.77 41.22
C TRP C 133 11.10 68.06 40.94
N PHE C 134 10.69 67.78 39.69
CA PHE C 134 9.29 67.92 39.30
C PHE C 134 8.76 66.54 38.96
N ILE C 135 7.77 66.08 39.71
CA ILE C 135 7.03 64.89 39.33
C ILE C 135 5.97 65.32 38.34
N GLY C 136 6.02 64.74 37.14
CA GLY C 136 5.16 65.13 36.04
C GLY C 136 3.76 64.52 36.15
N SER C 137 3.70 63.20 36.05
CA SER C 137 2.45 62.44 36.09
C SER C 137 2.73 61.10 36.77
N VAL C 138 1.72 60.57 37.44
CA VAL C 138 1.80 59.33 38.19
C VAL C 138 0.50 58.56 37.89
N TYR C 139 0.65 57.28 37.50
CA TYR C 139 -0.51 56.45 37.26
C TYR C 139 -0.33 55.12 37.99
N GLU C 140 -1.26 54.84 38.91
CA GLU C 140 -1.34 53.56 39.59
C GLU C 140 -2.37 52.69 38.87
N LEU C 141 -1.98 51.46 38.55
CA LEU C 141 -2.80 50.54 37.81
C LEU C 141 -4.00 50.07 38.64
N TYR C 142 -5.14 50.02 37.97
CA TYR C 142 -6.38 49.51 38.53
C TYR C 142 -6.54 48.06 38.10
N GLY C 143 -7.03 47.23 39.03
CA GLY C 143 -7.47 45.89 38.73
C GLY C 143 -6.35 44.85 38.81
N ALA C 144 -5.19 45.19 39.37
CA ALA C 144 -4.11 44.23 39.50
C ALA C 144 -4.51 43.15 40.49
N GLU C 145 -4.00 41.93 40.28
CA GLU C 145 -4.24 40.82 41.18
C GLU C 145 -2.93 40.42 41.83
N ASP C 146 -2.25 39.43 41.24
CA ASP C 146 -1.12 38.78 41.89
C ASP C 146 0.20 39.26 41.30
N ARG C 147 0.23 39.76 40.06
CA ARG C 147 1.46 40.30 39.52
C ARG C 147 1.19 41.33 38.41
N ILE C 148 2.20 42.19 38.22
CA ILE C 148 2.20 43.21 37.18
C ILE C 148 3.52 43.05 36.44
N TRP C 149 3.49 43.07 35.11
CA TRP C 149 4.74 43.06 34.35
C TRP C 149 5.10 44.50 33.97
N SER C 150 6.41 44.77 33.89
CA SER C 150 6.89 46.12 33.66
C SER C 150 8.01 46.12 32.64
N TYR C 151 7.96 47.12 31.75
CA TYR C 151 9.06 47.51 30.89
C TYR C 151 9.77 48.70 31.53
N ASN C 152 11.09 48.58 31.68
CA ASN C 152 11.90 49.54 32.40
C ASN C 152 13.00 50.05 31.47
N GLY C 153 12.85 51.27 30.93
CA GLY C 153 13.76 51.77 29.90
C GLY C 153 15.03 52.43 30.44
N GLY C 154 15.20 52.47 31.76
CA GLY C 154 16.32 53.16 32.36
C GLY C 154 17.68 52.69 31.83
N GLY C 155 18.65 53.61 31.86
CA GLY C 155 20.02 53.34 31.46
C GLY C 155 20.97 53.21 32.64
N GLU C 156 20.49 53.14 33.89
CA GLU C 156 21.34 53.20 35.06
C GLU C 156 21.96 51.83 35.39
N GLY C 157 21.64 50.81 34.61
CA GLY C 157 22.09 49.46 34.91
C GLY C 157 21.21 48.88 36.01
N PRO C 158 21.61 47.76 36.65
CA PRO C 158 22.84 47.04 36.30
C PRO C 158 22.93 46.56 34.85
N MET C 159 24.14 46.58 34.33
CA MET C 159 24.43 46.07 32.99
C MET C 159 24.24 44.54 32.95
N HIS C 160 23.68 44.07 31.85
CA HIS C 160 23.74 42.67 31.41
C HIS C 160 22.79 41.74 32.14
N TYR C 161 22.80 41.76 33.47
CA TYR C 161 22.16 40.72 34.26
C TYR C 161 20.93 41.23 34.98
N TYR C 162 20.46 42.43 34.62
CA TYR C 162 19.20 42.97 35.14
C TYR C 162 18.25 43.07 33.96
N ASP C 163 17.13 42.37 34.06
CA ASP C 163 16.19 42.27 32.94
C ASP C 163 15.48 43.60 32.72
N THR C 164 15.27 43.96 31.46
CA THR C 164 14.50 45.14 31.11
C THR C 164 13.01 44.96 31.46
N LEU C 165 12.49 43.77 31.18
CA LEU C 165 11.17 43.33 31.61
C LEU C 165 11.27 42.73 33.02
N GLN C 166 10.47 43.26 33.95
CA GLN C 166 10.53 42.86 35.35
C GLN C 166 9.13 42.56 35.84
N LYS C 167 8.98 41.42 36.49
CA LYS C 167 7.74 41.07 37.15
C LYS C 167 7.69 41.74 38.52
N ILE C 168 6.59 42.44 38.78
CA ILE C 168 6.29 42.99 40.08
C ILE C 168 5.30 42.03 40.73
N ASP C 169 5.85 41.23 41.65
CA ASP C 169 5.08 40.22 42.33
C ASP C 169 4.40 40.90 43.51
N LEU C 170 3.08 40.76 43.57
CA LEU C 170 2.28 41.38 44.62
C LEU C 170 2.01 40.39 45.77
N THR C 171 2.54 39.16 45.68
CA THR C 171 2.29 38.13 46.69
C THR C 171 3.53 37.87 47.56
N ASP C 172 4.68 38.48 47.23
CA ASP C 172 5.93 38.17 47.90
C ASP C 172 6.17 39.22 49.00
N SER C 173 7.37 39.26 49.56
CA SER C 173 7.70 40.20 50.60
C SER C 173 8.27 41.52 50.04
N GLY C 174 8.96 41.48 48.91
CA GLY C 174 9.67 42.65 48.44
C GLY C 174 8.75 43.71 47.81
N LYS C 175 9.29 44.92 47.67
CA LYS C 175 8.57 46.03 47.06
C LYS C 175 9.44 46.56 45.94
N PHE C 176 9.02 46.30 44.71
CA PHE C 176 9.77 46.69 43.55
C PHE C 176 9.84 48.20 43.46
N SER C 177 11.03 48.70 43.12
CA SER C 177 11.23 50.13 42.97
C SER C 177 12.41 50.39 42.06
N ARG C 178 12.18 51.07 40.94
CA ARG C 178 13.26 51.42 40.04
C ARG C 178 13.01 52.82 39.47
N GLU C 179 14.06 53.65 39.43
CA GLU C 179 13.96 55.03 38.98
C GLU C 179 13.84 55.14 37.46
N ASN C 180 14.56 54.31 36.71
CA ASN C 180 14.62 54.37 35.25
C ASN C 180 15.11 55.74 34.79
N LYS C 181 16.40 55.92 34.89
CA LYS C 181 17.03 57.19 34.67
C LYS C 181 17.53 57.34 33.25
N GLN C 182 17.53 58.60 32.78
CA GLN C 182 18.26 59.08 31.63
C GLN C 182 19.03 60.31 32.09
N ASP C 183 20.36 60.25 32.04
CA ASP C 183 21.18 61.34 32.56
C ASP C 183 22.61 61.16 32.08
N ASP C 184 23.53 61.87 32.73
CA ASP C 184 24.92 61.81 32.36
C ASP C 184 25.56 60.44 32.66
N THR C 185 24.86 59.49 33.28
CA THR C 185 25.39 58.13 33.36
C THR C 185 24.38 57.10 32.87
N ALA C 186 23.34 57.52 32.16
CA ALA C 186 22.29 56.63 31.72
C ALA C 186 21.72 57.13 30.41
N ALA C 187 21.87 56.34 29.34
CA ALA C 187 21.39 56.75 28.04
C ALA C 187 20.70 55.57 27.35
N SER C 188 19.44 55.39 27.70
CA SER C 188 18.63 54.30 27.19
C SER C 188 17.30 54.86 26.67
N ILE C 189 16.16 54.31 27.09
CA ILE C 189 14.88 54.59 26.48
C ILE C 189 13.96 55.24 27.52
N PRO C 190 13.52 56.50 27.29
CA PRO C 190 12.81 57.28 28.31
C PRO C 190 11.34 56.89 28.43
N VAL C 191 11.12 55.61 28.71
CA VAL C 191 9.81 54.99 28.67
C VAL C 191 9.75 53.91 29.75
N SER C 192 8.59 53.79 30.41
CA SER C 192 8.26 52.68 31.27
C SER C 192 6.82 52.27 31.00
N ASP C 193 6.52 50.97 31.20
CA ASP C 193 5.19 50.45 31.04
C ASP C 193 4.92 49.49 32.18
N ILE C 194 3.67 49.52 32.68
CA ILE C 194 3.20 48.50 33.60
C ILE C 194 1.89 47.94 33.05
N TYR C 195 1.72 46.61 33.14
CA TYR C 195 0.52 46.01 32.60
C TYR C 195 0.12 44.74 33.33
N ILE C 196 -1.16 44.41 33.14
CA ILE C 196 -1.82 43.23 33.66
C ILE C 196 -2.60 42.57 32.52
N ALA C 197 -3.45 41.60 32.82
CA ALA C 197 -4.18 40.88 31.78
C ALA C 197 -5.03 41.84 30.96
N ASP C 198 -5.66 42.81 31.62
CA ASP C 198 -6.53 43.77 30.96
C ASP C 198 -5.76 44.93 30.31
N GLY C 199 -4.44 44.89 30.32
CA GLY C 199 -3.63 45.85 29.60
C GLY C 199 -2.85 46.72 30.58
N GLY C 200 -2.40 47.89 30.12
CA GLY C 200 -1.53 48.69 30.95
C GLY C 200 -1.40 50.14 30.52
N ILE C 201 -0.40 50.77 31.14
CA ILE C 201 -0.13 52.20 31.02
C ILE C 201 1.38 52.39 30.81
N THR C 202 1.70 53.00 29.66
CA THR C 202 3.03 53.45 29.31
C THR C 202 3.12 54.93 29.61
N VAL C 203 4.28 55.37 30.10
CA VAL C 203 4.61 56.76 30.21
C VAL C 203 5.98 56.95 29.57
N GLY C 204 6.12 57.97 28.73
CA GLY C 204 7.39 58.26 28.10
C GLY C 204 7.60 59.76 27.92
N ASP C 205 8.87 60.16 27.78
CA ASP C 205 9.22 61.57 27.68
C ASP C 205 8.84 62.09 26.29
N ALA C 206 8.08 63.18 26.28
CA ALA C 206 7.66 63.81 25.05
C ALA C 206 8.67 64.88 24.66
N SER C 207 9.82 64.45 24.15
CA SER C 207 10.90 65.33 23.76
C SER C 207 11.57 64.79 22.50
N ALA C 208 11.75 65.71 21.53
CA ALA C 208 12.38 65.36 20.27
C ALA C 208 13.88 65.14 20.47
N THR C 209 14.41 65.63 21.59
CA THR C 209 15.84 65.53 21.90
C THR C 209 16.03 64.98 23.31
N ARG C 210 17.22 64.38 23.52
CA ARG C 210 17.58 63.79 24.78
C ARG C 210 17.60 64.84 25.89
N ARG C 211 16.98 64.49 27.02
CA ARG C 211 17.09 65.29 28.21
C ARG C 211 17.02 64.40 29.42
N GLU C 212 17.38 64.97 30.57
CA GLU C 212 17.37 64.23 31.82
C GLU C 212 15.92 64.03 32.25
N VAL C 213 15.59 62.77 32.53
CA VAL C 213 14.25 62.38 32.90
C VAL C 213 14.34 61.03 33.62
N HIS C 214 13.38 60.77 34.51
CA HIS C 214 13.17 59.46 35.11
C HIS C 214 11.77 58.98 34.76
N THR C 215 11.59 57.65 34.60
CA THR C 215 10.27 57.05 34.48
C THR C 215 10.12 55.94 35.52
N PRO C 216 9.97 56.32 36.81
CA PRO C 216 9.99 55.35 37.89
C PRO C 216 8.84 54.37 37.82
N VAL C 217 9.14 53.11 38.18
CA VAL C 217 8.16 52.06 38.37
C VAL C 217 8.25 51.63 39.84
N GLN C 218 7.12 51.71 40.54
CA GLN C 218 7.10 51.47 41.98
C GLN C 218 5.88 50.65 42.38
N GLU C 219 6.14 49.54 43.08
CA GLU C 219 5.08 48.72 43.61
C GLU C 219 4.39 49.51 44.73
N THR C 220 3.06 49.37 44.82
CA THR C 220 2.29 50.02 45.86
C THR C 220 1.71 48.95 46.78
N SER C 221 0.71 49.32 47.60
CA SER C 221 0.20 48.38 48.58
C SER C 221 -0.45 47.17 47.90
N ASP C 222 -1.09 47.35 46.74
CA ASP C 222 -1.76 46.23 46.09
C ASP C 222 -1.59 46.29 44.57
N SER C 223 -0.72 47.17 44.08
CA SER C 223 -0.57 47.36 42.65
C SER C 223 0.81 47.93 42.37
N ALA C 224 0.94 48.70 41.30
CA ALA C 224 2.15 49.40 40.98
C ALA C 224 1.78 50.72 40.29
N GLN C 225 2.69 51.67 40.34
CA GLN C 225 2.50 52.92 39.63
C GLN C 225 3.71 53.21 38.75
N VAL C 226 3.44 53.92 37.68
CA VAL C 226 4.47 54.38 36.76
C VAL C 226 4.35 55.91 36.70
N SER C 227 5.51 56.57 36.66
CA SER C 227 5.50 58.02 36.67
C SER C 227 6.62 58.54 35.77
N ILE C 228 6.67 59.86 35.64
CA ILE C 228 7.74 60.53 34.93
C ILE C 228 8.02 61.82 35.68
N GLY C 229 9.28 62.24 35.65
CA GLY C 229 9.67 63.49 36.29
C GLY C 229 11.01 63.97 35.77
N TRP C 230 11.34 65.22 36.10
CA TRP C 230 12.49 65.92 35.55
C TRP C 230 13.18 66.69 36.67
N PRO C 231 14.47 67.01 36.47
CA PRO C 231 15.23 67.85 37.39
C PRO C 231 14.55 69.19 37.68
N GLY C 232 14.77 69.65 38.91
CA GLY C 232 14.18 70.90 39.33
C GLY C 232 15.01 72.08 38.86
N LYS C 233 14.56 73.26 39.26
CA LYS C 233 15.27 74.49 39.04
C LYS C 233 14.65 75.54 39.96
N VAL C 234 15.32 76.69 40.01
CA VAL C 234 14.80 77.83 40.73
C VAL C 234 13.79 78.52 39.82
N ILE C 235 12.54 78.65 40.29
CA ILE C 235 11.55 79.42 39.57
C ILE C 235 11.58 80.83 40.12
N ALA C 236 12.00 81.79 39.30
CA ALA C 236 12.12 83.18 39.74
C ALA C 236 10.73 83.75 40.03
N ALA C 237 10.66 84.57 41.10
CA ALA C 237 9.45 85.27 41.46
C ALA C 237 8.82 85.89 40.20
N GLY C 238 7.51 85.67 40.03
CA GLY C 238 6.75 86.26 38.95
C GLY C 238 6.92 85.56 37.61
N SER C 239 7.75 84.52 37.50
CA SER C 239 8.04 83.92 36.20
C SER C 239 7.19 82.67 35.97
N VAL C 240 7.03 82.30 34.69
CA VAL C 240 6.31 81.09 34.30
C VAL C 240 7.30 80.19 33.59
N ILE C 241 7.37 78.91 33.95
CA ILE C 241 8.28 77.99 33.26
C ILE C 241 7.59 76.66 32.99
N GLU C 242 7.93 76.08 31.84
CA GLU C 242 7.49 74.75 31.45
C GLU C 242 8.50 73.77 32.00
N ILE C 243 8.06 72.70 32.67
CA ILE C 243 9.02 71.88 33.38
C ILE C 243 9.15 70.49 32.77
N GLY C 244 8.29 70.15 31.81
CA GLY C 244 8.36 68.83 31.20
C GLY C 244 7.04 68.41 30.58
N GLU C 245 7.15 67.53 29.58
CA GLU C 245 6.02 67.06 28.79
C GLU C 245 6.18 65.56 28.60
N SER C 246 5.05 64.84 28.58
CA SER C 246 5.07 63.39 28.53
C SER C 246 3.95 62.87 27.65
N PHE C 247 4.13 61.63 27.19
CA PHE C 247 3.07 60.86 26.59
C PHE C 247 2.69 59.73 27.54
N ALA C 248 1.41 59.50 27.69
CA ALA C 248 0.92 58.30 28.33
C ALA C 248 0.15 57.49 27.29
N VAL C 249 0.24 56.17 27.39
CA VAL C 249 -0.50 55.30 26.50
C VAL C 249 -1.26 54.28 27.34
N VAL C 250 -2.58 54.30 27.25
CA VAL C 250 -3.40 53.21 27.73
C VAL C 250 -3.49 52.19 26.61
N HIS C 251 -3.38 50.91 26.94
CA HIS C 251 -3.33 49.88 25.91
C HIS C 251 -3.90 48.57 26.45
N PRO C 252 -4.50 47.75 25.57
CA PRO C 252 -4.74 46.33 25.88
C PRO C 252 -3.37 45.67 25.82
N GLY C 253 -3.30 44.44 26.33
CA GLY C 253 -2.15 43.60 26.11
C GLY C 253 -0.90 44.14 26.80
N ASP C 254 0.24 43.71 26.28
CA ASP C 254 1.49 43.87 26.97
C ASP C 254 2.24 45.13 26.50
N TYR C 255 3.51 45.21 26.95
CA TYR C 255 4.38 46.34 26.70
C TYR C 255 4.52 46.67 25.22
N TYR C 256 4.38 45.69 24.32
CA TYR C 256 4.51 45.99 22.90
C TYR C 256 3.48 47.05 22.49
N ASN C 257 2.24 46.90 22.95
CA ASN C 257 1.19 47.83 22.55
C ASN C 257 1.47 49.23 23.10
N GLY C 258 1.96 49.32 24.34
CA GLY C 258 2.30 50.59 24.93
C GLY C 258 3.45 51.29 24.20
N LEU C 259 4.52 50.51 23.93
CA LEU C 259 5.69 51.05 23.27
C LEU C 259 5.38 51.47 21.83
N ARG C 260 4.49 50.72 21.16
CA ARG C 260 4.07 51.09 19.81
C ARG C 260 3.29 52.40 19.87
N GLY C 261 2.41 52.55 20.87
CA GLY C 261 1.73 53.82 21.11
C GLY C 261 2.73 54.97 21.25
N TYR C 262 3.80 54.75 22.01
CA TYR C 262 4.82 55.76 22.19
C TYR C 262 5.50 56.08 20.85
N LYS C 263 5.81 55.06 20.05
CA LYS C 263 6.40 55.28 18.73
C LYS C 263 5.49 56.20 17.89
N ASN C 264 4.19 55.87 17.87
CA ASN C 264 3.22 56.63 17.10
C ASN C 264 3.17 58.07 17.61
N ALA C 265 3.19 58.25 18.93
CA ALA C 265 3.13 59.57 19.53
C ALA C 265 4.36 60.38 19.14
N MET C 266 5.53 59.75 19.20
CA MET C 266 6.81 60.42 18.99
C MET C 266 6.99 60.85 17.53
N ASP C 267 6.31 60.19 16.58
CA ASP C 267 6.25 60.69 15.22
C ASP C 267 5.79 62.16 15.19
N HIS C 268 4.83 62.53 16.05
CA HIS C 268 4.32 63.90 16.04
C HIS C 268 5.38 64.91 16.50
N LEU C 269 6.42 64.47 17.22
CA LEU C 269 7.51 65.36 17.61
C LEU C 269 8.64 65.30 16.59
N GLY C 270 8.49 64.51 15.54
CA GLY C 270 9.51 64.39 14.51
C GLY C 270 10.55 63.32 14.82
N VAL C 271 10.34 62.45 15.83
CA VAL C 271 11.26 61.36 16.03
C VAL C 271 10.70 60.17 15.27
N ILE C 272 11.21 59.99 14.04
CA ILE C 272 10.59 59.10 13.09
C ILE C 272 11.59 57.99 12.77
N MET C 273 11.19 56.74 13.00
CA MET C 273 12.09 55.62 12.81
C MET C 273 12.12 55.26 11.32
N PRO C 274 13.16 54.56 10.83
CA PRO C 274 13.28 54.28 9.40
C PRO C 274 12.09 53.50 8.87
N ALA C 275 11.60 53.91 7.71
CA ALA C 275 10.47 53.25 7.08
C ALA C 275 10.96 51.97 6.43
N PRO C 276 10.10 50.92 6.36
CA PRO C 276 10.48 49.63 5.80
C PRO C 276 11.12 49.74 4.41
N GLY C 277 10.51 50.55 3.54
CA GLY C 277 10.99 50.67 2.17
C GLY C 277 12.41 51.22 2.08
N ASP C 278 12.90 51.91 3.13
CA ASP C 278 14.24 52.51 3.08
C ASP C 278 15.27 51.65 3.79
N ILE C 279 14.91 50.50 4.36
CA ILE C 279 15.92 49.72 5.05
C ILE C 279 16.67 48.87 4.02
N PRO C 280 18.00 48.88 3.98
CA PRO C 280 18.74 48.10 2.97
C PRO C 280 18.54 46.60 3.13
N ASP C 281 18.56 45.88 1.99
CA ASP C 281 18.44 44.43 1.98
C ASP C 281 19.49 43.78 2.89
N SER C 282 20.72 44.32 2.88
CA SER C 282 21.83 43.75 3.60
C SER C 282 21.64 43.85 5.12
N SER C 283 20.67 44.64 5.59
CA SER C 283 20.37 44.73 7.01
C SER C 283 19.39 43.63 7.44
N TYR C 284 19.05 42.70 6.54
CA TYR C 284 18.25 41.53 6.89
C TYR C 284 19.08 40.24 6.75
N ASP C 285 20.41 40.35 6.57
CA ASP C 285 21.23 39.22 6.18
C ASP C 285 21.80 38.49 7.40
N LEU C 286 21.88 37.16 7.25
CA LEU C 286 22.50 36.29 8.24
C LEU C 286 23.98 36.62 8.34
N ARG C 287 24.46 36.79 9.57
CA ARG C 287 25.78 37.37 9.82
C ARG C 287 26.59 36.51 10.79
N TRP C 288 27.89 36.42 10.46
CA TRP C 288 28.88 35.83 11.35
C TRP C 288 29.91 36.88 11.71
N GLU C 289 30.28 36.92 13.01
CA GLU C 289 31.18 37.94 13.51
C GLU C 289 32.44 37.24 14.02
N SER C 290 33.58 37.94 13.91
N SER C 290 33.59 37.95 13.99
CA SER C 290 34.91 37.34 13.91
CA SER C 290 34.85 37.41 14.49
C SER C 290 35.41 37.04 15.31
C SER C 290 34.96 37.34 16.03
N TRP C 291 34.65 36.32 16.13
N TRP C 291 33.91 37.73 16.80
CA TRP C 291 35.10 36.08 17.49
CA TRP C 291 34.03 37.98 18.24
C TRP C 291 35.52 34.63 17.68
C TRP C 291 34.21 36.69 19.07
N GLY C 292 35.63 33.89 16.58
N GLY C 292 33.96 35.52 18.48
CA GLY C 292 36.01 32.50 16.63
CA GLY C 292 34.12 34.27 19.20
C GLY C 292 37.34 32.25 17.38
C GLY C 292 35.60 33.95 19.45
N TRP C 293 38.21 33.25 17.47
N TRP C 293 36.46 34.58 18.63
CA TRP C 293 39.49 33.07 18.16
CA TRP C 293 37.91 34.45 18.71
C TRP C 293 39.71 34.19 19.17
C TRP C 293 38.46 35.49 19.70
N GLY C 294 38.62 34.80 19.65
N GLY C 294 37.60 36.43 20.10
CA GLY C 294 38.75 35.93 20.55
CA GLY C 294 38.00 37.58 20.89
C GLY C 294 39.60 37.03 19.91
C GLY C 294 39.05 38.41 20.15
N PHE C 295 40.45 37.67 20.72
N PHE C 295 40.25 38.51 20.76
CA PHE C 295 41.26 38.81 20.26
CA PHE C 295 41.35 39.31 20.24
C PHE C 295 42.43 38.27 19.45
C PHE C 295 42.37 38.49 19.42
N ASN C 296 42.51 36.93 19.36
N ASN C 296 42.26 37.16 19.32
CA ASN C 296 43.54 36.30 18.58
CA ASN C 296 43.32 36.37 18.69
C ASN C 296 43.05 35.95 17.18
C ASN C 296 43.02 35.98 17.24
N TRP C 297 42.01 36.61 16.65
CA TRP C 297 41.71 36.45 15.23
C TRP C 297 42.89 36.96 14.40
N THR C 298 43.00 36.41 13.19
CA THR C 298 43.87 36.94 12.15
C THR C 298 43.02 37.08 10.90
N ILE C 299 43.50 37.88 9.95
CA ILE C 299 42.84 37.98 8.66
C ILE C 299 42.68 36.59 8.02
N ASP C 300 43.73 35.77 8.05
CA ASP C 300 43.69 34.49 7.35
C ASP C 300 42.75 33.49 8.04
N LEU C 301 42.61 33.54 9.38
CA LEU C 301 41.63 32.76 10.10
C LEU C 301 40.22 33.09 9.61
N ILE C 302 39.92 34.38 9.49
CA ILE C 302 38.60 34.79 9.03
C ILE C 302 38.39 34.34 7.59
N ILE C 303 39.38 34.60 6.72
CA ILE C 303 39.24 34.26 5.32
C ILE C 303 39.02 32.75 5.18
N GLY C 304 39.72 31.96 6.00
CA GLY C 304 39.62 30.52 5.95
C GLY C 304 38.21 30.00 6.23
N LYS C 305 37.37 30.80 6.91
CA LYS C 305 36.01 30.37 7.21
C LYS C 305 35.02 30.75 6.12
N LEU C 306 35.42 31.57 5.15
CA LEU C 306 34.44 32.18 4.27
C LEU C 306 33.74 31.16 3.36
N ASP C 307 34.47 30.18 2.83
CA ASP C 307 33.86 29.18 1.95
C ASP C 307 32.71 28.46 2.66
N GLU C 308 32.95 27.97 3.89
CA GLU C 308 31.94 27.20 4.59
C GLU C 308 30.79 28.12 5.03
N LEU C 309 31.10 29.36 5.42
CA LEU C 309 30.06 30.31 5.82
C LEU C 309 29.16 30.61 4.61
N GLN C 310 29.79 30.83 3.45
CA GLN C 310 29.02 31.11 2.25
C GLN C 310 28.09 29.94 1.92
N ALA C 311 28.64 28.72 1.92
CA ALA C 311 27.85 27.54 1.57
C ALA C 311 26.66 27.38 2.51
N ALA C 312 26.80 27.80 3.77
CA ALA C 312 25.77 27.56 4.76
C ALA C 312 24.70 28.66 4.77
N GLY C 313 24.94 29.78 4.06
CA GLY C 313 23.92 30.81 3.87
C GLY C 313 24.26 32.15 4.53
N VAL C 314 25.46 32.30 5.07
CA VAL C 314 25.86 33.56 5.68
C VAL C 314 26.16 34.57 4.58
N LYS C 315 25.72 35.82 4.77
CA LYS C 315 25.85 36.86 3.75
C LYS C 315 26.54 38.11 4.28
N GLN C 316 27.04 38.05 5.53
CA GLN C 316 27.59 39.22 6.18
C GLN C 316 28.61 38.81 7.24
N ILE C 317 29.68 39.59 7.34
CA ILE C 317 30.82 39.31 8.21
C ILE C 317 31.18 40.57 8.98
N THR C 318 31.28 40.47 10.31
CA THR C 318 31.82 41.56 11.12
C THR C 318 33.26 41.27 11.52
N LEU C 319 34.15 42.23 11.25
CA LEU C 319 35.43 42.30 11.94
C LEU C 319 35.17 42.99 13.26
N ASP C 320 35.28 42.20 14.35
CA ASP C 320 34.89 42.68 15.66
C ASP C 320 36.10 43.34 16.33
N ASP C 321 36.07 43.38 17.66
CA ASP C 321 37.02 44.15 18.44
C ASP C 321 38.43 43.61 18.24
N GLY C 322 39.44 44.48 18.45
CA GLY C 322 40.84 44.07 18.45
C GLY C 322 41.61 44.48 17.19
N TRP C 323 40.98 45.24 16.25
CA TRP C 323 41.58 45.50 14.96
C TRP C 323 42.42 46.79 14.94
N TYR C 324 42.32 47.62 15.98
CA TYR C 324 42.74 49.02 15.91
C TYR C 324 43.87 49.28 16.91
N THR C 325 44.58 50.39 16.71
CA THR C 325 45.62 50.85 17.62
C THR C 325 44.96 51.36 18.89
N ASN C 326 44.12 52.39 18.75
CA ASN C 326 43.47 53.08 19.84
C ASN C 326 42.16 53.63 19.35
N ALA C 327 41.17 53.69 20.23
CA ALA C 327 39.96 54.46 19.96
C ALA C 327 40.33 55.90 19.62
N GLY C 328 39.44 56.58 18.90
CA GLY C 328 39.66 57.95 18.50
C GLY C 328 40.49 58.03 17.22
N ASP C 329 41.71 57.48 17.28
CA ASP C 329 42.55 57.31 16.11
C ASP C 329 41.92 56.34 15.12
N TRP C 330 41.45 55.20 15.62
CA TRP C 330 40.86 54.16 14.78
C TRP C 330 41.77 53.86 13.57
N ALA C 331 43.06 53.65 13.84
CA ALA C 331 44.01 53.19 12.84
C ALA C 331 44.20 51.67 12.93
N LEU C 332 44.63 51.07 11.81
CA LEU C 332 44.86 49.63 11.75
C LEU C 332 45.96 49.26 12.73
N ASN C 333 45.69 48.24 13.56
CA ASN C 333 46.71 47.64 14.41
C ASN C 333 47.76 46.94 13.56
N PRO C 334 49.05 47.32 13.64
CA PRO C 334 50.09 46.72 12.81
C PRO C 334 50.27 45.21 12.99
N GLU C 335 49.99 44.71 14.18
CA GLU C 335 50.07 43.28 14.44
C GLU C 335 49.00 42.53 13.65
N LYS C 336 47.82 43.13 13.46
CA LYS C 336 46.75 42.48 12.74
C LYS C 336 46.82 42.79 11.26
N PHE C 337 47.39 43.96 10.91
CA PHE C 337 47.49 44.40 9.53
C PHE C 337 48.95 44.76 9.24
N PRO C 338 49.88 43.78 9.22
CA PRO C 338 51.29 44.07 8.98
C PRO C 338 51.56 44.86 7.70
N ASN C 339 50.70 44.73 6.69
CA ASN C 339 50.90 45.39 5.42
C ASN C 339 50.01 46.63 5.28
N GLY C 340 49.37 47.05 6.38
CA GLY C 340 48.55 48.24 6.36
C GLY C 340 47.25 48.04 5.60
N ALA C 341 46.83 49.07 4.86
CA ALA C 341 45.53 49.11 4.22
C ALA C 341 45.35 47.96 3.25
N SER C 342 46.43 47.50 2.61
CA SER C 342 46.31 46.41 1.64
C SER C 342 45.82 45.12 2.32
N ASP C 343 46.14 44.97 3.60
CA ASP C 343 45.66 43.84 4.39
C ASP C 343 44.17 43.98 4.69
N ALA C 344 43.72 45.18 5.05
CA ALA C 344 42.30 45.42 5.27
C ALA C 344 41.53 45.11 3.99
N LEU C 345 42.08 45.53 2.85
CA LEU C 345 41.43 45.32 1.57
C LEU C 345 41.42 43.85 1.19
N ARG C 346 42.47 43.10 1.49
CA ARG C 346 42.46 41.69 1.11
C ARG C 346 41.38 40.98 1.92
N LEU C 347 41.14 41.46 3.15
CA LEU C 347 40.08 40.90 3.97
C LEU C 347 38.70 41.24 3.37
N THR C 348 38.43 42.53 3.11
CA THR C 348 37.11 42.93 2.65
C THR C 348 36.87 42.45 1.21
N ASP C 349 37.91 42.41 0.38
CA ASP C 349 37.78 41.81 -0.95
C ASP C 349 37.36 40.34 -0.84
N ALA C 350 37.99 39.58 0.07
CA ALA C 350 37.66 38.17 0.19
C ALA C 350 36.20 38.04 0.63
N ILE C 351 35.77 38.89 1.57
CA ILE C 351 34.40 38.88 2.03
C ILE C 351 33.47 39.17 0.85
N HIS C 352 33.76 40.23 0.07
CA HIS C 352 32.94 40.59 -1.08
C HIS C 352 32.90 39.45 -2.11
N GLU C 353 34.04 38.80 -2.33
CA GLU C 353 34.13 37.75 -3.33
C GLU C 353 33.28 36.54 -2.94
N HIS C 354 32.89 36.42 -1.67
CA HIS C 354 32.01 35.36 -1.22
C HIS C 354 30.56 35.83 -1.14
N GLY C 355 30.25 36.94 -1.80
CA GLY C 355 28.89 37.46 -1.89
C GLY C 355 28.42 38.11 -0.59
N MET C 356 29.35 38.60 0.23
CA MET C 356 29.00 39.09 1.56
C MET C 356 29.35 40.57 1.70
N THR C 357 28.66 41.24 2.64
CA THR C 357 29.07 42.57 3.10
C THR C 357 29.95 42.42 4.35
N ALA C 358 30.81 43.42 4.55
CA ALA C 358 31.78 43.46 5.63
C ALA C 358 31.49 44.63 6.56
N LEU C 359 31.42 44.36 7.86
CA LEU C 359 31.16 45.37 8.89
C LEU C 359 32.39 45.51 9.78
N LEU C 360 32.53 46.71 10.38
CA LEU C 360 33.65 47.03 11.24
C LEU C 360 33.14 47.51 12.60
N TRP C 361 33.75 46.96 13.65
CA TRP C 361 33.48 47.31 15.04
C TRP C 361 34.10 48.67 15.35
N TRP C 362 33.39 49.48 16.12
CA TRP C 362 33.97 50.69 16.70
C TRP C 362 33.22 51.07 17.95
N ARG C 363 33.78 52.04 18.68
CA ARG C 363 33.13 52.62 19.84
C ARG C 363 32.94 54.11 19.58
N PRO C 364 31.78 54.53 19.03
CA PRO C 364 31.54 55.96 18.83
C PRO C 364 31.59 56.69 20.18
N CYS C 365 32.04 57.94 20.13
CA CYS C 365 32.14 58.85 21.27
C CYS C 365 33.48 58.69 22.00
N ASP C 366 34.22 57.61 21.73
CA ASP C 366 35.45 57.33 22.46
C ASP C 366 36.63 57.91 21.68
N GLY C 367 37.32 58.89 22.28
CA GLY C 367 38.45 59.53 21.63
C GLY C 367 39.79 58.97 22.08
N GLY C 368 39.75 57.91 22.92
CA GLY C 368 40.95 57.24 23.41
C GLY C 368 41.51 57.96 24.63
N ILE C 369 42.63 57.43 25.15
CA ILE C 369 43.37 58.06 26.23
C ILE C 369 44.78 58.33 25.76
N ASP C 370 45.44 57.28 25.26
CA ASP C 370 46.78 57.38 24.70
C ASP C 370 46.73 57.60 23.19
N SER C 371 45.58 58.02 22.68
CA SER C 371 45.42 58.29 21.27
C SER C 371 46.25 59.50 20.87
N ILE C 372 46.67 59.51 19.61
CA ILE C 372 47.18 60.70 18.97
C ILE C 372 46.12 61.80 19.06
N LEU C 373 44.85 61.43 18.91
CA LEU C 373 43.73 62.36 18.93
C LEU C 373 43.75 63.18 20.23
N TYR C 374 43.87 62.50 21.39
CA TYR C 374 43.85 63.18 22.67
C TYR C 374 45.13 64.00 22.86
N GLN C 375 46.26 63.46 22.40
CA GLN C 375 47.52 64.16 22.51
C GLN C 375 47.51 65.46 21.71
N GLN C 376 47.02 65.39 20.48
CA GLN C 376 47.06 66.53 19.56
C GLN C 376 45.87 67.48 19.78
N HIS C 377 44.70 66.96 20.19
CA HIS C 377 43.49 67.76 20.21
C HIS C 377 42.68 67.53 21.48
N PRO C 378 43.23 67.82 22.68
CA PRO C 378 42.46 67.69 23.92
C PRO C 378 41.21 68.56 23.92
N GLU C 379 41.21 69.64 23.13
CA GLU C 379 40.10 70.58 23.06
C GLU C 379 38.85 69.92 22.47
N TYR C 380 38.98 68.77 21.80
CA TYR C 380 37.82 68.08 21.24
C TYR C 380 37.03 67.29 22.29
N PHE C 381 37.56 67.18 23.52
CA PHE C 381 37.07 66.19 24.47
C PHE C 381 36.20 66.85 25.52
N VAL C 382 35.39 66.04 26.18
CA VAL C 382 34.66 66.50 27.35
C VAL C 382 35.64 66.77 28.49
N MET C 383 35.40 67.90 29.18
CA MET C 383 36.17 68.29 30.34
C MET C 383 35.22 68.27 31.55
N ASP C 384 35.68 67.67 32.66
CA ASP C 384 34.87 67.55 33.85
C ASP C 384 34.99 68.82 34.67
N ALA C 385 34.25 68.87 35.78
CA ALA C 385 34.16 70.05 36.60
C ALA C 385 35.49 70.41 37.22
N ASP C 386 36.44 69.48 37.27
CA ASP C 386 37.76 69.78 37.81
C ASP C 386 38.74 70.15 36.71
N GLY C 387 38.30 70.27 35.48
CA GLY C 387 39.22 70.66 34.41
C GLY C 387 39.96 69.47 33.79
N ARG C 388 39.56 68.25 34.15
CA ARG C 388 40.24 67.06 33.66
C ARG C 388 39.43 66.42 32.53
N PRO C 389 40.08 65.64 31.65
CA PRO C 389 39.38 64.92 30.59
C PRO C 389 38.41 63.93 31.23
N ALA C 390 37.17 63.88 30.73
CA ALA C 390 36.14 63.03 31.29
C ALA C 390 36.11 61.69 30.58
N ARG C 391 36.13 60.60 31.35
CA ARG C 391 35.99 59.27 30.78
C ARG C 391 34.53 59.03 30.38
N LEU C 392 34.33 58.17 29.37
CA LEU C 392 33.02 57.62 29.08
C LEU C 392 32.53 56.80 30.26
N PRO C 393 31.30 57.07 30.77
CA PRO C 393 30.74 56.33 31.89
C PRO C 393 30.07 55.01 31.51
N THR C 394 30.20 54.03 32.43
CA THR C 394 29.37 52.84 32.40
C THR C 394 28.01 53.21 32.94
N PRO C 395 26.98 52.38 32.71
CA PRO C 395 25.65 52.59 33.26
C PRO C 395 25.66 52.82 34.76
N GLY C 396 25.07 53.94 35.16
CA GLY C 396 24.96 54.27 36.57
C GLY C 396 26.21 54.97 37.08
N GLY C 397 27.26 55.09 36.27
CA GLY C 397 28.44 55.81 36.70
C GLY C 397 29.65 54.88 36.77
N GLY C 398 30.82 55.45 36.99
CA GLY C 398 32.03 54.66 36.91
C GLY C 398 32.48 54.55 35.45
N THR C 399 33.65 53.93 35.26
CA THR C 399 34.14 53.66 33.92
C THR C 399 34.80 52.29 33.98
N ASN C 400 35.48 51.91 32.91
CA ASN C 400 36.28 50.72 32.92
C ASN C 400 37.47 50.91 32.00
N PRO C 401 38.50 50.04 32.17
CA PRO C 401 39.78 50.27 31.51
C PRO C 401 39.71 50.29 29.99
N SER C 402 38.65 49.74 29.40
CA SER C 402 38.58 49.69 27.96
C SER C 402 37.95 50.96 27.35
N LEU C 403 37.40 51.84 28.21
CA LEU C 403 36.73 53.06 27.78
C LEU C 403 37.65 54.25 27.89
N GLY C 404 37.77 55.02 26.82
CA GLY C 404 38.64 56.19 26.85
C GLY C 404 37.90 57.48 27.27
N TYR C 405 38.53 58.62 26.93
CA TYR C 405 37.94 59.93 27.20
C TYR C 405 36.83 60.22 26.18
N ALA C 406 35.75 60.82 26.67
CA ALA C 406 34.60 61.18 25.86
C ALA C 406 34.92 62.32 24.90
N LEU C 407 34.55 62.14 23.64
CA LEU C 407 34.54 63.25 22.67
C LEU C 407 33.30 64.11 22.90
N CYS C 408 33.47 65.43 22.93
CA CYS C 408 32.32 66.31 23.13
C CYS C 408 31.55 66.44 21.81
N PRO C 409 30.25 66.10 21.79
CA PRO C 409 29.46 66.11 20.56
C PRO C 409 29.29 67.49 19.94
N MET C 410 29.60 68.55 20.68
CA MET C 410 29.50 69.89 20.14
C MET C 410 30.84 70.40 19.65
N ALA C 411 31.90 69.61 19.76
CA ALA C 411 33.19 70.04 19.21
C ALA C 411 33.26 69.57 17.76
N ASP C 412 33.37 70.53 16.83
CA ASP C 412 33.41 70.20 15.41
C ASP C 412 34.52 69.18 15.10
N GLY C 413 35.70 69.37 15.71
CA GLY C 413 36.81 68.45 15.53
C GLY C 413 36.51 67.03 16.02
N ALA C 414 35.72 66.89 17.08
CA ALA C 414 35.35 65.58 17.56
C ALA C 414 34.47 64.86 16.53
N ILE C 415 33.47 65.58 16.05
CA ILE C 415 32.55 65.02 15.06
C ILE C 415 33.30 64.64 13.80
N ALA C 416 34.20 65.53 13.37
CA ALA C 416 34.99 65.32 12.17
C ALA C 416 35.85 64.06 12.30
N SER C 417 36.36 63.78 13.51
CA SER C 417 37.19 62.61 13.72
C SER C 417 36.35 61.34 13.52
N GLN C 418 35.06 61.39 13.87
CA GLN C 418 34.18 60.24 13.65
C GLN C 418 33.90 60.07 12.15
N VAL C 419 33.59 61.18 11.47
CA VAL C 419 33.37 61.18 10.03
C VAL C 419 34.61 60.66 9.30
N ASP C 420 35.81 61.12 9.70
CA ASP C 420 37.03 60.73 9.02
C ASP C 420 37.26 59.22 9.16
N PHE C 421 36.95 58.65 10.33
CA PHE C 421 36.98 57.21 10.52
C PHE C 421 36.04 56.49 9.55
N VAL C 422 34.79 56.95 9.47
CA VAL C 422 33.82 56.35 8.58
C VAL C 422 34.33 56.33 7.14
N ASN C 423 34.89 57.47 6.70
CA ASN C 423 35.32 57.61 5.32
C ASN C 423 36.53 56.71 5.04
N ARG C 424 37.45 56.60 6.00
CA ARG C 424 38.62 55.74 5.83
C ARG C 424 38.17 54.27 5.77
N ALA C 425 37.32 53.86 6.71
CA ALA C 425 36.93 52.46 6.80
C ALA C 425 36.17 52.04 5.54
N MET C 426 35.30 52.93 5.03
CA MET C 426 34.52 52.61 3.84
C MET C 426 35.38 52.75 2.58
N ASN C 427 36.06 53.89 2.40
CA ASN C 427 36.68 54.20 1.12
C ASN C 427 38.12 53.67 1.00
N ASP C 428 38.85 53.55 2.11
CA ASP C 428 40.19 52.99 2.04
C ASP C 428 40.23 51.48 2.29
N TRP C 429 39.35 50.99 3.15
CA TRP C 429 39.45 49.60 3.60
C TRP C 429 38.34 48.70 3.05
N GLY C 430 37.29 49.32 2.46
CA GLY C 430 36.25 48.59 1.74
C GLY C 430 35.18 48.02 2.64
N PHE C 431 34.96 48.56 3.84
CA PHE C 431 33.88 48.13 4.69
C PHE C 431 32.55 48.72 4.23
N ASP C 432 31.46 47.98 4.55
CA ASP C 432 30.12 48.27 4.06
C ASP C 432 29.19 48.66 5.22
N GLY C 433 29.75 48.85 6.41
CA GLY C 433 28.93 49.26 7.55
C GLY C 433 29.65 49.06 8.88
N PHE C 434 28.93 49.34 9.96
CA PHE C 434 29.54 49.56 11.26
C PHE C 434 28.70 48.95 12.35
N LYS C 435 29.42 48.39 13.33
CA LYS C 435 28.87 47.89 14.57
C LYS C 435 29.52 48.71 15.68
N GLY C 436 28.77 49.68 16.19
CA GLY C 436 29.16 50.43 17.36
C GLY C 436 28.83 49.64 18.62
N ALA C 437 29.68 49.76 19.63
CA ALA C 437 29.47 48.95 20.82
C ALA C 437 30.21 49.53 22.02
N TYR C 438 29.72 49.14 23.20
CA TYR C 438 30.41 49.34 24.46
C TYR C 438 30.60 50.83 24.72
N VAL C 439 29.51 51.54 24.53
CA VAL C 439 29.38 52.92 24.95
C VAL C 439 27.95 53.10 25.48
N TRP C 440 27.80 54.00 26.43
CA TRP C 440 26.52 54.27 27.09
C TRP C 440 26.26 55.78 27.05
N SER C 441 26.24 56.47 28.20
CA SER C 441 25.92 57.88 28.19
C SER C 441 27.19 58.70 27.97
N MET C 442 27.03 60.02 28.11
CA MET C 442 27.99 61.04 27.75
C MET C 442 28.11 61.97 28.95
N PRO C 443 29.34 62.20 29.48
CA PRO C 443 29.47 63.05 30.66
C PRO C 443 29.20 64.51 30.31
N GLU C 444 28.87 65.26 31.34
CA GLU C 444 28.68 66.70 31.26
C GLU C 444 30.01 67.36 30.99
N CYS C 445 29.95 68.47 30.26
CA CYS C 445 31.15 69.13 29.77
C CYS C 445 31.27 70.54 30.34
N TYR C 446 32.45 70.83 30.90
CA TYR C 446 32.77 72.13 31.48
C TYR C 446 33.89 72.83 30.71
N ASN C 447 34.18 72.39 29.49
CA ASN C 447 35.23 73.04 28.72
C ASN C 447 34.77 74.43 28.28
N PRO C 448 35.39 75.53 28.80
CA PRO C 448 34.94 76.88 28.46
C PRO C 448 35.07 77.19 26.97
N ALA C 449 36.02 76.55 26.29
CA ALA C 449 36.20 76.75 24.87
C ALA C 449 34.98 76.30 24.06
N HIS C 450 34.14 75.42 24.65
CA HIS C 450 32.99 74.93 23.92
C HIS C 450 31.80 75.88 24.11
N ASN C 451 31.87 76.80 25.09
CA ASN C 451 30.81 77.78 25.31
C ASN C 451 29.45 77.10 25.49
N HIS C 452 29.41 76.05 26.32
CA HIS C 452 28.16 75.36 26.53
C HIS C 452 27.15 76.26 27.24
N ALA C 453 25.88 76.15 26.86
CA ALA C 453 24.77 76.77 27.56
C ALA C 453 24.78 76.33 29.02
N SER C 454 24.85 75.02 29.21
CA SER C 454 24.98 74.42 30.52
C SER C 454 25.76 73.12 30.34
N PRO C 455 26.30 72.52 31.43
CA PRO C 455 27.12 71.32 31.29
C PRO C 455 26.41 70.10 30.72
N GLU C 456 25.09 70.00 30.92
CA GLU C 456 24.31 68.87 30.43
C GLU C 456 24.22 68.85 28.89
N GLU C 457 24.61 69.95 28.26
CA GLU C 457 24.47 70.04 26.82
C GLU C 457 25.23 68.93 26.09
N SER C 458 26.42 68.53 26.58
CA SER C 458 27.11 67.42 25.97
C SER C 458 26.25 66.16 26.01
N THR C 459 25.70 65.87 27.19
CA THR C 459 24.88 64.69 27.41
C THR C 459 23.69 64.71 26.45
N GLU C 460 23.03 65.88 26.37
CA GLU C 460 21.85 66.03 25.54
C GLU C 460 22.15 65.80 24.06
N LYS C 461 23.35 66.19 23.63
CA LYS C 461 23.71 66.21 22.23
C LYS C 461 24.47 64.96 21.78
N GLN C 462 24.59 63.97 22.67
CA GLN C 462 25.35 62.77 22.35
C GLN C 462 24.91 62.20 21.00
N SER C 463 23.59 62.20 20.75
CA SER C 463 23.08 61.55 19.54
C SER C 463 23.54 62.22 18.25
N GLU C 464 24.05 63.46 18.34
CA GLU C 464 24.62 64.13 17.17
C GLU C 464 25.79 63.32 16.60
N ILE C 465 26.56 62.66 17.46
CA ILE C 465 27.63 61.80 16.98
C ILE C 465 27.06 60.69 16.09
N TYR C 466 25.95 60.09 16.53
CA TYR C 466 25.38 58.97 15.79
C TYR C 466 24.77 59.48 14.49
N ARG C 467 24.08 60.62 14.54
CA ARG C 467 23.42 61.17 13.37
C ARG C 467 24.45 61.51 12.29
N VAL C 468 25.47 62.29 12.67
CA VAL C 468 26.40 62.82 11.69
C VAL C 468 27.24 61.67 11.11
N SER C 469 27.64 60.72 11.95
CA SER C 469 28.37 59.52 11.50
C SER C 469 27.57 58.78 10.45
N TYR C 470 26.30 58.53 10.76
CA TYR C 470 25.45 57.78 9.87
C TYR C 470 25.28 58.53 8.54
N GLU C 471 25.11 59.86 8.61
CA GLU C 471 24.93 60.63 7.40
C GLU C 471 26.18 60.52 6.51
N ALA C 472 27.35 60.46 7.12
CA ALA C 472 28.58 60.30 6.35
C ALA C 472 28.63 58.90 5.73
N MET C 473 28.22 57.88 6.51
CA MET C 473 28.16 56.51 6.01
C MET C 473 27.29 56.41 4.76
N VAL C 474 26.09 57.04 4.83
CA VAL C 474 25.11 56.97 3.77
C VAL C 474 25.63 57.67 2.52
N ALA C 475 26.39 58.76 2.70
CA ALA C 475 26.95 59.46 1.55
C ALA C 475 27.90 58.55 0.78
N ASN C 476 28.60 57.65 1.48
CA ASN C 476 29.48 56.72 0.78
C ASN C 476 28.67 55.60 0.12
N ASP C 477 27.65 55.12 0.80
CA ASP C 477 26.82 54.03 0.31
C ASP C 477 25.45 54.09 0.96
N PRO C 478 24.37 54.31 0.19
CA PRO C 478 23.05 54.40 0.79
C PRO C 478 22.60 53.11 1.45
N ASN C 479 23.23 51.98 1.08
CA ASN C 479 22.86 50.68 1.64
C ASN C 479 23.72 50.31 2.84
N VAL C 480 24.51 51.25 3.36
CA VAL C 480 25.38 50.99 4.49
C VAL C 480 24.59 50.44 5.67
N PHE C 481 25.24 49.53 6.40
CA PHE C 481 24.68 48.97 7.61
C PHE C 481 25.14 49.78 8.81
N ASN C 482 24.24 49.96 9.78
CA ASN C 482 24.61 50.68 10.98
C ASN C 482 23.84 50.14 12.17
N LEU C 483 24.61 49.83 13.22
CA LEU C 483 24.08 49.29 14.46
C LEU C 483 24.87 49.87 15.62
N LEU C 484 24.17 50.06 16.76
CA LEU C 484 24.83 50.51 17.97
C LEU C 484 24.32 49.65 19.14
N CYS C 485 25.27 49.06 19.87
CA CYS C 485 24.97 48.24 21.03
C CYS C 485 25.42 49.00 22.29
N ASN C 486 24.46 49.56 23.03
CA ASN C 486 24.72 50.09 24.36
C ASN C 486 24.65 48.90 25.31
N CYS C 487 25.71 48.07 25.21
CA CYS C 487 25.70 46.67 25.62
C CYS C 487 25.13 46.50 27.05
N GLY C 488 24.12 45.63 27.17
CA GLY C 488 23.62 45.24 28.48
C GLY C 488 22.54 46.18 29.02
N THR C 489 22.09 47.14 28.18
CA THR C 489 21.08 48.13 28.54
C THR C 489 20.19 48.35 27.33
N PRO C 490 19.01 48.98 27.49
CA PRO C 490 18.19 49.36 26.34
C PRO C 490 18.95 50.42 25.55
N GLN C 491 18.82 50.33 24.22
CA GLN C 491 19.57 51.22 23.34
C GLN C 491 19.20 52.68 23.58
N ASP C 492 20.19 53.56 23.35
CA ASP C 492 19.97 54.98 23.41
C ASP C 492 18.86 55.36 22.41
N TYR C 493 17.72 55.78 22.94
CA TYR C 493 16.55 56.00 22.10
C TYR C 493 16.84 56.97 20.97
N TYR C 494 17.65 58.01 21.24
CA TYR C 494 17.86 59.05 20.27
C TYR C 494 18.90 58.65 19.23
N SER C 495 19.55 57.48 19.40
CA SER C 495 20.35 56.87 18.36
C SER C 495 19.50 56.11 17.34
N LEU C 496 18.28 55.71 17.74
CA LEU C 496 17.51 54.72 17.01
C LEU C 496 17.17 55.18 15.59
N PRO C 497 16.88 56.47 15.34
CA PRO C 497 16.59 56.92 13.99
C PRO C 497 17.70 56.72 12.97
N TYR C 498 18.92 56.46 13.42
CA TYR C 498 20.06 56.42 12.51
C TYR C 498 20.59 55.00 12.33
N MET C 499 19.76 54.00 12.71
CA MET C 499 20.19 52.61 12.67
C MET C 499 19.54 51.90 11.48
N THR C 500 20.16 50.78 11.03
CA THR C 500 19.53 49.88 10.06
C THR C 500 19.23 48.52 10.71
N GLN C 501 19.74 48.28 11.93
CA GLN C 501 19.49 47.02 12.63
C GLN C 501 19.72 47.25 14.13
N ILE C 502 18.94 46.57 14.97
CA ILE C 502 19.14 46.58 16.41
C ILE C 502 19.52 45.19 16.89
N ALA C 503 20.54 45.12 17.77
CA ALA C 503 20.82 43.90 18.52
C ALA C 503 20.15 43.99 19.88
N THR C 504 19.76 42.84 20.44
CA THR C 504 19.15 42.88 21.76
C THR C 504 20.18 43.27 22.84
N ALA C 505 21.47 43.26 22.50
CA ALA C 505 22.51 44.05 23.16
C ALA C 505 23.14 43.28 24.33
N ASP C 506 23.91 42.25 23.99
CA ASP C 506 24.51 41.37 25.00
C ASP C 506 23.46 40.83 25.96
N PRO C 507 22.36 40.23 25.46
CA PRO C 507 21.40 39.55 26.34
C PRO C 507 22.13 38.43 27.05
N THR C 508 21.72 38.14 28.29
CA THR C 508 22.34 37.09 29.07
C THR C 508 21.39 35.92 29.28
N SER C 509 20.24 35.91 28.63
CA SER C 509 19.34 34.77 28.70
C SER C 509 18.42 34.80 27.50
N VAL C 510 17.79 33.67 27.24
CA VAL C 510 16.76 33.58 26.21
C VAL C 510 15.61 34.53 26.52
N ASP C 511 15.31 34.72 27.81
CA ASP C 511 14.23 35.64 28.20
C ASP C 511 14.60 37.06 27.79
N GLN C 512 15.83 37.48 28.07
CA GLN C 512 16.26 38.81 27.70
C GLN C 512 16.18 38.98 26.17
N THR C 513 16.75 38.04 25.41
CA THR C 513 16.87 38.31 23.98
C THR C 513 15.47 38.34 23.36
N ARG C 514 14.61 37.39 23.74
CA ARG C 514 13.32 37.28 23.06
C ARG C 514 12.43 38.48 23.41
N ARG C 515 12.36 38.83 24.68
CA ARG C 515 11.46 39.89 25.10
C ARG C 515 11.93 41.23 24.56
N ARG C 516 13.25 41.39 24.37
CA ARG C 516 13.77 42.62 23.82
C ARG C 516 13.47 42.72 22.32
N VAL C 517 13.44 41.60 21.60
CA VAL C 517 13.06 41.65 20.20
C VAL C 517 11.69 42.32 20.11
N LYS C 518 10.76 41.90 20.97
CA LYS C 518 9.41 42.45 20.94
C LYS C 518 9.42 43.94 21.25
N ALA C 519 10.21 44.36 22.23
CA ALA C 519 10.29 45.77 22.60
C ALA C 519 10.81 46.62 21.45
N TYR C 520 11.87 46.14 20.79
CA TYR C 520 12.46 46.91 19.71
C TYR C 520 11.53 46.96 18.50
N LYS C 521 10.87 45.85 18.18
CA LYS C 521 9.87 45.86 17.13
C LYS C 521 8.78 46.90 17.42
N ALA C 522 8.35 46.96 18.69
CA ALA C 522 7.32 47.92 19.07
C ALA C 522 7.77 49.35 18.77
N LEU C 523 9.01 49.66 19.13
CA LEU C 523 9.53 51.02 19.03
C LEU C 523 9.93 51.38 17.60
N MET C 524 10.34 50.39 16.81
CA MET C 524 11.01 50.67 15.53
C MET C 524 10.16 50.36 14.31
N GLY C 525 9.12 49.54 14.49
CA GLY C 525 8.33 49.05 13.37
C GLY C 525 8.47 47.54 13.19
N ASP C 526 7.40 46.94 12.69
CA ASP C 526 7.28 45.49 12.60
C ASP C 526 8.24 44.87 11.60
N TYR C 527 8.77 45.68 10.67
CA TYR C 527 9.72 45.19 9.68
C TYR C 527 11.13 45.69 9.96
N PHE C 528 11.36 46.33 11.12
CA PHE C 528 12.68 46.84 11.39
C PHE C 528 13.58 45.69 11.79
N PRO C 529 14.78 45.52 11.20
CA PRO C 529 15.62 44.36 11.54
C PRO C 529 16.10 44.38 12.99
N VAL C 530 15.88 43.24 13.67
CA VAL C 530 16.42 43.03 15.01
C VAL C 530 17.14 41.69 15.01
N THR C 531 18.32 41.63 15.66
CA THR C 531 19.01 40.35 15.85
C THR C 531 18.94 39.97 17.34
N ALA C 532 18.76 38.66 17.57
CA ALA C 532 18.74 38.09 18.92
C ALA C 532 20.15 37.95 19.52
N ASP C 533 21.18 38.33 18.75
CA ASP C 533 22.56 38.38 19.24
C ASP C 533 23.10 36.95 19.41
N HIS C 534 24.35 36.83 19.87
CA HIS C 534 25.05 35.55 19.88
C HIS C 534 25.77 35.23 21.20
N ASN C 535 25.37 35.90 22.29
CA ASN C 535 26.00 35.70 23.57
C ASN C 535 25.90 34.24 24.01
N ASN C 536 24.74 33.63 23.77
CA ASN C 536 24.57 32.21 23.95
C ASN C 536 23.95 31.66 22.65
N ILE C 537 24.08 30.34 22.45
CA ILE C 537 23.48 29.69 21.30
C ILE C 537 22.01 29.45 21.59
N TRP C 538 21.15 30.15 20.84
CA TRP C 538 19.72 30.06 21.01
C TRP C 538 19.04 30.23 19.65
N TYR C 539 19.37 29.34 18.72
CA TYR C 539 18.88 29.45 17.35
C TYR C 539 17.36 29.46 17.30
N PRO C 540 16.64 28.60 18.06
CA PRO C 540 15.18 28.62 18.05
C PRO C 540 14.58 29.94 18.51
N SER C 541 15.24 30.58 19.50
CA SER C 541 14.83 31.91 19.95
C SER C 541 15.00 32.92 18.83
N ALA C 542 16.12 32.84 18.10
CA ALA C 542 16.41 33.81 17.05
C ALA C 542 15.37 33.71 15.92
N VAL C 543 15.04 32.47 15.52
CA VAL C 543 14.17 32.29 14.37
C VAL C 543 12.74 32.67 14.73
N GLY C 544 12.23 32.14 15.84
CA GLY C 544 10.81 32.22 16.16
C GLY C 544 10.37 33.64 16.52
N THR C 545 11.30 34.48 16.98
CA THR C 545 10.98 35.87 17.31
C THR C 545 11.00 36.75 16.06
N GLY C 546 11.35 36.20 14.91
CA GLY C 546 11.47 36.98 13.68
C GLY C 546 12.71 37.87 13.69
N SER C 547 13.76 37.41 14.37
CA SER C 547 15.02 38.13 14.43
C SER C 547 16.00 37.59 13.39
N VAL C 548 17.06 38.38 13.14
CA VAL C 548 18.19 37.96 12.31
C VAL C 548 19.11 37.07 13.15
N LEU C 549 19.33 35.84 12.69
CA LEU C 549 20.19 34.88 13.37
C LEU C 549 21.66 35.19 13.10
N ILE C 550 22.38 35.49 14.18
CA ILE C 550 23.82 35.73 14.06
C ILE C 550 24.58 34.76 14.97
N GLU C 551 25.90 34.72 14.72
CA GLU C 551 26.80 33.77 15.34
C GLU C 551 28.20 34.40 15.32
N LYS C 552 29.07 33.91 16.22
CA LYS C 552 30.42 34.44 16.34
C LYS C 552 31.47 33.36 16.54
N ARG C 553 31.05 32.10 16.72
CA ARG C 553 31.94 31.05 17.13
C ARG C 553 32.54 30.33 15.93
N ASP C 554 33.73 29.79 16.15
CA ASP C 554 34.35 28.86 15.22
C ASP C 554 33.90 27.45 15.60
N LEU C 555 32.90 26.92 14.92
CA LEU C 555 32.24 25.71 15.35
C LEU C 555 32.79 24.49 14.62
N SER C 556 32.73 23.34 15.29
CA SER C 556 33.00 22.08 14.63
C SER C 556 32.05 21.02 15.18
N GLY C 557 32.11 19.82 14.59
CA GLY C 557 31.33 18.70 15.08
C GLY C 557 29.84 19.00 15.03
N THR C 558 29.13 18.53 16.05
CA THR C 558 27.67 18.62 16.01
C THR C 558 27.26 20.08 16.19
N ALA C 559 28.05 20.93 16.84
CA ALA C 559 27.66 22.32 17.02
C ALA C 559 27.66 23.05 15.67
N LYS C 560 28.65 22.72 14.84
CA LYS C 560 28.68 23.21 13.48
C LYS C 560 27.47 22.71 12.69
N GLU C 561 27.13 21.43 12.80
CA GLU C 561 25.96 20.89 12.13
C GLU C 561 24.70 21.62 12.58
N GLU C 562 24.61 21.91 13.87
CA GLU C 562 23.46 22.60 14.43
C GLU C 562 23.33 24.02 13.82
N TYR C 563 24.46 24.72 13.68
CA TYR C 563 24.46 26.06 13.10
C TYR C 563 24.01 25.97 11.64
N GLU C 564 24.55 25.02 10.89
CA GLU C 564 24.20 24.82 9.49
C GLU C 564 22.70 24.54 9.37
N LYS C 565 22.19 23.68 10.25
CA LYS C 565 20.78 23.33 10.24
C LYS C 565 19.94 24.58 10.41
N TRP C 566 20.30 25.41 11.40
CA TRP C 566 19.45 26.53 11.76
C TRP C 566 19.60 27.70 10.80
N LEU C 567 20.77 27.84 10.18
CA LEU C 567 20.95 28.76 9.07
C LEU C 567 20.00 28.36 7.95
N GLY C 568 19.91 27.06 7.67
CA GLY C 568 19.04 26.55 6.63
C GLY C 568 17.58 26.89 6.90
N ILE C 569 17.14 26.70 8.16
CA ILE C 569 15.79 27.05 8.55
C ILE C 569 15.57 28.57 8.39
N ALA C 570 16.49 29.38 8.94
CA ALA C 570 16.34 30.84 8.94
C ALA C 570 16.29 31.36 7.51
N ASP C 571 17.09 30.74 6.65
CA ASP C 571 17.20 31.15 5.27
C ASP C 571 16.00 30.66 4.46
N THR C 572 15.24 29.68 4.97
CA THR C 572 14.06 29.19 4.30
C THR C 572 12.84 30.03 4.68
N VAL C 573 12.57 30.19 5.98
CA VAL C 573 11.36 30.87 6.39
C VAL C 573 11.55 32.39 6.38
N GLN C 574 12.79 32.84 6.63
CA GLN C 574 13.13 34.26 6.52
C GLN C 574 12.17 35.14 7.31
N LEU C 575 11.93 34.76 8.58
CA LEU C 575 11.00 35.51 9.39
C LEU C 575 11.62 36.85 9.79
N GLN C 576 12.94 37.01 9.65
CA GLN C 576 13.58 38.29 9.91
C GLN C 576 13.06 39.38 8.96
N LYS C 577 12.53 38.99 7.81
CA LYS C 577 11.95 39.91 6.84
C LYS C 577 10.41 39.95 6.94
N GLY C 578 9.83 39.17 7.84
CA GLY C 578 8.39 39.09 7.95
C GLY C 578 7.85 40.19 8.85
N ARG C 579 6.52 40.32 8.84
CA ARG C 579 5.85 41.31 9.67
C ARG C 579 5.70 40.75 11.07
N PHE C 580 6.48 41.27 12.01
CA PHE C 580 6.30 40.93 13.41
C PHE C 580 4.90 41.37 13.85
N ILE C 581 4.22 40.49 14.60
CA ILE C 581 2.91 40.78 15.13
C ILE C 581 2.95 40.65 16.65
N GLY C 582 2.81 41.79 17.33
CA GLY C 582 3.07 41.84 18.76
C GLY C 582 1.79 41.98 19.60
N ASP C 583 0.63 42.09 18.96
CA ASP C 583 -0.58 42.50 19.65
C ASP C 583 -1.55 41.35 19.87
N LEU C 584 -1.15 40.11 19.61
CA LEU C 584 -2.06 38.99 19.76
C LEU C 584 -1.86 38.29 21.10
N TYR C 585 -0.61 38.27 21.59
CA TYR C 585 -0.29 37.58 22.82
C TYR C 585 0.35 38.58 23.79
N SER C 586 0.00 38.39 25.07
CA SER C 586 0.51 39.23 26.16
C SER C 586 1.50 38.44 27.01
N TYR C 587 2.76 38.88 26.97
CA TYR C 587 3.82 38.26 27.73
C TYR C 587 3.46 38.25 29.22
N GLY C 588 3.45 37.03 29.79
CA GLY C 588 3.21 36.83 31.20
C GLY C 588 1.75 36.56 31.52
N PHE C 589 0.86 36.67 30.52
CA PHE C 589 -0.57 36.49 30.75
C PHE C 589 -1.14 35.38 29.88
N ASP C 590 -0.79 35.35 28.60
CA ASP C 590 -1.08 34.18 27.80
C ASP C 590 -0.29 32.99 28.34
N PRO C 591 -0.76 31.75 28.10
CA PRO C 591 -0.19 30.59 28.79
C PRO C 591 1.30 30.36 28.51
N TYR C 592 1.75 30.68 27.30
CA TYR C 592 3.16 30.57 26.93
C TYR C 592 3.67 31.95 26.53
N GLU C 593 4.98 32.14 26.75
CA GLU C 593 5.72 33.17 26.04
C GLU C 593 5.63 32.87 24.54
N THR C 594 4.97 33.77 23.80
CA THR C 594 4.60 33.54 22.41
C THR C 594 5.04 34.71 21.50
N TYR C 595 5.48 34.36 20.29
CA TYR C 595 5.81 35.34 19.26
C TYR C 595 5.12 34.92 17.95
N VAL C 596 4.81 35.93 17.13
CA VAL C 596 4.10 35.74 15.87
C VAL C 596 4.77 36.60 14.80
N VAL C 597 4.89 36.04 13.61
CA VAL C 597 5.39 36.74 12.44
C VAL C 597 4.55 36.31 11.24
N ALA C 598 4.12 37.29 10.42
CA ALA C 598 3.45 36.99 9.17
C ALA C 598 4.47 37.13 8.05
N ALA C 599 4.60 36.09 7.23
CA ALA C 599 5.50 36.12 6.09
C ALA C 599 4.80 35.53 4.88
N ASP C 600 4.76 36.31 3.79
CA ASP C 600 4.08 35.98 2.55
C ASP C 600 2.68 35.49 2.83
N GLY C 601 1.97 36.18 3.73
CA GLY C 601 0.57 35.86 3.98
C GLY C 601 0.37 34.60 4.82
N VAL C 602 1.44 34.05 5.42
CA VAL C 602 1.32 32.90 6.29
C VAL C 602 1.73 33.29 7.71
N MET C 603 0.93 32.83 8.68
CA MET C 603 1.16 33.12 10.09
C MET C 603 2.10 32.06 10.69
N TYR C 604 3.20 32.55 11.28
CA TYR C 604 4.17 31.74 12.00
C TYR C 604 4.10 32.07 13.48
N TYR C 605 4.12 31.02 14.30
CA TYR C 605 4.03 31.13 15.74
C TYR C 605 5.23 30.45 16.38
N ALA C 606 5.66 31.01 17.51
CA ALA C 606 6.73 30.45 18.31
C ALA C 606 6.28 30.45 19.76
N PHE C 607 6.21 29.26 20.37
CA PHE C 607 5.89 29.08 21.77
C PHE C 607 7.13 28.59 22.51
N TYR C 608 7.44 29.20 23.65
CA TYR C 608 8.61 28.84 24.45
C TYR C 608 8.22 28.51 25.88
N LYS C 609 8.99 27.58 26.46
CA LYS C 609 8.87 27.20 27.85
C LYS C 609 10.21 27.28 28.56
N ASP C 610 11.29 27.61 27.84
CA ASP C 610 12.64 27.53 28.40
C ASP C 610 13.04 28.85 29.04
N GLY C 611 12.16 29.84 29.03
CA GLY C 611 12.42 31.09 29.71
C GLY C 611 11.96 31.00 31.16
N SER C 612 12.92 30.91 32.08
CA SER C 612 12.59 30.74 33.49
C SER C 612 11.81 31.93 34.06
N LYS C 613 11.79 33.10 33.43
CA LYS C 613 11.10 34.26 33.98
C LYS C 613 9.58 34.12 33.80
N TYR C 614 9.17 33.33 32.81
CA TYR C 614 7.77 33.05 32.59
C TYR C 614 7.60 31.75 31.80
N SER C 615 7.19 30.71 32.51
CA SER C 615 7.05 29.38 31.93
C SER C 615 5.90 28.67 32.61
N PRO C 616 4.95 28.04 31.89
CA PRO C 616 3.83 27.36 32.53
C PRO C 616 4.25 26.14 33.33
N THR C 617 3.53 25.89 34.43
CA THR C 617 3.43 24.57 35.00
C THR C 617 2.62 23.73 34.03
N GLY C 618 3.17 22.56 33.70
CA GLY C 618 2.47 21.59 32.89
C GLY C 618 2.45 21.99 31.41
N TYR C 619 1.36 21.65 30.75
CA TYR C 619 1.28 21.65 29.29
C TYR C 619 -0.06 22.26 28.89
N PRO C 620 -0.20 23.60 29.00
CA PRO C 620 -1.43 24.26 28.55
C PRO C 620 -1.66 24.04 27.06
N ASP C 621 -2.94 24.07 26.70
CA ASP C 621 -3.32 24.08 25.29
C ASP C 621 -2.70 25.27 24.58
N ILE C 622 -2.35 25.04 23.32
CA ILE C 622 -1.89 26.08 22.44
C ILE C 622 -3.10 26.59 21.67
N GLU C 623 -3.26 27.91 21.71
CA GLU C 623 -4.30 28.60 20.98
C GLU C 623 -3.62 29.47 19.94
N LEU C 624 -4.00 29.30 18.67
CA LEU C 624 -3.47 30.13 17.60
C LEU C 624 -4.43 31.27 17.33
N LYS C 625 -3.96 32.50 17.60
CA LYS C 625 -4.77 33.70 17.43
C LYS C 625 -4.43 34.38 16.12
N GLY C 626 -5.37 35.17 15.61
CA GLY C 626 -5.17 35.98 14.43
C GLY C 626 -5.40 35.22 13.13
N LEU C 627 -6.01 34.03 13.18
CA LEU C 627 -6.32 33.33 11.94
C LEU C 627 -7.70 33.76 11.44
N ASP C 628 -7.94 33.47 10.17
CA ASP C 628 -9.21 33.80 9.56
C ASP C 628 -10.26 32.82 10.07
N PRO C 629 -11.34 33.30 10.73
CA PRO C 629 -12.33 32.40 11.33
C PRO C 629 -13.02 31.47 10.34
N ASN C 630 -13.03 31.83 9.05
CA ASN C 630 -13.72 31.04 8.05
C ASN C 630 -12.77 30.12 7.28
N LYS C 631 -11.50 30.03 7.68
CA LYS C 631 -10.58 29.18 6.97
C LYS C 631 -10.16 28.02 7.86
N MET C 632 -9.66 26.97 7.21
CA MET C 632 -9.23 25.77 7.90
C MET C 632 -7.73 25.62 7.68
N TYR C 633 -7.02 25.15 8.69
CA TYR C 633 -5.57 25.18 8.69
C TYR C 633 -4.97 23.83 9.11
N ARG C 634 -3.84 23.52 8.48
CA ARG C 634 -2.91 22.51 8.95
C ARG C 634 -1.76 23.21 9.69
N ILE C 635 -1.45 22.75 10.90
CA ILE C 635 -0.42 23.37 11.71
C ILE C 635 0.86 22.54 11.60
N VAL C 636 1.91 23.17 11.05
CA VAL C 636 3.12 22.46 10.68
C VAL C 636 4.28 22.97 11.50
N ASP C 637 4.93 22.06 12.24
CA ASP C 637 6.22 22.29 12.86
C ASP C 637 7.25 22.32 11.74
N TYR C 638 7.72 23.52 11.38
CA TYR C 638 8.57 23.68 10.20
C TYR C 638 10.03 23.38 10.53
N VAL C 639 10.36 23.19 11.81
CA VAL C 639 11.70 22.78 12.18
C VAL C 639 11.86 21.29 11.91
N ASN C 640 10.85 20.51 12.29
CA ASN C 640 10.92 19.07 12.19
C ASN C 640 10.12 18.56 10.99
N ASP C 641 9.38 19.45 10.33
CA ASP C 641 8.61 19.10 9.13
C ASP C 641 7.56 18.06 9.50
N ARG C 642 6.72 18.39 10.47
CA ARG C 642 5.78 17.45 11.04
C ARG C 642 4.48 18.20 11.31
N VAL C 643 3.36 17.56 10.97
CA VAL C 643 2.06 18.14 11.25
C VAL C 643 1.74 17.93 12.73
N VAL C 644 1.48 18.99 13.49
CA VAL C 644 1.18 18.82 14.90
C VAL C 644 -0.32 18.87 15.17
N ALA C 645 -1.10 19.41 14.22
CA ALA C 645 -2.55 19.48 14.32
C ALA C 645 -3.07 19.83 12.93
N THR C 646 -4.33 19.46 12.64
CA THR C 646 -4.86 19.78 11.32
C THR C 646 -6.37 19.93 11.39
N ASN C 647 -6.94 20.39 10.27
CA ASN C 647 -8.38 20.64 10.16
C ASN C 647 -8.80 21.53 11.32
N LEU C 648 -7.99 22.56 11.62
CA LEU C 648 -8.36 23.54 12.62
C LEU C 648 -9.05 24.73 11.94
N MET C 649 -10.24 25.07 12.43
CA MET C 649 -10.90 26.28 11.98
C MET C 649 -10.23 27.48 12.67
N GLY C 650 -10.16 28.61 11.96
CA GLY C 650 -9.46 29.78 12.43
C GLY C 650 -10.05 30.36 13.73
N ASP C 651 -11.34 30.13 13.95
CA ASP C 651 -12.00 30.60 15.15
C ASP C 651 -11.96 29.57 16.28
N ASN C 652 -11.31 28.42 16.07
CA ASN C 652 -11.18 27.43 17.14
C ASN C 652 -9.89 26.66 16.93
N ALA C 653 -8.78 27.41 16.87
CA ALA C 653 -7.49 26.83 16.52
C ALA C 653 -6.74 26.50 17.81
N VAL C 654 -7.17 25.42 18.46
CA VAL C 654 -6.69 25.02 19.77
C VAL C 654 -6.23 23.57 19.67
N PHE C 655 -5.02 23.28 20.16
CA PHE C 655 -4.51 21.91 20.17
C PHE C 655 -3.58 21.74 21.35
N ASN C 656 -3.12 20.53 21.60
CA ASN C 656 -2.23 20.27 22.73
C ASN C 656 -1.11 19.39 22.20
N THR C 657 0.12 19.88 22.37
CA THR C 657 1.28 19.11 21.98
C THR C 657 2.35 19.44 23.01
N ARG C 658 3.00 18.39 23.50
CA ARG C 658 4.02 18.57 24.52
C ARG C 658 5.35 18.74 23.81
N PHE C 659 6.10 19.70 24.32
CA PHE C 659 7.42 20.02 23.79
C PHE C 659 8.23 20.51 24.99
N SER C 660 9.55 20.40 24.92
CA SER C 660 10.32 20.67 26.14
C SER C 660 10.77 22.12 26.20
N ASP C 661 11.20 22.70 25.06
CA ASP C 661 11.79 24.03 25.07
C ASP C 661 11.04 25.02 24.19
N TYR C 662 10.81 24.62 22.92
CA TYR C 662 10.16 25.49 21.96
C TYR C 662 9.29 24.69 21.00
N LEU C 663 8.33 25.37 20.39
CA LEU C 663 7.56 24.85 19.27
C LEU C 663 7.38 25.97 18.25
N LEU C 664 7.93 25.77 17.04
CA LEU C 664 7.84 26.73 15.95
C LEU C 664 6.91 26.13 14.89
N VAL C 665 5.79 26.80 14.63
CA VAL C 665 4.80 26.27 13.70
C VAL C 665 4.35 27.35 12.73
N LYS C 666 3.82 26.89 11.57
CA LYS C 666 3.10 27.76 10.66
C LYS C 666 1.68 27.23 10.43
N ALA C 667 0.74 28.15 10.18
CA ALA C 667 -0.65 27.80 9.92
C ALA C 667 -0.91 27.84 8.43
N VAL C 668 -0.95 26.65 7.81
CA VAL C 668 -1.10 26.52 6.37
C VAL C 668 -2.58 26.36 6.04
N GLU C 669 -3.12 27.28 5.24
CA GLU C 669 -4.51 27.20 4.83
C GLU C 669 -4.71 25.90 4.04
N ILE C 670 -5.78 25.17 4.36
CA ILE C 670 -6.18 23.99 3.59
C ILE C 670 -7.64 24.08 3.11
N SER C 671 -7.90 23.28 2.06
CA SER C 671 -9.14 22.56 1.71
C SER C 671 -9.99 23.34 0.69
N TYR D 18 13.66 47.37 -46.00
CA TYR D 18 12.27 47.37 -46.55
C TYR D 18 11.28 47.28 -45.40
N ALA D 19 10.30 48.21 -45.36
CA ALA D 19 9.38 48.27 -44.24
C ALA D 19 8.04 48.85 -44.69
N ILE D 20 6.97 48.38 -44.06
CA ILE D 20 5.68 49.05 -44.11
C ILE D 20 5.15 49.20 -42.68
N ALA D 21 4.23 50.13 -42.55
CA ALA D 21 3.63 50.51 -41.28
C ALA D 21 2.13 50.48 -41.44
N GLY D 22 1.46 50.05 -40.36
CA GLY D 22 0.05 50.33 -40.17
C GLY D 22 -0.17 50.87 -38.76
N ASN D 23 -1.43 51.16 -38.46
CA ASN D 23 -1.84 51.51 -37.11
C ASN D 23 -1.39 50.40 -36.16
N GLY D 24 -0.39 50.70 -35.32
CA GLY D 24 -0.01 49.78 -34.26
C GLY D 24 0.94 48.67 -34.69
N VAL D 25 1.49 48.73 -35.92
CA VAL D 25 2.29 47.61 -36.41
C VAL D 25 3.34 48.09 -37.39
N ARG D 26 4.52 47.45 -37.36
CA ARG D 26 5.52 47.65 -38.38
C ARG D 26 5.97 46.27 -38.87
N VAL D 27 6.20 46.16 -40.18
CA VAL D 27 6.68 44.95 -40.79
C VAL D 27 7.98 45.27 -41.53
N THR D 28 9.06 44.55 -41.23
CA THR D 28 10.32 44.75 -41.93
C THR D 28 10.70 43.44 -42.61
N TYR D 29 11.31 43.59 -43.80
CA TYR D 29 11.83 42.48 -44.58
C TYR D 29 13.33 42.65 -44.78
N ASP D 30 14.08 41.59 -44.47
CA ASP D 30 15.50 41.56 -44.77
C ASP D 30 15.73 40.71 -46.01
N ALA D 31 16.21 41.32 -47.09
CA ALA D 31 16.40 40.65 -48.37
C ALA D 31 17.56 39.65 -48.31
N ASP D 32 18.56 39.87 -47.45
CA ASP D 32 19.69 38.95 -47.35
C ASP D 32 19.24 37.65 -46.68
N GLY D 33 18.66 37.77 -45.49
CA GLY D 33 18.18 36.62 -44.75
C GLY D 33 16.85 36.11 -45.29
N GLN D 34 16.13 36.94 -46.05
CA GLN D 34 14.78 36.63 -46.51
C GLN D 34 13.88 36.33 -45.32
N THR D 35 13.84 37.28 -44.38
CA THR D 35 13.06 37.14 -43.16
C THR D 35 12.15 38.35 -43.00
N ILE D 36 11.05 38.12 -42.28
CA ILE D 36 10.11 39.14 -41.84
C ILE D 36 10.22 39.28 -40.32
N THR D 37 10.21 40.53 -39.84
CA THR D 37 10.11 40.82 -38.42
C THR D 37 8.87 41.71 -38.20
N LEU D 38 8.06 41.34 -37.21
CA LEU D 38 6.90 42.11 -36.78
C LEU D 38 7.20 42.87 -35.50
N TYR D 39 6.73 44.12 -35.49
CA TYR D 39 6.74 44.97 -34.32
C TYR D 39 5.34 45.49 -34.06
N ARG D 40 5.05 45.79 -32.81
CA ARG D 40 3.86 46.55 -32.43
C ARG D 40 4.30 47.85 -31.79
N THR D 41 3.40 48.84 -31.82
CA THR D 41 3.70 50.12 -31.22
C THR D 41 3.39 50.03 -29.72
N GLU D 42 4.14 50.82 -28.96
CA GLU D 42 3.98 50.93 -27.52
C GLU D 42 4.43 52.33 -27.18
N GLY D 43 3.46 53.14 -26.73
CA GLY D 43 3.51 54.57 -27.02
C GLY D 43 3.88 54.80 -28.49
N SER D 44 4.90 55.63 -28.69
CA SER D 44 5.39 55.90 -30.04
C SER D 44 6.70 55.15 -30.29
N GLY D 45 7.07 54.24 -29.38
CA GLY D 45 8.19 53.33 -29.62
C GLY D 45 7.67 51.99 -30.15
N LEU D 46 8.58 51.05 -30.37
CA LEU D 46 8.23 49.75 -30.92
C LEU D 46 8.67 48.67 -29.98
N ILE D 47 7.86 47.61 -29.92
CA ILE D 47 8.26 46.36 -29.29
C ILE D 47 8.32 45.29 -30.36
N GLN D 48 9.46 44.63 -30.46
CA GLN D 48 9.65 43.52 -31.38
C GLN D 48 8.81 42.34 -30.88
N MET D 49 7.92 41.84 -31.74
CA MET D 49 7.03 40.77 -31.37
C MET D 49 7.49 39.43 -31.94
N SER D 50 8.07 39.43 -33.15
CA SER D 50 8.59 38.21 -33.75
C SER D 50 10.10 38.28 -33.90
N LYS D 51 10.75 37.11 -33.82
CA LYS D 51 12.10 36.95 -34.33
C LYS D 51 12.05 37.14 -35.84
N PRO D 52 13.21 37.41 -36.49
CA PRO D 52 13.29 37.34 -37.95
C PRO D 52 12.77 35.97 -38.38
N SER D 53 11.68 35.95 -39.13
CA SER D 53 10.98 34.71 -39.42
C SER D 53 11.04 34.49 -40.92
N PRO D 54 11.26 33.24 -41.39
CA PRO D 54 11.41 33.01 -42.84
C PRO D 54 10.02 33.05 -43.49
N LEU D 55 10.00 33.35 -44.79
CA LEU D 55 8.77 33.35 -45.57
C LEU D 55 8.30 31.90 -45.73
N GLY D 56 6.98 31.70 -45.77
CA GLY D 56 6.47 30.34 -45.93
C GLY D 56 6.74 29.84 -47.35
N GLY D 57 7.00 28.53 -47.48
CA GLY D 57 7.24 27.92 -48.77
C GLY D 57 6.36 26.70 -49.03
N PRO D 58 6.44 26.15 -50.26
CA PRO D 58 5.73 24.93 -50.61
C PRO D 58 6.43 23.70 -50.05
N VAL D 59 5.63 22.66 -49.79
CA VAL D 59 6.15 21.37 -49.36
C VAL D 59 6.02 20.43 -50.55
N ILE D 60 7.17 19.90 -50.99
CA ILE D 60 7.27 19.00 -52.12
C ILE D 60 8.03 17.75 -51.68
N GLY D 61 7.45 16.57 -51.98
CA GLY D 61 8.04 15.30 -51.59
C GLY D 61 8.44 15.27 -50.12
N GLY D 62 7.58 15.80 -49.24
CA GLY D 62 7.77 15.68 -47.80
C GLY D 62 8.67 16.77 -47.23
N GLN D 63 9.17 17.68 -48.06
CA GLN D 63 10.16 18.67 -47.64
C GLN D 63 9.73 20.08 -48.04
N GLU D 64 9.88 21.04 -47.15
CA GLU D 64 9.71 22.43 -47.52
C GLU D 64 10.84 22.82 -48.47
N VAL D 65 10.48 23.45 -49.59
CA VAL D 65 11.48 23.96 -50.52
C VAL D 65 12.20 25.11 -49.83
N GLN D 66 13.53 25.10 -49.85
CA GLN D 66 14.27 26.12 -49.12
C GLN D 66 15.44 26.70 -49.92
N ASP D 67 15.33 26.67 -51.25
CA ASP D 67 16.32 27.29 -52.10
C ASP D 67 15.77 28.58 -52.73
N PHE D 68 14.71 29.18 -52.17
CA PHE D 68 14.18 30.41 -52.73
C PHE D 68 15.20 31.51 -52.54
N SER D 69 15.42 32.33 -53.57
CA SER D 69 16.30 33.48 -53.45
C SER D 69 15.52 34.77 -53.72
N HIS D 70 16.01 35.86 -53.13
CA HIS D 70 15.36 37.16 -53.25
C HIS D 70 15.43 37.66 -54.68
N ILE D 71 14.32 38.16 -55.21
CA ILE D 71 14.30 38.83 -56.49
C ILE D 71 14.01 40.30 -56.28
N SER D 72 12.89 40.64 -55.64
CA SER D 72 12.56 42.03 -55.44
C SER D 72 11.63 42.23 -54.25
N CYS D 73 11.62 43.48 -53.77
CA CYS D 73 10.70 43.91 -52.74
C CYS D 73 10.21 45.31 -53.06
N ASP D 74 8.94 45.41 -53.48
CA ASP D 74 8.30 46.67 -53.79
C ASP D 74 7.45 47.11 -52.61
N VAL D 75 7.81 48.27 -52.04
CA VAL D 75 7.05 48.91 -50.98
C VAL D 75 6.20 50.02 -51.61
N GLU D 76 4.88 49.97 -51.36
CA GLU D 76 3.98 51.05 -51.72
C GLU D 76 3.49 51.68 -50.43
N GLN D 77 3.81 52.96 -50.24
CA GLN D 77 3.59 53.66 -48.97
C GLN D 77 2.16 54.21 -48.90
N SER D 78 1.49 54.28 -50.06
CA SER D 78 0.22 54.94 -50.12
C SER D 78 -0.68 54.20 -51.09
N THR D 79 -1.44 53.24 -50.58
CA THR D 79 -2.21 52.35 -51.44
C THR D 79 -3.51 51.96 -50.76
N SER D 80 -4.29 51.11 -51.42
CA SER D 80 -5.57 50.67 -50.90
C SER D 80 -5.67 49.17 -51.14
N GLY D 81 -5.99 48.42 -50.09
CA GLY D 81 -6.02 46.97 -50.18
C GLY D 81 -7.32 46.43 -49.59
N VAL D 82 -7.27 45.16 -49.16
CA VAL D 82 -8.43 44.49 -48.58
C VAL D 82 -9.03 45.30 -47.45
N MET D 83 -8.17 45.94 -46.65
CA MET D 83 -8.63 46.65 -45.47
C MET D 83 -8.74 48.15 -45.72
N GLY D 84 -8.68 48.56 -47.00
CA GLY D 84 -8.76 49.97 -47.35
C GLY D 84 -7.38 50.59 -47.41
N SER D 85 -7.28 51.87 -47.07
CA SER D 85 -6.05 52.58 -47.32
C SER D 85 -4.97 52.16 -46.32
N GLY D 86 -3.75 52.06 -46.83
CA GLY D 86 -2.61 51.69 -46.02
C GLY D 86 -1.38 51.50 -46.91
N GLN D 87 -0.65 50.42 -46.66
CA GLN D 87 0.61 50.18 -47.35
C GLN D 87 0.66 48.72 -47.80
N ARG D 88 1.60 48.46 -48.72
CA ARG D 88 1.78 47.13 -49.28
C ARG D 88 3.26 46.87 -49.51
N MET D 89 3.67 45.63 -49.24
CA MET D 89 5.00 45.14 -49.50
C MET D 89 4.85 43.87 -50.34
N THR D 90 5.43 43.85 -51.52
CA THR D 90 5.32 42.71 -52.42
C THR D 90 6.73 42.13 -52.60
N ILE D 91 6.90 40.88 -52.15
CA ILE D 91 8.19 40.22 -52.21
C ILE D 91 8.12 39.11 -53.25
N THR D 92 9.07 39.14 -54.21
CA THR D 92 9.19 38.12 -55.22
C THR D 92 10.44 37.29 -54.93
N SER D 93 10.30 35.97 -54.99
CA SER D 93 11.38 35.03 -54.75
C SER D 93 11.34 33.97 -55.84
N GLN D 94 12.48 33.31 -56.08
CA GLN D 94 12.54 32.26 -57.07
C GLN D 94 13.32 31.06 -56.56
N SER D 95 12.83 29.87 -56.93
CA SER D 95 13.46 28.59 -56.63
C SER D 95 13.96 27.97 -57.94
N MET D 96 15.29 27.82 -58.05
CA MET D 96 15.89 27.24 -59.24
C MET D 96 15.52 25.76 -59.35
N SER D 97 15.48 25.04 -58.22
CA SER D 97 15.24 23.62 -58.25
C SER D 97 13.83 23.30 -58.75
N THR D 98 12.84 24.17 -58.48
CA THR D 98 11.44 23.87 -58.79
C THR D 98 10.95 24.67 -59.99
N GLY D 99 11.58 25.81 -60.29
CA GLY D 99 11.08 26.74 -61.29
C GLY D 99 9.95 27.62 -60.76
N LEU D 100 9.72 27.63 -59.45
CA LEU D 100 8.63 28.40 -58.87
C LEU D 100 9.06 29.84 -58.62
N ILE D 101 8.18 30.78 -58.95
CA ILE D 101 8.28 32.15 -58.53
C ILE D 101 7.20 32.39 -57.47
N ARG D 102 7.62 32.80 -56.28
CA ARG D 102 6.69 33.15 -55.21
C ARG D 102 6.48 34.65 -55.17
N THR D 103 5.21 35.06 -55.11
CA THR D 103 4.83 36.42 -54.81
C THR D 103 4.12 36.44 -53.44
N TYR D 104 4.74 37.16 -52.50
CA TYR D 104 4.23 37.28 -51.14
C TYR D 104 3.87 38.72 -50.88
N VAL D 105 2.58 38.96 -50.60
CA VAL D 105 2.08 40.32 -50.44
C VAL D 105 1.69 40.52 -48.99
N LEU D 106 2.16 41.61 -48.40
CA LEU D 106 1.74 42.03 -47.07
C LEU D 106 1.10 43.40 -47.18
N GLU D 107 -0.06 43.56 -46.54
CA GLU D 107 -0.76 44.83 -46.49
C GLU D 107 -1.00 45.21 -45.04
N THR D 108 -0.79 46.51 -44.75
CA THR D 108 -1.17 47.14 -43.52
C THR D 108 -2.29 48.15 -43.77
N SER D 109 -2.93 48.55 -42.67
CA SER D 109 -4.06 49.46 -42.70
C SER D 109 -3.74 50.70 -41.87
N ASP D 110 -4.12 51.88 -42.38
CA ASP D 110 -3.98 53.11 -41.61
C ASP D 110 -4.89 53.09 -40.39
N ILE D 111 -5.98 52.32 -40.45
CA ILE D 111 -7.00 52.32 -39.42
C ILE D 111 -6.93 51.06 -38.56
N GLU D 112 -6.83 49.86 -39.16
CA GLU D 112 -7.00 48.65 -38.36
C GLU D 112 -5.76 48.36 -37.53
N GLU D 113 -5.95 48.38 -36.21
CA GLU D 113 -4.86 48.30 -35.28
C GLU D 113 -4.26 46.89 -35.24
N GLY D 114 -2.95 46.82 -35.50
CA GLY D 114 -2.16 45.62 -35.31
C GLY D 114 -2.26 44.61 -36.45
N VAL D 115 -3.03 44.91 -37.50
CA VAL D 115 -3.42 43.88 -38.45
C VAL D 115 -2.51 43.93 -39.68
N VAL D 116 -2.08 42.74 -40.11
CA VAL D 116 -1.35 42.56 -41.35
C VAL D 116 -2.09 41.52 -42.18
N TYR D 117 -2.46 41.89 -43.40
CA TYR D 117 -3.04 40.97 -44.35
C TYR D 117 -1.92 40.42 -45.25
N THR D 118 -1.96 39.12 -45.50
CA THR D 118 -0.94 38.44 -46.28
C THR D 118 -1.64 37.58 -47.34
N ALA D 119 -1.06 37.56 -48.55
CA ALA D 119 -1.56 36.75 -49.65
C ALA D 119 -0.37 36.24 -50.45
N THR D 120 -0.47 35.00 -50.92
CA THR D 120 0.65 34.37 -51.63
C THR D 120 0.15 33.78 -52.94
N SER D 121 0.96 33.95 -53.98
CA SER D 121 0.76 33.19 -55.20
C SER D 121 2.08 32.60 -55.68
N TYR D 122 1.96 31.53 -56.47
CA TYR D 122 3.09 30.85 -57.06
C TYR D 122 2.86 30.77 -58.57
N GLU D 123 3.94 31.00 -59.33
CA GLU D 123 3.98 30.76 -60.76
C GLU D 123 4.97 29.64 -61.05
N ALA D 124 4.58 28.66 -61.87
CA ALA D 124 5.46 27.59 -62.30
C ALA D 124 6.15 27.96 -63.61
N GLY D 125 7.40 27.49 -63.79
CA GLY D 125 8.13 27.62 -65.04
C GLY D 125 7.73 26.52 -66.01
N ALA D 126 8.73 25.84 -66.59
CA ALA D 126 8.50 24.92 -67.70
C ALA D 126 7.84 23.63 -67.23
N SER D 127 7.98 23.29 -65.94
CA SER D 127 7.48 22.03 -65.40
C SER D 127 6.30 22.27 -64.45
N ASP D 128 5.30 21.37 -64.51
CA ASP D 128 4.31 21.22 -63.48
C ASP D 128 5.01 21.01 -62.14
N VAL D 129 4.43 21.54 -61.07
CA VAL D 129 5.00 21.37 -59.74
C VAL D 129 3.90 20.83 -58.83
N GLU D 130 4.18 19.67 -58.23
CA GLU D 130 3.25 19.02 -57.34
C GLU D 130 3.58 19.39 -55.90
N VAL D 131 2.70 20.19 -55.30
CA VAL D 131 2.88 20.69 -53.95
C VAL D 131 1.87 19.96 -53.06
N SER D 132 2.34 19.38 -51.96
CA SER D 132 1.46 18.69 -51.05
C SER D 132 0.83 19.68 -50.06
N TRP D 133 1.54 20.75 -49.74
CA TRP D 133 1.10 21.70 -48.74
C TRP D 133 1.81 23.03 -48.95
N PHE D 134 1.11 24.13 -48.63
CA PHE D 134 1.70 25.45 -48.69
C PHE D 134 1.73 26.02 -47.28
N ILE D 135 2.94 26.30 -46.79
CA ILE D 135 3.08 27.05 -45.55
C ILE D 135 2.98 28.52 -45.91
N GLY D 136 1.99 29.21 -45.33
CA GLY D 136 1.70 30.59 -45.66
C GLY D 136 2.64 31.57 -44.98
N SER D 137 2.57 31.61 -43.64
CA SER D 137 3.38 32.51 -42.83
C SER D 137 3.72 31.80 -41.52
N VAL D 138 4.89 32.15 -40.96
CA VAL D 138 5.37 31.56 -39.71
C VAL D 138 5.93 32.71 -38.87
N TYR D 139 5.50 32.81 -37.60
CA TYR D 139 6.02 33.83 -36.70
C TYR D 139 6.45 33.17 -35.39
N GLU D 140 7.74 33.29 -35.08
CA GLU D 140 8.28 32.87 -33.80
C GLU D 140 8.37 34.09 -32.88
N LEU D 141 7.84 33.94 -31.67
CA LEU D 141 7.74 35.02 -30.71
C LEU D 141 9.13 35.42 -30.21
N TYR D 142 9.33 36.74 -30.11
CA TYR D 142 10.53 37.33 -29.55
C TYR D 142 10.27 37.66 -28.09
N GLY D 143 11.29 37.41 -27.25
CA GLY D 143 11.31 37.87 -25.87
C GLY D 143 10.63 36.94 -24.88
N ALA D 144 10.34 35.70 -25.28
CA ALA D 144 9.73 34.76 -24.35
C ALA D 144 10.73 34.42 -23.24
N GLU D 145 10.22 34.10 -22.04
CA GLU D 145 11.05 33.65 -20.94
C GLU D 145 10.72 32.20 -20.62
N ASP D 146 9.82 31.99 -19.65
CA ASP D 146 9.61 30.68 -19.05
C ASP D 146 8.35 30.02 -19.59
N ARG D 147 7.36 30.79 -20.07
CA ARG D 147 6.19 30.20 -20.68
C ARG D 147 5.52 31.14 -21.68
N ILE D 148 4.77 30.54 -22.60
CA ILE D 148 3.95 31.23 -23.59
C ILE D 148 2.55 30.65 -23.47
N TRP D 149 1.53 31.50 -23.48
CA TRP D 149 0.17 31.00 -23.53
C TRP D 149 -0.33 31.03 -24.98
N SER D 150 -1.22 30.08 -25.32
CA SER D 150 -1.67 29.91 -26.68
C SER D 150 -3.18 29.66 -26.74
N TYR D 151 -3.81 30.29 -27.73
CA TYR D 151 -5.17 30.01 -28.15
C TYR D 151 -5.10 29.10 -29.37
N ASN D 152 -5.82 27.98 -29.31
CA ASN D 152 -5.75 26.93 -30.31
C ASN D 152 -7.13 26.68 -30.89
N GLY D 153 -7.42 27.21 -32.09
CA GLY D 153 -8.78 27.16 -32.63
C GLY D 153 -9.14 25.89 -33.38
N GLY D 154 -8.21 24.93 -33.44
CA GLY D 154 -8.43 23.70 -34.18
C GLY D 154 -9.69 22.96 -33.79
N GLY D 155 -10.24 22.22 -34.78
CA GLY D 155 -11.44 21.41 -34.59
C GLY D 155 -11.15 19.91 -34.53
N GLU D 156 -9.86 19.51 -34.43
CA GLU D 156 -9.50 18.10 -34.57
C GLU D 156 -9.67 17.35 -33.24
N GLY D 157 -10.11 18.05 -32.19
CA GLY D 157 -10.17 17.42 -30.87
C GLY D 157 -8.77 17.44 -30.24
N PRO D 158 -8.53 16.70 -29.15
CA PRO D 158 -9.56 15.91 -28.46
C PRO D 158 -10.75 16.70 -27.97
N MET D 159 -11.93 16.10 -28.06
CA MET D 159 -13.16 16.69 -27.55
C MET D 159 -13.10 16.80 -26.03
N HIS D 160 -13.61 17.91 -25.49
CA HIS D 160 -14.02 18.05 -24.09
C HIS D 160 -12.87 18.24 -23.11
N TYR D 161 -11.82 17.41 -23.19
CA TYR D 161 -10.84 17.33 -22.12
C TYR D 161 -9.48 17.90 -22.55
N TYR D 162 -9.46 18.54 -23.73
CA TYR D 162 -8.28 19.24 -24.22
C TYR D 162 -8.60 20.72 -24.23
N ASP D 163 -7.84 21.50 -23.47
CA ASP D 163 -8.12 22.92 -23.31
C ASP D 163 -7.81 23.68 -24.60
N THR D 164 -8.64 24.66 -24.92
CA THR D 164 -8.42 25.52 -26.07
C THR D 164 -7.23 26.46 -25.80
N LEU D 165 -7.16 27.00 -24.58
CA LEU D 165 -6.01 27.73 -24.07
C LEU D 165 -4.99 26.74 -23.51
N GLN D 166 -3.75 26.80 -24.02
CA GLN D 166 -2.70 25.87 -23.64
C GLN D 166 -1.44 26.64 -23.28
N LYS D 167 -0.87 26.29 -22.14
CA LYS D 167 0.40 26.83 -21.72
C LYS D 167 1.53 26.04 -22.39
N ILE D 168 2.44 26.78 -23.03
CA ILE D 168 3.67 26.22 -23.57
C ILE D 168 4.76 26.54 -22.57
N ASP D 169 5.10 25.52 -21.77
CA ASP D 169 6.10 25.64 -20.76
C ASP D 169 7.47 25.45 -21.43
N LEU D 170 8.35 26.42 -21.24
CA LEU D 170 9.68 26.39 -21.84
C LEU D 170 10.72 25.83 -20.87
N THR D 171 10.31 25.42 -19.67
CA THR D 171 11.22 24.95 -18.64
C THR D 171 11.09 23.45 -18.39
N ASP D 172 10.14 22.78 -19.05
CA ASP D 172 9.83 21.38 -18.79
C ASP D 172 10.55 20.53 -19.84
N SER D 173 10.18 19.25 -19.94
CA SER D 173 10.80 18.36 -20.89
C SER D 173 10.05 18.31 -22.22
N GLY D 174 8.74 18.55 -22.23
CA GLY D 174 7.95 18.36 -23.43
C GLY D 174 8.14 19.46 -24.47
N LYS D 175 7.72 19.19 -25.70
CA LYS D 175 7.70 20.17 -26.77
C LYS D 175 6.29 20.23 -27.33
N PHE D 176 5.61 21.33 -27.05
CA PHE D 176 4.24 21.49 -27.48
C PHE D 176 4.19 21.57 -29.00
N SER D 177 3.19 20.92 -29.58
CA SER D 177 2.96 20.93 -31.01
C SER D 177 1.50 20.60 -31.26
N ARG D 178 0.76 21.48 -31.93
CA ARG D 178 -0.59 21.20 -32.35
C ARG D 178 -0.83 21.81 -33.73
N GLU D 179 -1.50 21.06 -34.61
CA GLU D 179 -1.76 21.48 -35.98
C GLU D 179 -2.86 22.54 -36.07
N ASN D 180 -3.92 22.41 -35.28
CA ASN D 180 -5.09 23.28 -35.33
C ASN D 180 -5.72 23.24 -36.73
N LYS D 181 -6.46 22.17 -36.99
CA LYS D 181 -6.97 21.88 -38.29
C LYS D 181 -8.40 22.40 -38.44
N GLN D 182 -8.74 22.74 -39.70
CA GLN D 182 -10.09 22.91 -40.18
C GLN D 182 -10.20 22.09 -41.47
N ASP D 183 -11.09 21.09 -41.49
CA ASP D 183 -11.17 20.16 -42.61
C ASP D 183 -12.44 19.35 -42.50
N ASP D 184 -12.50 18.26 -43.26
CA ASP D 184 -13.69 17.42 -43.27
C ASP D 184 -13.90 16.67 -41.95
N THR D 185 -12.98 16.77 -40.97
CA THR D 185 -13.29 16.25 -39.66
C THR D 185 -13.04 17.29 -38.57
N ALA D 186 -12.91 18.57 -38.94
CA ALA D 186 -12.62 19.62 -37.98
C ALA D 186 -13.28 20.90 -38.42
N ALA D 187 -14.24 21.39 -37.61
CA ALA D 187 -14.94 22.62 -37.96
C ALA D 187 -15.05 23.53 -36.75
N SER D 188 -13.98 24.27 -36.52
CA SER D 188 -13.89 25.17 -35.38
C SER D 188 -13.44 26.56 -35.88
N ILE D 189 -12.41 27.14 -35.28
CA ILE D 189 -12.08 28.55 -35.50
C ILE D 189 -10.69 28.63 -36.10
N PRO D 190 -10.57 29.17 -37.33
CA PRO D 190 -9.31 29.14 -38.08
C PRO D 190 -8.32 30.20 -37.60
N VAL D 191 -8.01 30.15 -36.30
CA VAL D 191 -7.20 31.15 -35.63
C VAL D 191 -6.34 30.46 -34.58
N SER D 192 -5.10 30.95 -34.42
CA SER D 192 -4.25 30.62 -33.28
C SER D 192 -3.57 31.89 -32.80
N ASP D 193 -3.29 31.96 -31.50
CA ASP D 193 -2.57 33.07 -30.91
C ASP D 193 -1.52 32.51 -29.97
N ILE D 194 -0.36 33.17 -29.92
CA ILE D 194 0.65 32.92 -28.89
C ILE D 194 1.03 34.25 -28.27
N TYR D 195 1.19 34.28 -26.94
CA TYR D 195 1.48 35.53 -26.27
C TYR D 195 2.28 35.33 -24.98
N ILE D 196 2.92 36.43 -24.59
CA ILE D 196 3.72 36.54 -23.38
C ILE D 196 3.30 37.84 -22.68
N ALA D 197 4.06 38.26 -21.66
CA ALA D 197 3.73 39.44 -20.90
C ALA D 197 3.62 40.68 -21.81
N ASP D 198 4.53 40.80 -22.77
CA ASP D 198 4.56 41.94 -23.68
C ASP D 198 3.57 41.81 -24.84
N GLY D 199 2.76 40.75 -24.87
CA GLY D 199 1.74 40.61 -25.89
C GLY D 199 2.04 39.44 -26.80
N GLY D 200 1.42 39.43 -28.00
CA GLY D 200 1.54 38.26 -28.85
C GLY D 200 1.16 38.50 -30.31
N ILE D 201 1.03 37.37 -30.99
CA ILE D 201 0.78 37.29 -32.42
C ILE D 201 -0.30 36.26 -32.68
N THR D 202 -1.38 36.74 -33.29
CA THR D 202 -2.49 35.95 -33.77
C THR D 202 -2.31 35.75 -35.28
N VAL D 203 -2.63 34.55 -35.76
CA VAL D 203 -2.71 34.28 -37.18
C VAL D 203 -4.05 33.63 -37.43
N GLY D 204 -4.77 34.11 -38.45
CA GLY D 204 -6.07 33.53 -38.79
C GLY D 204 -6.29 33.53 -40.30
N ASP D 205 -7.19 32.65 -40.75
CA ASP D 205 -7.47 32.51 -42.17
C ASP D 205 -8.29 33.70 -42.65
N ALA D 206 -7.80 34.35 -43.72
CA ALA D 206 -8.49 35.48 -44.30
C ALA D 206 -9.40 34.98 -45.42
N SER D 207 -10.54 34.40 -45.04
CA SER D 207 -11.50 33.86 -45.99
C SER D 207 -12.92 34.11 -45.45
N ALA D 208 -13.77 34.60 -46.33
CA ALA D 208 -15.16 34.88 -46.03
C ALA D 208 -15.96 33.59 -45.89
N THR D 209 -15.39 32.49 -46.43
CA THR D 209 -16.02 31.18 -46.39
C THR D 209 -15.06 30.13 -45.86
N ARG D 210 -15.65 29.05 -45.34
CA ARG D 210 -14.89 27.93 -44.78
C ARG D 210 -14.03 27.29 -45.85
N ARG D 211 -12.77 27.05 -45.49
CA ARG D 211 -11.90 26.24 -46.31
C ARG D 211 -10.92 25.47 -45.43
N GLU D 212 -10.23 24.51 -46.05
CA GLU D 212 -9.27 23.71 -45.32
C GLU D 212 -8.04 24.57 -45.03
N VAL D 213 -7.66 24.60 -43.75
CA VAL D 213 -6.52 25.38 -43.30
C VAL D 213 -6.05 24.82 -41.96
N HIS D 214 -4.75 25.00 -41.65
CA HIS D 214 -4.20 24.71 -40.34
C HIS D 214 -3.58 26.00 -39.79
N THR D 215 -3.64 26.18 -38.45
CA THR D 215 -2.92 27.25 -37.79
C THR D 215 -2.03 26.68 -36.68
N PRO D 216 -0.93 25.99 -37.05
CA PRO D 216 -0.12 25.26 -36.08
C PRO D 216 0.53 26.18 -35.04
N VAL D 217 0.60 25.65 -33.82
CA VAL D 217 1.33 26.23 -32.72
C VAL D 217 2.39 25.24 -32.29
N GLN D 218 3.66 25.67 -32.28
CA GLN D 218 4.78 24.76 -32.09
C GLN D 218 5.84 25.43 -31.22
N GLU D 219 6.20 24.75 -30.13
CA GLU D 219 7.28 25.20 -29.27
C GLU D 219 8.59 25.07 -30.06
N THR D 220 9.50 26.03 -29.85
CA THR D 220 10.82 26.01 -30.46
C THR D 220 11.86 25.85 -29.36
N SER D 221 13.13 26.10 -29.66
CA SER D 221 14.18 25.84 -28.70
C SER D 221 14.03 26.74 -27.47
N ASP D 222 13.57 27.98 -27.64
CA ASP D 222 13.44 28.89 -26.50
C ASP D 222 12.15 29.70 -26.57
N SER D 223 11.25 29.35 -27.46
CA SER D 223 10.05 30.14 -27.65
C SER D 223 8.97 29.26 -28.27
N ALA D 224 8.08 29.88 -29.05
CA ALA D 224 7.08 29.15 -29.80
C ALA D 224 6.80 29.92 -31.09
N GLN D 225 6.26 29.21 -32.09
CA GLN D 225 5.88 29.85 -33.32
C GLN D 225 4.45 29.48 -33.66
N VAL D 226 3.81 30.41 -34.36
CA VAL D 226 2.46 30.21 -34.87
C VAL D 226 2.52 30.38 -36.37
N SER D 227 1.78 29.55 -37.09
CA SER D 227 1.81 29.63 -38.54
C SER D 227 0.40 29.36 -39.10
N ILE D 228 0.31 29.47 -40.42
CA ILE D 228 -0.88 29.08 -41.14
C ILE D 228 -0.44 28.44 -42.46
N GLY D 229 -1.25 27.49 -42.94
CA GLY D 229 -0.98 26.87 -44.22
C GLY D 229 -2.22 26.17 -44.77
N TRP D 230 -2.14 25.79 -46.04
CA TRP D 230 -3.27 25.26 -46.79
C TRP D 230 -2.83 24.07 -47.63
N PRO D 231 -3.79 23.21 -48.01
CA PRO D 231 -3.51 22.08 -48.90
C PRO D 231 -2.83 22.50 -50.20
N GLY D 232 -2.03 21.58 -50.70
CA GLY D 232 -1.29 21.81 -51.93
C GLY D 232 -2.16 21.55 -53.15
N LYS D 233 -1.52 21.67 -54.31
CA LYS D 233 -2.13 21.29 -55.57
C LYS D 233 -1.02 21.17 -56.59
N VAL D 234 -1.37 20.65 -57.77
CA VAL D 234 -0.44 20.65 -58.88
C VAL D 234 -0.51 22.03 -59.54
N ILE D 235 0.62 22.72 -59.61
CA ILE D 235 0.69 23.98 -60.33
C ILE D 235 1.14 23.68 -61.75
N ALA D 236 0.24 23.92 -62.71
CA ALA D 236 0.55 23.63 -64.11
C ALA D 236 1.67 24.54 -64.60
N ALA D 237 2.55 23.97 -65.44
CA ALA D 237 3.61 24.72 -66.09
C ALA D 237 3.05 26.02 -66.65
N GLY D 238 3.72 27.14 -66.35
CA GLY D 238 3.37 28.44 -66.90
C GLY D 238 2.19 29.12 -66.20
N SER D 239 1.55 28.47 -65.20
CA SER D 239 0.35 29.04 -64.61
C SER D 239 0.67 29.79 -63.32
N VAL D 240 -0.24 30.69 -62.91
CA VAL D 240 -0.11 31.45 -61.68
C VAL D 240 -1.31 31.07 -60.81
N ILE D 241 -1.10 30.73 -59.54
CA ILE D 241 -2.23 30.42 -58.67
C ILE D 241 -2.05 31.05 -57.29
N GLU D 242 -3.16 31.50 -56.72
CA GLU D 242 -3.22 32.04 -55.37
C GLU D 242 -3.42 30.88 -54.42
N ILE D 243 -2.66 30.76 -53.34
CA ILE D 243 -2.72 29.54 -52.56
C ILE D 243 -3.29 29.77 -51.17
N GLY D 244 -3.50 31.04 -50.78
CA GLY D 244 -4.04 31.29 -49.45
C GLY D 244 -3.71 32.70 -48.96
N GLU D 245 -4.59 33.20 -48.08
CA GLU D 245 -4.51 34.54 -47.55
C GLU D 245 -4.78 34.48 -46.05
N SER D 246 -4.09 35.34 -45.28
CA SER D 246 -4.16 35.29 -43.84
C SER D 246 -4.17 36.69 -43.25
N PHE D 247 -4.68 36.78 -42.02
CA PHE D 247 -4.48 37.94 -41.18
C PHE D 247 -3.53 37.57 -40.06
N ALA D 248 -2.56 38.43 -39.79
CA ALA D 248 -1.81 38.38 -38.55
C ALA D 248 -2.18 39.60 -37.70
N VAL D 249 -2.18 39.43 -36.38
CA VAL D 249 -2.45 40.53 -35.47
C VAL D 249 -1.36 40.55 -34.42
N VAL D 250 -0.59 41.64 -34.39
CA VAL D 250 0.27 41.89 -33.25
C VAL D 250 -0.55 42.66 -32.22
N HIS D 251 -0.39 42.33 -30.95
CA HIS D 251 -1.23 42.89 -29.90
C HIS D 251 -0.49 42.92 -28.57
N PRO D 252 -0.82 43.89 -27.69
CA PRO D 252 -0.45 43.81 -26.28
C PRO D 252 -1.36 42.75 -25.67
N GLY D 253 -1.02 42.32 -24.46
CA GLY D 253 -1.90 41.51 -23.65
C GLY D 253 -2.17 40.15 -24.27
N ASP D 254 -3.31 39.57 -23.88
CA ASP D 254 -3.56 38.16 -24.11
C ASP D 254 -4.37 37.95 -25.40
N TYR D 255 -4.80 36.68 -25.54
CA TYR D 255 -5.51 36.19 -26.72
C TYR D 255 -6.75 37.04 -27.03
N TYR D 256 -7.37 37.65 -26.02
CA TYR D 256 -8.56 38.45 -26.31
C TYR D 256 -8.23 39.56 -27.31
N ASN D 257 -7.09 40.24 -27.12
CA ASN D 257 -6.73 41.35 -27.98
C ASN D 257 -6.44 40.87 -29.41
N GLY D 258 -5.78 39.72 -29.53
CA GLY D 258 -5.50 39.14 -30.83
C GLY D 258 -6.78 38.73 -31.56
N LEU D 259 -7.67 38.02 -30.85
CA LEU D 259 -8.90 37.55 -31.44
C LEU D 259 -9.81 38.72 -31.82
N ARG D 260 -9.80 39.79 -31.01
CA ARG D 260 -10.58 40.98 -31.34
C ARG D 260 -10.03 41.62 -32.61
N GLY D 261 -8.70 41.67 -32.74
CA GLY D 261 -8.08 42.11 -33.98
C GLY D 261 -8.58 41.31 -35.17
N TYR D 262 -8.64 39.98 -35.01
CA TYR D 262 -9.12 39.12 -36.08
C TYR D 262 -10.57 39.45 -36.41
N LYS D 263 -11.42 39.66 -35.39
CA LYS D 263 -12.80 40.06 -35.62
C LYS D 263 -12.87 41.32 -36.49
N ASN D 264 -12.08 42.34 -36.11
CA ASN D 264 -12.05 43.61 -36.81
C ASN D 264 -11.59 43.40 -38.26
N ALA D 265 -10.56 42.55 -38.46
CA ALA D 265 -10.03 42.27 -39.78
C ALA D 265 -11.09 41.61 -40.64
N MET D 266 -11.79 40.62 -40.06
CA MET D 266 -12.74 39.81 -40.80
C MET D 266 -13.99 40.60 -41.21
N ASP D 267 -14.31 41.68 -40.50
CA ASP D 267 -15.33 42.60 -40.98
C ASP D 267 -15.05 43.05 -42.43
N HIS D 268 -13.78 43.27 -42.78
CA HIS D 268 -13.45 43.73 -44.12
C HIS D 268 -13.75 42.66 -45.18
N LEU D 269 -13.83 41.38 -44.79
CA LEU D 269 -14.18 40.33 -45.73
C LEU D 269 -15.67 40.04 -45.69
N GLY D 270 -16.43 40.79 -44.89
CA GLY D 270 -17.87 40.63 -44.82
C GLY D 270 -18.30 39.59 -43.79
N VAL D 271 -17.39 39.10 -42.94
CA VAL D 271 -17.83 38.20 -41.89
C VAL D 271 -18.09 39.07 -40.66
N ILE D 272 -19.36 39.44 -40.49
CA ILE D 272 -19.73 40.49 -39.56
C ILE D 272 -20.63 39.87 -38.49
N MET D 273 -20.21 39.99 -37.23
CA MET D 273 -20.97 39.38 -36.15
C MET D 273 -22.14 40.28 -35.77
N PRO D 274 -23.20 39.77 -35.14
CA PRO D 274 -24.38 40.58 -34.85
C PRO D 274 -24.04 41.80 -34.00
N ALA D 275 -24.60 42.94 -34.38
CA ALA D 275 -24.46 44.17 -33.63
C ALA D 275 -25.28 44.09 -32.34
N PRO D 276 -24.85 44.77 -31.27
CA PRO D 276 -25.56 44.76 -30.00
C PRO D 276 -27.04 45.11 -30.12
N GLY D 277 -27.33 46.17 -30.88
CA GLY D 277 -28.70 46.64 -31.05
C GLY D 277 -29.63 45.59 -31.65
N ASP D 278 -29.08 44.59 -32.36
CA ASP D 278 -29.91 43.59 -33.03
C ASP D 278 -30.03 42.30 -32.21
N ILE D 279 -29.40 42.20 -31.05
CA ILE D 279 -29.52 40.95 -30.31
C ILE D 279 -30.81 40.99 -29.49
N PRO D 280 -31.68 39.96 -29.56
CA PRO D 280 -32.93 39.97 -28.81
C PRO D 280 -32.72 39.96 -27.31
N ASP D 281 -33.64 40.61 -26.57
CA ASP D 281 -33.61 40.66 -25.11
C ASP D 281 -33.57 39.25 -24.53
N SER D 282 -34.34 38.33 -25.12
CA SER D 282 -34.48 36.99 -24.60
C SER D 282 -33.19 36.17 -24.74
N SER D 283 -32.20 36.68 -25.49
CA SER D 283 -30.89 36.03 -25.57
C SER D 283 -29.95 36.45 -24.45
N TYR D 284 -30.48 37.22 -23.47
CA TYR D 284 -29.74 37.58 -22.27
C TYR D 284 -30.37 36.94 -21.04
N ASP D 285 -31.33 36.03 -21.21
CA ASP D 285 -32.17 35.56 -20.11
C ASP D 285 -31.57 34.35 -19.43
N LEU D 286 -31.77 34.30 -18.10
CA LEU D 286 -31.41 33.15 -17.28
C LEU D 286 -32.27 31.97 -17.69
N ARG D 287 -31.60 30.82 -17.90
CA ARG D 287 -32.22 29.68 -18.55
C ARG D 287 -32.01 28.39 -17.76
N TRP D 288 -33.06 27.56 -17.74
CA TRP D 288 -33.02 26.22 -17.22
C TRP D 288 -33.36 25.25 -18.33
N GLU D 289 -32.58 24.16 -18.42
CA GLU D 289 -32.72 23.19 -19.49
C GLU D 289 -33.14 21.86 -18.89
N SER D 290 -33.89 21.06 -19.64
CA SER D 290 -34.41 19.78 -19.16
C SER D 290 -33.36 18.67 -19.17
N TRP D 291 -32.02 18.94 -19.33
CA TRP D 291 -31.00 17.96 -19.72
C TRP D 291 -30.46 17.19 -18.52
N GLY D 292 -30.66 17.77 -17.32
CA GLY D 292 -30.31 17.11 -16.08
C GLY D 292 -31.01 15.76 -15.92
N TRP D 293 -32.12 15.56 -16.64
CA TRP D 293 -32.94 14.34 -16.57
C TRP D 293 -32.60 13.32 -17.68
N GLY D 294 -31.65 13.67 -18.54
CA GLY D 294 -31.38 12.90 -19.75
C GLY D 294 -32.64 12.66 -20.57
N PHE D 295 -32.84 11.40 -20.96
CA PHE D 295 -33.95 11.01 -21.79
C PHE D 295 -35.21 10.87 -20.94
N ASN D 296 -35.13 11.06 -19.62
CA ASN D 296 -36.23 10.62 -18.76
C ASN D 296 -37.20 11.71 -18.33
N TRP D 297 -37.05 12.90 -18.91
CA TRP D 297 -38.00 13.98 -18.65
C TRP D 297 -39.38 13.59 -19.16
N THR D 298 -40.41 14.21 -18.59
CA THR D 298 -41.76 14.20 -19.14
C THR D 298 -42.24 15.64 -19.22
N ILE D 299 -43.27 15.87 -20.01
CA ILE D 299 -43.89 17.19 -20.09
C ILE D 299 -44.28 17.67 -18.69
N ASP D 300 -44.92 16.78 -17.91
CA ASP D 300 -45.46 17.17 -16.62
C ASP D 300 -44.36 17.44 -15.60
N LEU D 301 -43.24 16.72 -15.67
CA LEU D 301 -42.07 17.01 -14.83
C LEU D 301 -41.56 18.43 -15.11
N ILE D 302 -41.46 18.80 -16.38
CA ILE D 302 -41.00 20.14 -16.72
C ILE D 302 -41.99 21.18 -16.23
N ILE D 303 -43.28 20.95 -16.49
CA ILE D 303 -44.30 21.92 -16.11
C ILE D 303 -44.29 22.09 -14.59
N GLY D 304 -44.11 20.97 -13.87
CA GLY D 304 -44.09 20.99 -12.41
C GLY D 304 -42.99 21.89 -11.85
N LYS D 305 -41.93 22.16 -12.62
CA LYS D 305 -40.86 22.99 -12.11
C LYS D 305 -41.07 24.48 -12.40
N LEU D 306 -42.05 24.83 -13.22
CA LEU D 306 -42.09 26.18 -13.78
C LEU D 306 -42.41 27.23 -12.70
N ASP D 307 -43.30 26.94 -11.76
CA ASP D 307 -43.63 27.90 -10.71
C ASP D 307 -42.37 28.32 -9.95
N GLU D 308 -41.58 27.33 -9.49
CA GLU D 308 -40.42 27.65 -8.66
C GLU D 308 -39.33 28.29 -9.51
N LEU D 309 -39.19 27.87 -10.78
CA LEU D 309 -38.22 28.49 -11.66
C LEU D 309 -38.56 29.95 -11.91
N GLN D 310 -39.85 30.22 -12.13
CA GLN D 310 -40.31 31.58 -12.34
C GLN D 310 -40.00 32.43 -11.11
N ALA D 311 -40.37 31.94 -9.93
CA ALA D 311 -40.16 32.70 -8.70
C ALA D 311 -38.68 33.02 -8.49
N ALA D 312 -37.78 32.14 -8.94
CA ALA D 312 -36.37 32.30 -8.67
C ALA D 312 -35.67 33.19 -9.72
N GLY D 313 -36.36 33.53 -10.82
CA GLY D 313 -35.86 34.49 -11.79
C GLY D 313 -35.52 33.90 -13.17
N VAL D 314 -35.84 32.61 -13.39
CA VAL D 314 -35.58 32.00 -14.69
C VAL D 314 -36.61 32.50 -15.70
N LYS D 315 -36.17 32.80 -16.92
CA LYS D 315 -37.01 33.39 -17.94
C LYS D 315 -37.02 32.59 -19.24
N GLN D 316 -36.35 31.43 -19.24
CA GLN D 316 -36.16 30.66 -20.45
C GLN D 316 -35.96 29.18 -20.11
N ILE D 317 -36.55 28.32 -20.95
CA ILE D 317 -36.60 26.87 -20.72
C ILE D 317 -36.22 26.17 -22.02
N THR D 318 -35.26 25.25 -21.95
CA THR D 318 -34.94 24.39 -23.08
C THR D 318 -35.53 23.00 -22.88
N LEU D 319 -36.30 22.54 -23.87
CA LEU D 319 -36.58 21.12 -24.03
C LEU D 319 -35.37 20.53 -24.74
N ASP D 320 -34.60 19.74 -23.99
CA ASP D 320 -33.32 19.25 -24.45
C ASP D 320 -33.54 17.92 -25.15
N ASP D 321 -32.48 17.10 -25.22
CA ASP D 321 -32.46 15.91 -26.05
C ASP D 321 -33.52 14.92 -25.58
N GLY D 322 -33.99 14.08 -26.53
CA GLY D 322 -34.88 12.97 -26.22
C GLY D 322 -36.33 13.19 -26.63
N TRP D 323 -36.64 14.29 -27.33
CA TRP D 323 -38.04 14.63 -27.62
C TRP D 323 -38.55 14.04 -28.93
N TYR D 324 -37.66 13.53 -29.78
CA TYR D 324 -37.94 13.30 -31.19
C TYR D 324 -37.85 11.82 -31.52
N THR D 325 -38.42 11.45 -32.66
CA THR D 325 -38.33 10.09 -33.19
C THR D 325 -36.90 9.83 -33.67
N ASN D 326 -36.49 10.62 -34.65
CA ASN D 326 -35.21 10.46 -35.33
C ASN D 326 -34.77 11.83 -35.79
N ALA D 327 -33.45 12.05 -35.81
CA ALA D 327 -32.88 13.17 -36.51
C ALA D 327 -33.35 13.16 -37.98
N GLY D 328 -33.35 14.34 -38.59
CA GLY D 328 -33.78 14.49 -39.97
C GLY D 328 -35.29 14.66 -40.05
N ASP D 329 -36.02 13.66 -39.56
CA ASP D 329 -37.47 13.72 -39.43
C ASP D 329 -37.87 14.79 -38.43
N TRP D 330 -37.21 14.80 -37.27
CA TRP D 330 -37.53 15.72 -36.20
C TRP D 330 -39.04 15.76 -35.94
N ALA D 331 -39.62 14.57 -35.79
CA ALA D 331 -41.02 14.41 -35.40
C ALA D 331 -41.10 14.15 -33.90
N LEU D 332 -42.26 14.51 -33.32
CA LEU D 332 -42.49 14.31 -31.89
C LEU D 332 -42.41 12.81 -31.59
N ASN D 333 -41.65 12.46 -30.55
CA ASN D 333 -41.64 11.11 -30.04
C ASN D 333 -43.00 10.79 -29.39
N PRO D 334 -43.75 9.77 -29.87
CA PRO D 334 -45.08 9.50 -29.32
C PRO D 334 -45.09 9.13 -27.84
N GLU D 335 -44.00 8.55 -27.33
CA GLU D 335 -43.87 8.27 -25.91
C GLU D 335 -43.83 9.55 -25.08
N LYS D 336 -43.22 10.61 -25.62
CA LYS D 336 -43.13 11.86 -24.89
C LYS D 336 -44.31 12.76 -25.20
N PHE D 337 -44.92 12.60 -26.38
CA PHE D 337 -46.04 13.42 -26.82
C PHE D 337 -47.18 12.49 -27.24
N PRO D 338 -47.81 11.74 -26.31
CA PRO D 338 -48.88 10.82 -26.69
C PRO D 338 -50.03 11.47 -27.43
N ASN D 339 -50.27 12.77 -27.21
CA ASN D 339 -51.37 13.47 -27.85
C ASN D 339 -50.88 14.31 -29.02
N GLY D 340 -49.63 14.11 -29.44
CA GLY D 340 -49.13 14.80 -30.62
C GLY D 340 -48.84 16.27 -30.33
N ALA D 341 -49.13 17.10 -31.34
CA ALA D 341 -48.77 18.51 -31.30
C ALA D 341 -49.43 19.23 -30.12
N SER D 342 -50.62 18.81 -29.70
CA SER D 342 -51.30 19.47 -28.61
C SER D 342 -50.52 19.31 -27.30
N ASP D 343 -49.74 18.23 -27.19
CA ASP D 343 -48.86 18.04 -26.04
C ASP D 343 -47.66 19.02 -26.10
N ALA D 344 -47.08 19.20 -27.29
CA ALA D 344 -46.00 20.16 -27.44
C ALA D 344 -46.51 21.55 -27.07
N LEU D 345 -47.71 21.87 -27.51
CA LEU D 345 -48.32 23.18 -27.24
C LEU D 345 -48.63 23.34 -25.76
N ARG D 346 -49.08 22.29 -25.07
CA ARG D 346 -49.40 22.46 -23.66
C ARG D 346 -48.11 22.76 -22.90
N LEU D 347 -46.99 22.20 -23.39
CA LEU D 347 -45.69 22.47 -22.79
C LEU D 347 -45.28 23.93 -23.03
N THR D 348 -45.27 24.37 -24.31
CA THR D 348 -44.80 25.71 -24.61
C THR D 348 -45.78 26.76 -24.09
N ASP D 349 -47.09 26.48 -24.09
CA ASP D 349 -48.05 27.38 -23.48
C ASP D 349 -47.74 27.57 -21.99
N ALA D 350 -47.47 26.47 -21.27
CA ALA D 350 -47.19 26.58 -19.86
C ALA D 350 -45.92 27.42 -19.65
N ILE D 351 -44.91 27.21 -20.49
CA ILE D 351 -43.69 27.98 -20.42
C ILE D 351 -44.03 29.46 -20.64
N HIS D 352 -44.78 29.80 -21.69
CA HIS D 352 -45.15 31.17 -21.99
C HIS D 352 -45.96 31.78 -20.83
N GLU D 353 -46.87 31.00 -20.24
CA GLU D 353 -47.72 31.50 -19.17
C GLU D 353 -46.89 31.87 -17.93
N HIS D 354 -45.65 31.34 -17.82
CA HIS D 354 -44.77 31.69 -16.72
C HIS D 354 -43.79 32.80 -17.10
N GLY D 355 -44.09 33.52 -18.19
CA GLY D 355 -43.29 34.65 -18.63
C GLY D 355 -41.98 34.23 -19.31
N MET D 356 -41.93 33.01 -19.84
CA MET D 356 -40.67 32.46 -20.33
C MET D 356 -40.73 32.17 -21.82
N THR D 357 -39.56 32.15 -22.46
CA THR D 357 -39.42 31.62 -23.80
C THR D 357 -39.00 30.15 -23.73
N ALA D 358 -39.37 29.42 -24.78
CA ALA D 358 -39.14 27.98 -24.90
C ALA D 358 -38.21 27.69 -26.07
N LEU D 359 -37.16 26.90 -25.79
CA LEU D 359 -36.18 26.51 -26.81
C LEU D 359 -36.26 25.00 -27.04
N LEU D 360 -35.88 24.59 -28.25
CA LEU D 360 -35.90 23.19 -28.66
C LEU D 360 -34.53 22.74 -29.13
N TRP D 361 -34.09 21.60 -28.62
CA TRP D 361 -32.84 20.95 -28.99
C TRP D 361 -32.95 20.33 -30.38
N TRP D 362 -31.89 20.44 -31.16
CA TRP D 362 -31.79 19.68 -32.41
C TRP D 362 -30.31 19.53 -32.78
N ARG D 363 -30.08 18.67 -33.77
CA ARG D 363 -28.75 18.49 -34.34
C ARG D 363 -28.82 18.87 -35.81
N PRO D 364 -28.49 20.12 -36.18
CA PRO D 364 -28.47 20.50 -37.59
C PRO D 364 -27.45 19.65 -38.34
N CYS D 365 -27.73 19.39 -39.62
CA CYS D 365 -26.90 18.65 -40.54
C CYS D 365 -27.16 17.13 -40.45
N ASP D 366 -27.87 16.67 -39.40
CA ASP D 366 -28.08 15.25 -39.18
C ASP D 366 -29.42 14.85 -39.82
N GLY D 367 -29.36 13.99 -40.83
CA GLY D 367 -30.56 13.54 -41.52
C GLY D 367 -31.04 12.18 -41.03
N GLY D 368 -30.38 11.63 -40.00
CA GLY D 368 -30.77 10.37 -39.40
C GLY D 368 -30.19 9.19 -40.18
N ILE D 369 -30.52 7.98 -39.72
CA ILE D 369 -30.11 6.75 -40.38
C ILE D 369 -31.35 5.94 -40.72
N ASP D 370 -32.19 5.71 -39.71
CA ASP D 370 -33.47 5.04 -39.87
C ASP D 370 -34.60 6.04 -40.06
N SER D 371 -34.25 7.27 -40.39
CA SER D 371 -35.24 8.30 -40.64
C SER D 371 -36.05 7.97 -41.89
N ILE D 372 -37.29 8.45 -41.91
CA ILE D 372 -38.08 8.51 -43.12
C ILE D 372 -37.33 9.33 -44.17
N LEU D 373 -36.65 10.39 -43.72
CA LEU D 373 -35.91 11.27 -44.61
C LEU D 373 -34.90 10.49 -45.44
N TYR D 374 -34.08 9.64 -44.78
CA TYR D 374 -33.06 8.87 -45.47
C TYR D 374 -33.71 7.80 -46.35
N GLN D 375 -34.79 7.19 -45.86
CA GLN D 375 -35.49 6.17 -46.63
C GLN D 375 -36.07 6.74 -47.91
N GLN D 376 -36.71 7.90 -47.82
CA GLN D 376 -37.42 8.49 -48.95
C GLN D 376 -36.48 9.31 -49.84
N HIS D 377 -35.46 9.94 -49.26
CA HIS D 377 -34.66 10.90 -50.00
C HIS D 377 -33.16 10.73 -49.75
N PRO D 378 -32.57 9.57 -50.08
CA PRO D 378 -31.14 9.38 -49.91
C PRO D 378 -30.31 10.40 -50.72
N GLU D 379 -30.90 10.94 -51.80
CA GLU D 379 -30.25 11.92 -52.66
C GLU D 379 -29.96 13.22 -51.93
N TYR D 380 -30.59 13.48 -50.77
CA TYR D 380 -30.30 14.68 -50.01
C TYR D 380 -29.00 14.59 -49.20
N PHE D 381 -28.38 13.40 -49.14
CA PHE D 381 -27.36 13.13 -48.14
C PHE D 381 -25.97 13.17 -48.76
N VAL D 382 -24.96 13.35 -47.92
CA VAL D 382 -23.59 13.20 -48.38
C VAL D 382 -23.32 11.73 -48.73
N MET D 383 -22.62 11.54 -49.84
CA MET D 383 -22.17 10.23 -50.30
C MET D 383 -20.65 10.20 -50.24
N ASP D 384 -20.09 9.12 -49.68
CA ASP D 384 -18.66 8.99 -49.54
C ASP D 384 -18.07 8.45 -50.83
N ALA D 385 -16.75 8.33 -50.86
CA ALA D 385 -16.05 7.95 -52.07
C ALA D 385 -16.42 6.54 -52.52
N ASP D 386 -16.96 5.72 -51.61
CA ASP D 386 -17.37 4.37 -51.99
C ASP D 386 -18.84 4.31 -52.36
N GLY D 387 -19.53 5.45 -52.43
CA GLY D 387 -20.93 5.41 -52.84
C GLY D 387 -21.89 5.17 -51.67
N ARG D 388 -21.38 5.22 -50.44
CA ARG D 388 -22.20 4.95 -49.28
C ARG D 388 -22.59 6.26 -48.62
N PRO D 389 -23.70 6.28 -47.85
CA PRO D 389 -24.08 7.44 -47.07
C PRO D 389 -22.99 7.75 -46.05
N ALA D 390 -22.58 9.02 -45.94
CA ALA D 390 -21.50 9.40 -45.04
C ALA D 390 -22.07 9.82 -43.70
N ARG D 391 -21.52 9.27 -42.62
CA ARG D 391 -21.90 9.67 -41.28
C ARG D 391 -21.31 11.04 -40.95
N LEU D 392 -21.98 11.77 -40.06
CA LEU D 392 -21.41 12.97 -39.48
C LEU D 392 -20.17 12.57 -38.66
N PRO D 393 -19.02 13.24 -38.85
CA PRO D 393 -17.81 12.94 -38.10
C PRO D 393 -17.70 13.60 -36.74
N THR D 394 -17.08 12.86 -35.79
CA THR D 394 -16.61 13.47 -34.56
C THR D 394 -15.32 14.21 -34.85
N PRO D 395 -14.90 15.13 -33.95
CA PRO D 395 -13.62 15.85 -34.14
C PRO D 395 -12.44 14.91 -34.39
N GLY D 396 -11.74 15.17 -35.49
CA GLY D 396 -10.58 14.39 -35.84
C GLY D 396 -10.93 13.12 -36.59
N GLY D 397 -12.22 12.80 -36.72
CA GLY D 397 -12.60 11.64 -37.53
C GLY D 397 -13.34 10.63 -36.69
N GLY D 398 -13.88 9.62 -37.34
CA GLY D 398 -14.74 8.69 -36.65
C GLY D 398 -16.15 9.25 -36.55
N THR D 399 -17.06 8.43 -36.01
CA THR D 399 -18.40 8.88 -35.71
C THR D 399 -18.77 8.27 -34.36
N ASN D 400 -20.02 8.44 -33.97
CA ASN D 400 -20.53 7.73 -32.83
C ASN D 400 -21.99 7.41 -33.05
N PRO D 401 -22.51 6.47 -32.24
CA PRO D 401 -23.83 5.88 -32.47
C PRO D 401 -24.96 6.90 -32.48
N SER D 402 -24.77 8.07 -31.89
CA SER D 402 -25.87 9.01 -31.80
C SER D 402 -25.93 9.94 -33.04
N LEU D 403 -24.90 9.87 -33.91
CA LEU D 403 -24.80 10.72 -35.09
C LEU D 403 -25.27 9.98 -36.33
N GLY D 404 -26.18 10.58 -37.08
CA GLY D 404 -26.69 9.95 -38.29
C GLY D 404 -25.87 10.30 -39.54
N TYR D 405 -26.52 10.11 -40.70
CA TYR D 405 -25.92 10.46 -41.98
C TYR D 405 -25.99 11.97 -42.17
N ALA D 406 -24.91 12.54 -42.73
CA ALA D 406 -24.82 13.96 -43.02
C ALA D 406 -25.74 14.34 -44.17
N LEU D 407 -26.51 15.42 -43.96
CA LEU D 407 -27.21 16.09 -45.03
C LEU D 407 -26.21 16.94 -45.83
N CYS D 408 -26.29 16.85 -47.16
CA CYS D 408 -25.41 17.66 -47.97
C CYS D 408 -25.95 19.09 -48.04
N PRO D 409 -25.14 20.11 -47.65
CA PRO D 409 -25.62 21.48 -47.63
C PRO D 409 -25.94 22.07 -48.99
N MET D 410 -25.53 21.39 -50.06
CA MET D 410 -25.86 21.87 -51.39
C MET D 410 -27.05 21.12 -51.98
N ALA D 411 -27.66 20.20 -51.24
CA ALA D 411 -28.89 19.58 -51.71
C ALA D 411 -30.07 20.42 -51.21
N ASP D 412 -30.85 20.95 -52.14
CA ASP D 412 -31.99 21.80 -51.83
C ASP D 412 -32.95 21.11 -50.85
N GLY D 413 -33.23 19.82 -51.10
CA GLY D 413 -34.14 19.08 -50.25
C GLY D 413 -33.57 18.91 -48.83
N ALA D 414 -32.26 18.84 -48.67
CA ALA D 414 -31.67 18.77 -47.34
C ALA D 414 -31.93 20.06 -46.58
N ILE D 415 -31.64 21.18 -47.24
CA ILE D 415 -31.84 22.49 -46.63
C ILE D 415 -33.30 22.66 -46.26
N ALA D 416 -34.19 22.29 -47.17
CA ALA D 416 -35.62 22.46 -46.97
C ALA D 416 -36.09 21.63 -45.77
N SER D 417 -35.49 20.46 -45.53
CA SER D 417 -35.86 19.63 -44.39
C SER D 417 -35.52 20.35 -43.09
N GLN D 418 -34.43 21.14 -43.08
CA GLN D 418 -34.07 21.92 -41.91
C GLN D 418 -35.05 23.07 -41.70
N VAL D 419 -35.37 23.78 -42.77
CA VAL D 419 -36.35 24.86 -42.76
C VAL D 419 -37.71 24.34 -42.29
N ASP D 420 -38.15 23.17 -42.80
CA ASP D 420 -39.45 22.64 -42.46
C ASP D 420 -39.53 22.31 -40.97
N PHE D 421 -38.43 21.81 -40.40
CA PHE D 421 -38.34 21.58 -38.96
C PHE D 421 -38.50 22.89 -38.19
N VAL D 422 -37.76 23.93 -38.59
CA VAL D 422 -37.84 25.23 -37.92
C VAL D 422 -39.29 25.72 -37.91
N ASN D 423 -39.96 25.63 -39.06
CA ASN D 423 -41.31 26.16 -39.21
C ASN D 423 -42.30 25.36 -38.38
N ARG D 424 -42.14 24.03 -38.34
CA ARG D 424 -43.03 23.19 -37.53
C ARG D 424 -42.82 23.51 -36.04
N ALA D 425 -41.56 23.54 -35.60
CA ALA D 425 -41.29 23.71 -34.19
C ALA D 425 -41.78 25.08 -33.71
N MET D 426 -41.63 26.12 -34.55
CA MET D 426 -42.07 27.46 -34.17
C MET D 426 -43.57 27.61 -34.34
N ASN D 427 -44.13 27.24 -35.51
CA ASN D 427 -45.50 27.60 -35.85
C ASN D 427 -46.52 26.54 -35.40
N ASP D 428 -46.12 25.27 -35.31
CA ASP D 428 -47.04 24.25 -34.85
C ASP D 428 -46.88 23.99 -33.34
N TRP D 429 -45.66 24.11 -32.81
CA TRP D 429 -45.41 23.67 -31.44
C TRP D 429 -45.16 24.84 -30.47
N GLY D 430 -44.93 26.05 -31.03
CA GLY D 430 -44.86 27.27 -30.25
C GLY D 430 -43.50 27.52 -29.61
N PHE D 431 -42.42 26.95 -30.18
CA PHE D 431 -41.09 27.21 -29.67
C PHE D 431 -40.58 28.56 -30.18
N ASP D 432 -39.66 29.13 -29.39
CA ASP D 432 -39.18 30.49 -29.57
C ASP D 432 -37.71 30.51 -29.98
N GLY D 433 -37.13 29.35 -30.22
CA GLY D 433 -35.72 29.28 -30.55
C GLY D 433 -35.15 27.88 -30.41
N PHE D 434 -33.86 27.77 -30.67
CA PHE D 434 -33.22 26.50 -30.97
C PHE D 434 -31.86 26.42 -30.31
N LYS D 435 -31.59 25.24 -29.78
CA LYS D 435 -30.28 24.83 -29.31
C LYS D 435 -29.81 23.67 -30.16
N GLY D 436 -28.94 23.99 -31.13
CA GLY D 436 -28.26 23.00 -31.92
C GLY D 436 -27.06 22.44 -31.15
N ALA D 437 -26.82 21.14 -31.26
CA ALA D 437 -25.76 20.53 -30.49
C ALA D 437 -25.29 19.22 -31.11
N TYR D 438 -24.06 18.84 -30.71
CA TYR D 438 -23.50 17.51 -30.97
C TYR D 438 -23.41 17.28 -32.48
N VAL D 439 -22.86 18.28 -33.15
CA VAL D 439 -22.43 18.17 -34.53
C VAL D 439 -21.12 18.97 -34.64
N TRP D 440 -20.26 18.53 -35.56
CA TRP D 440 -18.95 19.13 -35.76
C TRP D 440 -18.79 19.43 -37.25
N SER D 441 -17.86 18.75 -37.95
CA SER D 441 -17.64 19.09 -39.34
C SER D 441 -18.59 18.29 -40.22
N MET D 442 -18.34 18.39 -41.53
CA MET D 442 -19.20 17.92 -42.58
C MET D 442 -18.33 17.12 -43.55
N PRO D 443 -18.66 15.84 -43.83
CA PRO D 443 -17.83 15.04 -44.71
C PRO D 443 -17.90 15.52 -46.15
N GLU D 444 -16.85 15.15 -46.90
CA GLU D 444 -16.77 15.39 -48.33
C GLU D 444 -17.81 14.56 -49.04
N CYS D 445 -18.31 15.12 -50.14
CA CYS D 445 -19.44 14.53 -50.85
C CYS D 445 -19.06 14.15 -52.29
N TYR D 446 -19.38 12.91 -52.66
CA TYR D 446 -19.12 12.37 -53.98
C TYR D 446 -20.41 12.04 -54.72
N ASN D 447 -21.55 12.53 -54.26
CA ASN D 447 -22.80 12.22 -54.94
C ASN D 447 -22.85 12.91 -56.30
N PRO D 448 -22.84 12.18 -57.43
CA PRO D 448 -22.80 12.82 -58.76
C PRO D 448 -24.05 13.65 -59.03
N ALA D 449 -25.18 13.31 -58.42
CA ALA D 449 -26.39 14.10 -58.58
C ALA D 449 -26.25 15.52 -58.03
N HIS D 450 -25.27 15.75 -57.15
CA HIS D 450 -25.09 17.07 -56.60
C HIS D 450 -24.21 17.92 -57.52
N ASN D 451 -23.49 17.29 -58.46
CA ASN D 451 -22.62 18.01 -59.40
C ASN D 451 -21.64 18.90 -58.67
N HIS D 452 -20.98 18.37 -57.63
CA HIS D 452 -20.04 19.19 -56.89
C HIS D 452 -18.84 19.55 -57.76
N ALA D 453 -18.33 20.77 -57.57
CA ALA D 453 -17.07 21.19 -58.19
C ALA D 453 -15.96 20.23 -57.77
N SER D 454 -15.86 20.02 -56.46
CA SER D 454 -14.93 19.06 -55.89
C SER D 454 -15.57 18.53 -54.61
N PRO D 455 -15.05 17.42 -54.05
CA PRO D 455 -15.70 16.80 -52.88
C PRO D 455 -15.72 17.66 -51.62
N GLU D 456 -14.73 18.56 -51.47
CA GLU D 456 -14.66 19.40 -50.28
C GLU D 456 -15.78 20.46 -50.25
N GLU D 457 -16.52 20.59 -51.35
CA GLU D 457 -17.55 21.61 -51.41
C GLU D 457 -18.60 21.44 -50.31
N SER D 458 -18.97 20.22 -49.96
CA SER D 458 -19.91 19.98 -48.88
C SER D 458 -19.35 20.57 -47.57
N THR D 459 -18.08 20.23 -47.29
CA THR D 459 -17.42 20.69 -46.08
C THR D 459 -17.42 22.23 -46.04
N GLU D 460 -17.06 22.84 -47.16
CA GLU D 460 -16.96 24.29 -47.26
C GLU D 460 -18.31 24.98 -47.03
N LYS D 461 -19.39 24.32 -47.45
CA LYS D 461 -20.72 24.92 -47.47
C LYS D 461 -21.56 24.54 -46.25
N GLN D 462 -20.95 23.88 -45.27
CA GLN D 462 -21.69 23.41 -44.11
C GLN D 462 -22.51 24.56 -43.50
N SER D 463 -21.89 25.73 -43.39
CA SER D 463 -22.49 26.86 -42.71
C SER D 463 -23.78 27.36 -43.41
N GLU D 464 -24.00 26.98 -44.67
CA GLU D 464 -25.25 27.30 -45.36
C GLU D 464 -26.46 26.73 -44.60
N ILE D 465 -26.28 25.56 -43.98
CA ILE D 465 -27.36 24.98 -43.19
C ILE D 465 -27.72 25.92 -42.03
N TYR D 466 -26.69 26.46 -41.37
CA TYR D 466 -26.91 27.32 -40.22
C TYR D 466 -27.55 28.65 -40.68
N ARG D 467 -27.04 29.20 -41.78
CA ARG D 467 -27.53 30.47 -42.28
C ARG D 467 -29.00 30.35 -42.67
N VAL D 468 -29.34 29.35 -43.49
CA VAL D 468 -30.68 29.26 -44.04
C VAL D 468 -31.68 28.95 -42.92
N SER D 469 -31.31 28.08 -41.99
CA SER D 469 -32.12 27.74 -40.83
C SER D 469 -32.45 28.99 -40.03
N TYR D 470 -31.41 29.76 -39.73
CA TYR D 470 -31.58 30.97 -38.94
C TYR D 470 -32.48 31.97 -39.67
N GLU D 471 -32.30 32.11 -40.99
CA GLU D 471 -33.11 33.06 -41.74
C GLU D 471 -34.58 32.65 -41.67
N ALA D 472 -34.85 31.34 -41.68
CA ALA D 472 -36.23 30.87 -41.57
C ALA D 472 -36.78 31.17 -40.16
N MET D 473 -35.94 30.96 -39.14
CA MET D 473 -36.30 31.23 -37.76
C MET D 473 -36.71 32.70 -37.60
N VAL D 474 -35.89 33.61 -38.17
CA VAL D 474 -36.10 35.03 -38.03
C VAL D 474 -37.39 35.45 -38.73
N ALA D 475 -37.71 34.80 -39.85
CA ALA D 475 -38.94 35.15 -40.57
C ALA D 475 -40.16 34.85 -39.71
N ASN D 476 -40.08 33.82 -38.86
CA ASN D 476 -41.20 33.51 -37.96
C ASN D 476 -41.24 34.50 -36.79
N ASP D 477 -40.06 34.84 -36.27
CA ASP D 477 -39.97 35.72 -35.12
C ASP D 477 -38.58 36.39 -35.12
N PRO D 478 -38.51 37.72 -35.26
CA PRO D 478 -37.21 38.39 -35.28
C PRO D 478 -36.44 38.24 -33.98
N ASN D 479 -37.15 37.92 -32.88
CA ASN D 479 -36.51 37.77 -31.57
C ASN D 479 -36.14 36.34 -31.25
N VAL D 480 -36.19 35.46 -32.27
CA VAL D 480 -35.87 34.05 -32.09
C VAL D 480 -34.46 33.91 -31.50
N PHE D 481 -34.31 32.91 -30.64
CA PHE D 481 -33.04 32.55 -30.06
C PHE D 481 -32.37 31.47 -30.90
N ASN D 482 -31.05 31.57 -31.07
CA ASN D 482 -30.34 30.55 -31.83
C ASN D 482 -28.94 30.36 -31.26
N LEU D 483 -28.61 29.10 -31.00
CA LEU D 483 -27.33 28.69 -30.46
C LEU D 483 -26.92 27.37 -31.10
N LEU D 484 -25.61 27.21 -31.27
CA LEU D 484 -25.02 26.00 -31.78
C LEU D 484 -23.83 25.61 -30.93
N CYS D 485 -23.86 24.38 -30.41
CA CYS D 485 -22.79 23.83 -29.58
C CYS D 485 -22.07 22.75 -30.37
N ASN D 486 -20.88 23.04 -30.89
CA ASN D 486 -20.01 22.03 -31.47
C ASN D 486 -19.24 21.42 -30.30
N CYS D 487 -20.00 20.65 -29.51
CA CYS D 487 -19.70 20.35 -28.11
C CYS D 487 -18.24 19.89 -27.95
N GLY D 488 -17.50 20.55 -27.05
CA GLY D 488 -16.18 20.10 -26.65
C GLY D 488 -15.07 20.61 -27.55
N THR D 489 -15.41 21.52 -28.47
CA THR D 489 -14.49 22.13 -29.42
C THR D 489 -14.87 23.59 -29.58
N PRO D 490 -13.99 24.44 -30.16
CA PRO D 490 -14.36 25.83 -30.44
C PRO D 490 -15.44 25.79 -31.51
N GLN D 491 -16.40 26.70 -31.39
CA GLN D 491 -17.54 26.71 -32.30
C GLN D 491 -17.09 26.95 -33.74
N ASP D 492 -17.87 26.38 -34.66
CA ASP D 492 -17.67 26.57 -36.08
C ASP D 492 -17.74 28.07 -36.38
N TYR D 493 -16.60 28.64 -36.77
CA TYR D 493 -16.48 30.07 -36.93
C TYR D 493 -17.54 30.62 -37.88
N TYR D 494 -17.82 29.86 -38.95
CA TYR D 494 -18.71 30.38 -40.00
C TYR D 494 -20.17 30.20 -39.62
N SER D 495 -20.46 29.54 -38.50
CA SER D 495 -21.80 29.53 -37.91
C SER D 495 -22.07 30.80 -37.10
N LEU D 496 -21.00 31.46 -36.65
CA LEU D 496 -21.11 32.47 -35.61
C LEU D 496 -22.00 33.64 -36.04
N PRO D 497 -21.96 34.10 -37.30
CA PRO D 497 -22.83 35.21 -37.72
C PRO D 497 -24.33 34.96 -37.56
N TYR D 498 -24.75 33.70 -37.36
CA TYR D 498 -26.17 33.37 -37.35
C TYR D 498 -26.67 33.03 -35.94
N MET D 499 -25.88 33.40 -34.92
CA MET D 499 -26.22 33.04 -33.55
C MET D 499 -26.75 34.24 -32.78
N THR D 500 -27.50 33.99 -31.70
CA THR D 500 -27.87 35.03 -30.75
C THR D 500 -27.22 34.79 -29.38
N GLN D 501 -26.60 33.63 -29.18
CA GLN D 501 -25.90 33.30 -27.93
C GLN D 501 -24.87 32.21 -28.20
N ILE D 502 -23.75 32.25 -27.47
CA ILE D 502 -22.75 31.19 -27.53
C ILE D 502 -22.67 30.51 -26.16
N ALA D 503 -22.58 29.17 -26.18
CA ALA D 503 -22.20 28.42 -24.99
C ALA D 503 -20.71 28.11 -25.06
N THR D 504 -20.06 27.98 -23.91
CA THR D 504 -18.65 27.64 -23.91
C THR D 504 -18.45 26.20 -24.39
N ALA D 505 -19.53 25.39 -24.46
CA ALA D 505 -19.64 24.21 -25.29
C ALA D 505 -19.14 22.95 -24.58
N ASP D 506 -19.90 22.52 -23.57
CA ASP D 506 -19.52 21.37 -22.74
C ASP D 506 -18.12 21.57 -22.16
N PRO D 507 -17.84 22.70 -21.48
CA PRO D 507 -16.58 22.85 -20.76
C PRO D 507 -16.52 21.79 -19.68
N THR D 508 -15.31 21.29 -19.38
CA THR D 508 -15.14 20.26 -18.38
C THR D 508 -14.39 20.79 -17.15
N SER D 509 -14.16 22.09 -17.08
CA SER D 509 -13.56 22.70 -15.91
C SER D 509 -13.93 24.18 -15.87
N VAL D 510 -13.75 24.77 -14.70
CA VAL D 510 -13.91 26.21 -14.54
C VAL D 510 -12.93 26.97 -15.45
N ASP D 511 -11.73 26.41 -15.64
CA ASP D 511 -10.75 27.04 -16.51
C ASP D 511 -11.27 27.11 -17.94
N GLN D 512 -11.84 25.99 -18.42
CA GLN D 512 -12.33 25.98 -19.79
C GLN D 512 -13.47 26.99 -19.93
N THR D 513 -14.44 26.97 -19.00
CA THR D 513 -15.62 27.79 -19.26
C THR D 513 -15.23 29.27 -19.19
N ARG D 514 -14.41 29.65 -18.21
CA ARG D 514 -14.14 31.07 -18.03
C ARG D 514 -13.30 31.62 -19.19
N ARG D 515 -12.25 30.89 -19.55
CA ARG D 515 -11.34 31.38 -20.57
C ARG D 515 -12.03 31.44 -21.93
N ARG D 516 -13.00 30.53 -22.14
CA ARG D 516 -13.74 30.53 -23.39
C ARG D 516 -14.71 31.71 -23.47
N VAL D 517 -15.28 32.12 -22.34
CA VAL D 517 -16.12 33.30 -22.34
C VAL D 517 -15.33 34.46 -22.94
N LYS D 518 -14.07 34.62 -22.50
CA LYS D 518 -13.25 35.72 -22.97
C LYS D 518 -12.99 35.60 -24.47
N ALA D 519 -12.71 34.38 -24.94
CA ALA D 519 -12.43 34.18 -26.35
C ALA D 519 -13.63 34.54 -27.21
N TYR D 520 -14.82 34.09 -26.79
CA TYR D 520 -16.03 34.33 -27.58
C TYR D 520 -16.40 35.82 -27.56
N LYS D 521 -16.26 36.49 -26.41
CA LYS D 521 -16.47 37.91 -26.37
C LYS D 521 -15.52 38.63 -27.36
N ALA D 522 -14.26 38.18 -27.41
CA ALA D 522 -13.30 38.78 -28.31
C ALA D 522 -13.77 38.68 -29.75
N LEU D 523 -14.26 37.51 -30.15
CA LEU D 523 -14.63 37.25 -31.53
C LEU D 523 -16.00 37.84 -31.89
N MET D 524 -16.90 37.97 -30.91
CA MET D 524 -18.30 38.24 -31.20
C MET D 524 -18.72 39.66 -30.83
N GLY D 525 -17.96 40.31 -29.94
CA GLY D 525 -18.33 41.62 -29.43
C GLY D 525 -18.61 41.58 -27.93
N ASP D 526 -18.33 42.70 -27.27
CA ASP D 526 -18.35 42.76 -25.83
C ASP D 526 -19.75 42.64 -25.22
N TYR D 527 -20.78 42.86 -26.05
CA TYR D 527 -22.15 42.70 -25.59
C TYR D 527 -22.80 41.43 -26.14
N PHE D 528 -22.02 40.56 -26.78
CA PHE D 528 -22.62 39.37 -27.36
C PHE D 528 -22.88 38.36 -26.25
N PRO D 529 -24.10 37.79 -26.14
CA PRO D 529 -24.39 36.85 -25.06
C PRO D 529 -23.55 35.57 -25.11
N VAL D 530 -22.92 35.25 -23.98
CA VAL D 530 -22.23 33.99 -23.80
C VAL D 530 -22.70 33.38 -22.49
N THR D 531 -22.95 32.06 -22.51
CA THR D 531 -23.22 31.32 -21.27
C THR D 531 -22.04 30.43 -20.93
N ALA D 532 -21.77 30.34 -19.62
CA ALA D 532 -20.74 29.47 -19.07
C ALA D 532 -21.16 28.00 -19.01
N ASP D 533 -22.40 27.70 -19.40
CA ASP D 533 -22.87 26.32 -19.56
C ASP D 533 -23.11 25.70 -18.18
N HIS D 534 -23.54 24.43 -18.16
CA HIS D 534 -24.01 23.80 -16.92
C HIS D 534 -23.43 22.41 -16.65
N ASN D 535 -22.33 22.10 -17.32
CA ASN D 535 -21.72 20.79 -17.18
C ASN D 535 -21.33 20.50 -15.74
N ASN D 536 -20.80 21.51 -15.05
CA ASN D 536 -20.59 21.43 -13.62
C ASN D 536 -21.18 22.71 -13.01
N ILE D 537 -21.41 22.69 -11.70
CA ILE D 537 -21.97 23.83 -11.00
C ILE D 537 -20.85 24.80 -10.69
N TRP D 538 -20.91 25.98 -11.32
CA TRP D 538 -19.88 27.01 -11.14
C TRP D 538 -20.48 28.41 -11.24
N TYR D 539 -21.42 28.69 -10.34
CA TYR D 539 -22.20 29.91 -10.41
C TYR D 539 -21.30 31.15 -10.35
N PRO D 540 -20.28 31.19 -9.46
CA PRO D 540 -19.39 32.36 -9.42
C PRO D 540 -18.62 32.59 -10.72
N SER D 541 -18.25 31.51 -11.41
CA SER D 541 -17.61 31.60 -12.71
C SER D 541 -18.57 32.20 -13.72
N ALA D 542 -19.84 31.79 -13.67
CA ALA D 542 -20.82 32.26 -14.63
C ALA D 542 -21.06 33.77 -14.45
N VAL D 543 -21.20 34.21 -13.20
CA VAL D 543 -21.55 35.60 -12.95
C VAL D 543 -20.36 36.51 -13.26
N GLY D 544 -19.18 36.19 -12.73
CA GLY D 544 -18.06 37.11 -12.75
C GLY D 544 -17.47 37.31 -14.15
N THR D 545 -17.67 36.33 -15.05
CA THR D 545 -17.19 36.45 -16.42
C THR D 545 -18.15 37.26 -17.28
N GLY D 546 -19.28 37.69 -16.73
CA GLY D 546 -20.30 38.39 -17.51
C GLY D 546 -21.06 37.45 -18.43
N SER D 547 -21.21 36.19 -18.00
CA SER D 547 -21.92 35.20 -18.80
C SER D 547 -23.34 35.04 -18.30
N VAL D 548 -24.18 34.42 -19.15
CA VAL D 548 -25.53 34.03 -18.79
C VAL D 548 -25.47 32.74 -17.97
N LEU D 549 -26.00 32.79 -16.74
CA LEU D 549 -26.01 31.64 -15.85
C LEU D 549 -27.14 30.69 -16.23
N ILE D 550 -26.77 29.45 -16.60
CA ILE D 550 -27.74 28.43 -16.91
C ILE D 550 -27.56 27.21 -16.00
N GLU D 551 -28.58 26.35 -16.00
CA GLU D 551 -28.67 25.21 -15.13
C GLU D 551 -29.53 24.16 -15.83
N LYS D 552 -29.38 22.90 -15.43
CA LYS D 552 -30.12 21.81 -16.02
C LYS D 552 -30.63 20.80 -14.99
N ARG D 553 -30.25 20.95 -13.73
CA ARG D 553 -30.52 19.93 -12.73
C ARG D 553 -31.85 20.21 -12.05
N ASP D 554 -32.47 19.14 -11.59
CA ASP D 554 -33.59 19.21 -10.68
C ASP D 554 -33.07 19.21 -9.25
N LEU D 555 -32.94 20.38 -8.64
CA LEU D 555 -32.19 20.52 -7.40
C LEU D 555 -33.10 20.48 -6.18
N SER D 556 -32.56 20.03 -5.06
CA SER D 556 -33.24 20.16 -3.78
C SER D 556 -32.24 20.51 -2.69
N GLY D 557 -32.75 20.79 -1.48
CA GLY D 557 -31.89 21.00 -0.34
C GLY D 557 -30.99 22.21 -0.55
N THR D 558 -29.75 22.10 -0.07
CA THR D 558 -28.89 23.28 -0.07
C THR D 558 -28.46 23.57 -1.51
N ALA D 559 -28.44 22.59 -2.41
CA ALA D 559 -28.03 22.86 -3.78
C ALA D 559 -29.08 23.74 -4.48
N LYS D 560 -30.35 23.47 -4.19
CA LYS D 560 -31.43 24.33 -4.65
C LYS D 560 -31.30 25.74 -4.07
N GLU D 561 -31.03 25.85 -2.77
CA GLU D 561 -30.83 27.16 -2.15
C GLU D 561 -29.68 27.91 -2.81
N GLU D 562 -28.60 27.18 -3.15
CA GLU D 562 -27.44 27.77 -3.77
C GLU D 562 -27.81 28.33 -5.16
N TYR D 563 -28.61 27.57 -5.92
CA TYR D 563 -29.05 27.99 -7.24
C TYR D 563 -29.90 29.27 -7.12
N GLU D 564 -30.86 29.25 -6.18
CA GLU D 564 -31.72 30.40 -5.94
C GLU D 564 -30.88 31.62 -5.57
N LYS D 565 -29.90 31.43 -4.71
CA LYS D 565 -29.03 32.52 -4.27
C LYS D 565 -28.34 33.13 -5.48
N TRP D 566 -27.79 32.27 -6.35
CA TRP D 566 -26.95 32.76 -7.42
C TRP D 566 -27.78 33.32 -8.59
N LEU D 567 -28.99 32.79 -8.78
CA LEU D 567 -29.95 33.40 -9.68
C LEU D 567 -30.23 34.83 -9.21
N GLY D 568 -30.44 34.99 -7.89
CA GLY D 568 -30.71 36.30 -7.33
C GLY D 568 -29.57 37.28 -7.59
N ILE D 569 -28.32 36.83 -7.39
CA ILE D 569 -27.15 37.66 -7.66
C ILE D 569 -27.12 38.01 -9.16
N ALA D 570 -27.25 37.01 -10.03
CA ALA D 570 -27.12 37.20 -11.46
C ALA D 570 -28.20 38.15 -11.97
N ASP D 571 -29.39 38.05 -11.38
CA ASP D 571 -30.53 38.83 -11.78
C ASP D 571 -30.43 40.25 -11.21
N THR D 572 -29.57 40.46 -10.19
CA THR D 572 -29.37 41.79 -9.63
C THR D 572 -28.29 42.52 -10.43
N VAL D 573 -27.10 41.95 -10.58
CA VAL D 573 -26.02 42.68 -11.21
C VAL D 573 -26.12 42.59 -12.74
N GLN D 574 -26.68 41.51 -13.27
CA GLN D 574 -26.96 41.37 -14.70
C GLN D 574 -25.73 41.68 -15.55
N LEU D 575 -24.60 41.06 -15.19
CA LEU D 575 -23.37 41.31 -15.91
C LEU D 575 -23.43 40.67 -17.29
N GLN D 576 -24.37 39.74 -17.51
CA GLN D 576 -24.54 39.13 -18.83
C GLN D 576 -24.94 40.17 -19.88
N LYS D 577 -25.50 41.29 -19.44
CA LYS D 577 -25.89 42.40 -20.31
C LYS D 577 -24.85 43.53 -20.28
N GLY D 578 -23.80 43.38 -19.49
CA GLY D 578 -22.82 44.45 -19.34
C GLY D 578 -21.76 44.37 -20.45
N ARG D 579 -20.95 45.43 -20.52
CA ARG D 579 -19.88 45.47 -21.49
C ARG D 579 -18.69 44.71 -20.93
N PHE D 580 -18.43 43.53 -21.51
CA PHE D 580 -17.23 42.79 -21.19
C PHE D 580 -16.01 43.63 -21.58
N ILE D 581 -15.02 43.64 -20.68
CA ILE D 581 -13.77 44.34 -20.90
C ILE D 581 -12.63 43.33 -20.80
N GLY D 582 -11.98 43.08 -21.94
CA GLY D 582 -11.02 41.99 -22.03
C GLY D 582 -9.58 42.45 -22.13
N ASP D 583 -9.35 43.76 -22.19
CA ASP D 583 -8.05 44.30 -22.55
C ASP D 583 -7.30 44.89 -21.34
N LEU D 584 -7.80 44.67 -20.11
CA LEU D 584 -7.14 45.24 -18.95
C LEU D 584 -6.20 44.22 -18.29
N TYR D 585 -6.57 42.94 -18.35
CA TYR D 585 -5.82 41.89 -17.68
C TYR D 585 -5.43 40.82 -18.70
N SER D 586 -4.23 40.27 -18.52
CA SER D 586 -3.67 39.25 -19.40
C SER D 586 -3.64 37.90 -18.67
N TYR D 587 -4.45 36.97 -19.16
CA TYR D 587 -4.53 35.64 -18.60
C TYR D 587 -3.15 34.99 -18.60
N GLY D 588 -2.72 34.59 -17.39
CA GLY D 588 -1.48 33.87 -17.21
C GLY D 588 -0.32 34.80 -16.87
N PHE D 589 -0.55 36.12 -16.91
CA PHE D 589 0.51 37.08 -16.66
C PHE D 589 0.15 38.02 -15.51
N ASP D 590 -1.07 38.54 -15.48
CA ASP D 590 -1.52 39.22 -14.28
C ASP D 590 -1.61 38.21 -13.15
N PRO D 591 -1.51 38.67 -11.89
CA PRO D 591 -1.39 37.74 -10.77
C PRO D 591 -2.57 36.78 -10.61
N TYR D 592 -3.77 37.22 -10.93
CA TYR D 592 -4.93 36.35 -10.91
C TYR D 592 -5.54 36.25 -12.29
N GLU D 593 -6.15 35.10 -12.56
CA GLU D 593 -7.16 35.00 -13.61
C GLU D 593 -8.28 35.99 -13.30
N THR D 594 -8.43 37.01 -14.18
CA THR D 594 -9.30 38.15 -13.90
C THR D 594 -10.24 38.42 -15.06
N TYR D 595 -11.48 38.82 -14.71
CA TYR D 595 -12.48 39.27 -15.68
C TYR D 595 -13.07 40.60 -15.20
N VAL D 596 -13.51 41.39 -16.18
CA VAL D 596 -14.05 42.72 -15.93
C VAL D 596 -15.28 42.92 -16.80
N VAL D 597 -16.31 43.53 -16.20
CA VAL D 597 -17.53 43.91 -16.90
C VAL D 597 -17.94 45.30 -16.41
N ALA D 598 -18.27 46.19 -17.36
CA ALA D 598 -18.87 47.47 -17.01
C ALA D 598 -20.37 47.36 -17.20
N ALA D 599 -21.14 47.64 -16.15
CA ALA D 599 -22.58 47.54 -16.20
C ALA D 599 -23.17 48.76 -15.51
N ASP D 600 -24.06 49.46 -16.23
CA ASP D 600 -24.68 50.69 -15.78
C ASP D 600 -23.64 51.64 -15.24
N GLY D 601 -22.50 51.79 -15.92
CA GLY D 601 -21.49 52.75 -15.53
C GLY D 601 -20.66 52.32 -14.31
N VAL D 602 -20.79 51.07 -13.85
CA VAL D 602 -20.01 50.59 -12.71
C VAL D 602 -19.09 49.46 -13.16
N MET D 603 -17.83 49.50 -12.70
CA MET D 603 -16.83 48.48 -13.00
C MET D 603 -16.95 47.31 -12.02
N TYR D 604 -17.15 46.10 -12.58
CA TYR D 604 -17.20 44.86 -11.84
C TYR D 604 -15.98 44.01 -12.20
N TYR D 605 -15.38 43.44 -11.16
CA TYR D 605 -14.18 42.63 -11.30
C TYR D 605 -14.43 41.26 -10.68
N ALA D 606 -13.85 40.24 -11.31
CA ALA D 606 -13.89 38.89 -10.82
C ALA D 606 -12.48 38.32 -10.85
N PHE D 607 -11.98 37.91 -9.67
CA PHE D 607 -10.68 37.31 -9.50
C PHE D 607 -10.86 35.86 -9.07
N TYR D 608 -10.14 34.94 -9.72
CA TYR D 608 -10.27 33.52 -9.42
C TYR D 608 -8.90 32.93 -9.07
N LYS D 609 -8.97 31.93 -8.17
CA LYS D 609 -7.81 31.15 -7.80
C LYS D 609 -8.10 29.66 -7.97
N ASP D 610 -9.32 29.28 -8.35
CA ASP D 610 -9.72 27.87 -8.33
C ASP D 610 -9.45 27.20 -9.67
N GLY D 611 -8.91 27.94 -10.64
CA GLY D 611 -8.54 27.33 -11.91
C GLY D 611 -7.11 26.79 -11.84
N SER D 612 -6.99 25.48 -11.81
CA SER D 612 -5.70 24.83 -11.64
C SER D 612 -4.74 25.14 -12.79
N LYS D 613 -5.21 25.64 -13.95
CA LYS D 613 -4.30 25.88 -15.07
C LYS D 613 -3.50 27.16 -14.87
N TYR D 614 -4.05 28.05 -14.04
CA TYR D 614 -3.33 29.28 -13.67
C TYR D 614 -3.88 29.84 -12.36
N SER D 615 -3.09 29.66 -11.31
CA SER D 615 -3.49 30.08 -9.97
C SER D 615 -2.25 30.49 -9.18
N PRO D 616 -2.23 31.64 -8.49
CA PRO D 616 -1.02 32.07 -7.80
C PRO D 616 -0.71 31.22 -6.57
N THR D 617 0.59 31.07 -6.32
CA THR D 617 1.10 30.78 -4.99
C THR D 617 0.84 32.00 -4.13
N GLY D 618 0.28 31.74 -2.95
CA GLY D 618 0.14 32.76 -1.92
C GLY D 618 -1.08 33.62 -2.21
N TYR D 619 -0.96 34.91 -1.85
CA TYR D 619 -2.09 35.81 -1.85
C TYR D 619 -1.61 37.15 -2.40
N PRO D 620 -1.38 37.25 -3.72
CA PRO D 620 -1.01 38.53 -4.33
C PRO D 620 -2.07 39.62 -4.09
N ASP D 621 -1.58 40.86 -4.00
CA ASP D 621 -2.43 42.01 -3.95
C ASP D 621 -3.32 42.05 -5.18
N ILE D 622 -4.52 42.59 -4.98
CA ILE D 622 -5.40 42.93 -6.09
C ILE D 622 -5.12 44.36 -6.54
N GLU D 623 -4.95 44.48 -7.87
CA GLU D 623 -4.93 45.78 -8.52
C GLU D 623 -6.18 45.91 -9.40
N LEU D 624 -6.92 46.99 -9.18
CA LEU D 624 -8.08 47.29 -10.02
C LEU D 624 -7.68 48.26 -11.10
N LYS D 625 -7.75 47.80 -12.35
CA LYS D 625 -7.36 48.60 -13.50
C LYS D 625 -8.60 49.17 -14.18
N GLY D 626 -8.38 50.29 -14.89
CA GLY D 626 -9.40 50.87 -15.73
C GLY D 626 -10.34 51.80 -14.96
N LEU D 627 -9.96 52.21 -13.75
CA LEU D 627 -10.76 53.19 -13.03
C LEU D 627 -10.31 54.60 -13.41
N ASP D 628 -11.12 55.57 -13.05
CA ASP D 628 -10.78 56.95 -13.28
C ASP D 628 -9.72 57.38 -12.29
N PRO D 629 -8.52 57.85 -12.75
CA PRO D 629 -7.43 58.19 -11.84
C PRO D 629 -7.77 59.28 -10.82
N ASN D 630 -8.77 60.11 -11.14
CA ASN D 630 -9.12 61.24 -10.30
C ASN D 630 -10.32 60.95 -9.41
N LYS D 631 -10.81 59.71 -9.39
CA LYS D 631 -11.95 59.39 -8.56
C LYS D 631 -11.54 58.46 -7.43
N MET D 632 -12.37 58.43 -6.40
CA MET D 632 -12.13 57.60 -5.23
C MET D 632 -13.25 56.57 -5.15
N TYR D 633 -12.90 55.35 -4.72
CA TYR D 633 -13.80 54.22 -4.80
C TYR D 633 -13.82 53.43 -3.49
N ARG D 634 -15.02 52.90 -3.19
CA ARG D 634 -15.23 51.86 -2.21
C ARG D 634 -15.39 50.54 -2.97
N ILE D 635 -14.62 49.52 -2.56
CA ILE D 635 -14.63 48.24 -3.24
C ILE D 635 -15.51 47.27 -2.44
N VAL D 636 -16.60 46.83 -3.08
CA VAL D 636 -17.64 46.07 -2.41
C VAL D 636 -17.71 44.66 -3.02
N ASP D 637 -17.50 43.66 -2.16
CA ASP D 637 -17.82 42.27 -2.46
C ASP D 637 -19.33 42.13 -2.46
N TYR D 638 -19.91 42.05 -3.67
CA TYR D 638 -21.37 42.10 -3.83
C TYR D 638 -21.98 40.73 -3.59
N VAL D 639 -21.17 39.68 -3.46
CA VAL D 639 -21.70 38.37 -3.12
C VAL D 639 -21.98 38.33 -1.63
N ASN D 640 -21.03 38.84 -0.83
CA ASN D 640 -21.13 38.76 0.62
C ASN D 640 -21.57 40.08 1.22
N ASP D 641 -21.67 41.14 0.39
CA ASP D 641 -22.16 42.45 0.83
C ASP D 641 -21.21 43.00 1.89
N ARG D 642 -19.94 43.08 1.54
CA ARG D 642 -18.89 43.44 2.48
C ARG D 642 -17.92 44.37 1.74
N VAL D 643 -17.49 45.42 2.44
CA VAL D 643 -16.46 46.29 1.91
C VAL D 643 -15.11 45.60 2.06
N VAL D 644 -14.36 45.41 0.98
CA VAL D 644 -13.06 44.78 1.08
C VAL D 644 -11.94 45.82 1.04
N ALA D 645 -12.22 47.04 0.54
CA ALA D 645 -11.28 48.16 0.61
C ALA D 645 -12.04 49.44 0.35
N THR D 646 -11.50 50.59 0.77
CA THR D 646 -12.20 51.84 0.52
C THR D 646 -11.20 52.99 0.43
N ASN D 647 -11.72 54.16 0.02
CA ASN D 647 -10.91 55.34 -0.20
C ASN D 647 -9.73 55.00 -1.11
N LEU D 648 -10.00 54.21 -2.16
CA LEU D 648 -8.99 53.92 -3.16
C LEU D 648 -9.08 54.92 -4.30
N MET D 649 -7.95 55.54 -4.63
CA MET D 649 -7.87 56.38 -5.80
C MET D 649 -7.76 55.49 -7.03
N GLY D 650 -8.36 55.94 -8.13
CA GLY D 650 -8.39 55.16 -9.37
C GLY D 650 -7.00 54.87 -9.93
N ASP D 651 -6.02 55.72 -9.62
CA ASP D 651 -4.66 55.57 -10.09
C ASP D 651 -3.81 54.73 -9.13
N ASN D 652 -4.38 54.27 -8.02
CA ASN D 652 -3.62 53.44 -7.09
C ASN D 652 -4.60 52.54 -6.36
N ALA D 653 -5.37 51.77 -7.13
CA ALA D 653 -6.42 50.93 -6.57
C ALA D 653 -5.87 49.54 -6.29
N VAL D 654 -5.06 49.44 -5.23
CA VAL D 654 -4.34 48.24 -4.86
C VAL D 654 -4.71 47.93 -3.41
N PHE D 655 -5.11 46.68 -3.15
CA PHE D 655 -5.44 46.29 -1.80
C PHE D 655 -5.10 44.81 -1.63
N ASN D 656 -5.00 44.46 -0.34
CA ASN D 656 -4.56 43.15 0.12
C ASN D 656 -5.79 42.30 0.30
N THR D 657 -5.64 41.03 -0.03
CA THR D 657 -6.74 40.09 0.07
C THR D 657 -6.19 38.75 0.55
N ARG D 658 -7.12 37.91 1.05
CA ARG D 658 -6.79 36.50 1.25
C ARG D 658 -7.89 35.57 0.73
N PHE D 659 -8.62 35.88 -0.35
CA PHE D 659 -9.78 35.08 -0.74
C PHE D 659 -9.28 33.70 -1.21
N SER D 660 -10.11 32.67 -1.07
CA SER D 660 -9.59 31.35 -1.38
C SER D 660 -9.92 30.91 -2.80
N ASP D 661 -11.13 31.17 -3.29
CA ASP D 661 -11.57 30.63 -4.58
C ASP D 661 -11.95 31.70 -5.62
N TYR D 662 -12.80 32.63 -5.20
CA TYR D 662 -13.20 33.73 -6.06
C TYR D 662 -13.41 34.97 -5.20
N LEU D 663 -13.31 36.13 -5.87
CA LEU D 663 -13.71 37.40 -5.30
C LEU D 663 -14.39 38.19 -6.39
N LEU D 664 -15.68 38.50 -6.18
CA LEU D 664 -16.46 39.30 -7.10
C LEU D 664 -16.69 40.65 -6.41
N VAL D 665 -16.18 41.74 -7.02
CA VAL D 665 -16.31 43.06 -6.42
C VAL D 665 -16.79 44.07 -7.46
N LYS D 666 -17.37 45.17 -6.94
CA LYS D 666 -17.64 46.35 -7.74
C LYS D 666 -16.95 47.57 -7.13
N ALA D 667 -16.53 48.50 -7.99
CA ALA D 667 -15.90 49.74 -7.58
C ALA D 667 -16.94 50.86 -7.57
N VAL D 668 -17.39 51.22 -6.35
CA VAL D 668 -18.42 52.24 -6.16
C VAL D 668 -17.74 53.59 -5.94
N GLU D 669 -18.05 54.54 -6.81
CA GLU D 669 -17.48 55.86 -6.69
C GLU D 669 -17.98 56.51 -5.41
N ILE D 670 -17.06 57.13 -4.66
CA ILE D 670 -17.39 57.86 -3.43
C ILE D 670 -16.81 59.28 -3.47
N SER D 671 -17.26 60.09 -2.51
CA SER D 671 -16.72 61.43 -2.30
C SER D 671 -17.07 61.93 -0.88
N TYR E 18 25.41 -61.71 -12.53
CA TYR E 18 24.52 -60.58 -12.13
C TYR E 18 25.08 -59.90 -10.89
N ALA E 19 25.29 -58.57 -10.97
CA ALA E 19 25.91 -57.84 -9.86
C ALA E 19 25.41 -56.41 -9.82
N ILE E 20 25.32 -55.85 -8.61
CA ILE E 20 25.20 -54.42 -8.42
C ILE E 20 26.24 -53.94 -7.41
N ALA E 21 26.52 -52.64 -7.47
CA ALA E 21 27.50 -51.99 -6.64
C ALA E 21 26.85 -50.81 -5.95
N GLY E 22 27.27 -50.56 -4.71
CA GLY E 22 27.10 -49.28 -4.06
C GLY E 22 28.42 -48.83 -3.45
N ASN E 23 28.37 -47.68 -2.79
CA ASN E 23 29.50 -47.20 -2.02
C ASN E 23 29.89 -48.25 -0.98
N GLY E 24 31.04 -48.89 -1.19
CA GLY E 24 31.63 -49.79 -0.23
C GLY E 24 31.05 -51.19 -0.24
N VAL E 25 30.22 -51.54 -1.23
CA VAL E 25 29.54 -52.82 -1.22
C VAL E 25 29.32 -53.33 -2.64
N ARG E 26 29.41 -54.65 -2.82
CA ARG E 26 29.02 -55.30 -4.06
C ARG E 26 28.12 -56.48 -3.72
N VAL E 27 27.11 -56.70 -4.56
CA VAL E 27 26.17 -57.79 -4.39
C VAL E 27 26.17 -58.60 -5.68
N THR E 28 26.39 -59.93 -5.59
CA THR E 28 26.31 -60.78 -6.76
C THR E 28 25.24 -61.84 -6.52
N TYR E 29 24.57 -62.22 -7.63
CA TYR E 29 23.57 -63.27 -7.66
C TYR E 29 24.00 -64.37 -8.62
N ASP E 30 23.95 -65.61 -8.14
CA ASP E 30 24.14 -66.77 -8.99
C ASP E 30 22.79 -67.40 -9.29
N ALA E 31 22.40 -67.39 -10.57
CA ALA E 31 21.10 -67.90 -10.99
C ALA E 31 21.01 -69.42 -10.88
N ASP E 32 22.13 -70.14 -11.00
CA ASP E 32 22.11 -71.60 -10.88
C ASP E 32 21.83 -72.00 -9.43
N GLY E 33 22.67 -71.50 -8.52
CA GLY E 33 22.52 -71.81 -7.11
C GLY E 33 21.39 -71.02 -6.47
N GLN E 34 20.97 -69.92 -7.10
CA GLN E 34 20.00 -68.99 -6.52
C GLN E 34 20.53 -68.48 -5.19
N THR E 35 21.75 -67.93 -5.21
CA THR E 35 22.41 -67.43 -4.02
C THR E 35 22.87 -65.99 -4.25
N ILE E 36 23.00 -65.27 -3.13
CA ILE E 36 23.56 -63.93 -3.06
C ILE E 36 24.88 -63.99 -2.31
N THR E 37 25.88 -63.24 -2.80
CA THR E 37 27.12 -63.04 -2.09
C THR E 37 27.35 -61.54 -1.89
N LEU E 38 27.72 -61.14 -0.67
CA LEU E 38 28.05 -59.77 -0.31
C LEU E 38 29.56 -59.62 -0.19
N TYR E 39 30.04 -58.48 -0.71
CA TYR E 39 31.41 -58.05 -0.57
C TYR E 39 31.43 -56.61 -0.07
N ARG E 40 32.51 -56.24 0.62
CA ARG E 40 32.80 -54.86 0.97
C ARG E 40 34.12 -54.46 0.34
N THR E 41 34.30 -53.15 0.14
CA THR E 41 35.54 -52.65 -0.45
C THR E 41 36.60 -52.51 0.64
N GLU E 42 37.85 -52.67 0.24
CA GLU E 42 39.00 -52.56 1.13
C GLU E 42 40.17 -52.20 0.24
N GLY E 43 40.81 -51.04 0.49
CA GLY E 43 41.81 -50.51 -0.41
C GLY E 43 41.20 -50.42 -1.80
N SER E 44 41.89 -51.02 -2.78
CA SER E 44 41.41 -51.00 -4.16
C SER E 44 40.76 -52.34 -4.53
N GLY E 45 40.51 -53.21 -3.54
CA GLY E 45 39.94 -54.53 -3.78
C GLY E 45 38.66 -54.77 -2.99
N LEU E 46 38.27 -56.05 -2.92
CA LEU E 46 37.07 -56.47 -2.23
C LEU E 46 37.45 -57.52 -1.21
N ILE E 47 36.69 -57.55 -0.11
CA ILE E 47 36.68 -58.66 0.81
C ILE E 47 35.29 -59.29 0.78
N GLN E 48 35.26 -60.60 0.55
CA GLN E 48 34.02 -61.35 0.62
C GLN E 48 33.54 -61.40 2.08
N MET E 49 32.31 -60.95 2.32
CA MET E 49 31.77 -60.88 3.66
C MET E 49 30.81 -62.03 3.94
N SER E 50 30.04 -62.47 2.94
CA SER E 50 29.11 -63.58 3.09
C SER E 50 29.53 -64.74 2.19
N LYS E 51 29.24 -65.95 2.65
CA LYS E 51 29.17 -67.11 1.77
C LYS E 51 28.02 -66.90 0.79
N PRO E 52 28.00 -67.64 -0.34
CA PRO E 52 26.82 -67.68 -1.21
C PRO E 52 25.63 -68.07 -0.35
N SER E 53 24.66 -67.18 -0.21
CA SER E 53 23.59 -67.36 0.75
C SER E 53 22.27 -67.48 -0.01
N PRO E 54 21.37 -68.40 0.37
CA PRO E 54 20.15 -68.62 -0.40
C PRO E 54 19.16 -67.49 -0.12
N LEU E 55 18.25 -67.24 -1.07
CA LEU E 55 17.18 -66.26 -0.92
C LEU E 55 16.20 -66.76 0.13
N GLY E 56 15.63 -65.85 0.89
CA GLY E 56 14.65 -66.27 1.88
C GLY E 56 13.34 -66.71 1.21
N GLY E 57 12.67 -67.69 1.83
CA GLY E 57 11.41 -68.19 1.33
C GLY E 57 10.31 -68.20 2.39
N PRO E 58 9.08 -68.53 1.98
CA PRO E 58 7.96 -68.67 2.90
C PRO E 58 8.02 -69.99 3.67
N VAL E 59 7.44 -69.99 4.86
CA VAL E 59 7.30 -71.18 5.67
C VAL E 59 5.84 -71.60 5.63
N ILE E 60 5.61 -72.83 5.14
CA ILE E 60 4.28 -73.42 5.02
C ILE E 60 4.28 -74.78 5.69
N GLY E 61 3.28 -75.03 6.54
CA GLY E 61 3.17 -76.27 7.28
C GLY E 61 4.45 -76.60 8.03
N GLY E 62 5.09 -75.59 8.62
CA GLY E 62 6.24 -75.79 9.48
C GLY E 62 7.55 -75.93 8.71
N GLN E 63 7.52 -75.73 7.39
CA GLN E 63 8.68 -76.01 6.54
C GLN E 63 8.91 -74.85 5.59
N GLU E 64 10.17 -74.42 5.43
CA GLU E 64 10.49 -73.45 4.40
C GLU E 64 10.29 -74.10 3.04
N VAL E 65 9.58 -73.42 2.14
CA VAL E 65 9.41 -73.87 0.78
C VAL E 65 10.77 -73.75 0.10
N GLN E 66 11.21 -74.82 -0.57
CA GLN E 66 12.53 -74.84 -1.15
C GLN E 66 12.55 -75.43 -2.55
N ASP E 67 11.43 -75.29 -3.27
CA ASP E 67 11.37 -75.67 -4.67
C ASP E 67 11.32 -74.45 -5.57
N PHE E 68 11.71 -73.26 -5.10
CA PHE E 68 11.69 -72.08 -5.97
C PHE E 68 12.73 -72.26 -7.06
N SER E 69 12.38 -71.91 -8.32
CA SER E 69 13.35 -71.92 -9.40
C SER E 69 13.52 -70.52 -9.98
N HIS E 70 14.69 -70.28 -10.56
CA HIS E 70 15.05 -68.98 -11.11
C HIS E 70 14.20 -68.69 -12.33
N ILE E 71 13.65 -67.48 -12.41
CA ILE E 71 12.95 -67.03 -13.61
C ILE E 71 13.77 -65.93 -14.27
N SER E 72 14.08 -64.86 -13.56
CA SER E 72 14.83 -63.77 -14.19
C SER E 72 15.56 -62.95 -13.13
N CYS E 73 16.55 -62.18 -13.62
CA CYS E 73 17.30 -61.23 -12.82
C CYS E 73 17.58 -59.99 -13.65
N ASP E 74 16.90 -58.88 -13.31
CA ASP E 74 17.08 -57.60 -14.00
C ASP E 74 17.99 -56.71 -13.16
N VAL E 75 19.14 -56.34 -13.74
CA VAL E 75 20.04 -55.37 -13.14
C VAL E 75 19.80 -53.99 -13.77
N GLU E 76 19.52 -52.99 -12.93
CA GLU E 76 19.50 -51.60 -13.37
C GLU E 76 20.68 -50.87 -12.75
N GLN E 77 21.58 -50.35 -13.59
CA GLN E 77 22.83 -49.78 -13.13
C GLN E 77 22.68 -48.32 -12.73
N SER E 78 21.56 -47.71 -13.12
CA SER E 78 21.43 -46.28 -12.97
C SER E 78 19.99 -45.94 -12.62
N THR E 79 19.69 -45.91 -11.33
CA THR E 79 18.30 -45.81 -10.91
C THR E 79 18.21 -45.05 -9.59
N SER E 80 16.99 -44.93 -9.06
CA SER E 80 16.76 -44.20 -7.83
C SER E 80 15.83 -45.03 -6.96
N GLY E 81 16.18 -45.25 -5.70
CA GLY E 81 15.41 -46.12 -4.83
C GLY E 81 15.16 -45.44 -3.50
N VAL E 82 14.88 -46.25 -2.48
CA VAL E 82 14.62 -45.78 -1.13
C VAL E 82 15.74 -44.85 -0.65
N MET E 83 16.97 -45.15 -1.01
CA MET E 83 18.13 -44.39 -0.53
C MET E 83 18.59 -43.36 -1.56
N GLY E 84 17.78 -43.10 -2.59
CA GLY E 84 18.19 -42.20 -3.66
C GLY E 84 18.92 -42.94 -4.76
N SER E 85 19.86 -42.26 -5.41
CA SER E 85 20.41 -42.78 -6.64
C SER E 85 21.38 -43.92 -6.34
N GLY E 86 21.32 -44.95 -7.18
CA GLY E 86 22.18 -46.11 -7.06
C GLY E 86 21.76 -47.18 -8.07
N GLN E 87 21.67 -48.43 -7.62
CA GLN E 87 21.44 -49.55 -8.52
C GLN E 87 20.38 -50.47 -7.93
N ARG E 88 19.82 -51.35 -8.76
CA ARG E 88 18.79 -52.28 -8.34
C ARG E 88 18.95 -53.61 -9.07
N MET E 89 18.69 -54.69 -8.33
CA MET E 89 18.68 -56.04 -8.85
C MET E 89 17.34 -56.66 -8.46
N THR E 90 16.56 -57.09 -9.46
CA THR E 90 15.25 -57.65 -9.21
C THR E 90 15.25 -59.11 -9.64
N ILE E 91 15.04 -60.01 -8.68
CA ILE E 91 15.07 -61.45 -8.94
C ILE E 91 13.65 -62.01 -8.82
N THR E 92 13.22 -62.73 -9.87
CA THR E 92 11.92 -63.39 -9.88
C THR E 92 12.14 -64.90 -9.80
N SER E 93 11.36 -65.57 -8.94
CA SER E 93 11.46 -67.01 -8.75
C SER E 93 10.05 -67.58 -8.67
N GLN E 94 9.90 -68.88 -8.95
CA GLN E 94 8.60 -69.51 -8.89
C GLN E 94 8.64 -70.88 -8.22
N SER E 95 7.59 -71.17 -7.45
CA SER E 95 7.41 -72.44 -6.76
C SER E 95 6.20 -73.16 -7.37
N MET E 96 6.45 -74.32 -8.00
CA MET E 96 5.39 -75.10 -8.61
C MET E 96 4.46 -75.69 -7.55
N SER E 97 5.02 -76.12 -6.41
CA SER E 97 4.23 -76.78 -5.39
C SER E 97 3.22 -75.81 -4.77
N THR E 98 3.55 -74.51 -4.68
CA THR E 98 2.69 -73.56 -3.99
C THR E 98 1.94 -72.63 -4.95
N GLY E 99 2.46 -72.46 -6.18
CA GLY E 99 1.95 -71.48 -7.11
C GLY E 99 2.40 -70.05 -6.79
N LEU E 100 3.45 -69.91 -5.97
CA LEU E 100 3.92 -68.59 -5.56
C LEU E 100 4.96 -68.10 -6.55
N ILE E 101 4.88 -66.81 -6.88
CA ILE E 101 5.96 -66.12 -7.57
C ILE E 101 6.60 -65.14 -6.58
N ARG E 102 7.90 -65.26 -6.34
CA ARG E 102 8.64 -64.36 -5.48
C ARG E 102 9.36 -63.30 -6.31
N THR E 103 9.21 -62.03 -5.89
CA THR E 103 10.03 -60.93 -6.39
C THR E 103 10.90 -60.41 -5.26
N TYR E 104 12.21 -60.52 -5.44
CA TYR E 104 13.20 -60.08 -4.46
C TYR E 104 14.01 -58.93 -5.04
N VAL E 105 13.93 -57.78 -4.39
CA VAL E 105 14.55 -56.57 -4.90
C VAL E 105 15.69 -56.18 -3.97
N LEU E 106 16.87 -55.94 -4.54
CA LEU E 106 18.00 -55.40 -3.79
C LEU E 106 18.40 -54.07 -4.41
N GLU E 107 18.61 -53.07 -3.56
CA GLU E 107 19.04 -51.75 -3.99
C GLU E 107 20.31 -51.36 -3.23
N THR E 108 21.24 -50.77 -3.99
CA THR E 108 22.42 -50.12 -3.44
C THR E 108 22.33 -48.60 -3.67
N SER E 109 23.20 -47.88 -2.97
CA SER E 109 23.26 -46.42 -3.02
C SER E 109 24.65 -45.99 -3.46
N ASP E 110 24.71 -44.94 -4.30
CA ASP E 110 25.98 -44.35 -4.69
C ASP E 110 26.67 -43.71 -3.49
N ILE E 111 25.88 -43.29 -2.48
CA ILE E 111 26.37 -42.49 -1.38
C ILE E 111 26.44 -43.31 -0.10
N GLU E 112 25.38 -44.07 0.25
CA GLU E 112 25.35 -44.69 1.57
C GLU E 112 26.29 -45.88 1.64
N GLU E 113 27.27 -45.77 2.52
CA GLU E 113 28.36 -46.73 2.61
C GLU E 113 27.87 -48.05 3.20
N GLY E 114 28.11 -49.12 2.45
CA GLY E 114 27.91 -50.48 2.93
C GLY E 114 26.47 -50.98 2.91
N VAL E 115 25.50 -50.14 2.48
CA VAL E 115 24.11 -50.45 2.75
C VAL E 115 23.45 -51.11 1.54
N VAL E 116 22.67 -52.16 1.81
CA VAL E 116 21.83 -52.80 0.81
C VAL E 116 20.40 -52.82 1.34
N TYR E 117 19.47 -52.26 0.54
CA TYR E 117 18.06 -52.31 0.86
C TYR E 117 17.45 -53.50 0.13
N THR E 118 16.59 -54.24 0.83
CA THR E 118 15.95 -55.43 0.26
C THR E 118 14.45 -55.35 0.52
N ALA E 119 13.67 -55.72 -0.48
CA ALA E 119 12.21 -55.81 -0.38
C ALA E 119 11.74 -57.06 -1.12
N THR E 120 10.74 -57.72 -0.55
CA THR E 120 10.23 -58.95 -1.12
C THR E 120 8.71 -58.86 -1.26
N SER E 121 8.21 -59.34 -2.41
CA SER E 121 6.79 -59.55 -2.56
C SER E 121 6.52 -60.93 -3.15
N TYR E 122 5.32 -61.43 -2.89
CA TYR E 122 4.86 -62.73 -3.35
C TYR E 122 3.53 -62.54 -4.08
N GLU E 123 3.36 -63.29 -5.18
CA GLU E 123 2.13 -63.35 -5.93
C GLU E 123 1.59 -64.77 -5.87
N ALA E 124 0.29 -64.89 -5.56
CA ALA E 124 -0.39 -66.17 -5.46
C ALA E 124 -1.06 -66.50 -6.80
N GLY E 125 -1.14 -67.81 -7.09
CA GLY E 125 -1.96 -68.33 -8.18
C GLY E 125 -3.45 -68.39 -7.83
N ALA E 126 -4.13 -69.45 -8.25
CA ALA E 126 -5.58 -69.44 -8.43
C ALA E 126 -6.31 -69.49 -7.08
N SER E 127 -5.69 -70.08 -6.05
CA SER E 127 -6.24 -70.02 -4.69
C SER E 127 -5.23 -69.40 -3.71
N ASP E 128 -5.84 -68.98 -2.60
CA ASP E 128 -5.19 -68.36 -1.48
C ASP E 128 -4.06 -69.27 -1.02
N VAL E 129 -2.97 -68.66 -0.53
CA VAL E 129 -1.84 -69.42 0.00
C VAL E 129 -1.53 -68.95 1.42
N GLU E 130 -1.52 -69.91 2.35
CA GLU E 130 -1.33 -69.64 3.76
C GLU E 130 0.14 -69.84 4.13
N VAL E 131 0.81 -68.72 4.43
CA VAL E 131 2.18 -68.72 4.90
C VAL E 131 2.20 -68.40 6.39
N SER E 132 2.91 -69.21 7.17
CA SER E 132 3.03 -68.96 8.60
C SER E 132 4.14 -67.95 8.91
N TRP E 133 5.17 -67.87 8.08
CA TRP E 133 6.32 -67.01 8.33
C TRP E 133 7.07 -66.76 7.02
N PHE E 134 7.66 -65.57 6.87
CA PHE E 134 8.47 -65.24 5.71
C PHE E 134 9.89 -65.00 6.17
N ILE E 135 10.82 -65.82 5.71
CA ILE E 135 12.24 -65.55 5.88
C ILE E 135 12.64 -64.57 4.80
N GLY E 136 13.16 -63.41 5.22
CA GLY E 136 13.45 -62.33 4.29
C GLY E 136 14.79 -62.51 3.60
N SER E 137 15.87 -62.44 4.38
CA SER E 137 17.24 -62.55 3.89
C SER E 137 18.07 -63.25 4.96
N VAL E 138 19.09 -63.98 4.52
CA VAL E 138 19.96 -64.79 5.35
C VAL E 138 21.38 -64.58 4.85
N TYR E 139 22.30 -64.23 5.74
CA TYR E 139 23.71 -64.06 5.37
C TYR E 139 24.58 -64.83 6.35
N GLU E 140 25.34 -65.77 5.82
CA GLU E 140 26.33 -66.52 6.56
C GLU E 140 27.69 -65.88 6.31
N LEU E 141 28.42 -65.61 7.38
CA LEU E 141 29.69 -64.92 7.33
C LEU E 141 30.76 -65.81 6.68
N TYR E 142 31.55 -65.18 5.81
CA TYR E 142 32.70 -65.79 5.16
C TYR E 142 33.95 -65.43 5.95
N GLY E 143 34.85 -66.40 6.11
CA GLY E 143 36.19 -66.16 6.62
C GLY E 143 36.30 -66.23 8.15
N ALA E 144 35.28 -66.76 8.83
CA ALA E 144 35.36 -66.88 10.27
C ALA E 144 36.43 -67.90 10.65
N GLU E 145 37.05 -67.72 11.82
CA GLU E 145 38.04 -68.66 12.33
C GLU E 145 37.52 -69.31 13.61
N ASP E 146 37.86 -68.73 14.76
CA ASP E 146 37.60 -69.37 16.05
C ASP E 146 36.41 -68.73 16.76
N ARG E 147 36.07 -67.48 16.46
CA ARG E 147 34.88 -66.88 17.07
C ARG E 147 34.30 -65.75 16.22
N ILE E 148 33.00 -65.50 16.45
CA ILE E 148 32.26 -64.43 15.83
C ILE E 148 31.60 -63.66 16.97
N TRP E 149 31.65 -62.32 16.94
CA TRP E 149 30.91 -61.54 17.92
C TRP E 149 29.59 -61.10 17.29
N SER E 150 28.56 -60.94 18.15
CA SER E 150 27.23 -60.66 17.66
C SER E 150 26.55 -59.62 18.53
N TYR E 151 25.86 -58.68 17.86
CA TYR E 151 24.92 -57.76 18.48
C TYR E 151 23.52 -58.31 18.28
N ASN E 152 22.76 -58.43 19.37
CA ASN E 152 21.46 -59.10 19.39
C ASN E 152 20.42 -58.13 19.93
N GLY E 153 19.62 -57.53 19.02
CA GLY E 153 18.71 -56.46 19.41
C GLY E 153 17.37 -56.94 19.96
N GLY E 154 17.16 -58.26 20.07
CA GLY E 154 15.90 -58.81 20.50
C GLY E 154 15.44 -58.26 21.86
N GLY E 155 14.10 -58.25 22.01
CA GLY E 155 13.45 -57.79 23.23
C GLY E 155 12.89 -58.94 24.06
N GLU E 156 13.18 -60.21 23.72
CA GLU E 156 12.53 -61.35 24.34
C GLU E 156 13.17 -61.74 25.68
N GLY E 157 14.20 -61.01 26.11
CA GLY E 157 14.94 -61.35 27.29
C GLY E 157 15.91 -62.49 26.99
N PRO E 158 16.49 -63.14 28.01
CA PRO E 158 16.28 -62.83 29.42
C PRO E 158 16.66 -61.39 29.78
N MET E 159 15.89 -60.83 30.71
CA MET E 159 16.17 -59.52 31.29
C MET E 159 17.47 -59.55 32.08
N HIS E 160 18.26 -58.47 31.95
CA HIS E 160 19.31 -58.09 32.89
C HIS E 160 20.61 -58.90 32.73
N TYR E 161 20.50 -60.23 32.72
CA TYR E 161 21.69 -61.07 32.88
C TYR E 161 22.05 -61.80 31.60
N TYR E 162 21.42 -61.42 30.48
CA TYR E 162 21.77 -61.93 29.17
C TYR E 162 22.36 -60.79 28.36
N ASP E 163 23.62 -60.95 27.93
CA ASP E 163 24.33 -59.87 27.28
C ASP E 163 23.76 -59.60 25.88
N THR E 164 23.70 -58.33 25.50
CA THR E 164 23.30 -57.94 24.17
C THR E 164 24.36 -58.34 23.14
N LEU E 165 25.63 -58.11 23.51
CA LEU E 165 26.78 -58.61 22.76
C LEU E 165 27.09 -60.05 23.21
N GLN E 166 27.14 -60.98 22.25
CA GLN E 166 27.35 -62.39 22.53
C GLN E 166 28.45 -62.93 21.63
N LYS E 167 29.39 -63.63 22.25
CA LYS E 167 30.41 -64.33 21.50
C LYS E 167 29.88 -65.68 21.02
N ILE E 168 30.04 -65.94 19.72
CA ILE E 168 29.74 -67.21 19.14
C ILE E 168 31.07 -67.92 18.95
N ASP E 169 31.32 -68.85 19.88
CA ASP E 169 32.53 -69.60 19.91
C ASP E 169 32.36 -70.77 18.94
N LEU E 170 33.31 -70.87 18.00
CA LEU E 170 33.28 -71.92 17.00
C LEU E 170 34.14 -73.11 17.40
N THR E 171 34.77 -73.07 18.59
CA THR E 171 35.66 -74.13 19.04
C THR E 171 35.04 -74.98 20.14
N ASP E 172 33.85 -74.60 20.65
CA ASP E 172 33.24 -75.25 21.82
C ASP E 172 32.24 -76.29 21.32
N SER E 173 31.39 -76.79 22.21
CA SER E 173 30.41 -77.80 21.86
C SER E 173 29.07 -77.17 21.48
N GLY E 174 28.72 -76.03 22.04
CA GLY E 174 27.38 -75.48 21.86
C GLY E 174 27.16 -74.85 20.48
N LYS E 175 25.90 -74.64 20.13
CA LYS E 175 25.53 -73.97 18.89
C LYS E 175 24.64 -72.80 19.26
N PHE E 176 25.19 -71.59 19.10
CA PHE E 176 24.48 -70.40 19.45
C PHE E 176 23.24 -70.25 18.55
N SER E 177 22.13 -69.87 19.16
CA SER E 177 20.90 -69.66 18.42
C SER E 177 20.00 -68.71 19.18
N ARG E 178 19.68 -67.56 18.58
CA ARG E 178 18.79 -66.60 19.18
C ARG E 178 17.87 -66.00 18.12
N GLU E 179 16.58 -65.90 18.43
CA GLU E 179 15.60 -65.38 17.46
C GLU E 179 15.68 -63.87 17.29
N ASN E 180 15.89 -63.12 18.39
CA ASN E 180 15.89 -61.67 18.39
C ASN E 180 14.53 -61.15 17.90
N LYS E 181 13.57 -61.21 18.81
CA LYS E 181 12.19 -60.92 18.46
C LYS E 181 11.84 -59.47 18.77
N GLN E 182 10.91 -58.96 17.97
CA GLN E 182 10.12 -57.75 18.26
C GLN E 182 8.67 -58.13 18.06
N ASP E 183 7.88 -58.07 19.14
CA ASP E 183 6.51 -58.52 19.08
C ASP E 183 5.77 -58.00 20.31
N ASP E 184 4.60 -58.58 20.57
CA ASP E 184 3.79 -58.17 21.69
C ASP E 184 4.42 -58.50 23.05
N THR E 185 5.56 -59.19 23.10
CA THR E 185 6.26 -59.33 24.37
C THR E 185 7.73 -58.92 24.24
N ALA E 186 8.10 -58.22 23.17
CA ALA E 186 9.48 -57.83 22.94
C ALA E 186 9.50 -56.50 22.18
N ALA E 187 10.05 -55.45 22.81
CA ALA E 187 10.11 -54.15 22.18
C ALA E 187 11.50 -53.54 22.39
N SER E 188 12.42 -53.95 21.54
CA SER E 188 13.81 -53.53 21.60
C SER E 188 14.24 -53.02 20.22
N ILE E 189 15.37 -53.50 19.70
CA ILE E 189 16.00 -52.91 18.51
C ILE E 189 16.01 -53.96 17.40
N PRO E 190 15.33 -53.69 16.27
CA PRO E 190 15.15 -54.68 15.20
C PRO E 190 16.38 -54.81 14.32
N VAL E 191 17.50 -55.18 14.95
CA VAL E 191 18.81 -55.20 14.33
C VAL E 191 19.62 -56.33 14.96
N SER E 192 20.40 -57.03 14.12
CA SER E 192 21.43 -57.94 14.58
C SER E 192 22.68 -57.71 13.71
N ASP E 193 23.84 -57.97 14.31
CA ASP E 193 25.09 -57.89 13.60
C ASP E 193 25.95 -59.10 13.99
N ILE E 194 26.68 -59.63 13.01
CA ILE E 194 27.72 -60.62 13.28
C ILE E 194 29.01 -60.13 12.63
N TYR E 195 30.14 -60.27 13.33
CA TYR E 195 31.39 -59.80 12.78
C TYR E 195 32.59 -60.60 13.27
N ILE E 196 33.67 -60.45 12.49
CA ILE E 196 34.97 -61.05 12.73
C ILE E 196 36.02 -59.95 12.54
N ALA E 197 37.31 -60.33 12.52
CA ALA E 197 38.38 -59.35 12.41
C ALA E 197 38.21 -58.49 11.15
N ASP E 198 37.82 -59.13 10.03
CA ASP E 198 37.68 -58.42 8.77
C ASP E 198 36.34 -57.69 8.64
N GLY E 199 35.52 -57.68 9.70
CA GLY E 199 34.28 -56.92 9.68
C GLY E 199 33.08 -57.86 9.73
N GLY E 200 31.91 -57.33 9.33
CA GLY E 200 30.69 -58.11 9.50
C GLY E 200 29.51 -57.61 8.68
N ILE E 201 28.35 -58.16 9.05
CA ILE E 201 27.09 -57.97 8.36
C ILE E 201 26.01 -57.70 9.41
N THR E 202 25.39 -56.51 9.28
CA THR E 202 24.23 -56.12 10.04
C THR E 202 22.99 -56.36 9.16
N VAL E 203 21.91 -56.80 9.80
CA VAL E 203 20.60 -56.87 9.18
C VAL E 203 19.63 -56.18 10.11
N GLY E 204 18.77 -55.32 9.56
CA GLY E 204 17.81 -54.58 10.37
C GLY E 204 16.52 -54.33 9.60
N ASP E 205 15.42 -54.14 10.33
CA ASP E 205 14.12 -53.96 9.72
C ASP E 205 14.04 -52.56 9.10
N ALA E 206 13.68 -52.53 7.81
CA ALA E 206 13.53 -51.28 7.10
C ALA E 206 12.08 -50.81 7.20
N SER E 207 11.74 -50.27 8.37
CA SER E 207 10.39 -49.79 8.66
C SER E 207 10.48 -48.55 9.53
N ALA E 208 9.76 -47.51 9.14
CA ALA E 208 9.71 -46.26 9.87
C ALA E 208 8.85 -46.43 11.12
N THR E 209 8.06 -47.51 11.17
CA THR E 209 7.22 -47.82 12.32
C THR E 209 7.46 -49.24 12.81
N ARG E 210 7.16 -49.45 14.10
CA ARG E 210 7.32 -50.74 14.75
C ARG E 210 6.41 -51.77 14.08
N ARG E 211 6.99 -52.93 13.80
CA ARG E 211 6.21 -54.09 13.39
C ARG E 211 6.90 -55.34 13.91
N GLU E 212 6.16 -56.46 13.82
CA GLU E 212 6.70 -57.72 14.30
C GLU E 212 7.77 -58.19 13.32
N VAL E 213 8.92 -58.55 13.84
CA VAL E 213 10.07 -58.98 13.05
C VAL E 213 11.00 -59.76 13.96
N HIS E 214 11.77 -60.68 13.37
CA HIS E 214 12.88 -61.35 14.05
C HIS E 214 14.14 -61.05 13.27
N THR E 215 15.28 -60.96 13.97
CA THR E 215 16.61 -60.90 13.35
C THR E 215 17.51 -61.99 13.92
N PRO E 216 17.24 -63.26 13.57
CA PRO E 216 17.92 -64.39 14.21
C PRO E 216 19.42 -64.39 13.92
N VAL E 217 20.17 -64.81 14.96
CA VAL E 217 21.58 -65.07 14.86
C VAL E 217 21.79 -66.55 15.20
N GLN E 218 22.41 -67.29 14.25
CA GLN E 218 22.50 -68.72 14.37
C GLN E 218 23.89 -69.20 13.96
N GLU E 219 24.54 -69.95 14.85
CA GLU E 219 25.83 -70.56 14.54
C GLU E 219 25.60 -71.65 13.50
N THR E 220 26.52 -71.78 12.55
CA THR E 220 26.46 -72.81 11.53
C THR E 220 27.61 -73.79 11.74
N SER E 221 27.90 -74.63 10.74
CA SER E 221 28.91 -75.66 10.93
C SER E 221 30.29 -75.05 11.22
N ASP E 222 30.63 -73.92 10.60
CA ASP E 222 31.95 -73.32 10.80
C ASP E 222 31.88 -71.79 10.88
N SER E 223 30.66 -71.25 11.00
CA SER E 223 30.50 -69.81 11.01
C SER E 223 29.21 -69.47 11.75
N ALA E 224 28.60 -68.34 11.38
CA ALA E 224 27.30 -67.97 11.88
C ALA E 224 26.55 -67.24 10.76
N GLN E 225 25.22 -67.21 10.88
CA GLN E 225 24.41 -66.48 9.92
C GLN E 225 23.48 -65.54 10.69
N VAL E 226 23.16 -64.43 10.03
CA VAL E 226 22.22 -63.47 10.54
C VAL E 226 21.11 -63.34 9.50
N SER E 227 19.87 -63.26 9.97
CA SER E 227 18.76 -63.19 9.04
C SER E 227 17.69 -62.25 9.58
N ILE E 228 16.65 -62.06 8.77
CA ILE E 228 15.48 -61.32 9.17
C ILE E 228 14.27 -62.02 8.60
N GLY E 229 13.14 -61.93 9.32
CA GLY E 229 11.89 -62.48 8.81
C GLY E 229 10.70 -61.86 9.53
N TRP E 230 9.49 -62.11 8.99
CA TRP E 230 8.27 -61.47 9.44
C TRP E 230 7.15 -62.51 9.49
N PRO E 231 6.11 -62.23 10.29
CA PRO E 231 4.89 -63.05 10.34
C PRO E 231 4.32 -63.33 8.96
N GLY E 232 3.69 -64.48 8.84
CA GLY E 232 3.06 -64.85 7.60
C GLY E 232 1.68 -64.23 7.47
N LYS E 233 1.04 -64.56 6.37
CA LYS E 233 -0.33 -64.18 6.14
C LYS E 233 -0.86 -65.07 5.04
N VAL E 234 -2.18 -64.95 4.85
CA VAL E 234 -2.83 -65.52 3.69
C VAL E 234 -2.58 -64.59 2.52
N ILE E 235 -1.96 -65.10 1.45
CA ILE E 235 -1.84 -64.34 0.22
C ILE E 235 -3.04 -64.67 -0.66
N ALA E 236 -3.89 -63.66 -0.90
CA ALA E 236 -5.14 -63.89 -1.61
C ALA E 236 -4.86 -64.29 -3.05
N ALA E 237 -5.69 -65.22 -3.55
CA ALA E 237 -5.62 -65.67 -4.93
C ALA E 237 -5.42 -64.50 -5.88
N GLY E 238 -4.39 -64.60 -6.73
CA GLY E 238 -4.17 -63.62 -7.78
C GLY E 238 -3.55 -62.31 -7.30
N SER E 239 -3.25 -62.16 -6.01
CA SER E 239 -2.81 -60.87 -5.48
C SER E 239 -1.29 -60.84 -5.37
N VAL E 240 -0.72 -59.63 -5.33
CA VAL E 240 0.67 -59.41 -5.01
C VAL E 240 0.73 -58.71 -3.66
N ILE E 241 1.58 -59.19 -2.74
CA ILE E 241 1.71 -58.52 -1.46
C ILE E 241 3.19 -58.40 -1.07
N GLU E 242 3.51 -57.26 -0.46
CA GLU E 242 4.82 -56.98 0.07
C GLU E 242 4.92 -57.57 1.47
N ILE E 243 5.90 -58.42 1.74
CA ILE E 243 5.91 -59.16 2.99
C ILE E 243 6.88 -58.55 3.98
N GLY E 244 7.87 -57.80 3.52
CA GLY E 244 8.84 -57.20 4.41
C GLY E 244 10.02 -56.58 3.67
N GLU E 245 10.68 -55.62 4.33
CA GLU E 245 11.80 -54.89 3.75
C GLU E 245 12.89 -54.76 4.82
N SER E 246 14.15 -54.82 4.40
CA SER E 246 15.27 -54.85 5.32
C SER E 246 16.43 -54.04 4.79
N PHE E 247 17.30 -53.63 5.73
CA PHE E 247 18.61 -53.11 5.39
C PHE E 247 19.65 -54.12 5.81
N ALA E 248 20.63 -54.34 4.95
CA ALA E 248 21.84 -55.03 5.34
C ALA E 248 22.99 -54.04 5.26
N VAL E 249 23.96 -54.17 6.15
CA VAL E 249 25.14 -53.35 6.13
C VAL E 249 26.37 -54.25 6.19
N VAL E 250 27.19 -54.22 5.14
CA VAL E 250 28.53 -54.77 5.22
C VAL E 250 29.44 -53.69 5.77
N HIS E 251 30.34 -54.06 6.68
CA HIS E 251 31.14 -53.07 7.39
C HIS E 251 32.48 -53.67 7.77
N PRO E 252 33.55 -52.83 7.84
CA PRO E 252 34.76 -53.21 8.53
C PRO E 252 34.43 -53.15 10.02
N GLY E 253 35.31 -53.72 10.84
CA GLY E 253 35.24 -53.49 12.26
C GLY E 253 34.02 -54.14 12.89
N ASP E 254 33.67 -53.60 14.07
CA ASP E 254 32.72 -54.24 14.94
C ASP E 254 31.30 -53.68 14.71
N TYR E 255 30.42 -54.09 15.63
CA TYR E 255 29.01 -53.78 15.60
C TYR E 255 28.73 -52.29 15.50
N TYR E 256 29.61 -51.44 16.02
CA TYR E 256 29.37 -50.01 15.95
C TYR E 256 29.23 -49.57 14.49
N ASN E 257 30.10 -50.07 13.62
CA ASN E 257 30.08 -49.68 12.21
C ASN E 257 28.80 -50.16 11.53
N GLY E 258 28.36 -51.37 11.86
CA GLY E 258 27.13 -51.90 11.30
C GLY E 258 25.91 -51.12 11.76
N LEU E 259 25.83 -50.85 13.08
CA LEU E 259 24.70 -50.13 13.63
C LEU E 259 24.67 -48.69 13.13
N ARG E 260 25.84 -48.08 12.93
CA ARG E 260 25.90 -46.73 12.39
C ARG E 260 25.38 -46.75 10.95
N GLY E 261 25.76 -47.77 10.17
CA GLY E 261 25.21 -47.97 8.84
C GLY E 261 23.67 -48.03 8.90
N TYR E 262 23.12 -48.77 9.87
CA TYR E 262 21.69 -48.88 10.01
C TYR E 262 21.09 -47.51 10.32
N LYS E 263 21.72 -46.73 11.21
CA LYS E 263 21.26 -45.39 11.52
C LYS E 263 21.18 -44.55 10.25
N ASN E 264 22.25 -44.58 9.45
CA ASN E 264 22.32 -43.81 8.21
C ASN E 264 21.22 -44.26 7.25
N ALA E 265 21.00 -45.56 7.14
CA ALA E 265 19.97 -46.12 6.28
C ALA E 265 18.59 -45.64 6.71
N MET E 266 18.33 -45.69 8.03
CA MET E 266 17.01 -45.41 8.58
C MET E 266 16.64 -43.93 8.46
N ASP E 267 17.64 -43.04 8.35
CA ASP E 267 17.38 -41.65 7.98
C ASP E 267 16.54 -41.57 6.70
N HIS E 268 16.79 -42.45 5.72
CA HIS E 268 16.08 -42.38 4.46
C HIS E 268 14.61 -42.74 4.63
N LEU E 269 14.24 -43.45 5.71
CA LEU E 269 12.84 -43.76 5.97
C LEU E 269 12.22 -42.71 6.88
N GLY E 270 13.00 -41.71 7.32
CA GLY E 270 12.48 -40.68 8.19
C GLY E 270 12.59 -41.05 9.68
N VAL E 271 13.35 -42.09 10.04
CA VAL E 271 13.65 -42.30 11.44
C VAL E 271 14.96 -41.58 11.74
N ILE E 272 14.85 -40.35 12.24
CA ILE E 272 15.99 -39.46 12.33
C ILE E 272 16.21 -39.14 13.81
N MET E 273 17.41 -39.45 14.30
CA MET E 273 17.72 -39.27 15.70
C MET E 273 18.07 -37.82 15.95
N PRO E 274 17.97 -37.31 17.20
CA PRO E 274 18.21 -35.89 17.46
C PRO E 274 19.60 -35.46 17.03
N ALA E 275 19.65 -34.30 16.38
CA ALA E 275 20.90 -33.72 15.92
C ALA E 275 21.62 -33.13 17.13
N PRO E 276 22.97 -33.13 17.12
CA PRO E 276 23.74 -32.64 18.27
C PRO E 276 23.33 -31.23 18.71
N GLY E 277 23.17 -30.32 17.77
CA GLY E 277 22.82 -28.94 18.07
C GLY E 277 21.50 -28.80 18.81
N ASP E 278 20.59 -29.79 18.72
CA ASP E 278 19.29 -29.69 19.37
C ASP E 278 19.26 -30.44 20.71
N ILE E 279 20.35 -31.04 21.16
CA ILE E 279 20.28 -31.73 22.43
C ILE E 279 20.51 -30.73 23.55
N PRO E 280 19.66 -30.65 24.58
CA PRO E 280 19.82 -29.64 25.64
C PRO E 280 21.08 -29.86 26.45
N ASP E 281 21.65 -28.75 26.95
CA ASP E 281 22.85 -28.81 27.77
C ASP E 281 22.64 -29.70 28.98
N SER E 282 21.43 -29.63 29.58
CA SER E 282 21.14 -30.34 30.81
C SER E 282 21.08 -31.86 30.59
N SER E 283 21.07 -32.32 29.35
CA SER E 283 21.14 -33.75 29.05
C SER E 283 22.58 -34.26 29.00
N TYR E 284 23.55 -33.41 29.36
CA TYR E 284 24.94 -33.82 29.49
C TYR E 284 25.42 -33.70 30.94
N ASP E 285 24.48 -33.48 31.89
CA ASP E 285 24.86 -33.11 33.24
C ASP E 285 25.04 -34.34 34.15
N LEU E 286 25.99 -34.22 35.08
CA LEU E 286 26.21 -35.23 36.10
C LEU E 286 25.01 -35.27 37.03
N ARG E 287 24.48 -36.50 37.26
CA ARG E 287 23.21 -36.70 37.92
C ARG E 287 23.29 -37.67 39.10
N TRP E 288 22.55 -37.30 40.16
CA TRP E 288 22.33 -38.17 41.30
C TRP E 288 20.84 -38.47 41.42
N GLU E 289 20.51 -39.74 41.65
CA GLU E 289 19.12 -40.19 41.70
C GLU E 289 18.81 -40.64 43.12
N SER E 290 17.56 -40.46 43.55
CA SER E 290 17.16 -40.50 44.95
C SER E 290 16.96 -41.93 45.43
N TRP E 291 17.94 -42.81 45.28
CA TRP E 291 17.81 -44.14 45.83
C TRP E 291 18.63 -44.36 47.11
N GLY E 292 19.16 -43.27 47.67
CA GLY E 292 20.01 -43.35 48.83
C GLY E 292 19.31 -44.02 50.03
N TRP E 293 17.97 -44.02 50.06
CA TRP E 293 17.26 -44.71 51.12
C TRP E 293 16.21 -45.67 50.55
N GLY E 294 16.38 -46.10 49.30
CA GLY E 294 15.38 -46.92 48.65
C GLY E 294 14.02 -46.22 48.64
N PHE E 295 12.93 -46.98 48.91
CA PHE E 295 11.58 -46.44 48.92
C PHE E 295 11.34 -45.60 50.18
N ASN E 296 12.35 -45.53 51.06
CA ASN E 296 12.24 -44.77 52.29
C ASN E 296 12.87 -43.39 52.15
N TRP E 297 13.05 -42.88 50.91
CA TRP E 297 13.44 -41.48 50.78
C TRP E 297 12.35 -40.55 51.36
N THR E 298 12.78 -39.36 51.77
CA THR E 298 11.85 -38.28 52.09
C THR E 298 12.34 -37.04 51.35
N ILE E 299 11.45 -36.05 51.22
CA ILE E 299 11.84 -34.79 50.61
C ILE E 299 13.05 -34.19 51.34
N ASP E 300 13.01 -34.20 52.68
CA ASP E 300 14.04 -33.54 53.45
C ASP E 300 15.38 -34.30 53.40
N LEU E 301 15.35 -35.63 53.28
CA LEU E 301 16.57 -36.41 53.05
C LEU E 301 17.23 -35.98 51.74
N ILE E 302 16.44 -35.82 50.68
CA ILE E 302 16.99 -35.42 49.40
C ILE E 302 17.54 -33.99 49.52
N ILE E 303 16.77 -33.09 50.11
CA ILE E 303 17.21 -31.71 50.23
C ILE E 303 18.51 -31.64 51.03
N GLY E 304 18.61 -32.47 52.07
CA GLY E 304 19.79 -32.51 52.92
C GLY E 304 21.07 -32.87 52.15
N LYS E 305 20.94 -33.54 51.00
CA LYS E 305 22.13 -33.92 50.24
C LYS E 305 22.54 -32.84 49.24
N LEU E 306 21.72 -31.83 49.01
CA LEU E 306 21.91 -30.97 47.84
C LEU E 306 23.19 -30.13 47.96
N ASP E 307 23.51 -29.60 49.15
CA ASP E 307 24.70 -28.78 49.31
C ASP E 307 25.95 -29.56 48.89
N GLU E 308 26.10 -30.79 49.40
CA GLU E 308 27.32 -31.55 49.14
C GLU E 308 27.32 -32.02 47.67
N LEU E 309 26.16 -32.37 47.12
CA LEU E 309 26.09 -32.77 45.72
C LEU E 309 26.51 -31.61 44.82
N GLN E 310 26.00 -30.40 45.14
CA GLN E 310 26.34 -29.22 44.37
C GLN E 310 27.85 -28.99 44.41
N ALA E 311 28.45 -29.01 45.61
CA ALA E 311 29.86 -28.73 45.75
C ALA E 311 30.69 -29.73 44.95
N ALA E 312 30.22 -30.97 44.80
CA ALA E 312 31.00 -32.01 44.16
C ALA E 312 30.83 -32.02 42.64
N GLY E 313 29.88 -31.25 42.10
CA GLY E 313 29.73 -31.06 40.67
C GLY E 313 28.47 -31.66 40.05
N VAL E 314 27.56 -32.18 40.90
CA VAL E 314 26.31 -32.72 40.42
C VAL E 314 25.39 -31.56 40.01
N LYS E 315 24.70 -31.69 38.88
CA LYS E 315 23.89 -30.61 38.31
C LYS E 315 22.45 -31.09 38.02
N GLN E 316 22.12 -32.31 38.43
CA GLN E 316 20.83 -32.92 38.12
C GLN E 316 20.45 -33.96 39.16
N ILE E 317 19.15 -33.98 39.50
CA ILE E 317 18.60 -34.83 40.55
C ILE E 317 17.36 -35.53 40.01
N THR E 318 17.29 -36.85 40.18
CA THR E 318 16.06 -37.59 39.87
C THR E 318 15.34 -37.95 41.17
N LEU E 319 14.06 -37.58 41.24
CA LEU E 319 13.13 -38.21 42.18
C LEU E 319 12.70 -39.53 41.56
N ASP E 320 13.16 -40.62 42.16
CA ASP E 320 12.98 -41.94 41.57
C ASP E 320 11.67 -42.53 42.07
N ASP E 321 11.58 -43.85 42.03
CA ASP E 321 10.35 -44.58 42.27
C ASP E 321 9.88 -44.35 43.71
N GLY E 322 8.57 -44.48 43.91
CA GLY E 322 7.94 -44.46 45.22
C GLY E 322 7.25 -43.14 45.56
N TRP E 323 7.10 -42.21 44.60
CA TRP E 323 6.57 -40.87 44.88
C TRP E 323 5.06 -40.80 44.72
N TYR E 324 4.43 -41.81 44.11
CA TYR E 324 3.10 -41.67 43.53
C TYR E 324 2.11 -42.61 44.20
N THR E 325 0.81 -42.34 44.03
CA THR E 325 -0.24 -43.21 44.55
C THR E 325 -0.28 -44.49 43.72
N ASN E 326 -0.52 -44.33 42.42
CA ASN E 326 -0.70 -45.42 41.49
C ASN E 326 -0.25 -44.94 40.13
N ALA E 327 0.29 -45.85 39.33
CA ALA E 327 0.50 -45.62 37.91
C ALA E 327 -0.84 -45.20 37.27
N GLY E 328 -0.75 -44.49 36.16
CA GLY E 328 -1.93 -44.03 35.44
C GLY E 328 -2.43 -42.72 36.02
N ASP E 329 -2.80 -42.75 37.30
CA ASP E 329 -3.14 -41.55 38.04
C ASP E 329 -1.95 -40.62 38.18
N TRP E 330 -0.80 -41.19 38.58
CA TRP E 330 0.40 -40.40 38.80
C TRP E 330 0.11 -39.20 39.67
N ALA E 331 -0.58 -39.44 40.79
CA ALA E 331 -0.81 -38.44 41.83
C ALA E 331 0.25 -38.56 42.93
N LEU E 332 0.52 -37.43 43.61
CA LEU E 332 1.46 -37.40 44.71
C LEU E 332 1.02 -38.34 45.81
N ASN E 333 1.92 -39.22 46.25
CA ASN E 333 1.66 -40.04 47.41
C ASN E 333 1.59 -39.17 48.67
N PRO E 334 0.46 -39.19 49.44
CA PRO E 334 0.32 -38.32 50.61
C PRO E 334 1.36 -38.57 51.70
N GLU E 335 1.86 -39.80 51.81
CA GLU E 335 2.91 -40.10 52.77
C GLU E 335 4.21 -39.37 52.42
N LYS E 336 4.49 -39.21 51.11
CA LYS E 336 5.72 -38.55 50.72
C LYS E 336 5.50 -37.05 50.56
N PHE E 337 4.26 -36.64 50.25
CA PHE E 337 3.92 -35.24 50.04
C PHE E 337 2.74 -34.89 50.94
N PRO E 338 2.91 -34.86 52.28
CA PRO E 338 1.81 -34.57 53.18
C PRO E 338 1.10 -33.25 52.89
N ASN E 339 1.81 -32.27 52.31
CA ASN E 339 1.21 -30.97 52.03
C ASN E 339 0.83 -30.83 50.56
N GLY E 340 0.84 -31.93 49.81
CA GLY E 340 0.40 -31.90 48.43
C GLY E 340 1.43 -31.23 47.52
N ALA E 341 0.92 -30.47 46.54
CA ALA E 341 1.73 -29.91 45.49
C ALA E 341 2.81 -28.98 46.04
N SER E 342 2.52 -28.30 47.16
CA SER E 342 3.49 -27.37 47.73
C SER E 342 4.75 -28.11 48.18
N ASP E 343 4.61 -29.39 48.53
CA ASP E 343 5.75 -30.22 48.89
C ASP E 343 6.57 -30.57 47.65
N ALA E 344 5.91 -30.91 46.54
CA ALA E 344 6.62 -31.18 45.31
C ALA E 344 7.42 -29.95 44.90
N LEU E 345 6.80 -28.78 45.03
CA LEU E 345 7.44 -27.54 44.66
C LEU E 345 8.61 -27.21 45.58
N ARG E 346 8.49 -27.48 46.88
CA ARG E 346 9.60 -27.15 47.76
C ARG E 346 10.79 -28.03 47.41
N LEU E 347 10.52 -29.23 46.90
CA LEU E 347 11.58 -30.12 46.47
C LEU E 347 12.24 -29.57 45.21
N THR E 348 11.45 -29.29 44.16
CA THR E 348 12.03 -28.85 42.90
C THR E 348 12.63 -27.45 43.05
N ASP E 349 12.04 -26.58 43.88
CA ASP E 349 12.64 -25.28 44.16
C ASP E 349 14.03 -25.44 44.77
N ALA E 350 14.16 -26.36 45.74
CA ALA E 350 15.44 -26.57 46.42
C ALA E 350 16.47 -27.05 45.40
N ILE E 351 16.04 -27.97 44.53
CA ILE E 351 16.91 -28.48 43.49
C ILE E 351 17.36 -27.31 42.58
N HIS E 352 16.41 -26.49 42.12
CA HIS E 352 16.72 -25.37 41.26
C HIS E 352 17.66 -24.37 41.95
N GLU E 353 17.43 -24.13 43.24
CA GLU E 353 18.24 -23.19 43.99
C GLU E 353 19.70 -23.63 44.10
N HIS E 354 19.97 -24.93 43.90
CA HIS E 354 21.33 -25.46 43.92
C HIS E 354 21.90 -25.58 42.50
N GLY E 355 21.28 -24.90 41.53
CA GLY E 355 21.77 -24.86 40.17
C GLY E 355 21.49 -26.16 39.41
N MET E 356 20.46 -26.92 39.82
CA MET E 356 20.25 -28.24 39.25
C MET E 356 18.90 -28.33 38.56
N THR E 357 18.78 -29.29 37.64
CA THR E 357 17.49 -29.68 37.09
C THR E 357 16.98 -30.88 37.85
N ALA E 358 15.63 -31.00 37.88
CA ALA E 358 14.91 -32.02 38.62
C ALA E 358 14.15 -32.93 37.64
N LEU E 359 14.35 -34.24 37.78
CA LEU E 359 13.68 -35.22 36.93
C LEU E 359 12.73 -36.07 37.77
N LEU E 360 11.71 -36.61 37.10
CA LEU E 360 10.69 -37.43 37.77
C LEU E 360 10.56 -38.78 37.09
N TRP E 361 10.56 -39.82 37.93
CA TRP E 361 10.38 -41.21 37.50
C TRP E 361 8.93 -41.45 37.12
N TRP E 362 8.71 -42.21 36.06
CA TRP E 362 7.39 -42.73 35.73
C TRP E 362 7.53 -43.98 34.90
N ARG E 363 6.39 -44.66 34.72
CA ARG E 363 6.28 -45.80 33.84
C ARG E 363 5.26 -45.47 32.76
N PRO E 364 5.70 -44.96 31.59
CA PRO E 364 4.75 -44.71 30.51
C PRO E 364 4.09 -46.02 30.09
N CYS E 365 2.84 -45.92 29.62
CA CYS E 365 2.02 -47.01 29.12
C CYS E 365 1.25 -47.71 30.25
N ASP E 366 1.63 -47.46 31.52
CA ASP E 366 1.02 -48.16 32.64
C ASP E 366 -0.14 -47.32 33.17
N GLY E 367 -1.36 -47.85 33.06
CA GLY E 367 -2.55 -47.16 33.52
C GLY E 367 -2.99 -47.58 34.93
N GLY E 368 -2.20 -48.45 35.57
CA GLY E 368 -2.46 -48.92 36.91
C GLY E 368 -3.45 -50.08 36.92
N ILE E 369 -3.77 -50.57 38.13
CA ILE E 369 -4.78 -51.60 38.29
C ILE E 369 -5.85 -51.09 39.24
N ASP E 370 -5.43 -50.60 40.42
CA ASP E 370 -6.33 -49.95 41.36
C ASP E 370 -6.41 -48.45 41.17
N SER E 371 -5.96 -47.97 40.01
CA SER E 371 -6.00 -46.57 39.68
C SER E 371 -7.45 -46.09 39.54
N ILE E 372 -7.65 -44.81 39.83
CA ILE E 372 -8.87 -44.13 39.46
C ILE E 372 -9.05 -44.24 37.95
N LEU E 373 -7.94 -44.13 37.21
CA LEU E 373 -7.96 -44.18 35.75
C LEU E 373 -8.65 -45.46 35.26
N TYR E 374 -8.25 -46.61 35.79
CA TYR E 374 -8.83 -47.88 35.36
C TYR E 374 -10.28 -48.00 35.82
N GLN E 375 -10.56 -47.52 37.04
CA GLN E 375 -11.92 -47.57 37.56
C GLN E 375 -12.88 -46.73 36.72
N GLN E 376 -12.47 -45.51 36.37
CA GLN E 376 -13.32 -44.58 35.66
C GLN E 376 -13.30 -44.80 34.15
N HIS E 377 -12.17 -45.25 33.59
CA HIS E 377 -12.04 -45.30 32.14
C HIS E 377 -11.38 -46.60 31.67
N PRO E 378 -11.99 -47.77 31.93
CA PRO E 378 -11.45 -49.02 31.43
C PRO E 378 -11.33 -49.07 29.91
N GLU E 379 -12.15 -48.25 29.21
CA GLU E 379 -12.16 -48.19 27.76
C GLU E 379 -10.84 -47.67 27.21
N TYR E 380 -9.99 -47.01 28.03
CA TYR E 380 -8.72 -46.51 27.56
C TYR E 380 -7.65 -47.60 27.47
N PHE E 381 -7.94 -48.81 27.97
CA PHE E 381 -6.91 -49.81 28.22
C PHE E 381 -6.94 -50.88 27.14
N VAL E 382 -5.83 -51.60 27.04
CA VAL E 382 -5.78 -52.75 26.16
C VAL E 382 -6.66 -53.86 26.74
N MET E 383 -7.40 -54.50 25.84
CA MET E 383 -8.24 -55.64 26.17
C MET E 383 -7.67 -56.87 25.48
N ASP E 384 -7.55 -57.97 26.23
CA ASP E 384 -6.99 -59.21 25.68
C ASP E 384 -8.09 -59.98 24.97
N ALA E 385 -7.71 -61.10 24.38
CA ALA E 385 -8.62 -61.88 23.56
C ALA E 385 -9.79 -62.43 24.37
N ASP E 386 -9.64 -62.50 25.70
CA ASP E 386 -10.73 -62.99 26.52
C ASP E 386 -11.58 -61.85 27.06
N GLY E 387 -11.36 -60.61 26.61
CA GLY E 387 -12.19 -59.50 27.04
C GLY E 387 -11.72 -58.89 28.36
N ARG E 388 -10.54 -59.29 28.84
CA ARG E 388 -10.05 -58.82 30.12
C ARG E 388 -9.00 -57.73 29.90
N PRO E 389 -8.76 -56.88 30.92
CA PRO E 389 -7.70 -55.88 30.82
C PRO E 389 -6.35 -56.57 30.69
N ALA E 390 -5.51 -56.14 29.75
CA ALA E 390 -4.21 -56.77 29.53
C ALA E 390 -3.13 -56.09 30.35
N ARG E 391 -2.36 -56.88 31.08
CA ARG E 391 -1.22 -56.38 31.82
C ARG E 391 -0.08 -56.03 30.86
N LEU E 392 0.76 -55.07 31.28
CA LEU E 392 2.02 -54.83 30.61
C LEU E 392 2.91 -56.07 30.72
N PRO E 393 3.47 -56.58 29.60
CA PRO E 393 4.33 -57.76 29.64
C PRO E 393 5.78 -57.47 29.97
N THR E 394 6.41 -58.40 30.69
CA THR E 394 7.85 -58.47 30.79
C THR E 394 8.40 -59.05 29.48
N PRO E 395 9.72 -58.88 29.23
CA PRO E 395 10.36 -59.46 28.07
C PRO E 395 10.09 -60.96 27.93
N GLY E 396 9.58 -61.34 26.76
CA GLY E 396 9.32 -62.72 26.46
C GLY E 396 7.96 -63.18 26.98
N GLY E 397 7.25 -62.35 27.74
CA GLY E 397 5.92 -62.69 28.19
C GLY E 397 5.85 -62.74 29.70
N GLY E 398 4.66 -62.92 30.24
CA GLY E 398 4.47 -62.82 31.68
C GLY E 398 4.37 -61.35 32.09
N THR E 399 4.13 -61.15 33.39
CA THR E 399 4.08 -59.80 33.94
C THR E 399 4.74 -59.88 35.31
N ASN E 400 4.63 -58.81 36.09
CA ASN E 400 5.05 -58.88 37.47
C ASN E 400 4.20 -57.89 38.27
N PRO E 401 4.22 -58.03 39.61
CA PRO E 401 3.25 -57.33 40.46
C PRO E 401 3.38 -55.82 40.40
N SER E 402 4.50 -55.29 39.92
CA SER E 402 4.68 -53.86 39.90
C SER E 402 4.10 -53.22 38.62
N LEU E 403 3.72 -54.06 37.63
CA LEU E 403 3.24 -53.61 36.33
C LEU E 403 1.72 -53.64 36.30
N GLY E 404 1.10 -52.53 35.91
CA GLY E 404 -0.35 -52.48 35.83
C GLY E 404 -0.89 -52.87 34.45
N TYR E 405 -2.15 -52.45 34.19
CA TYR E 405 -2.78 -52.69 32.92
C TYR E 405 -2.23 -51.72 31.87
N ALA E 406 -2.04 -52.22 30.65
CA ALA E 406 -1.54 -51.42 29.54
C ALA E 406 -2.62 -50.44 29.06
N LEU E 407 -2.18 -49.18 28.88
CA LEU E 407 -2.96 -48.19 28.16
C LEU E 407 -2.84 -48.46 26.66
N CYS E 408 -3.98 -48.42 25.96
CA CYS E 408 -3.94 -48.62 24.53
C CYS E 408 -3.50 -47.32 23.84
N PRO E 409 -2.42 -47.36 23.05
CA PRO E 409 -1.87 -46.14 22.45
C PRO E 409 -2.78 -45.48 21.41
N MET E 410 -3.83 -46.16 21.00
CA MET E 410 -4.75 -45.60 20.05
C MET E 410 -5.99 -45.04 20.76
N ALA E 411 -6.07 -45.13 22.10
CA ALA E 411 -7.18 -44.52 22.81
C ALA E 411 -6.78 -43.09 23.15
N ASP E 412 -7.50 -42.11 22.61
CA ASP E 412 -7.21 -40.70 22.85
C ASP E 412 -7.15 -40.38 24.34
N GLY E 413 -8.08 -40.95 25.12
CA GLY E 413 -8.09 -40.76 26.57
C GLY E 413 -6.85 -41.31 27.25
N ALA E 414 -6.30 -42.41 26.72
CA ALA E 414 -5.05 -42.95 27.28
C ALA E 414 -3.92 -41.95 27.08
N ILE E 415 -3.79 -41.46 25.84
CA ILE E 415 -2.75 -40.52 25.49
C ILE E 415 -2.91 -39.26 26.34
N ALA E 416 -4.13 -38.76 26.45
CA ALA E 416 -4.40 -37.55 27.23
C ALA E 416 -3.98 -37.71 28.70
N SER E 417 -4.15 -38.91 29.25
CA SER E 417 -3.76 -39.16 30.63
C SER E 417 -2.24 -39.05 30.79
N GLN E 418 -1.49 -39.44 29.77
CA GLN E 418 -0.04 -39.31 29.78
C GLN E 418 0.37 -37.84 29.69
N VAL E 419 -0.27 -37.10 28.77
CA VAL E 419 -0.05 -35.68 28.60
C VAL E 419 -0.39 -34.93 29.89
N ASP E 420 -1.51 -35.26 30.53
CA ASP E 420 -1.92 -34.59 31.76
C ASP E 420 -0.87 -34.75 32.86
N PHE E 421 -0.31 -35.95 32.97
CA PHE E 421 0.80 -36.19 33.88
C PHE E 421 1.99 -35.28 33.57
N VAL E 422 2.42 -35.24 32.32
CA VAL E 422 3.56 -34.43 31.92
C VAL E 422 3.32 -32.97 32.31
N ASN E 423 2.12 -32.46 32.02
CA ASN E 423 1.83 -31.06 32.26
C ASN E 423 1.77 -30.75 33.76
N ARG E 424 1.22 -31.67 34.54
CA ARG E 424 1.17 -31.51 35.98
C ARG E 424 2.59 -31.51 36.56
N ALA E 425 3.39 -32.51 36.18
CA ALA E 425 4.71 -32.65 36.76
C ALA E 425 5.57 -31.44 36.41
N MET E 426 5.48 -30.95 35.18
CA MET E 426 6.30 -29.82 34.75
C MET E 426 5.72 -28.51 35.28
N ASN E 427 4.44 -28.26 35.08
CA ASN E 427 3.88 -26.93 35.29
C ASN E 427 3.39 -26.71 36.73
N ASP E 428 2.94 -27.78 37.40
CA ASP E 428 2.43 -27.65 38.76
C ASP E 428 3.53 -27.98 39.77
N TRP E 429 4.43 -28.93 39.44
CA TRP E 429 5.38 -29.41 40.42
C TRP E 429 6.81 -28.92 40.14
N GLY E 430 7.06 -28.38 38.94
CA GLY E 430 8.31 -27.72 38.60
C GLY E 430 9.42 -28.70 38.19
N PHE E 431 9.08 -29.90 37.70
CA PHE E 431 10.06 -30.82 37.18
C PHE E 431 10.50 -30.39 35.78
N ASP E 432 11.73 -30.78 35.44
CA ASP E 432 12.43 -30.37 34.23
C ASP E 432 12.62 -31.52 33.25
N GLY E 433 12.07 -32.68 33.58
CA GLY E 433 12.17 -33.82 32.68
C GLY E 433 11.80 -35.13 33.39
N PHE E 434 12.00 -36.23 32.65
CA PHE E 434 11.37 -37.49 32.98
C PHE E 434 12.34 -38.64 32.76
N LYS E 435 12.26 -39.59 33.69
CA LYS E 435 12.91 -40.88 33.59
C LYS E 435 11.81 -41.94 33.58
N GLY E 436 11.51 -42.42 32.38
CA GLY E 436 10.62 -43.54 32.20
C GLY E 436 11.38 -44.84 32.43
N ALA E 437 10.70 -45.83 32.98
CA ALA E 437 11.38 -47.05 33.37
C ALA E 437 10.41 -48.19 33.59
N TYR E 438 10.95 -49.41 33.46
CA TYR E 438 10.29 -50.64 33.84
C TYR E 438 9.01 -50.83 33.06
N VAL E 439 9.15 -50.65 31.75
CA VAL E 439 8.14 -51.01 30.78
C VAL E 439 8.87 -51.57 29.56
N TRP E 440 8.20 -52.51 28.87
CA TRP E 440 8.77 -53.17 27.73
C TRP E 440 7.81 -53.05 26.55
N SER E 441 7.24 -54.18 26.09
CA SER E 441 6.37 -54.12 24.95
C SER E 441 4.94 -53.82 25.40
N MET E 442 4.05 -53.92 24.43
CA MET E 442 2.66 -53.50 24.51
C MET E 442 1.81 -54.67 24.02
N PRO E 443 0.86 -55.18 24.82
CA PRO E 443 0.07 -56.32 24.38
C PRO E 443 -0.89 -55.94 23.24
N GLU E 444 -1.31 -56.99 22.51
CA GLU E 444 -2.28 -56.87 21.45
C GLU E 444 -3.64 -56.53 22.06
N CYS E 445 -4.42 -55.75 21.30
CA CYS E 445 -5.67 -55.21 21.80
C CYS E 445 -6.87 -55.72 21.00
N TYR E 446 -7.87 -56.24 21.71
CA TYR E 446 -9.10 -56.77 21.13
C TYR E 446 -10.32 -55.94 21.52
N ASN E 447 -10.14 -54.73 22.04
CA ASN E 447 -11.27 -53.91 22.39
C ASN E 447 -11.98 -53.44 21.13
N PRO E 448 -13.23 -53.88 20.87
CA PRO E 448 -13.94 -53.50 19.64
C PRO E 448 -14.18 -52.01 19.53
N ALA E 449 -14.30 -51.33 20.68
CA ALA E 449 -14.51 -49.89 20.68
C ALA E 449 -13.31 -49.14 20.11
N HIS E 450 -12.13 -49.78 20.04
CA HIS E 450 -10.96 -49.10 19.51
C HIS E 450 -10.90 -49.27 17.98
N ASN E 451 -11.70 -50.18 17.41
CA ASN E 451 -11.75 -50.37 15.97
C ASN E 451 -10.37 -50.63 15.38
N HIS E 452 -9.57 -51.49 16.00
CA HIS E 452 -8.24 -51.77 15.47
C HIS E 452 -8.42 -52.59 14.18
N ALA E 453 -7.59 -52.33 13.17
CA ALA E 453 -7.58 -53.12 11.95
C ALA E 453 -7.23 -54.57 12.30
N SER E 454 -6.20 -54.76 13.12
CA SER E 454 -5.88 -56.07 13.66
C SER E 454 -5.32 -55.85 15.06
N PRO E 455 -5.26 -56.91 15.91
CA PRO E 455 -4.88 -56.75 17.31
C PRO E 455 -3.46 -56.25 17.53
N GLU E 456 -2.54 -56.49 16.59
CA GLU E 456 -1.16 -56.06 16.75
C GLU E 456 -1.01 -54.53 16.63
N GLU E 457 -2.08 -53.84 16.24
CA GLU E 457 -2.01 -52.41 16.07
C GLU E 457 -1.58 -51.70 17.35
N SER E 458 -2.05 -52.16 18.52
CA SER E 458 -1.63 -51.57 19.78
C SER E 458 -0.11 -51.69 19.92
N THR E 459 0.40 -52.90 19.68
CA THR E 459 1.84 -53.16 19.80
C THR E 459 2.61 -52.22 18.88
N GLU E 460 2.15 -52.12 17.63
CA GLU E 460 2.82 -51.31 16.61
C GLU E 460 2.86 -49.84 16.99
N LYS E 461 1.82 -49.37 17.69
CA LYS E 461 1.61 -47.97 17.96
C LYS E 461 2.11 -47.54 19.33
N GLN E 462 2.77 -48.45 20.06
CA GLN E 462 3.22 -48.15 21.40
C GLN E 462 4.00 -46.82 21.42
N SER E 463 4.86 -46.60 20.41
CA SER E 463 5.73 -45.42 20.39
C SER E 463 4.95 -44.11 20.29
N GLU E 464 3.67 -44.14 19.90
CA GLU E 464 2.84 -42.94 19.91
C GLU E 464 2.75 -42.35 21.32
N ILE E 465 2.75 -43.21 22.34
CA ILE E 465 2.73 -42.71 23.71
C ILE E 465 3.99 -41.90 23.97
N TYR E 466 5.14 -42.40 23.52
CA TYR E 466 6.41 -41.73 23.76
C TYR E 466 6.45 -40.42 22.96
N ARG E 467 6.01 -40.45 21.70
CA ARG E 467 6.05 -39.27 20.86
C ARG E 467 5.16 -38.16 21.44
N VAL E 468 3.90 -38.49 21.76
CA VAL E 468 2.98 -37.44 22.16
C VAL E 468 3.38 -36.88 23.54
N SER E 469 3.82 -37.75 24.46
CA SER E 469 4.34 -37.33 25.75
C SER E 469 5.48 -36.34 25.55
N TYR E 470 6.45 -36.71 24.73
CA TYR E 470 7.63 -35.87 24.51
C TYR E 470 7.20 -34.54 23.88
N GLU E 471 6.27 -34.54 22.94
CA GLU E 471 5.82 -33.31 22.30
C GLU E 471 5.20 -32.38 23.35
N ALA E 472 4.50 -32.96 24.34
CA ALA E 472 3.92 -32.16 25.40
C ALA E 472 5.04 -31.60 26.29
N MET E 473 6.03 -32.43 26.59
CA MET E 473 7.19 -32.03 27.39
C MET E 473 7.90 -30.83 26.76
N VAL E 474 8.17 -30.92 25.45
CA VAL E 474 8.91 -29.91 24.74
C VAL E 474 8.12 -28.61 24.68
N ALA E 475 6.79 -28.70 24.57
CA ALA E 475 5.97 -27.50 24.55
C ALA E 475 6.13 -26.73 25.85
N ASN E 476 6.31 -27.43 26.97
CA ASN E 476 6.48 -26.78 28.25
C ASN E 476 7.88 -26.18 28.34
N ASP E 477 8.88 -26.91 27.86
CA ASP E 477 10.25 -26.47 27.94
C ASP E 477 11.05 -27.18 26.85
N PRO E 478 11.61 -26.43 25.87
CA PRO E 478 12.37 -27.07 24.80
C PRO E 478 13.62 -27.79 25.30
N ASN E 479 14.09 -27.45 26.51
CA ASN E 479 15.27 -28.06 27.09
C ASN E 479 14.94 -29.23 28.01
N VAL E 480 13.70 -29.70 27.97
CA VAL E 480 13.28 -30.79 28.82
C VAL E 480 14.15 -32.02 28.58
N PHE E 481 14.41 -32.76 29.67
CA PHE E 481 15.12 -34.02 29.62
C PHE E 481 14.13 -35.17 29.46
N ASN E 482 14.50 -36.17 28.64
CA ASN E 482 13.63 -37.32 28.48
C ASN E 482 14.47 -38.57 28.25
N LEU E 483 14.17 -39.59 29.07
CA LEU E 483 14.87 -40.86 29.02
C LEU E 483 13.85 -41.98 29.24
N LEU E 484 14.09 -43.11 28.59
CA LEU E 484 13.29 -44.30 28.77
C LEU E 484 14.21 -45.51 28.94
N CYS E 485 14.00 -46.24 30.04
CA CYS E 485 14.77 -47.45 30.34
C CYS E 485 13.84 -48.65 30.20
N ASN E 486 13.99 -49.41 29.09
CA ASN E 486 13.32 -50.69 28.96
C ASN E 486 14.23 -51.70 29.67
N CYS E 487 14.22 -51.60 30.99
CA CYS E 487 15.29 -52.07 31.88
C CYS E 487 15.69 -53.51 31.54
N GLY E 488 16.99 -53.72 31.33
CA GLY E 488 17.54 -55.06 31.18
C GLY E 488 17.45 -55.60 29.75
N THR E 489 17.05 -54.73 28.80
CA THR E 489 16.92 -55.08 27.39
C THR E 489 17.38 -53.89 26.56
N PRO E 490 17.64 -54.07 25.24
CA PRO E 490 17.93 -52.93 24.38
C PRO E 490 16.67 -52.07 24.33
N GLN E 491 16.87 -50.76 24.28
CA GLN E 491 15.77 -49.81 24.30
C GLN E 491 14.88 -49.97 23.08
N ASP E 492 13.59 -49.67 23.28
CA ASP E 492 12.61 -49.67 22.21
C ASP E 492 13.09 -48.70 21.12
N TYR E 493 13.47 -49.24 19.96
CA TYR E 493 14.06 -48.46 18.91
C TYR E 493 13.18 -47.26 18.54
N TYR E 494 11.86 -47.46 18.52
CA TYR E 494 10.97 -46.42 18.01
C TYR E 494 10.67 -45.36 19.07
N SER E 495 11.18 -45.56 20.30
CA SER E 495 11.18 -44.52 21.31
C SER E 495 12.35 -43.58 21.12
N LEU E 496 13.41 -44.05 20.45
CA LEU E 496 14.71 -43.37 20.49
C LEU E 496 14.63 -41.94 19.93
N PRO E 497 13.84 -41.65 18.88
CA PRO E 497 13.77 -40.28 18.37
C PRO E 497 13.25 -39.24 19.36
N TYR E 498 12.64 -39.69 20.48
CA TYR E 498 12.00 -38.76 21.40
C TYR E 498 12.82 -38.61 22.69
N MET E 499 14.06 -39.07 22.69
CA MET E 499 14.88 -39.06 23.88
C MET E 499 15.93 -37.94 23.82
N THR E 500 16.41 -37.53 25.01
CA THR E 500 17.55 -36.63 25.11
C THR E 500 18.75 -37.34 25.74
N GLN E 501 18.55 -38.54 26.28
CA GLN E 501 19.60 -39.32 26.93
C GLN E 501 19.22 -40.79 26.97
N ILE E 502 20.21 -41.69 26.80
CA ILE E 502 20.01 -43.11 26.94
C ILE E 502 20.80 -43.63 28.13
N ALA E 503 20.18 -44.46 28.94
CA ALA E 503 20.90 -45.26 29.93
C ALA E 503 21.15 -46.65 29.34
N THR E 504 22.25 -47.28 29.76
CA THR E 504 22.54 -48.61 29.25
C THR E 504 21.53 -49.62 29.80
N ALA E 505 20.72 -49.24 30.80
CA ALA E 505 19.43 -49.86 31.12
C ALA E 505 19.57 -51.03 32.09
N ASP E 506 19.91 -50.72 33.34
CA ASP E 506 20.16 -51.73 34.36
C ASP E 506 21.20 -52.75 33.88
N PRO E 507 22.39 -52.32 33.41
CA PRO E 507 23.46 -53.25 33.10
C PRO E 507 23.86 -53.98 34.39
N THR E 508 24.28 -55.25 34.25
CA THR E 508 24.65 -56.05 35.41
C THR E 508 26.14 -56.35 35.44
N SER E 509 26.91 -55.73 34.55
CA SER E 509 28.34 -55.89 34.54
C SER E 509 28.96 -54.70 33.82
N VAL E 510 30.24 -54.51 34.05
CA VAL E 510 31.01 -53.51 33.32
C VAL E 510 30.99 -53.80 31.81
N ASP E 511 30.98 -55.08 31.45
CA ASP E 511 30.93 -55.46 30.05
C ASP E 511 29.62 -54.96 29.42
N GLN E 512 28.49 -55.18 30.11
CA GLN E 512 27.21 -54.76 29.56
C GLN E 512 27.21 -53.22 29.42
N THR E 513 27.62 -52.49 30.46
CA THR E 513 27.40 -51.05 30.39
C THR E 513 28.31 -50.47 29.30
N ARG E 514 29.56 -50.91 29.24
CA ARG E 514 30.49 -50.27 28.32
C ARG E 514 30.11 -50.60 26.86
N ARG E 515 29.82 -51.87 26.59
CA ARG E 515 29.56 -52.27 25.22
C ARG E 515 28.26 -51.65 24.72
N ARG E 516 27.31 -51.40 25.64
CA ARG E 516 26.06 -50.79 25.26
C ARG E 516 26.25 -49.30 24.95
N VAL E 517 27.17 -48.61 25.66
CA VAL E 517 27.45 -47.25 25.32
C VAL E 517 27.80 -47.17 23.84
N LYS E 518 28.67 -48.09 23.39
CA LYS E 518 29.10 -48.06 22.00
C LYS E 518 27.93 -48.29 21.05
N ALA E 519 27.05 -49.22 21.38
CA ALA E 519 25.91 -49.55 20.55
C ALA E 519 24.96 -48.35 20.42
N TYR E 520 24.70 -47.68 21.55
CA TYR E 520 23.77 -46.56 21.53
C TYR E 520 24.39 -45.37 20.78
N LYS E 521 25.69 -45.12 20.98
CA LYS E 521 26.36 -44.10 20.20
C LYS E 521 26.24 -44.39 18.71
N ALA E 522 26.41 -45.66 18.32
CA ALA E 522 26.31 -46.03 16.93
C ALA E 522 24.94 -45.65 16.36
N LEU E 523 23.88 -45.96 17.12
CA LEU E 523 22.52 -45.79 16.63
C LEU E 523 22.04 -44.34 16.72
N MET E 524 22.59 -43.57 17.67
CA MET E 524 22.01 -42.29 18.03
C MET E 524 22.86 -41.11 17.56
N GLY E 525 24.16 -41.34 17.33
CA GLY E 525 25.08 -40.27 17.00
C GLY E 525 26.17 -40.14 18.06
N ASP E 526 27.34 -39.68 17.62
CA ASP E 526 28.52 -39.68 18.45
C ASP E 526 28.46 -38.68 19.59
N TYR E 527 27.55 -37.69 19.47
CA TYR E 527 27.38 -36.71 20.53
C TYR E 527 26.08 -36.94 21.31
N PHE E 528 25.40 -38.06 21.07
CA PHE E 528 24.16 -38.29 21.78
C PHE E 528 24.47 -38.71 23.22
N PRO E 529 23.86 -38.10 24.25
CA PRO E 529 24.18 -38.45 25.63
C PRO E 529 23.79 -39.88 25.98
N VAL E 530 24.75 -40.60 26.56
CA VAL E 530 24.52 -41.92 27.10
C VAL E 530 25.10 -41.96 28.51
N THR E 531 24.38 -42.55 29.46
CA THR E 531 24.91 -42.80 30.79
C THR E 531 25.16 -44.30 30.97
N ALA E 532 26.26 -44.60 31.66
CA ALA E 532 26.65 -45.97 32.00
C ALA E 532 25.84 -46.52 33.18
N ASP E 533 24.93 -45.71 33.75
CA ASP E 533 23.99 -46.16 34.78
C ASP E 533 24.74 -46.37 36.10
N HIS E 534 23.99 -46.79 37.15
CA HIS E 534 24.53 -46.82 38.51
C HIS E 534 24.26 -48.14 39.24
N ASN E 535 23.94 -49.19 38.49
CA ASN E 535 23.63 -50.47 39.11
C ASN E 535 24.78 -50.99 39.94
N ASN E 536 26.01 -50.79 39.44
CA ASN E 536 27.19 -51.07 40.25
C ASN E 536 28.07 -49.82 40.13
N ILE E 537 28.99 -49.66 41.07
CA ILE E 537 29.92 -48.55 41.04
C ILE E 537 31.05 -48.88 40.07
N TRP E 538 31.10 -48.14 38.95
CA TRP E 538 32.09 -48.37 37.91
C TRP E 538 32.48 -47.04 37.27
N TYR E 539 32.99 -46.12 38.11
CA TYR E 539 33.27 -44.77 37.66
C TYR E 539 34.25 -44.77 36.47
N PRO E 540 35.33 -45.58 36.45
CA PRO E 540 36.23 -45.60 35.29
C PRO E 540 35.54 -46.03 33.99
N SER E 541 34.60 -46.96 34.09
CA SER E 541 33.81 -47.37 32.94
C SER E 541 32.96 -46.21 32.43
N ALA E 542 32.37 -45.45 33.37
CA ALA E 542 31.50 -44.36 32.98
C ALA E 542 32.28 -43.26 32.25
N VAL E 543 33.46 -42.92 32.80
CA VAL E 543 34.22 -41.81 32.26
C VAL E 543 34.81 -42.19 30.90
N GLY E 544 35.50 -43.34 30.84
CA GLY E 544 36.31 -43.68 29.67
C GLY E 544 35.49 -43.96 28.40
N THR E 545 34.23 -44.39 28.57
CA THR E 545 33.37 -44.65 27.43
C THR E 545 32.74 -43.38 26.88
N GLY E 546 32.98 -42.23 27.54
CA GLY E 546 32.35 -40.99 27.12
C GLY E 546 30.88 -40.92 27.53
N SER E 547 30.56 -41.57 28.65
CA SER E 547 29.20 -41.56 29.17
C SER E 547 29.05 -40.53 30.27
N VAL E 548 27.79 -40.21 30.58
CA VAL E 548 27.42 -39.38 31.71
C VAL E 548 27.47 -40.23 32.98
N LEU E 549 28.31 -39.81 33.94
CA LEU E 549 28.45 -40.52 35.20
C LEU E 549 27.29 -40.19 36.13
N ILE E 550 26.53 -41.24 36.51
CA ILE E 550 25.45 -41.07 37.46
C ILE E 550 25.66 -41.98 38.67
N GLU E 551 24.88 -41.68 39.71
CA GLU E 551 24.99 -42.33 41.01
C GLU E 551 23.62 -42.25 41.68
N LYS E 552 23.39 -43.13 42.66
CA LYS E 552 22.10 -43.17 43.36
C LYS E 552 22.27 -43.38 44.87
N ARG E 553 23.49 -43.62 45.33
CA ARG E 553 23.71 -44.06 46.70
C ARG E 553 23.94 -42.86 47.61
N ASP E 554 23.57 -43.05 48.87
CA ASP E 554 23.95 -42.14 49.93
C ASP E 554 25.29 -42.60 50.50
N LEU E 555 26.38 -41.99 50.08
CA LEU E 555 27.70 -42.54 50.35
C LEU E 555 28.34 -41.85 51.55
N SER E 556 29.21 -42.58 52.24
CA SER E 556 30.05 -41.97 53.25
C SER E 556 31.44 -42.59 53.20
N GLY E 557 32.35 -42.03 53.99
CA GLY E 557 33.69 -42.58 54.12
C GLY E 557 34.40 -42.60 52.77
N THR E 558 35.15 -43.67 52.52
CA THR E 558 36.02 -43.70 51.35
C THR E 558 35.18 -43.80 50.07
N ALA E 559 33.98 -44.38 50.15
CA ALA E 559 33.15 -44.51 48.96
C ALA E 559 32.67 -43.12 48.51
N LYS E 560 32.33 -42.28 49.48
CA LYS E 560 32.02 -40.89 49.20
C LYS E 560 33.23 -40.17 48.59
N GLU E 561 34.42 -40.34 49.16
CA GLU E 561 35.61 -39.73 48.61
C GLU E 561 35.83 -40.17 47.18
N GLU E 562 35.62 -41.45 46.91
CA GLU E 562 35.77 -42.00 45.57
C GLU E 562 34.80 -41.34 44.58
N TYR E 563 33.54 -41.16 45.00
CA TYR E 563 32.54 -40.51 44.15
C TYR E 563 32.97 -39.06 43.85
N GLU E 564 33.38 -38.34 44.89
CA GLU E 564 33.85 -36.96 44.74
C GLU E 564 35.03 -36.90 43.78
N LYS E 565 35.97 -37.83 43.93
CA LYS E 565 37.13 -37.88 43.06
C LYS E 565 36.69 -38.03 41.61
N TRP E 566 35.77 -38.96 41.36
CA TRP E 566 35.44 -39.31 39.99
C TRP E 566 34.49 -38.28 39.36
N LEU E 567 33.66 -37.62 40.19
CA LEU E 567 32.92 -36.46 39.74
C LEU E 567 33.89 -35.40 39.25
N GLY E 568 34.96 -35.18 40.04
CA GLY E 568 35.98 -34.20 39.69
C GLY E 568 36.61 -34.51 38.33
N ILE E 569 36.97 -35.78 38.13
CA ILE E 569 37.56 -36.21 36.86
C ILE E 569 36.55 -35.99 35.73
N ALA E 570 35.30 -36.46 35.91
CA ALA E 570 34.30 -36.41 34.86
C ALA E 570 33.99 -34.96 34.49
N ASP E 571 33.99 -34.10 35.50
CA ASP E 571 33.69 -32.69 35.32
C ASP E 571 34.88 -31.95 34.72
N THR E 572 36.08 -32.52 34.77
CA THR E 572 37.25 -31.91 34.17
C THR E 572 37.33 -32.30 32.69
N VAL E 573 37.32 -33.59 32.37
CA VAL E 573 37.54 -34.00 31.00
C VAL E 573 36.24 -33.91 30.19
N GLN E 574 35.09 -34.09 30.85
CA GLN E 574 33.79 -33.93 30.22
C GLN E 574 33.68 -34.71 28.91
N LEU E 575 34.06 -35.99 28.96
CA LEU E 575 34.02 -36.81 27.75
C LEU E 575 32.58 -37.11 27.36
N GLN E 576 31.63 -36.92 28.28
CA GLN E 576 30.22 -37.11 27.95
C GLN E 576 29.75 -36.13 26.87
N LYS E 577 30.46 -35.00 26.72
CA LYS E 577 30.18 -34.00 25.71
C LYS E 577 31.09 -34.16 24.48
N GLY E 578 32.03 -35.08 24.53
CA GLY E 578 32.97 -35.24 23.44
C GLY E 578 32.42 -36.10 22.30
N ARG E 579 33.16 -36.11 21.19
CA ARG E 579 32.80 -36.91 20.04
C ARG E 579 33.27 -38.34 20.27
N PHE E 580 32.31 -39.24 20.53
CA PHE E 580 32.62 -40.66 20.61
C PHE E 580 33.14 -41.13 19.25
N ILE E 581 34.20 -41.92 19.28
CA ILE E 581 34.78 -42.49 18.08
C ILE E 581 34.78 -44.00 18.21
N GLY E 582 33.97 -44.65 17.39
CA GLY E 582 33.69 -46.06 17.53
C GLY E 582 34.35 -46.91 16.44
N ASP E 583 35.02 -46.27 15.48
CA ASP E 583 35.42 -46.98 14.27
C ASP E 583 36.93 -47.26 14.24
N LEU E 584 37.64 -47.04 15.33
CA LEU E 584 39.08 -47.28 15.35
C LEU E 584 39.43 -48.63 15.92
N TYR E 585 38.63 -49.13 16.87
CA TYR E 585 38.90 -50.38 17.57
C TYR E 585 37.68 -51.30 17.41
N SER E 586 37.98 -52.60 17.28
CA SER E 586 36.97 -53.63 17.12
C SER E 586 36.91 -54.48 18.38
N TYR E 587 35.78 -54.40 19.07
CA TYR E 587 35.55 -55.15 20.28
C TYR E 587 35.71 -56.65 19.99
N GLY E 588 36.63 -57.26 20.75
CA GLY E 588 36.85 -58.70 20.69
C GLY E 588 37.98 -59.07 19.74
N PHE E 589 38.51 -58.09 19.00
CA PHE E 589 39.55 -58.36 18.01
C PHE E 589 40.79 -57.52 18.28
N ASP E 590 40.64 -56.24 18.59
CA ASP E 590 41.77 -55.49 19.11
C ASP E 590 42.15 -56.07 20.46
N PRO E 591 43.43 -55.92 20.88
CA PRO E 591 43.91 -56.62 22.08
C PRO E 591 43.15 -56.28 23.35
N TYR E 592 42.70 -55.03 23.49
CA TYR E 592 41.91 -54.65 24.65
C TYR E 592 40.53 -54.17 24.18
N GLU E 593 39.54 -54.38 25.07
CA GLU E 593 38.32 -53.60 25.01
C GLU E 593 38.66 -52.12 25.16
N THR E 594 38.40 -51.36 24.09
CA THR E 594 38.89 -49.99 23.94
C THR E 594 37.77 -49.03 23.55
N TYR E 595 37.82 -47.81 24.10
CA TYR E 595 36.93 -46.72 23.76
C TYR E 595 37.76 -45.46 23.51
N VAL E 596 37.24 -44.61 22.63
CA VAL E 596 37.89 -43.38 22.22
C VAL E 596 36.87 -42.25 22.18
N VAL E 597 37.28 -41.09 22.67
CA VAL E 597 36.49 -39.87 22.61
C VAL E 597 37.41 -38.72 22.25
N ALA E 598 36.99 -37.88 21.29
CA ALA E 598 37.68 -36.63 21.02
C ALA E 598 36.95 -35.51 21.72
N ALA E 599 37.67 -34.76 22.55
CA ALA E 599 37.08 -33.67 23.31
C ALA E 599 38.03 -32.48 23.27
N ASP E 600 37.49 -31.33 22.87
CA ASP E 600 38.23 -30.08 22.69
C ASP E 600 39.49 -30.34 21.88
N GLY E 601 39.39 -31.13 20.82
CA GLY E 601 40.52 -31.36 19.93
C GLY E 601 41.57 -32.32 20.50
N VAL E 602 41.30 -33.01 21.61
CA VAL E 602 42.25 -33.94 22.19
C VAL E 602 41.64 -35.35 22.18
N MET E 603 42.45 -36.35 21.78
CA MET E 603 42.06 -37.74 21.75
C MET E 603 42.24 -38.39 23.14
N TYR E 604 41.14 -38.96 23.66
CA TYR E 604 41.10 -39.69 24.90
C TYR E 604 40.82 -41.16 24.62
N TYR E 605 41.58 -42.02 25.29
CA TYR E 605 41.48 -43.46 25.11
C TYR E 605 41.20 -44.09 26.48
N ALA E 606 40.42 -45.18 26.45
CA ALA E 606 40.18 -45.98 27.61
C ALA E 606 40.36 -47.45 27.23
N PHE E 607 41.27 -48.12 27.95
CA PHE E 607 41.55 -49.53 27.79
C PHE E 607 41.12 -50.26 29.05
N TYR E 608 40.41 -51.39 28.88
CA TYR E 608 39.92 -52.15 30.00
C TYR E 608 40.38 -53.60 29.89
N LYS E 609 40.57 -54.20 31.07
CA LYS E 609 40.85 -55.61 31.19
C LYS E 609 39.91 -56.27 32.18
N ASP E 610 39.02 -55.51 32.81
CA ASP E 610 38.21 -56.05 33.91
C ASP E 610 36.89 -56.62 33.38
N GLY E 611 36.67 -56.57 32.07
CA GLY E 611 35.49 -57.20 31.49
C GLY E 611 35.78 -58.66 31.15
N SER E 612 35.21 -59.56 31.95
CA SER E 612 35.51 -60.98 31.79
C SER E 612 35.06 -61.53 30.42
N LYS E 613 34.19 -60.83 29.69
CA LYS E 613 33.71 -61.37 28.42
C LYS E 613 34.76 -61.22 27.32
N TYR E 614 35.68 -60.27 27.50
CA TYR E 614 36.83 -60.12 26.62
C TYR E 614 37.96 -59.39 27.33
N SER E 615 38.99 -60.15 27.68
CA SER E 615 40.12 -59.63 28.41
C SER E 615 41.38 -60.41 28.00
N PRO E 616 42.50 -59.77 27.68
CA PRO E 616 43.66 -60.48 27.14
C PRO E 616 44.34 -61.35 28.18
N THR E 617 44.87 -62.48 27.71
CA THR E 617 45.98 -63.14 28.37
C THR E 617 47.20 -62.24 28.24
N GLY E 618 47.86 -62.03 29.38
CA GLY E 618 49.13 -61.34 29.40
C GLY E 618 48.94 -59.84 29.32
N TYR E 619 49.91 -59.17 28.69
CA TYR E 619 50.03 -57.73 28.77
C TYR E 619 50.32 -57.19 27.39
N PRO E 620 49.37 -57.22 26.45
CA PRO E 620 49.62 -56.71 25.10
C PRO E 620 49.96 -55.23 25.11
N ASP E 621 50.77 -54.84 24.13
CA ASP E 621 51.05 -53.44 23.89
C ASP E 621 49.75 -52.70 23.61
N ILE E 622 49.74 -51.44 24.04
CA ILE E 622 48.71 -50.50 23.66
C ILE E 622 49.14 -49.77 22.41
N GLU E 623 48.24 -49.75 21.43
CA GLU E 623 48.39 -48.97 20.22
C GLU E 623 47.32 -47.86 20.22
N LEU E 624 47.78 -46.62 20.05
CA LEU E 624 46.87 -45.49 19.94
C LEU E 624 46.62 -45.19 18.47
N LYS E 625 45.37 -45.37 18.04
CA LYS E 625 44.99 -45.16 16.65
C LYS E 625 44.31 -43.80 16.50
N GLY E 626 44.35 -43.28 15.28
CA GLY E 626 43.59 -42.10 14.91
C GLY E 626 44.34 -40.80 15.21
N LEU E 627 45.64 -40.88 15.49
CA LEU E 627 46.40 -39.66 15.73
C LEU E 627 46.95 -39.12 14.41
N ASP E 628 47.46 -37.89 14.45
CA ASP E 628 48.09 -37.32 13.29
C ASP E 628 49.46 -37.96 13.08
N PRO E 629 49.72 -38.62 11.93
CA PRO E 629 50.99 -39.32 11.73
C PRO E 629 52.23 -38.43 11.84
N ASN E 630 52.07 -37.13 11.63
CA ASN E 630 53.19 -36.20 11.62
C ASN E 630 53.34 -35.46 12.94
N LYS E 631 52.56 -35.81 13.95
CA LYS E 631 52.68 -35.14 15.23
C LYS E 631 53.24 -36.10 16.27
N MET E 632 53.77 -35.51 17.33
CA MET E 632 54.35 -36.26 18.42
C MET E 632 53.52 -36.01 19.67
N TYR E 633 53.34 -37.05 20.50
CA TYR E 633 52.42 -37.01 21.60
C TYR E 633 53.03 -37.54 22.90
N ARG E 634 52.61 -36.91 24.00
CA ARG E 634 52.82 -37.34 25.36
C ARG E 634 51.53 -38.01 25.83
N ILE E 635 51.63 -39.23 26.36
CA ILE E 635 50.46 -39.99 26.74
C ILE E 635 50.30 -39.89 28.25
N VAL E 636 49.19 -39.24 28.67
CA VAL E 636 49.00 -38.87 30.06
C VAL E 636 47.81 -39.62 30.62
N ASP E 637 48.08 -40.39 31.67
CA ASP E 637 47.06 -40.99 32.52
C ASP E 637 46.48 -39.84 33.34
N TYR E 638 45.30 -39.39 32.96
CA TYR E 638 44.70 -38.20 33.54
C TYR E 638 43.99 -38.54 34.85
N VAL E 639 43.85 -39.83 35.18
CA VAL E 639 43.30 -40.19 36.46
C VAL E 639 44.36 -40.01 37.54
N ASN E 640 45.59 -40.47 37.24
CA ASN E 640 46.67 -40.46 38.20
C ASN E 640 47.64 -39.32 37.95
N ASP E 641 47.46 -38.60 36.84
CA ASP E 641 48.28 -37.44 36.50
C ASP E 641 49.72 -37.89 36.34
N ARG E 642 49.92 -38.85 35.43
CA ARG E 642 51.21 -39.50 35.26
C ARG E 642 51.41 -39.70 33.77
N VAL E 643 52.62 -39.44 33.31
CA VAL E 643 52.98 -39.78 31.94
C VAL E 643 53.23 -41.28 31.84
N VAL E 644 52.52 -41.99 30.94
CA VAL E 644 52.74 -43.41 30.80
C VAL E 644 53.63 -43.73 29.57
N ALA E 645 53.73 -42.81 28.64
CA ALA E 645 54.66 -42.89 27.52
C ALA E 645 54.73 -41.52 26.87
N THR E 646 55.81 -41.24 26.14
CA THR E 646 55.94 -39.93 25.52
C THR E 646 56.78 -40.02 24.26
N ASN E 647 56.86 -38.89 23.54
CA ASN E 647 57.60 -38.81 22.30
C ASN E 647 57.12 -39.90 21.36
N LEU E 648 55.81 -40.12 21.30
CA LEU E 648 55.22 -41.06 20.37
C LEU E 648 54.79 -40.33 19.11
N MET E 649 55.23 -40.81 17.96
CA MET E 649 54.73 -40.30 16.69
C MET E 649 53.35 -40.91 16.43
N GLY E 650 52.49 -40.13 15.79
CA GLY E 650 51.10 -40.51 15.59
C GLY E 650 50.93 -41.78 14.75
N ASP E 651 51.92 -42.08 13.89
CA ASP E 651 51.87 -43.28 13.07
C ASP E 651 52.56 -44.47 13.74
N ASN E 652 53.04 -44.32 14.96
CA ASN E 652 53.69 -45.42 15.65
C ASN E 652 53.52 -45.23 17.16
N ALA E 653 52.27 -45.06 17.60
CA ALA E 653 51.98 -44.72 18.98
C ALA E 653 51.71 -45.99 19.77
N VAL E 654 52.79 -46.73 20.06
CA VAL E 654 52.71 -48.05 20.66
C VAL E 654 53.57 -48.03 21.91
N PHE E 655 53.01 -48.48 23.02
CA PHE E 655 53.75 -48.52 24.27
C PHE E 655 53.22 -49.67 25.10
N ASN E 656 53.92 -49.95 26.20
CA ASN E 656 53.45 -50.94 27.15
C ASN E 656 53.43 -50.30 28.52
N THR E 657 52.34 -50.46 29.24
CA THR E 657 52.25 -49.93 30.59
C THR E 657 51.44 -50.91 31.41
N ARG E 658 51.78 -51.03 32.68
CA ARG E 658 51.12 -52.02 33.52
C ARG E 658 49.88 -51.37 34.14
N PHE E 659 48.76 -52.06 34.03
CA PHE E 659 47.55 -51.61 34.69
C PHE E 659 46.73 -52.85 34.95
N SER E 660 45.96 -52.82 36.02
CA SER E 660 45.27 -54.04 36.40
C SER E 660 43.86 -54.09 35.80
N ASP E 661 43.14 -52.95 35.82
CA ASP E 661 41.72 -52.95 35.45
C ASP E 661 41.41 -52.02 34.28
N TYR E 662 41.89 -50.78 34.38
CA TYR E 662 41.65 -49.78 33.35
C TYR E 662 42.86 -48.86 33.21
N LEU E 663 42.94 -48.24 32.03
CA LEU E 663 43.90 -47.18 31.77
C LEU E 663 43.18 -46.12 30.94
N LEU E 664 43.04 -44.92 31.53
CA LEU E 664 42.40 -43.78 30.87
C LEU E 664 43.50 -42.77 30.59
N VAL E 665 43.71 -42.50 29.29
CA VAL E 665 44.81 -41.63 28.88
C VAL E 665 44.30 -40.61 27.86
N LYS E 666 45.05 -39.50 27.77
CA LYS E 666 44.90 -38.56 26.66
C LYS E 666 46.23 -38.40 25.93
N ALA E 667 46.13 -38.15 24.62
CA ALA E 667 47.30 -37.96 23.75
C ALA E 667 47.51 -36.46 23.56
N VAL E 668 48.48 -35.92 24.29
CA VAL E 668 48.77 -34.50 24.31
C VAL E 668 49.83 -34.22 23.26
N GLU E 669 49.50 -33.36 22.30
CA GLU E 669 50.46 -33.01 21.26
C GLU E 669 51.63 -32.29 21.93
N ILE E 670 52.86 -32.68 21.55
CA ILE E 670 54.07 -32.03 22.00
C ILE E 670 54.53 -31.06 20.92
N SER E 671 54.71 -29.80 21.32
CA SER E 671 55.09 -28.74 20.39
C SER E 671 55.63 -27.54 21.19
ZN ZN F . -21.00 8.30 -11.21
MN MN G . -17.47 -33.56 -21.01
CL CL H . -5.46 -19.42 -23.15
C1 EDO I . 1.85 -6.85 -15.73
O1 EDO I . 3.26 -7.09 -15.60
C2 EDO I . 1.32 -6.04 -14.63
O2 EDO I . 2.11 -4.87 -14.25
C1 EDO J . -14.24 -30.55 -19.51
O1 EDO J . -14.06 -30.53 -20.90
C2 EDO J . -15.60 -31.07 -19.16
O2 EDO J . -15.96 -32.23 -19.89
C1 EDO K . -12.15 -25.79 -16.66
O1 EDO K . -13.36 -25.58 -15.90
C2 EDO K . -11.89 -27.23 -17.02
O2 EDO K . -12.99 -27.83 -17.68
C1 EDO L . -0.55 19.58 -22.78
O1 EDO L . 0.67 20.08 -23.32
C2 EDO L . -1.55 19.27 -23.84
O2 EDO L . -1.05 18.54 -24.98
C1 EDO M . -16.10 -4.00 -5.35
O1 EDO M . -16.03 -3.78 -3.93
C2 EDO M . -17.16 -3.23 -6.03
O2 EDO M . -17.19 -1.89 -5.61
C1 EDO N . 1.20 -15.18 -10.41
O1 EDO N . 2.29 -15.81 -11.13
C2 EDO N . -0.01 -15.02 -11.26
O2 EDO N . 0.28 -14.24 -12.38
ZN ZN O . 9.30 -20.06 -4.09
MN MN P . -2.17 -20.18 37.75
CL CL Q . -10.68 -27.10 22.06
C1 EDO R . -8.70 -36.62 8.88
O1 EDO R . -9.98 -37.27 8.84
C2 EDO R . -8.04 -36.46 7.53
O2 EDO R . -8.25 -37.52 6.53
C1 EDO S . 7.50 -17.69 -11.01
O1 EDO S . 8.05 -18.97 -10.64
C2 EDO S . 6.11 -17.72 -11.59
O2 EDO S . 5.66 -19.01 -12.02
C1 EDO T . -23.81 -48.54 8.07
O1 EDO T . -23.43 -48.76 9.41
C2 EDO T . -25.26 -48.67 7.79
O2 EDO T . -26.07 -47.98 8.67
C1 EDO U . 10.52 -27.55 6.88
O1 EDO U . 10.82 -27.58 5.49
C2 EDO U . 10.10 -28.88 7.39
O2 EDO U . 11.16 -29.83 7.27
ZN ZN V . 32.00 70.25 25.46
MN MN W . 6.21 42.56 45.94
CL CL X . 14.39 41.65 29.18
C1 EDO Y . 28.61 42.61 21.06
O1 EDO Y . 29.26 41.41 20.64
C2 EDO Y . 29.54 43.77 21.26
O2 EDO Y . 30.72 43.79 20.38
C1 EDO Z . 9.31 42.70 44.27
O1 EDO Z . 8.24 42.03 44.86
C2 EDO Z . 9.79 42.04 43.03
O2 EDO Z . 8.69 41.65 42.24
C1 EDO AA . 33.87 61.00 1.21
O1 EDO AA . 34.27 60.63 -0.08
C2 EDO AA . 32.59 61.78 1.21
O2 EDO AA . 31.40 61.00 0.92
ZN ZN BA . -23.35 16.65 -51.95
MN MN CA . 8.21 22.58 -23.22
CL CL DA . -10.03 26.56 -22.62
C1 EDO EA . -25.13 20.36 -24.81
O1 EDO EA . -25.44 20.63 -23.43
C2 EDO EA . -26.30 19.76 -25.61
O2 EDO EA . -27.38 19.12 -24.86
C1 EDO FA . -42.54 31.13 -43.28
O1 EDO FA . -42.19 32.20 -42.37
C2 EDO FA . -43.47 30.04 -42.75
O2 EDO FA . -44.63 30.53 -42.07
C1 EDO GA . 4.70 21.23 -23.21
O1 EDO GA . 6.06 21.56 -22.92
C2 EDO GA . 3.80 22.42 -23.10
O2 EDO GA . 3.73 23.00 -21.83
ZN ZN HA . -6.92 -50.86 21.79
MN MN IA . 29.75 -73.10 19.23
CL CL JA . 26.04 -56.15 26.41
C1 EDO KA . 16.26 -48.01 36.34
O1 EDO KA . 17.14 -47.21 37.13
C2 EDO KA . 14.87 -47.52 36.37
O2 EDO KA . 14.39 -46.88 37.60
C1 EDO LA . 28.29 -70.10 22.58
O1 EDO LA . 29.17 -69.30 21.82
C2 EDO LA . 27.91 -71.36 21.86
O2 EDO LA . 28.97 -71.89 21.11
#